data_2Q4C
#
_entry.id   2Q4C
#
_cell.length_a   75.543
_cell.length_b   96.936
_cell.length_c   226.878
_cell.angle_alpha   90.000
_cell.angle_beta   90.000
_cell.angle_gamma   90.000
#
_symmetry.space_group_name_H-M   'C 2 2 21'
#
loop_
_entity.id
_entity.type
_entity.pdbx_description
1 polymer 'Annexin D1'
2 water water
#
_entity_poly.entity_id   1
_entity_poly.type   'polypeptide(L)'
_entity_poly.pdbx_seq_one_letter_code
;SATLKVSDSVPAPSDDAEQLRTAFEGWGTNEDLIISILAHRSAEQRKVIRQAYHETYGEDLLKTLDKELSNDFERAILLW
TLEPGERDALLANEATKRWTSSNQVLMEVACTRTSTQLLHARQAYHARYKKSLEEDVAHHTTGDFRKLLVSLVTSYRYEG
DEVNMTLAKQEAKLVHEKIKDKHYNDEDVIRILSTRSKAQINATFNRYQDDHGEEILKSLEEGDDDDKFLALLRSTIQCL
TRPELYFVDVLRSAINKTGTDEGALTRIVTTRAEIDLKVIGEEYQRRNSIPLEKAITKDTRGDYEKMLVALLGEDDA
;
_entity_poly.pdbx_strand_id   A,B
#
# COMPACT_ATOMS: atom_id res chain seq x y z
N SER A 1 1.24 23.40 15.51
CA SER A 1 1.22 22.59 14.25
C SER A 1 0.19 23.09 13.24
N ALA A 2 -1.09 23.05 13.60
CA ALA A 2 -2.15 23.51 12.72
C ALA A 2 -2.36 25.01 12.89
N THR A 3 -2.65 25.71 11.80
CA THR A 3 -2.89 27.15 11.86
C THR A 3 -4.39 27.41 11.84
N LEU A 4 -5.11 26.57 11.10
CA LEU A 4 -6.56 26.68 10.96
C LEU A 4 -7.25 27.11 12.25
N LYS A 5 -8.06 28.16 12.17
CA LYS A 5 -8.80 28.65 13.33
C LYS A 5 -10.26 28.24 13.21
N VAL A 6 -10.66 27.28 14.02
CA VAL A 6 -12.02 26.76 14.02
C VAL A 6 -12.86 27.41 15.10
N SER A 7 -14.13 27.68 14.79
CA SER A 7 -15.03 28.28 15.75
C SER A 7 -15.35 27.30 16.89
N ASP A 8 -14.99 27.67 18.12
CA ASP A 8 -15.25 26.81 19.26
C ASP A 8 -16.76 26.58 19.39
N SER A 9 -17.50 27.21 18.51
CA SER A 9 -18.95 27.09 18.44
C SER A 9 -19.38 27.27 16.99
N VAL A 10 -19.67 26.16 16.32
CA VAL A 10 -20.07 26.18 14.92
C VAL A 10 -21.58 26.00 14.77
N PRO A 11 -22.20 26.74 13.83
CA PRO A 11 -23.64 26.65 13.59
C PRO A 11 -24.03 25.32 12.97
N ALA A 12 -25.29 25.22 12.53
CA ALA A 12 -25.80 24.00 11.91
C ALA A 12 -25.39 23.93 10.44
N PRO A 13 -24.99 22.74 9.98
CA PRO A 13 -24.57 22.55 8.59
C PRO A 13 -25.54 23.06 7.53
N SER A 14 -26.85 22.85 7.74
CA SER A 14 -27.83 23.31 6.77
C SER A 14 -27.79 24.82 6.60
N ASP A 15 -27.41 25.53 7.66
CA ASP A 15 -27.35 26.99 7.60
C ASP A 15 -26.05 27.47 6.96
N ASP A 16 -24.99 26.67 7.07
CA ASP A 16 -23.74 27.03 6.44
C ASP A 16 -23.97 26.86 4.94
N ALA A 17 -24.62 25.75 4.58
CA ALA A 17 -24.92 25.44 3.18
C ALA A 17 -25.77 26.51 2.52
N GLU A 18 -26.77 27.00 3.24
CA GLU A 18 -27.66 28.03 2.71
C GLU A 18 -26.87 29.29 2.38
N GLN A 19 -26.09 29.78 3.34
CA GLN A 19 -25.29 30.99 3.13
C GLN A 19 -24.32 30.78 1.97
N LEU A 20 -23.68 29.61 1.95
CA LEU A 20 -22.75 29.30 0.88
C LEU A 20 -23.43 29.31 -0.47
N ARG A 21 -24.64 28.76 -0.52
CA ARG A 21 -25.43 28.72 -1.76
C ARG A 21 -25.64 30.15 -2.24
N THR A 22 -25.93 31.04 -1.30
CA THR A 22 -26.15 32.45 -1.62
C THR A 22 -24.85 33.11 -2.05
N ALA A 23 -23.75 32.76 -1.37
CA ALA A 23 -22.46 33.32 -1.70
C ALA A 23 -21.96 32.83 -3.05
N PHE A 24 -22.43 31.66 -3.48
CA PHE A 24 -22.02 31.09 -4.76
C PHE A 24 -22.87 31.52 -5.95
N GLU A 25 -24.13 31.92 -5.70
CA GLU A 25 -25.01 32.34 -6.79
C GLU A 25 -24.53 33.64 -7.42
N GLU A 31 -17.99 36.44 -1.23
CA GLU A 31 -16.62 35.97 -1.07
C GLU A 31 -16.17 35.96 0.39
N ASP A 32 -16.32 37.10 1.08
CA ASP A 32 -15.93 37.20 2.47
C ASP A 32 -16.76 36.26 3.34
N LEU A 33 -17.87 35.80 2.78
CA LEU A 33 -18.77 34.88 3.49
C LEU A 33 -18.29 33.43 3.31
N ILE A 34 -17.85 33.11 2.09
CA ILE A 34 -17.34 31.78 1.78
C ILE A 34 -16.09 31.51 2.63
N ILE A 35 -15.30 32.56 2.82
CA ILE A 35 -14.07 32.46 3.60
C ILE A 35 -14.37 32.43 5.10
N SER A 36 -15.33 33.25 5.53
CA SER A 36 -15.68 33.33 6.95
C SER A 36 -16.26 32.02 7.45
N ILE A 37 -16.59 31.11 6.54
CA ILE A 37 -17.15 29.82 6.92
C ILE A 37 -16.18 28.65 6.77
N LEU A 38 -15.86 28.30 5.52
CA LEU A 38 -14.97 27.16 5.25
C LEU A 38 -13.55 27.26 5.79
N ALA A 39 -13.03 28.47 5.89
CA ALA A 39 -11.66 28.65 6.37
C ALA A 39 -11.63 28.68 7.89
N HIS A 40 -12.72 28.23 8.51
CA HIS A 40 -12.80 28.20 9.97
C HIS A 40 -13.56 26.98 10.48
N ARG A 41 -13.80 26.03 9.59
CA ARG A 41 -14.49 24.80 9.94
C ARG A 41 -13.45 23.68 9.93
N SER A 42 -13.84 22.50 10.41
CA SER A 42 -12.93 21.36 10.42
C SER A 42 -13.25 20.42 9.25
N ALA A 43 -12.46 19.37 9.10
CA ALA A 43 -12.68 18.42 8.02
C ALA A 43 -14.09 17.83 8.07
N GLU A 44 -14.55 17.45 9.26
CA GLU A 44 -15.89 16.89 9.43
C GLU A 44 -16.98 17.93 9.16
N GLN A 45 -17.01 19.00 9.95
CA GLN A 45 -18.01 20.05 9.80
C GLN A 45 -18.19 20.43 8.32
N ARG A 46 -17.10 20.54 7.58
CA ARG A 46 -17.17 20.88 6.16
C ARG A 46 -17.81 19.72 5.40
N LYS A 47 -17.36 18.50 5.70
CA LYS A 47 -17.90 17.31 5.07
C LYS A 47 -19.43 17.39 5.15
N VAL A 48 -19.94 17.49 6.38
CA VAL A 48 -21.38 17.57 6.61
C VAL A 48 -21.98 18.66 5.74
N ILE A 49 -21.33 19.81 5.68
CA ILE A 49 -21.81 20.91 4.86
C ILE A 49 -22.14 20.42 3.45
N ARG A 50 -21.13 19.92 2.74
CA ARG A 50 -21.34 19.41 1.38
C ARG A 50 -22.52 18.48 1.40
N GLN A 51 -22.49 17.55 2.34
CA GLN A 51 -23.55 16.57 2.53
C GLN A 51 -24.91 17.24 2.65
N ALA A 52 -25.05 18.16 3.59
CA ALA A 52 -26.32 18.85 3.79
C ALA A 52 -26.60 19.80 2.65
N TYR A 53 -25.54 20.18 1.94
CA TYR A 53 -25.71 21.09 0.80
C TYR A 53 -26.29 20.31 -0.36
N HIS A 54 -25.78 19.09 -0.55
CA HIS A 54 -26.25 18.26 -1.65
C HIS A 54 -27.71 17.86 -1.44
N GLU A 55 -28.10 17.61 -0.19
CA GLU A 55 -29.47 17.22 0.12
C GLU A 55 -30.42 18.35 -0.24
N THR A 56 -30.12 19.54 0.26
CA THR A 56 -30.94 20.71 0.03
C THR A 56 -31.14 21.09 -1.42
N TYR A 57 -30.05 21.31 -2.14
CA TYR A 57 -30.14 21.74 -3.53
C TYR A 57 -29.90 20.66 -4.58
N GLY A 58 -29.68 19.42 -4.14
CA GLY A 58 -29.44 18.34 -5.08
C GLY A 58 -28.38 18.77 -6.07
N GLU A 59 -27.13 18.84 -5.61
CA GLU A 59 -26.01 19.27 -6.45
C GLU A 59 -24.79 19.49 -5.56
N ASP A 60 -23.69 18.77 -5.82
CA ASP A 60 -22.48 18.89 -5.04
C ASP A 60 -21.76 20.22 -5.29
N LEU A 61 -21.54 20.98 -4.22
CA LEU A 61 -20.89 22.28 -4.31
C LEU A 61 -19.52 22.25 -5.01
N LEU A 62 -18.99 21.06 -5.26
CA LEU A 62 -17.68 20.95 -5.89
C LEU A 62 -17.68 20.58 -7.37
N LYS A 63 -18.61 19.72 -7.79
CA LYS A 63 -18.70 19.31 -9.19
C LYS A 63 -18.69 20.53 -10.10
N THR A 64 -18.87 21.70 -9.50
CA THR A 64 -18.89 22.96 -10.22
C THR A 64 -17.51 23.61 -10.27
N LEU A 65 -16.75 23.47 -9.19
CA LEU A 65 -15.42 24.06 -9.11
C LEU A 65 -14.29 23.13 -9.52
N ASP A 66 -14.59 21.84 -9.62
CA ASP A 66 -13.58 20.86 -10.00
C ASP A 66 -13.32 20.94 -11.50
N LYS A 67 -12.27 21.66 -11.88
CA LYS A 67 -11.92 21.82 -13.29
C LYS A 67 -10.48 22.33 -13.46
N GLU A 68 -9.90 22.07 -14.64
CA GLU A 68 -8.54 22.51 -14.92
C GLU A 68 -8.47 24.03 -14.96
N LEU A 69 -8.70 24.61 -16.14
CA LEU A 69 -8.68 26.05 -16.30
C LEU A 69 -9.60 26.64 -15.25
N SER A 70 -9.02 27.20 -14.19
CA SER A 70 -9.82 27.76 -13.11
C SER A 70 -9.08 28.85 -12.33
N ASN A 71 -9.85 29.77 -11.75
CA ASN A 71 -9.30 30.85 -10.95
C ASN A 71 -8.69 30.31 -9.66
N ASP A 72 -7.55 30.86 -9.28
CA ASP A 72 -6.85 30.45 -8.08
C ASP A 72 -7.71 30.43 -6.83
N PHE A 73 -8.60 31.41 -6.68
CA PHE A 73 -9.47 31.43 -5.50
C PHE A 73 -10.36 30.18 -5.53
N GLU A 74 -10.88 29.86 -6.71
CA GLU A 74 -11.73 28.68 -6.89
C GLU A 74 -10.95 27.42 -6.52
N ARG A 75 -9.75 27.33 -7.08
CA ARG A 75 -8.85 26.20 -6.85
C ARG A 75 -8.68 26.00 -5.34
N ALA A 76 -8.47 27.11 -4.64
CA ALA A 76 -8.29 27.07 -3.21
C ALA A 76 -9.58 26.62 -2.52
N ILE A 77 -10.72 26.77 -3.20
CA ILE A 77 -11.97 26.32 -2.60
C ILE A 77 -12.08 24.81 -2.78
N LEU A 78 -11.62 24.31 -3.92
CA LEU A 78 -11.67 22.88 -4.20
C LEU A 78 -10.74 22.05 -3.32
N LEU A 79 -9.43 22.23 -3.51
CA LEU A 79 -8.44 21.47 -2.75
C LEU A 79 -8.78 21.42 -1.26
N TRP A 80 -9.21 22.54 -0.71
CA TRP A 80 -9.55 22.62 0.71
C TRP A 80 -10.88 21.97 1.12
N THR A 81 -11.90 22.10 0.28
CA THR A 81 -13.20 21.53 0.62
C THR A 81 -13.30 20.03 0.44
N LEU A 82 -12.50 19.48 -0.48
CA LEU A 82 -12.51 18.03 -0.68
C LEU A 82 -12.05 17.36 0.62
N GLU A 83 -12.41 16.09 0.79
CA GLU A 83 -11.96 15.36 1.97
C GLU A 83 -10.45 15.22 1.75
N PRO A 84 -9.65 15.33 2.81
CA PRO A 84 -8.19 15.21 2.66
C PRO A 84 -7.71 14.05 1.79
N GLY A 85 -8.48 12.97 1.74
CA GLY A 85 -8.10 11.83 0.91
C GLY A 85 -8.33 12.10 -0.56
N GLU A 86 -9.47 12.70 -0.90
CA GLU A 86 -9.77 12.99 -2.29
C GLU A 86 -9.01 14.23 -2.78
N ARG A 87 -8.57 15.04 -1.82
CA ARG A 87 -7.83 16.25 -2.13
C ARG A 87 -6.39 15.93 -2.55
N ASP A 88 -5.93 14.73 -2.19
CA ASP A 88 -4.60 14.30 -2.56
C ASP A 88 -4.68 13.49 -3.85
N ALA A 89 -5.82 12.84 -4.07
CA ALA A 89 -6.00 12.05 -5.28
C ALA A 89 -5.91 12.97 -6.50
N LEU A 90 -6.50 14.15 -6.41
CA LEU A 90 -6.45 15.10 -7.53
C LEU A 90 -4.99 15.49 -7.80
N LEU A 91 -4.20 15.59 -6.74
CA LEU A 91 -2.80 15.95 -6.85
C LEU A 91 -2.01 14.70 -7.25
N ALA A 92 -2.42 13.56 -6.71
CA ALA A 92 -1.75 12.31 -7.03
C ALA A 92 -2.15 11.90 -8.46
N ASN A 93 -2.89 12.78 -9.13
CA ASN A 93 -3.33 12.53 -10.49
C ASN A 93 -2.89 13.59 -11.49
N GLU A 94 -2.85 14.85 -11.09
CA GLU A 94 -2.42 15.92 -12.00
C GLU A 94 -0.91 15.81 -12.23
N ALA A 95 -0.18 15.41 -11.19
CA ALA A 95 1.27 15.28 -11.27
C ALA A 95 1.70 14.26 -12.32
N THR A 96 0.88 13.23 -12.53
CA THR A 96 1.20 12.19 -13.51
C THR A 96 0.81 12.59 -14.93
N LYS A 97 -0.23 13.39 -15.08
CA LYS A 97 -0.67 13.82 -16.41
C LYS A 97 0.41 14.65 -17.10
N ARG A 98 0.83 15.73 -16.45
CA ARG A 98 1.86 16.60 -17.03
C ARG A 98 3.20 16.40 -16.32
N TRP A 99 3.60 15.14 -16.17
CA TRP A 99 4.85 14.84 -15.50
C TRP A 99 6.12 15.17 -16.27
N THR A 100 7.17 15.51 -15.53
CA THR A 100 8.49 15.80 -16.08
C THR A 100 9.46 15.43 -14.96
N SER A 101 10.68 15.08 -15.32
CA SER A 101 11.68 14.71 -14.32
C SER A 101 11.85 15.79 -13.26
N SER A 102 11.29 16.95 -13.53
CA SER A 102 11.35 18.11 -12.63
C SER A 102 10.21 18.13 -11.63
N ASN A 103 9.14 17.38 -11.92
CA ASN A 103 7.99 17.35 -11.02
C ASN A 103 8.23 16.44 -9.83
N GLN A 104 8.34 17.04 -8.66
CA GLN A 104 8.59 16.28 -7.44
C GLN A 104 7.31 16.11 -6.62
N VAL A 105 6.19 16.60 -7.15
CA VAL A 105 4.92 16.51 -6.44
C VAL A 105 4.48 15.07 -6.12
N LEU A 106 5.10 14.10 -6.78
CA LEU A 106 4.78 12.70 -6.51
C LEU A 106 5.50 12.26 -5.22
N MET A 107 6.74 12.69 -5.06
CA MET A 107 7.51 12.37 -3.85
C MET A 107 6.86 13.07 -2.66
N GLU A 108 6.46 14.33 -2.87
CA GLU A 108 5.84 15.14 -1.83
C GLU A 108 4.68 14.41 -1.15
N VAL A 109 3.63 14.15 -1.93
CA VAL A 109 2.45 13.46 -1.44
C VAL A 109 2.83 12.13 -0.80
N ALA A 110 3.79 11.43 -1.40
CA ALA A 110 4.23 10.13 -0.89
C ALA A 110 5.07 10.13 0.38
N CYS A 111 5.92 11.14 0.55
CA CYS A 111 6.81 11.22 1.69
C CYS A 111 6.42 12.14 2.84
N THR A 112 5.46 13.01 2.61
CA THR A 112 5.02 13.95 3.65
C THR A 112 3.72 13.52 4.28
N ARG A 113 3.24 12.34 3.89
CA ARG A 113 2.00 11.80 4.42
C ARG A 113 2.28 10.60 5.32
N THR A 114 1.43 10.41 6.33
CA THR A 114 1.60 9.27 7.22
C THR A 114 1.27 8.03 6.40
N SER A 115 1.05 6.91 7.08
CA SER A 115 0.72 5.65 6.43
C SER A 115 -0.76 5.63 6.07
N THR A 116 -1.60 5.99 7.03
CA THR A 116 -3.04 6.01 6.85
C THR A 116 -3.48 7.02 5.79
N GLN A 117 -3.00 8.25 5.90
CA GLN A 117 -3.37 9.30 4.96
C GLN A 117 -3.04 8.88 3.54
N LEU A 118 -1.87 8.27 3.34
CA LEU A 118 -1.50 7.83 2.00
C LEU A 118 -2.39 6.65 1.54
N LEU A 119 -2.95 5.91 2.49
CA LEU A 119 -3.83 4.79 2.15
C LEU A 119 -5.16 5.34 1.65
N HIS A 120 -5.52 6.53 2.12
CA HIS A 120 -6.75 7.17 1.68
C HIS A 120 -6.55 7.69 0.27
N ALA A 121 -5.37 8.24 0.02
CA ALA A 121 -5.06 8.76 -1.30
C ALA A 121 -5.07 7.58 -2.28
N ARG A 122 -4.47 6.46 -1.87
CA ARG A 122 -4.43 5.26 -2.70
C ARG A 122 -5.82 4.63 -2.79
N GLN A 123 -6.65 4.86 -1.78
CA GLN A 123 -8.01 4.33 -1.77
C GLN A 123 -8.98 5.40 -2.28
N ALA A 124 -8.44 6.37 -3.03
CA ALA A 124 -9.26 7.44 -3.60
C ALA A 124 -8.87 7.56 -5.07
N TYR A 125 -7.67 7.10 -5.40
CA TYR A 125 -7.21 7.15 -6.79
C TYR A 125 -7.97 6.07 -7.57
N HIS A 126 -8.51 5.09 -6.83
CA HIS A 126 -9.27 4.01 -7.45
C HIS A 126 -10.66 4.49 -7.84
N ALA A 127 -11.35 5.07 -6.86
CA ALA A 127 -12.73 5.55 -7.04
C ALA A 127 -12.91 6.57 -8.15
N ARG A 128 -12.18 7.68 -8.03
CA ARG A 128 -12.28 8.78 -8.98
C ARG A 128 -11.52 8.55 -10.28
N TYR A 129 -10.77 7.46 -10.37
CA TYR A 129 -9.98 7.19 -11.57
C TYR A 129 -10.01 5.75 -12.07
N LYS A 130 -10.74 4.90 -11.37
CA LYS A 130 -10.87 3.48 -11.75
C LYS A 130 -9.50 2.85 -11.98
N LYS A 131 -8.45 3.53 -11.54
CA LYS A 131 -7.08 3.06 -11.66
C LYS A 131 -6.35 3.19 -10.32
N SER A 132 -5.15 2.64 -10.25
CA SER A 132 -4.35 2.72 -9.04
C SER A 132 -3.35 3.87 -9.19
N LEU A 133 -2.78 4.32 -8.06
CA LEU A 133 -1.80 5.38 -8.13
C LEU A 133 -0.50 4.78 -8.67
N GLU A 134 -0.26 3.51 -8.34
CA GLU A 134 0.94 2.80 -8.79
C GLU A 134 1.06 2.70 -10.31
N GLU A 135 0.13 1.99 -10.93
CA GLU A 135 0.15 1.79 -12.38
C GLU A 135 0.34 3.09 -13.15
N ASP A 136 -0.36 4.14 -12.74
CA ASP A 136 -0.24 5.42 -13.43
C ASP A 136 1.14 6.05 -13.20
N VAL A 137 1.67 5.92 -11.99
CA VAL A 137 2.98 6.47 -11.70
C VAL A 137 4.04 5.75 -12.53
N ALA A 138 4.01 4.42 -12.49
CA ALA A 138 4.98 3.63 -13.24
C ALA A 138 4.66 3.70 -14.74
N HIS A 139 3.52 4.28 -15.06
CA HIS A 139 3.09 4.41 -16.45
C HIS A 139 3.64 5.68 -17.09
N HIS A 140 3.46 6.81 -16.41
CA HIS A 140 3.87 8.12 -16.91
C HIS A 140 5.23 8.64 -16.46
N THR A 141 5.93 7.92 -15.59
CA THR A 141 7.25 8.39 -15.15
C THR A 141 8.35 7.55 -15.80
N THR A 142 9.57 8.08 -15.83
CA THR A 142 10.67 7.36 -16.46
C THR A 142 11.95 7.24 -15.65
N GLY A 143 12.85 6.41 -16.15
CA GLY A 143 14.13 6.17 -15.53
C GLY A 143 14.12 6.02 -14.01
N ASP A 144 15.18 6.51 -13.39
CA ASP A 144 15.37 6.46 -11.96
C ASP A 144 14.30 7.21 -11.19
N PHE A 145 13.80 8.29 -11.77
CA PHE A 145 12.76 9.08 -11.12
C PHE A 145 11.58 8.13 -10.89
N ARG A 146 11.33 7.28 -11.89
CA ARG A 146 10.24 6.32 -11.82
C ARG A 146 10.50 5.29 -10.72
N LYS A 147 11.72 4.74 -10.68
CA LYS A 147 12.05 3.76 -9.65
C LYS A 147 11.85 4.35 -8.25
N LEU A 148 12.12 5.65 -8.10
CA LEU A 148 11.95 6.28 -6.80
C LEU A 148 10.50 6.67 -6.55
N LEU A 149 9.90 7.38 -7.49
CA LEU A 149 8.51 7.80 -7.29
C LEU A 149 7.60 6.58 -7.12
N VAL A 150 7.85 5.52 -7.86
CA VAL A 150 7.06 4.29 -7.77
C VAL A 150 7.32 3.61 -6.43
N SER A 151 8.58 3.62 -6.02
CA SER A 151 8.94 2.99 -4.75
C SER A 151 8.31 3.70 -3.57
N LEU A 152 8.33 5.03 -3.61
CA LEU A 152 7.78 5.85 -2.54
C LEU A 152 6.25 5.83 -2.45
N VAL A 153 5.56 5.92 -3.59
CA VAL A 153 4.11 5.92 -3.55
C VAL A 153 3.50 4.57 -3.16
N THR A 154 4.26 3.49 -3.29
CA THR A 154 3.72 2.17 -2.93
C THR A 154 4.04 1.76 -1.49
N SER A 155 4.64 2.66 -0.73
CA SER A 155 5.00 2.34 0.65
C SER A 155 3.82 2.41 1.60
N TYR A 156 3.90 1.58 2.64
CA TYR A 156 2.90 1.54 3.70
C TYR A 156 3.76 1.31 4.94
N ARG A 157 4.55 2.34 5.26
CA ARG A 157 5.49 2.32 6.37
C ARG A 157 4.96 2.03 7.75
N TYR A 158 5.79 1.38 8.55
CA TYR A 158 5.45 1.09 9.93
C TYR A 158 5.68 2.42 10.65
N GLU A 159 4.77 2.79 11.55
CA GLU A 159 4.90 4.06 12.25
C GLU A 159 5.12 3.92 13.76
N GLY A 160 6.22 3.26 14.12
CA GLY A 160 6.55 3.08 15.52
C GLY A 160 7.91 3.66 15.85
N ASP A 161 8.35 3.53 17.09
CA ASP A 161 9.63 4.07 17.54
C ASP A 161 10.83 3.16 17.28
N GLU A 162 10.57 1.87 17.19
CA GLU A 162 11.62 0.88 16.97
C GLU A 162 12.83 1.37 16.16
N VAL A 163 14.02 1.17 16.71
CA VAL A 163 15.24 1.58 16.04
C VAL A 163 16.30 0.49 16.10
N ASN A 164 16.75 0.05 14.92
CA ASN A 164 17.80 -0.96 14.83
C ASN A 164 19.13 -0.23 14.60
N MET A 165 19.71 0.29 15.68
CA MET A 165 20.98 1.04 15.60
C MET A 165 22.08 0.37 14.78
N THR A 166 22.21 -0.94 14.90
CA THR A 166 23.23 -1.67 14.17
C THR A 166 22.95 -1.56 12.66
N LEU A 167 21.68 -1.69 12.29
CA LEU A 167 21.28 -1.59 10.90
C LEU A 167 21.41 -0.12 10.49
N ALA A 168 21.16 0.78 11.44
CA ALA A 168 21.24 2.21 11.21
C ALA A 168 22.62 2.61 10.70
N LYS A 169 23.66 2.12 11.36
CA LYS A 169 25.03 2.43 10.98
C LYS A 169 25.42 1.76 9.68
N GLN A 170 25.19 0.45 9.60
CA GLN A 170 25.52 -0.34 8.41
C GLN A 170 24.96 0.28 7.13
N GLU A 171 23.66 0.56 7.12
CA GLU A 171 23.06 1.15 5.94
C GLU A 171 23.48 2.61 5.82
N ALA A 172 23.74 3.27 6.95
CA ALA A 172 24.20 4.65 6.91
C ALA A 172 25.56 4.58 6.24
N LYS A 173 26.31 3.55 6.60
CA LYS A 173 27.62 3.32 6.05
C LYS A 173 27.47 3.16 4.55
N LEU A 174 26.62 2.21 4.16
CA LEU A 174 26.36 1.91 2.75
C LEU A 174 25.90 3.14 1.96
N VAL A 175 24.88 3.83 2.48
CA VAL A 175 24.39 5.02 1.81
C VAL A 175 25.49 6.07 1.74
N HIS A 176 26.39 6.04 2.75
CA HIS A 176 27.50 6.98 2.82
C HIS A 176 28.52 6.75 1.70
N GLU A 177 28.82 5.48 1.45
CA GLU A 177 29.78 5.12 0.40
C GLU A 177 29.24 5.53 -0.97
N LYS A 178 27.95 5.33 -1.17
CA LYS A 178 27.30 5.65 -2.43
C LYS A 178 27.28 7.14 -2.71
N ILE A 179 26.98 7.94 -1.69
CA ILE A 179 26.95 9.38 -1.88
C ILE A 179 28.35 9.83 -2.31
N LYS A 180 29.35 9.09 -1.86
CA LYS A 180 30.74 9.40 -2.21
C LYS A 180 30.98 9.26 -3.70
N ASP A 181 30.64 8.09 -4.25
CA ASP A 181 30.83 7.82 -5.67
C ASP A 181 29.76 8.50 -6.51
N LYS A 182 28.88 9.24 -5.86
CA LYS A 182 27.80 9.94 -6.53
C LYS A 182 26.73 9.01 -7.09
N HIS A 183 26.53 7.87 -6.42
CA HIS A 183 25.51 6.93 -6.83
C HIS A 183 24.19 7.27 -6.14
N TYR A 184 23.76 8.52 -6.29
CA TYR A 184 22.52 8.99 -5.68
C TYR A 184 21.34 8.12 -6.06
N ASN A 185 21.52 7.30 -7.09
CA ASN A 185 20.45 6.42 -7.56
C ASN A 185 20.64 4.96 -7.18
N ASP A 186 21.44 4.71 -6.14
CA ASP A 186 21.66 3.34 -5.69
C ASP A 186 20.38 2.68 -5.21
N GLU A 187 20.22 1.41 -5.57
CA GLU A 187 19.06 0.62 -5.21
C GLU A 187 18.83 0.54 -3.71
N ASP A 188 19.92 0.50 -2.93
CA ASP A 188 19.81 0.39 -1.48
C ASP A 188 19.32 1.68 -0.79
N VAL A 189 19.78 2.84 -1.24
CA VAL A 189 19.33 4.09 -0.64
C VAL A 189 17.81 4.14 -0.83
N ILE A 190 17.37 3.62 -1.97
CA ILE A 190 15.95 3.59 -2.31
C ILE A 190 15.15 2.71 -1.36
N ARG A 191 15.59 1.47 -1.20
CA ARG A 191 14.94 0.50 -0.32
C ARG A 191 14.78 1.01 1.13
N ILE A 192 15.82 1.66 1.65
CA ILE A 192 15.77 2.17 3.02
C ILE A 192 14.75 3.28 3.18
N LEU A 193 14.94 4.36 2.43
CA LEU A 193 14.05 5.51 2.49
C LEU A 193 12.65 5.21 1.94
N SER A 194 12.30 3.92 1.85
CA SER A 194 11.00 3.55 1.30
C SER A 194 10.22 2.51 2.10
N THR A 195 10.91 1.81 2.99
CA THR A 195 10.27 0.76 3.76
C THR A 195 10.51 0.82 5.28
N ARG A 196 11.30 1.79 5.72
CA ARG A 196 11.60 1.90 7.14
C ARG A 196 10.74 2.95 7.83
N SER A 197 10.47 2.70 9.10
CA SER A 197 9.70 3.62 9.92
C SER A 197 10.44 4.94 9.93
N LYS A 198 9.71 6.05 10.02
CA LYS A 198 10.34 7.37 10.04
C LYS A 198 11.25 7.46 11.27
N ALA A 199 11.00 6.62 12.27
CA ALA A 199 11.82 6.60 13.48
C ALA A 199 13.16 5.98 13.07
N GLN A 200 13.09 5.08 12.08
CA GLN A 200 14.26 4.38 11.56
C GLN A 200 15.05 5.21 10.55
N ILE A 201 14.38 6.17 9.91
CA ILE A 201 15.03 7.02 8.93
C ILE A 201 15.81 8.14 9.60
N ASN A 202 15.26 8.67 10.67
CA ASN A 202 15.92 9.73 11.42
C ASN A 202 17.07 9.13 12.22
N ALA A 203 16.81 7.98 12.83
CA ALA A 203 17.82 7.31 13.63
C ALA A 203 19.02 6.91 12.78
N THR A 204 18.76 6.57 11.52
CA THR A 204 19.85 6.18 10.63
C THR A 204 20.68 7.40 10.32
N PHE A 205 20.01 8.51 10.02
CA PHE A 205 20.71 9.74 9.68
C PHE A 205 21.34 10.39 10.90
N ASN A 206 20.91 9.98 12.10
CA ASN A 206 21.51 10.49 13.32
C ASN A 206 22.84 9.75 13.40
N ARG A 207 22.84 8.50 12.94
CA ARG A 207 24.05 7.68 12.92
C ARG A 207 24.99 8.18 11.82
N TYR A 208 24.39 8.63 10.72
CA TYR A 208 25.16 9.13 9.59
C TYR A 208 25.82 10.47 9.95
N GLN A 209 25.21 11.17 10.89
CA GLN A 209 25.73 12.47 11.31
C GLN A 209 26.66 12.37 12.51
N ASP A 210 26.56 11.26 13.25
CA ASP A 210 27.43 11.06 14.40
C ASP A 210 28.71 10.41 13.88
N ASP A 211 28.55 9.39 13.05
CA ASP A 211 29.68 8.65 12.49
C ASP A 211 30.39 9.36 11.34
N HIS A 212 30.07 10.64 11.12
CA HIS A 212 30.71 11.38 10.04
C HIS A 212 30.94 12.86 10.34
N GLY A 213 29.90 13.56 10.78
CA GLY A 213 30.06 14.97 11.09
C GLY A 213 29.10 15.94 10.41
N GLU A 214 29.05 15.90 9.09
CA GLU A 214 28.17 16.79 8.33
C GLU A 214 26.80 16.16 8.10
N GLU A 215 25.78 17.01 8.06
CA GLU A 215 24.41 16.57 7.81
C GLU A 215 24.32 15.88 6.44
N ILE A 216 23.40 14.92 6.34
CA ILE A 216 23.17 14.17 5.10
C ILE A 216 23.04 15.09 3.88
N LEU A 217 22.25 16.16 4.01
CA LEU A 217 22.04 17.11 2.93
C LEU A 217 23.33 17.81 2.52
N LYS A 218 24.25 17.98 3.47
CA LYS A 218 25.54 18.60 3.18
C LYS A 218 26.33 17.69 2.26
N SER A 219 26.25 16.39 2.52
CA SER A 219 26.96 15.41 1.70
C SER A 219 26.60 15.61 0.23
N LEU A 220 25.34 15.92 -0.03
CA LEU A 220 24.83 16.13 -1.37
C LEU A 220 25.52 17.28 -2.10
N GLU A 221 26.18 18.15 -1.35
CA GLU A 221 26.88 19.30 -1.92
C GLU A 221 28.09 18.95 -2.76
N GLU A 222 27.90 18.05 -3.73
CA GLU A 222 28.96 17.62 -4.62
C GLU A 222 28.36 17.02 -5.90
N GLY A 223 27.05 16.90 -5.94
CA GLY A 223 26.38 16.35 -7.10
C GLY A 223 26.53 17.21 -8.33
N ASP A 224 26.22 16.65 -9.49
CA ASP A 224 26.32 17.39 -10.75
C ASP A 224 25.68 18.76 -10.63
N ASP A 225 26.04 19.65 -11.53
CA ASP A 225 25.50 21.01 -11.52
C ASP A 225 23.98 21.04 -11.54
N ASP A 226 23.37 20.42 -12.56
CA ASP A 226 21.92 20.39 -12.67
C ASP A 226 21.30 19.00 -12.59
N ASP A 227 21.81 18.16 -11.68
CA ASP A 227 21.27 16.80 -11.54
C ASP A 227 19.84 16.91 -11.00
N LYS A 228 18.87 16.59 -11.85
CA LYS A 228 17.46 16.68 -11.46
C LYS A 228 17.01 15.54 -10.56
N PHE A 229 17.79 14.46 -10.48
CA PHE A 229 17.39 13.37 -9.62
C PHE A 229 17.79 13.65 -8.16
N LEU A 230 19.02 14.14 -7.95
CA LEU A 230 19.51 14.47 -6.61
C LEU A 230 18.52 15.43 -5.97
N ALA A 231 17.99 16.34 -6.76
CA ALA A 231 17.03 17.30 -6.24
C ALA A 231 15.84 16.53 -5.64
N LEU A 232 15.46 15.44 -6.30
CA LEU A 232 14.35 14.62 -5.81
C LEU A 232 14.76 13.99 -4.48
N LEU A 233 15.99 13.46 -4.43
CA LEU A 233 16.51 12.86 -3.20
C LEU A 233 16.48 13.91 -2.08
N ARG A 234 17.08 15.08 -2.34
CA ARG A 234 17.13 16.18 -1.36
C ARG A 234 15.78 16.39 -0.67
N SER A 235 14.74 16.52 -1.47
CA SER A 235 13.41 16.73 -0.92
C SER A 235 12.93 15.48 -0.17
N THR A 236 13.28 14.31 -0.70
CA THR A 236 12.89 13.05 -0.08
C THR A 236 13.64 12.87 1.26
N ILE A 237 14.48 13.84 1.57
CA ILE A 237 15.25 13.82 2.81
C ILE A 237 14.67 14.83 3.80
N GLN A 238 14.02 15.85 3.27
CA GLN A 238 13.38 16.90 4.08
C GLN A 238 11.90 16.57 4.27
N CYS A 239 11.32 15.93 3.25
CA CYS A 239 9.91 15.58 3.28
C CYS A 239 9.65 14.42 4.23
N LEU A 240 10.65 13.56 4.40
CA LEU A 240 10.53 12.41 5.28
C LEU A 240 11.04 12.66 6.68
N THR A 241 11.98 13.60 6.81
CA THR A 241 12.56 13.95 8.11
C THR A 241 11.78 15.07 8.79
N ARG A 242 11.88 16.27 8.21
CA ARG A 242 11.21 17.46 8.72
C ARG A 242 10.38 18.17 7.65
N PRO A 243 9.18 17.66 7.36
CA PRO A 243 8.32 18.27 6.34
C PRO A 243 8.20 19.80 6.40
N GLU A 244 7.96 20.36 7.59
CA GLU A 244 7.84 21.82 7.71
C GLU A 244 9.03 22.51 7.07
N LEU A 245 10.20 21.90 7.22
CA LEU A 245 11.44 22.44 6.66
C LEU A 245 11.53 22.15 5.18
N TYR A 246 10.50 21.54 4.62
CA TYR A 246 10.45 21.25 3.20
C TYR A 246 9.45 22.21 2.57
N PHE A 247 8.38 22.46 3.32
CA PHE A 247 7.31 23.34 2.87
C PHE A 247 7.74 24.80 2.79
N VAL A 248 8.54 25.25 3.75
CA VAL A 248 8.98 26.64 3.75
C VAL A 248 9.76 26.93 2.49
N ASP A 249 10.56 25.95 2.04
CA ASP A 249 11.36 26.12 0.82
C ASP A 249 10.54 26.02 -0.46
N VAL A 250 9.32 25.48 -0.38
CA VAL A 250 8.44 25.39 -1.55
C VAL A 250 7.71 26.73 -1.63
N LEU A 251 7.50 27.34 -0.47
CA LEU A 251 6.83 28.63 -0.35
C LEU A 251 7.73 29.76 -0.85
N ARG A 252 8.91 29.89 -0.25
CA ARG A 252 9.89 30.92 -0.62
C ARG A 252 10.08 31.04 -2.12
N SER A 253 10.27 29.92 -2.80
CA SER A 253 10.42 29.96 -4.26
C SER A 253 9.18 30.58 -4.89
N ALA A 254 8.13 29.79 -5.02
CA ALA A 254 6.88 30.25 -5.63
C ALA A 254 6.55 31.71 -5.36
N ILE A 255 6.63 32.11 -4.10
CA ILE A 255 6.33 33.49 -3.71
C ILE A 255 7.26 34.47 -4.45
N ASN A 256 8.45 34.00 -4.79
CA ASN A 256 9.43 34.80 -5.52
C ASN A 256 9.13 34.75 -7.03
N LYS A 257 8.23 33.84 -7.41
CA LYS A 257 7.84 33.65 -8.80
C LYS A 257 8.96 33.02 -9.63
N THR A 258 9.78 32.20 -8.98
CA THR A 258 10.90 31.53 -9.64
C THR A 258 10.63 30.05 -9.89
N GLY A 259 9.83 29.45 -9.01
CA GLY A 259 9.51 28.03 -9.14
C GLY A 259 8.83 27.65 -10.44
N THR A 260 8.80 26.34 -10.71
CA THR A 260 8.16 25.81 -11.92
C THR A 260 6.99 24.93 -11.51
N ASP A 261 6.67 24.97 -10.22
CA ASP A 261 5.57 24.17 -9.68
C ASP A 261 4.27 24.97 -9.76
N GLU A 262 3.29 24.43 -10.47
CA GLU A 262 2.01 25.13 -10.63
C GLU A 262 1.10 24.93 -9.43
N GLY A 263 0.72 26.03 -8.79
CA GLY A 263 -0.15 25.97 -7.64
C GLY A 263 0.51 25.52 -6.36
N ALA A 264 1.83 25.55 -6.32
CA ALA A 264 2.56 25.14 -5.13
C ALA A 264 2.06 25.87 -3.87
N LEU A 265 1.81 27.16 -3.97
CA LEU A 265 1.35 27.93 -2.82
C LEU A 265 0.05 27.41 -2.21
N THR A 266 -0.97 27.27 -3.05
CA THR A 266 -2.26 26.77 -2.59
C THR A 266 -2.18 25.29 -2.23
N ARG A 267 -1.47 24.50 -3.03
CA ARG A 267 -1.36 23.07 -2.80
C ARG A 267 -0.78 22.76 -1.41
N ILE A 268 -0.07 23.73 -0.83
CA ILE A 268 0.56 23.57 0.48
C ILE A 268 -0.25 24.16 1.66
N VAL A 269 -0.70 25.39 1.52
CA VAL A 269 -1.47 26.01 2.59
C VAL A 269 -2.65 25.13 2.99
N THR A 270 -3.48 24.79 2.00
CA THR A 270 -4.66 23.95 2.24
C THR A 270 -4.34 22.57 2.83
N THR A 271 -3.31 21.91 2.31
CA THR A 271 -2.94 20.59 2.80
C THR A 271 -2.37 20.53 4.21
N ARG A 272 -1.51 21.50 4.55
CA ARG A 272 -0.87 21.51 5.86
C ARG A 272 -1.53 22.37 6.93
N ALA A 273 -2.51 23.17 6.53
CA ALA A 273 -3.21 24.04 7.46
C ALA A 273 -3.68 23.27 8.69
N GLU A 274 -4.29 22.11 8.47
CA GLU A 274 -4.80 21.31 9.57
C GLU A 274 -3.75 20.31 10.06
N ILE A 275 -2.53 20.43 9.57
CA ILE A 275 -1.47 19.53 9.98
C ILE A 275 -0.30 20.23 10.69
N ASP A 276 0.70 20.66 9.92
CA ASP A 276 1.88 21.31 10.51
C ASP A 276 2.18 22.70 9.93
N LEU A 277 1.16 23.39 9.44
CA LEU A 277 1.34 24.71 8.85
C LEU A 277 1.95 25.71 9.83
N LYS A 278 1.48 25.67 11.07
CA LYS A 278 1.97 26.58 12.10
C LYS A 278 3.48 26.47 12.27
N VAL A 279 4.00 25.25 12.23
CA VAL A 279 5.44 25.07 12.36
C VAL A 279 6.05 25.62 11.08
N ILE A 280 5.52 25.17 9.94
CA ILE A 280 6.02 25.64 8.65
C ILE A 280 6.13 27.17 8.71
N GLY A 281 5.08 27.82 9.18
CA GLY A 281 5.06 29.27 9.28
C GLY A 281 6.19 29.82 10.15
N GLU A 282 6.40 29.20 11.31
CA GLU A 282 7.46 29.62 12.22
C GLU A 282 8.79 29.48 11.53
N GLU A 283 8.97 28.36 10.84
CA GLU A 283 10.21 28.10 10.12
C GLU A 283 10.28 28.92 8.85
N TYR A 284 9.26 29.73 8.62
CA TYR A 284 9.24 30.56 7.43
C TYR A 284 9.80 31.93 7.78
N GLN A 285 9.27 32.52 8.85
CA GLN A 285 9.69 33.84 9.30
C GLN A 285 11.20 33.85 9.53
N ARG A 286 11.73 32.71 9.94
CA ARG A 286 13.16 32.59 10.20
C ARG A 286 13.97 32.74 8.92
N ARG A 287 13.56 31.99 7.89
CA ARG A 287 14.25 32.01 6.62
C ARG A 287 14.02 33.27 5.80
N ASN A 288 12.93 34.00 6.08
CA ASN A 288 12.66 35.22 5.32
C ASN A 288 12.68 36.54 6.08
N SER A 289 12.61 36.47 7.41
CA SER A 289 12.61 37.67 8.24
C SER A 289 11.33 38.46 7.99
N ILE A 290 10.28 37.73 7.64
CA ILE A 290 8.95 38.28 7.36
C ILE A 290 7.91 37.17 7.56
N PRO A 291 6.80 37.49 8.25
CA PRO A 291 5.73 36.52 8.51
C PRO A 291 5.08 36.09 7.18
N LEU A 292 4.98 34.79 6.97
CA LEU A 292 4.39 34.26 5.74
C LEU A 292 3.13 35.00 5.30
N GLU A 293 2.27 35.36 6.24
CA GLU A 293 1.03 36.06 5.92
C GLU A 293 1.31 37.35 5.14
N LYS A 294 2.43 38.00 5.40
CA LYS A 294 2.77 39.22 4.68
C LYS A 294 3.42 38.92 3.34
N ALA A 295 4.16 37.82 3.26
CA ALA A 295 4.80 37.42 2.02
C ALA A 295 3.73 37.17 0.96
N ILE A 296 2.63 36.54 1.38
CA ILE A 296 1.52 36.22 0.49
C ILE A 296 0.72 37.45 0.08
N THR A 297 0.38 38.31 1.05
CA THR A 297 -0.38 39.52 0.76
C THR A 297 0.55 40.61 0.24
N LYS A 298 1.63 40.18 -0.40
CA LYS A 298 2.63 41.08 -0.95
C LYS A 298 2.09 42.13 -1.91
N ASP A 299 2.28 41.90 -3.21
CA ASP A 299 1.84 42.82 -4.24
C ASP A 299 0.34 42.80 -4.50
N THR A 300 -0.27 41.62 -4.42
CA THR A 300 -1.70 41.48 -4.65
C THR A 300 -2.44 40.96 -3.42
N ARG A 301 -3.76 41.16 -3.40
CA ARG A 301 -4.61 40.69 -2.31
C ARG A 301 -6.07 40.52 -2.74
N GLY A 302 -6.30 39.68 -3.73
CA GLY A 302 -7.66 39.42 -4.18
C GLY A 302 -8.29 38.36 -3.31
N ASP A 303 -9.45 37.85 -3.71
CA ASP A 303 -10.14 36.83 -2.93
C ASP A 303 -9.25 35.60 -2.74
N TYR A 304 -8.44 35.32 -3.75
CA TYR A 304 -7.53 34.18 -3.70
C TYR A 304 -6.46 34.34 -2.64
N GLU A 305 -5.77 35.49 -2.65
CA GLU A 305 -4.73 35.72 -1.65
C GLU A 305 -5.35 35.85 -0.27
N LYS A 306 -6.58 36.36 -0.23
CA LYS A 306 -7.27 36.51 1.03
C LYS A 306 -7.59 35.13 1.60
N MET A 307 -8.15 34.24 0.79
CA MET A 307 -8.46 32.90 1.27
C MET A 307 -7.18 32.22 1.78
N LEU A 308 -6.10 32.36 1.03
CA LEU A 308 -4.83 31.76 1.42
C LEU A 308 -4.38 32.18 2.80
N VAL A 309 -4.51 33.47 3.10
CA VAL A 309 -4.10 33.96 4.39
C VAL A 309 -5.10 33.54 5.47
N ALA A 310 -6.39 33.61 5.18
CA ALA A 310 -7.41 33.21 6.15
C ALA A 310 -7.17 31.76 6.62
N LEU A 311 -6.67 30.91 5.73
CA LEU A 311 -6.38 29.52 6.10
C LEU A 311 -5.18 29.48 7.03
N LEU A 312 -4.39 30.56 7.02
CA LEU A 312 -3.21 30.65 7.87
C LEU A 312 -3.59 31.13 9.27
N GLY A 313 -4.84 31.52 9.45
CA GLY A 313 -5.31 31.99 10.73
C GLY A 313 -5.41 33.51 10.70
N GLU A 314 -4.31 34.16 10.31
CA GLU A 314 -4.26 35.62 10.20
C GLU A 314 -5.15 36.05 9.05
N ASP A 315 -6.45 36.09 9.29
CA ASP A 315 -7.41 36.46 8.25
C ASP A 315 -7.22 37.90 7.76
N ASP A 316 -6.74 38.78 8.64
CA ASP A 316 -6.53 40.18 8.31
C ASP A 316 -5.08 40.60 8.00
N ALA A 317 -4.36 39.73 7.29
CA ALA A 317 -2.98 40.04 6.93
C ALA A 317 -2.92 40.50 5.48
N SER B 1 -19.60 -19.67 -2.56
CA SER B 1 -18.60 -20.46 -3.34
C SER B 1 -17.47 -20.99 -2.44
N ALA B 2 -17.63 -20.82 -1.13
CA ALA B 2 -16.62 -21.29 -0.17
C ALA B 2 -16.62 -22.81 -0.09
N THR B 3 -16.00 -23.35 0.95
CA THR B 3 -15.90 -24.80 1.14
C THR B 3 -16.42 -25.22 2.51
N LEU B 4 -15.65 -24.90 3.54
CA LEU B 4 -15.98 -25.23 4.93
C LEU B 4 -17.47 -25.17 5.25
N LYS B 5 -17.92 -26.09 6.10
CA LYS B 5 -19.31 -26.16 6.50
C LYS B 5 -19.51 -25.43 7.83
N VAL B 6 -19.99 -24.19 7.76
CA VAL B 6 -20.23 -23.41 8.96
C VAL B 6 -21.43 -24.01 9.69
N SER B 7 -21.14 -24.95 10.60
CA SER B 7 -22.21 -25.60 11.37
C SER B 7 -23.22 -24.59 11.88
N ASP B 8 -24.48 -24.79 11.54
CA ASP B 8 -25.54 -23.89 11.95
C ASP B 8 -25.89 -24.14 13.42
N SER B 9 -26.70 -23.25 14.00
CA SER B 9 -27.07 -23.38 15.40
C SER B 9 -25.83 -23.34 16.27
N VAL B 10 -24.92 -22.41 15.95
CA VAL B 10 -23.68 -22.24 16.69
C VAL B 10 -23.95 -21.90 18.15
N PRO B 11 -23.14 -22.45 19.07
CA PRO B 11 -23.29 -22.21 20.50
C PRO B 11 -22.87 -20.80 20.93
N ALA B 12 -22.88 -20.56 22.24
CA ALA B 12 -22.49 -19.26 22.78
C ALA B 12 -20.97 -19.10 22.79
N PRO B 13 -20.49 -17.88 22.54
CA PRO B 13 -19.05 -17.63 22.53
C PRO B 13 -18.36 -18.07 23.81
N SER B 14 -18.79 -17.54 24.95
CA SER B 14 -18.19 -17.91 26.23
C SER B 14 -18.21 -19.43 26.39
N ASP B 15 -19.22 -20.07 25.80
CA ASP B 15 -19.34 -21.53 25.86
C ASP B 15 -18.33 -22.19 24.94
N ASP B 16 -17.98 -21.51 23.85
CA ASP B 16 -17.01 -22.04 22.91
C ASP B 16 -15.62 -22.03 23.56
N ALA B 17 -15.24 -20.87 24.09
CA ALA B 17 -13.94 -20.72 24.74
C ALA B 17 -13.79 -21.70 25.89
N GLU B 18 -14.80 -21.78 26.74
CA GLU B 18 -14.76 -22.68 27.88
C GLU B 18 -14.75 -24.15 27.45
N GLN B 19 -15.18 -24.41 26.22
CA GLN B 19 -15.18 -25.76 25.67
C GLN B 19 -13.78 -26.17 25.25
N LEU B 20 -13.10 -25.28 24.51
CA LEU B 20 -11.74 -25.55 24.06
C LEU B 20 -10.87 -25.64 25.30
N ARG B 21 -11.29 -24.92 26.33
CA ARG B 21 -10.61 -24.87 27.63
C ARG B 21 -10.51 -26.28 28.21
N THR B 22 -11.63 -27.01 28.16
CA THR B 22 -11.68 -28.38 28.66
C THR B 22 -10.74 -29.26 27.84
N ALA B 23 -10.38 -28.78 26.66
CA ALA B 23 -9.50 -29.52 25.76
C ALA B 23 -8.05 -29.03 25.86
N GLU B 31 -8.50 -33.32 22.88
CA GLU B 31 -7.50 -33.70 21.89
C GLU B 31 -8.05 -33.66 20.47
N ASP B 32 -9.37 -33.80 20.34
CA ASP B 32 -10.01 -33.76 19.04
C ASP B 32 -11.39 -33.11 19.14
N LEU B 33 -11.64 -32.42 20.25
CA LEU B 33 -12.91 -31.75 20.46
C LEU B 33 -12.86 -30.33 19.91
N ILE B 34 -11.64 -29.81 19.74
CA ILE B 34 -11.44 -28.47 19.21
C ILE B 34 -11.82 -28.48 17.73
N ILE B 35 -11.74 -29.66 17.13
CA ILE B 35 -12.06 -29.84 15.73
C ILE B 35 -13.54 -29.56 15.46
N SER B 36 -14.42 -30.14 16.30
CA SER B 36 -15.86 -29.94 16.13
C SER B 36 -16.29 -28.51 16.43
N ILE B 37 -15.36 -27.70 16.94
CA ILE B 37 -15.68 -26.32 17.26
C ILE B 37 -14.95 -25.33 16.36
N LEU B 38 -13.64 -25.48 16.22
CA LEU B 38 -12.86 -24.58 15.38
C LEU B 38 -13.26 -24.60 13.91
N ALA B 39 -12.93 -25.69 13.22
CA ALA B 39 -13.24 -25.84 11.79
C ALA B 39 -14.74 -25.92 11.50
N HIS B 40 -15.56 -25.55 12.49
CA HIS B 40 -17.00 -25.57 12.34
C HIS B 40 -17.62 -24.23 12.74
N ARG B 41 -16.96 -23.14 12.40
CA ARG B 41 -17.46 -21.81 12.74
C ARG B 41 -16.95 -20.78 11.74
N SER B 42 -17.70 -19.69 11.56
CA SER B 42 -17.30 -18.63 10.66
C SER B 42 -16.17 -17.85 11.33
N ALA B 43 -15.19 -17.43 10.55
CA ALA B 43 -14.02 -16.70 11.06
C ALA B 43 -14.34 -15.70 12.18
N GLU B 44 -15.45 -14.98 12.06
CA GLU B 44 -15.84 -14.01 13.08
C GLU B 44 -16.08 -14.71 14.41
N GLN B 45 -16.75 -15.85 14.36
CA GLN B 45 -17.04 -16.61 15.57
C GLN B 45 -15.74 -17.07 16.21
N ARG B 46 -14.84 -17.63 15.41
CA ARG B 46 -13.56 -18.11 15.91
C ARG B 46 -12.80 -16.93 16.51
N LYS B 47 -12.80 -15.82 15.77
CA LYS B 47 -12.13 -14.61 16.20
C LYS B 47 -12.65 -14.23 17.58
N VAL B 48 -13.96 -14.38 17.76
CA VAL B 48 -14.60 -14.06 19.03
C VAL B 48 -14.13 -15.03 20.11
N ILE B 49 -13.89 -16.28 19.71
CA ILE B 49 -13.43 -17.29 20.66
C ILE B 49 -12.17 -16.82 21.36
N ARG B 50 -11.14 -16.48 20.60
CA ARG B 50 -9.91 -15.99 21.20
C ARG B 50 -10.22 -14.76 22.03
N GLN B 51 -11.20 -13.98 21.56
CA GLN B 51 -11.60 -12.77 22.26
C GLN B 51 -12.18 -13.13 23.62
N ALA B 52 -13.22 -13.96 23.62
CA ALA B 52 -13.86 -14.37 24.86
C ALA B 52 -12.91 -15.18 25.71
N TYR B 53 -12.15 -16.08 25.07
CA TYR B 53 -11.21 -16.93 25.77
C TYR B 53 -10.06 -16.16 26.41
N HIS B 54 -9.57 -15.13 25.72
CA HIS B 54 -8.45 -14.34 26.24
C HIS B 54 -8.91 -13.41 27.36
N GLU B 55 -10.12 -12.89 27.24
CA GLU B 55 -10.67 -11.99 28.26
C GLU B 55 -11.26 -12.81 29.40
N THR B 56 -10.80 -14.04 29.54
CA THR B 56 -11.26 -14.93 30.59
C THR B 56 -10.10 -15.61 31.29
N TYR B 57 -8.94 -15.66 30.65
CA TYR B 57 -7.76 -16.28 31.25
C TYR B 57 -6.50 -15.43 31.13
N GLY B 58 -6.67 -14.17 30.73
CA GLY B 58 -5.52 -13.30 30.58
C GLY B 58 -4.42 -13.85 29.68
N GLU B 59 -4.75 -14.88 28.91
CA GLU B 59 -3.78 -15.52 28.01
C GLU B 59 -4.50 -15.96 26.73
N ASP B 60 -3.78 -15.97 25.62
CA ASP B 60 -4.35 -16.39 24.34
C ASP B 60 -4.22 -17.89 24.15
N LEU B 61 -5.22 -18.48 23.48
CA LEU B 61 -5.26 -19.91 23.22
C LEU B 61 -4.10 -20.39 22.35
N LEU B 62 -3.50 -19.48 21.58
CA LEU B 62 -2.40 -19.85 20.69
C LEU B 62 -1.00 -19.79 21.30
N LYS B 63 -0.89 -19.33 22.53
CA LYS B 63 0.41 -19.23 23.19
C LYS B 63 1.09 -20.59 23.30
N THR B 64 0.33 -21.59 23.76
CA THR B 64 0.86 -22.94 23.92
C THR B 64 1.00 -23.68 22.59
N LEU B 65 0.70 -22.99 21.50
CA LEU B 65 0.79 -23.59 20.17
C LEU B 65 1.38 -22.63 19.14
N ASP B 66 2.05 -21.58 19.63
CA ASP B 66 2.66 -20.59 18.76
C ASP B 66 4.08 -21.01 18.38
N SER B 70 5.13 -26.87 17.20
CA SER B 70 6.07 -27.98 17.15
C SER B 70 5.36 -29.27 16.78
N ASN B 71 4.32 -29.14 15.96
CA ASN B 71 3.53 -30.30 15.52
C ASN B 71 2.54 -29.93 14.42
N ASP B 72 2.40 -30.81 13.42
CA ASP B 72 1.49 -30.59 12.31
C ASP B 72 0.12 -30.11 12.74
N PHE B 73 -0.49 -30.84 13.67
CA PHE B 73 -1.80 -30.46 14.18
C PHE B 73 -1.72 -29.09 14.86
N GLU B 74 -0.62 -28.86 15.59
CA GLU B 74 -0.40 -27.59 16.27
C GLU B 74 -0.32 -26.47 15.24
N ARG B 75 0.34 -26.77 14.13
CA ARG B 75 0.51 -25.81 13.04
C ARG B 75 -0.86 -25.47 12.45
N ALA B 76 -1.55 -26.49 11.96
CA ALA B 76 -2.88 -26.30 11.39
C ALA B 76 -3.71 -25.53 12.39
N ILE B 77 -3.44 -25.76 13.67
CA ILE B 77 -4.13 -25.08 14.75
C ILE B 77 -3.81 -23.58 14.62
N LEU B 78 -2.54 -23.24 14.88
CA LEU B 78 -2.08 -21.86 14.83
C LEU B 78 -2.66 -21.13 13.63
N LEU B 79 -2.23 -21.55 12.44
CA LEU B 79 -2.67 -20.96 11.17
C LEU B 79 -4.17 -20.75 11.09
N TRP B 80 -4.94 -21.74 11.51
CA TRP B 80 -6.40 -21.65 11.46
C TRP B 80 -6.99 -20.68 12.49
N THR B 81 -6.31 -20.54 13.62
CA THR B 81 -6.77 -19.68 14.70
C THR B 81 -6.50 -18.18 14.49
N LEU B 82 -5.37 -17.86 13.88
CA LEU B 82 -5.02 -16.47 13.61
C LEU B 82 -5.88 -15.91 12.47
N GLU B 83 -6.12 -14.61 12.49
CA GLU B 83 -6.89 -14.00 11.41
C GLU B 83 -6.03 -14.09 10.17
N PRO B 84 -6.66 -14.10 8.98
CA PRO B 84 -5.90 -14.19 7.73
C PRO B 84 -4.70 -13.26 7.67
N GLY B 85 -4.87 -12.01 8.08
CA GLY B 85 -3.76 -11.06 8.07
C GLY B 85 -2.64 -11.58 8.94
N GLU B 86 -3.00 -11.97 10.17
CA GLU B 86 -2.05 -12.50 11.12
C GLU B 86 -1.24 -13.63 10.45
N ARG B 87 -1.95 -14.64 9.97
CA ARG B 87 -1.34 -15.78 9.30
C ARG B 87 -0.47 -15.37 8.11
N ASP B 88 -0.94 -14.41 7.31
CA ASP B 88 -0.21 -13.93 6.14
C ASP B 88 1.22 -13.55 6.50
N ALA B 89 1.39 -12.31 6.96
CA ALA B 89 2.68 -11.76 7.37
C ALA B 89 3.51 -12.82 8.07
N LEU B 90 2.87 -13.60 8.93
CA LEU B 90 3.53 -14.67 9.65
C LEU B 90 4.16 -15.63 8.65
N LEU B 91 3.34 -16.13 7.72
CA LEU B 91 3.82 -17.05 6.69
C LEU B 91 4.95 -16.38 5.91
N ALA B 92 4.71 -15.16 5.43
CA ALA B 92 5.71 -14.41 4.67
C ALA B 92 6.98 -14.17 5.47
N ASN B 93 6.83 -13.71 6.72
CA ASN B 93 8.01 -13.46 7.54
C ASN B 93 8.93 -14.68 7.53
N GLU B 94 8.35 -15.86 7.73
CA GLU B 94 9.12 -17.10 7.72
C GLU B 94 9.72 -17.32 6.34
N ALA B 95 8.94 -17.00 5.32
CA ALA B 95 9.39 -17.13 3.93
C ALA B 95 10.33 -15.99 3.60
N THR B 96 10.66 -15.18 4.61
CA THR B 96 11.55 -14.05 4.42
C THR B 96 12.80 -14.25 5.28
N LYS B 97 12.60 -14.70 6.51
CA LYS B 97 13.72 -14.93 7.43
C LYS B 97 14.66 -16.02 6.94
N ARG B 98 14.11 -17.02 6.25
CA ARG B 98 14.90 -18.12 5.73
C ARG B 98 14.76 -18.23 4.22
N TRP B 99 14.13 -17.21 3.64
CA TRP B 99 13.89 -17.14 2.21
C TRP B 99 15.03 -17.65 1.33
N THR B 100 14.67 -18.18 0.17
CA THR B 100 15.63 -18.67 -0.80
C THR B 100 14.98 -18.43 -2.15
N SER B 101 15.80 -18.34 -3.20
CA SER B 101 15.29 -18.11 -4.54
C SER B 101 14.19 -19.10 -4.89
N SER B 102 14.06 -20.15 -4.09
CA SER B 102 13.06 -21.17 -4.33
C SER B 102 11.77 -20.98 -3.55
N ASN B 103 11.86 -20.32 -2.39
CA ASN B 103 10.68 -20.09 -1.59
C ASN B 103 9.71 -19.25 -2.42
N GLN B 104 8.49 -19.75 -2.55
CA GLN B 104 7.47 -19.09 -3.34
C GLN B 104 6.36 -18.48 -2.49
N VAL B 105 6.30 -18.84 -1.21
CA VAL B 105 5.25 -18.31 -0.36
C VAL B 105 5.33 -16.79 -0.34
N LEU B 106 6.42 -16.27 -0.90
CA LEU B 106 6.63 -14.83 -0.97
C LEU B 106 5.82 -14.26 -2.15
N MET B 107 5.70 -15.03 -3.23
CA MET B 107 4.87 -14.58 -4.36
C MET B 107 3.47 -14.86 -3.85
N GLU B 108 3.22 -16.13 -3.56
CA GLU B 108 1.92 -16.59 -3.10
C GLU B 108 1.15 -15.51 -2.35
N VAL B 109 1.41 -15.37 -1.04
CA VAL B 109 0.71 -14.37 -0.23
C VAL B 109 0.38 -13.05 -0.93
N ALA B 110 1.30 -12.58 -1.78
CA ALA B 110 1.10 -11.31 -2.49
C ALA B 110 -0.11 -11.24 -3.41
N CYS B 111 -0.21 -12.21 -4.33
CA CYS B 111 -1.28 -12.25 -5.31
C CYS B 111 -2.50 -13.07 -4.92
N THR B 112 -2.35 -13.92 -3.89
CA THR B 112 -3.45 -14.76 -3.46
C THR B 112 -4.59 -13.94 -2.83
N ARG B 113 -4.35 -13.38 -1.65
CA ARG B 113 -5.37 -12.55 -1.00
C ARG B 113 -5.55 -11.36 -1.93
N THR B 114 -6.74 -10.75 -1.90
CA THR B 114 -6.99 -9.61 -2.77
C THR B 114 -6.13 -8.44 -2.28
N SER B 115 -6.31 -7.28 -2.89
CA SER B 115 -5.56 -6.08 -2.52
C SER B 115 -5.79 -5.81 -1.04
N THR B 116 -7.07 -5.82 -0.64
CA THR B 116 -7.46 -5.57 0.73
C THR B 116 -6.96 -6.62 1.72
N GLN B 117 -7.47 -7.85 1.61
CA GLN B 117 -7.06 -8.92 2.52
C GLN B 117 -5.55 -8.84 2.74
N LEU B 118 -4.84 -8.27 1.76
CA LEU B 118 -3.39 -8.11 1.84
C LEU B 118 -3.07 -6.97 2.80
N LEU B 119 -3.77 -5.85 2.64
CA LEU B 119 -3.55 -4.71 3.52
C LEU B 119 -3.56 -5.22 4.96
N HIS B 120 -4.56 -6.04 5.26
CA HIS B 120 -4.69 -6.60 6.60
C HIS B 120 -3.38 -7.30 6.96
N ALA B 121 -2.81 -8.00 5.99
CA ALA B 121 -1.54 -8.70 6.21
C ALA B 121 -0.44 -7.70 6.48
N ARG B 122 -0.42 -6.60 5.73
CA ARG B 122 0.59 -5.57 5.91
C ARG B 122 0.43 -4.88 7.25
N GLN B 123 -0.82 -4.74 7.67
CA GLN B 123 -1.13 -4.08 8.95
C GLN B 123 -0.81 -5.03 10.10
N ALA B 124 -1.11 -6.30 9.89
CA ALA B 124 -0.85 -7.33 10.89
C ALA B 124 0.67 -7.49 11.00
N TYR B 125 1.38 -7.09 9.96
CA TYR B 125 2.83 -7.19 9.93
C TYR B 125 3.42 -6.11 10.84
N HIS B 126 2.89 -4.89 10.74
CA HIS B 126 3.35 -3.78 11.56
C HIS B 126 3.19 -4.09 13.04
N ALA B 127 2.06 -4.69 13.38
CA ALA B 127 1.75 -5.00 14.77
C ALA B 127 2.64 -6.06 15.39
N ARG B 128 2.71 -7.22 14.75
CA ARG B 128 3.51 -8.32 15.25
C ARG B 128 5.02 -8.10 15.11
N TYR B 129 5.46 -7.66 13.94
CA TYR B 129 6.89 -7.46 13.70
C TYR B 129 7.45 -6.03 13.85
N LYS B 130 6.59 -5.05 14.07
CA LYS B 130 7.04 -3.65 14.22
C LYS B 130 7.88 -3.21 13.02
N LYS B 131 7.53 -3.72 11.84
CA LYS B 131 8.22 -3.39 10.60
C LYS B 131 7.19 -3.49 9.48
N SER B 132 7.60 -3.22 8.24
CA SER B 132 6.68 -3.31 7.11
C SER B 132 7.14 -4.45 6.19
N LEU B 133 6.18 -5.14 5.58
CA LEU B 133 6.53 -6.24 4.68
C LEU B 133 7.58 -5.71 3.72
N GLU B 134 7.35 -4.50 3.22
CA GLU B 134 8.27 -3.85 2.31
C GLU B 134 9.73 -3.94 2.75
N GLU B 135 10.02 -3.52 3.99
CA GLU B 135 11.39 -3.55 4.48
C GLU B 135 11.98 -4.95 4.65
N ASP B 136 11.25 -5.87 5.28
CA ASP B 136 11.77 -7.23 5.47
C ASP B 136 11.93 -8.00 4.16
N VAL B 137 10.98 -7.84 3.24
CA VAL B 137 11.08 -8.53 1.95
C VAL B 137 12.25 -7.97 1.17
N ALA B 138 12.22 -6.65 0.97
CA ALA B 138 13.29 -5.99 0.23
C ALA B 138 14.64 -6.30 0.89
N HIS B 139 14.63 -6.42 2.20
CA HIS B 139 15.85 -6.69 2.96
C HIS B 139 16.47 -8.07 2.74
N HIS B 140 15.63 -9.10 2.72
CA HIS B 140 16.15 -10.45 2.58
C HIS B 140 16.02 -11.17 1.25
N THR B 141 15.68 -10.46 0.17
CA THR B 141 15.59 -11.09 -1.15
C THR B 141 16.65 -10.50 -2.08
N THR B 142 16.93 -11.18 -3.19
CA THR B 142 17.95 -10.69 -4.10
C THR B 142 17.58 -10.62 -5.60
N GLY B 143 18.44 -9.93 -6.35
CA GLY B 143 18.26 -9.77 -7.78
C GLY B 143 16.84 -9.62 -8.32
N ASP B 144 16.57 -10.30 -9.43
CA ASP B 144 15.27 -10.25 -10.07
C ASP B 144 14.17 -10.64 -9.09
N PHE B 145 14.48 -11.58 -8.22
CA PHE B 145 13.52 -12.02 -7.22
C PHE B 145 13.00 -10.81 -6.45
N ARG B 146 13.90 -9.99 -5.94
CA ARG B 146 13.49 -8.81 -5.18
C ARG B 146 12.79 -7.81 -6.10
N LYS B 147 13.14 -7.83 -7.36
CA LYS B 147 12.51 -6.91 -8.31
C LYS B 147 11.02 -7.19 -8.41
N LEU B 148 10.63 -8.46 -8.32
CA LEU B 148 9.22 -8.82 -8.42
C LEU B 148 8.54 -8.90 -7.06
N LEU B 149 9.15 -9.65 -6.15
CA LEU B 149 8.60 -9.81 -4.81
C LEU B 149 8.25 -8.50 -4.11
N VAL B 150 9.17 -7.52 -4.16
CA VAL B 150 8.92 -6.22 -3.53
C VAL B 150 7.80 -5.48 -4.27
N SER B 151 7.87 -5.47 -5.58
CA SER B 151 6.87 -4.78 -6.39
C SER B 151 5.47 -5.40 -6.25
N LEU B 152 5.42 -6.71 -6.01
CA LEU B 152 4.14 -7.39 -5.85
C LEU B 152 3.46 -7.05 -4.53
N VAL B 153 4.20 -7.16 -3.42
CA VAL B 153 3.62 -6.88 -2.11
C VAL B 153 3.25 -5.40 -1.89
N THR B 154 3.97 -4.48 -2.50
CA THR B 154 3.64 -3.07 -2.32
C THR B 154 2.46 -2.57 -3.15
N SER B 155 2.26 -3.17 -4.32
CA SER B 155 1.17 -2.78 -5.20
C SER B 155 -0.20 -3.01 -4.57
N TYR B 156 -0.96 -1.94 -4.39
CA TYR B 156 -2.30 -2.03 -3.84
C TYR B 156 -3.26 -1.98 -5.04
N ARG B 157 -3.39 -3.11 -5.73
CA ARG B 157 -4.20 -3.24 -6.95
C ARG B 157 -5.66 -2.80 -6.87
N TYR B 158 -6.13 -2.25 -7.99
CA TYR B 158 -7.51 -1.81 -8.13
C TYR B 158 -8.31 -3.12 -8.27
N GLU B 159 -9.64 -3.05 -8.26
CA GLU B 159 -10.42 -4.28 -8.35
C GLU B 159 -11.69 -4.21 -9.19
N GLY B 160 -11.89 -3.09 -9.87
CA GLY B 160 -13.06 -2.97 -10.72
C GLY B 160 -12.85 -3.78 -11.99
N ASP B 161 -13.90 -3.94 -12.79
CA ASP B 161 -13.81 -4.74 -14.02
C ASP B 161 -13.35 -3.99 -15.27
N GLU B 162 -13.36 -2.67 -15.23
CA GLU B 162 -12.94 -1.88 -16.39
C GLU B 162 -11.74 -2.51 -17.09
N VAL B 163 -11.76 -2.46 -18.41
CA VAL B 163 -10.67 -3.03 -19.20
C VAL B 163 -10.33 -2.15 -20.36
N ASN B 164 -9.06 -1.79 -20.49
CA ASN B 164 -8.61 -0.97 -21.60
C ASN B 164 -7.97 -1.92 -22.61
N MET B 165 -8.81 -2.53 -23.44
CA MET B 165 -8.32 -3.48 -24.44
C MET B 165 -7.17 -2.90 -25.27
N THR B 166 -7.22 -1.61 -25.55
CA THR B 166 -6.16 -0.97 -26.33
C THR B 166 -4.82 -1.08 -25.60
N LEU B 167 -4.79 -0.63 -24.35
CA LEU B 167 -3.58 -0.68 -23.54
C LEU B 167 -3.22 -2.15 -23.32
N ALA B 168 -4.25 -2.99 -23.25
CA ALA B 168 -4.06 -4.42 -23.04
C ALA B 168 -3.31 -5.06 -24.20
N LYS B 169 -3.47 -4.47 -25.38
CA LYS B 169 -2.80 -4.99 -26.57
C LYS B 169 -1.41 -4.38 -26.72
N GLN B 170 -1.27 -3.12 -26.31
CA GLN B 170 0.00 -2.42 -26.36
C GLN B 170 1.01 -3.12 -25.44
N GLU B 171 0.57 -3.41 -24.23
CA GLU B 171 1.44 -4.05 -23.25
C GLU B 171 1.66 -5.53 -23.56
N ALA B 172 0.67 -6.14 -24.22
CA ALA B 172 0.78 -7.55 -24.59
C ALA B 172 2.02 -7.71 -25.48
N LYS B 173 2.21 -6.76 -26.38
CA LYS B 173 3.35 -6.78 -27.28
C LYS B 173 4.56 -6.24 -26.53
N LEU B 174 4.30 -5.27 -25.67
CA LEU B 174 5.36 -4.66 -24.87
C LEU B 174 6.00 -5.74 -24.01
N VAL B 175 5.37 -6.91 -23.99
CA VAL B 175 5.85 -8.05 -23.23
C VAL B 175 6.42 -9.13 -24.15
N HIS B 176 5.65 -9.50 -25.16
CA HIS B 176 6.09 -10.54 -26.09
C HIS B 176 7.47 -10.32 -26.66
N GLU B 177 7.73 -9.09 -27.11
CA GLU B 177 9.05 -8.78 -27.67
C GLU B 177 10.17 -9.09 -26.71
N LYS B 178 9.90 -8.95 -25.41
CA LYS B 178 10.90 -9.23 -24.40
C LYS B 178 10.96 -10.71 -24.04
N ILE B 179 9.81 -11.36 -23.99
CA ILE B 179 9.76 -12.77 -23.66
C ILE B 179 10.42 -13.61 -24.76
N LYS B 180 10.19 -13.23 -26.01
CA LYS B 180 10.75 -13.95 -27.14
C LYS B 180 12.28 -14.00 -27.08
N ASP B 181 12.89 -13.08 -26.34
CA ASP B 181 14.34 -13.04 -26.20
C ASP B 181 14.81 -13.50 -24.83
N LYS B 182 13.90 -14.14 -24.09
CA LYS B 182 14.20 -14.68 -22.76
C LYS B 182 14.35 -13.66 -21.62
N HIS B 183 14.07 -12.39 -21.90
CA HIS B 183 14.16 -11.39 -20.85
C HIS B 183 12.96 -11.46 -19.92
N TYR B 184 12.87 -12.56 -19.19
CA TYR B 184 11.77 -12.80 -18.26
C TYR B 184 11.78 -11.82 -17.10
N ASN B 185 12.89 -11.10 -16.96
CA ASN B 185 13.03 -10.12 -15.89
C ASN B 185 12.98 -8.70 -16.45
N ASP B 186 12.27 -8.53 -17.56
CA ASP B 186 12.17 -7.22 -18.20
C ASP B 186 11.40 -6.19 -17.39
N GLU B 187 11.93 -4.98 -17.38
CA GLU B 187 11.35 -3.84 -16.65
C GLU B 187 9.82 -3.76 -16.82
N ASP B 188 9.34 -3.76 -18.06
CA ASP B 188 7.90 -3.68 -18.32
C ASP B 188 7.14 -4.93 -17.86
N VAL B 189 7.76 -6.09 -17.99
CA VAL B 189 7.12 -7.33 -17.56
C VAL B 189 6.72 -7.23 -16.08
N ILE B 190 7.65 -6.76 -15.25
CA ILE B 190 7.39 -6.65 -13.83
C ILE B 190 6.43 -5.50 -13.54
N ARG B 191 6.53 -4.42 -14.31
CA ARG B 191 5.66 -3.27 -14.12
C ARG B 191 4.19 -3.60 -14.41
N ILE B 192 3.95 -4.27 -15.55
CA ILE B 192 2.61 -4.64 -15.99
C ILE B 192 1.96 -5.61 -15.03
N LEU B 193 2.70 -6.64 -14.64
CA LEU B 193 2.18 -7.65 -13.73
C LEU B 193 2.06 -7.11 -12.31
N SER B 194 3.00 -6.26 -11.91
CA SER B 194 2.98 -5.71 -10.56
C SER B 194 1.89 -4.68 -10.31
N THR B 195 1.72 -3.73 -11.23
CA THR B 195 0.72 -2.70 -11.04
C THR B 195 -0.64 -2.91 -11.69
N ARG B 196 -0.69 -3.54 -12.86
CA ARG B 196 -1.97 -3.75 -13.52
C ARG B 196 -2.92 -4.63 -12.71
N SER B 197 -4.18 -4.23 -12.67
CA SER B 197 -5.21 -4.96 -11.94
C SER B 197 -5.67 -6.18 -12.75
N LYS B 198 -5.39 -7.37 -12.22
CA LYS B 198 -5.74 -8.67 -12.82
C LYS B 198 -6.70 -8.57 -14.01
N ALA B 199 -7.94 -8.14 -13.76
CA ALA B 199 -8.91 -8.01 -14.84
C ALA B 199 -8.19 -7.47 -16.08
N GLN B 200 -7.54 -6.33 -15.90
CA GLN B 200 -6.79 -5.68 -16.98
C GLN B 200 -5.62 -6.56 -17.42
N ILE B 201 -5.11 -7.37 -16.50
CA ILE B 201 -4.01 -8.29 -16.76
C ILE B 201 -4.50 -9.39 -17.71
N ASN B 202 -5.69 -9.92 -17.41
CA ASN B 202 -6.27 -10.96 -18.23
C ASN B 202 -6.43 -10.47 -19.67
N ALA B 203 -7.04 -9.30 -19.82
CA ALA B 203 -7.24 -8.73 -21.15
C ALA B 203 -5.88 -8.62 -21.83
N THR B 204 -4.86 -8.34 -21.04
CA THR B 204 -3.52 -8.20 -21.56
C THR B 204 -3.03 -9.52 -22.14
N PHE B 205 -3.25 -10.60 -21.41
CA PHE B 205 -2.81 -11.91 -21.88
C PHE B 205 -3.76 -12.53 -22.93
N ASN B 206 -5.04 -12.20 -22.89
CA ASN B 206 -5.97 -12.73 -23.88
C ASN B 206 -5.44 -12.22 -25.22
N ARG B 207 -5.09 -10.93 -25.24
CA ARG B 207 -4.57 -10.29 -26.44
C ARG B 207 -3.19 -10.84 -26.81
N TYR B 208 -2.47 -11.35 -25.80
CA TYR B 208 -1.16 -11.93 -26.04
C TYR B 208 -1.31 -13.19 -26.88
N GLN B 209 -2.25 -14.04 -26.48
CA GLN B 209 -2.49 -15.30 -27.19
C GLN B 209 -3.06 -15.09 -28.59
N ASP B 210 -3.81 -14.00 -28.78
CA ASP B 210 -4.40 -13.72 -30.07
C ASP B 210 -3.41 -13.05 -31.03
N ASP B 211 -2.72 -12.03 -30.56
CA ASP B 211 -1.76 -11.31 -31.39
C ASP B 211 -0.49 -12.08 -31.75
N HIS B 212 -0.28 -13.24 -31.12
CA HIS B 212 0.91 -14.02 -31.40
C HIS B 212 0.64 -15.52 -31.53
N GLY B 213 -0.64 -15.89 -31.47
CA GLY B 213 -1.03 -17.29 -31.61
C GLY B 213 -0.61 -18.24 -30.51
N GLU B 214 0.38 -17.85 -29.71
CA GLU B 214 0.84 -18.70 -28.61
C GLU B 214 0.28 -18.23 -27.27
N GLU B 215 0.19 -19.16 -26.33
CA GLU B 215 -0.32 -18.87 -25.00
C GLU B 215 0.85 -18.50 -24.08
N ILE B 216 0.62 -17.57 -23.17
CA ILE B 216 1.64 -17.09 -22.25
C ILE B 216 2.44 -18.20 -21.54
N LEU B 217 1.77 -19.03 -20.75
CA LEU B 217 2.45 -20.11 -20.05
C LEU B 217 3.22 -20.98 -21.04
N LYS B 218 2.51 -21.53 -22.03
CA LYS B 218 3.17 -22.38 -23.03
C LYS B 218 4.41 -21.66 -23.55
N SER B 219 4.23 -20.38 -23.87
CA SER B 219 5.29 -19.53 -24.38
C SER B 219 6.48 -19.52 -23.42
N LEU B 220 6.19 -19.53 -22.12
CA LEU B 220 7.23 -19.52 -21.10
C LEU B 220 7.72 -20.93 -20.75
N GLU B 221 6.98 -21.94 -21.20
CA GLU B 221 7.33 -23.34 -20.91
C GLU B 221 8.51 -23.85 -21.73
N GLU B 222 9.17 -22.94 -22.45
CA GLU B 222 10.32 -23.30 -23.26
C GLU B 222 11.61 -23.10 -22.46
N GLY B 223 11.61 -22.07 -21.62
CA GLY B 223 12.78 -21.77 -20.81
C GLY B 223 13.33 -22.95 -20.04
N ASP B 224 14.49 -22.75 -19.42
CA ASP B 224 15.14 -23.80 -18.64
C ASP B 224 14.38 -24.13 -17.37
N ASP B 225 14.73 -25.27 -16.76
CA ASP B 225 14.10 -25.72 -15.53
C ASP B 225 14.83 -25.22 -14.29
N ASP B 226 16.10 -24.86 -14.46
CA ASP B 226 16.91 -24.36 -13.35
C ASP B 226 16.60 -22.90 -12.99
N ASP B 227 16.16 -22.13 -13.99
CA ASP B 227 15.86 -20.72 -13.78
C ASP B 227 14.70 -20.59 -12.77
N LYS B 228 15.06 -20.26 -11.53
CA LYS B 228 14.08 -20.10 -10.45
C LYS B 228 13.17 -18.88 -10.64
N PHE B 229 13.68 -17.83 -11.26
CA PHE B 229 12.85 -16.64 -11.48
C PHE B 229 11.77 -16.98 -12.49
N LEU B 230 12.18 -17.50 -13.64
CA LEU B 230 11.25 -17.88 -14.70
C LEU B 230 10.14 -18.71 -14.07
N ALA B 231 10.56 -19.64 -13.22
CA ALA B 231 9.62 -20.51 -12.53
C ALA B 231 8.67 -19.62 -11.72
N LEU B 232 9.25 -18.73 -10.94
CA LEU B 232 8.48 -17.82 -10.09
C LEU B 232 7.57 -16.93 -10.93
N LEU B 233 8.10 -16.45 -12.05
CA LEU B 233 7.33 -15.61 -12.95
C LEU B 233 6.08 -16.40 -13.37
N ARG B 234 6.28 -17.68 -13.66
CA ARG B 234 5.19 -18.56 -14.08
C ARG B 234 4.03 -18.57 -13.09
N SER B 235 4.33 -18.85 -11.82
CA SER B 235 3.30 -18.88 -10.79
C SER B 235 2.69 -17.49 -10.56
N THR B 236 3.45 -16.44 -10.88
CA THR B 236 2.96 -15.07 -10.68
C THR B 236 1.69 -14.86 -11.51
N ILE B 237 1.87 -14.82 -12.82
CA ILE B 237 0.76 -14.64 -13.73
C ILE B 237 -0.32 -15.66 -13.38
N GLN B 238 0.11 -16.91 -13.23
CA GLN B 238 -0.77 -18.02 -12.89
C GLN B 238 -1.58 -17.79 -11.62
N CYS B 239 -1.01 -17.05 -10.66
CA CYS B 239 -1.70 -16.76 -9.41
C CYS B 239 -2.62 -15.55 -9.52
N LEU B 240 -2.26 -14.64 -10.42
CA LEU B 240 -3.04 -13.42 -10.64
C LEU B 240 -4.18 -13.69 -11.62
N THR B 241 -3.95 -14.63 -12.52
CA THR B 241 -4.91 -15.02 -13.57
C THR B 241 -5.87 -16.13 -13.15
N ARG B 242 -5.37 -17.35 -13.02
CA ARG B 242 -6.20 -18.48 -12.62
C ARG B 242 -5.70 -19.14 -11.33
N PRO B 243 -6.02 -18.51 -10.17
CA PRO B 243 -5.65 -18.96 -8.83
C PRO B 243 -5.69 -20.47 -8.63
N GLU B 244 -6.89 -21.01 -8.44
CA GLU B 244 -7.07 -22.44 -8.20
C GLU B 244 -6.07 -23.32 -8.96
N LEU B 245 -5.73 -22.92 -10.17
CA LEU B 245 -4.78 -23.67 -10.98
C LEU B 245 -3.38 -23.60 -10.42
N TYR B 246 -3.26 -23.00 -9.24
CA TYR B 246 -1.99 -22.86 -8.55
C TYR B 246 -1.96 -23.76 -7.32
N PHE B 247 -2.95 -23.60 -6.45
CA PHE B 247 -3.01 -24.38 -5.24
C PHE B 247 -3.03 -25.87 -5.51
N VAL B 248 -3.81 -26.30 -6.51
CA VAL B 248 -3.87 -27.71 -6.86
C VAL B 248 -2.43 -28.18 -7.10
N ASP B 249 -1.60 -27.32 -7.67
CA ASP B 249 -0.19 -27.67 -7.94
C ASP B 249 0.71 -27.47 -6.72
N VAL B 250 0.09 -27.20 -5.58
CA VAL B 250 0.83 -27.02 -4.35
C VAL B 250 0.62 -28.28 -3.51
N LEU B 251 -0.64 -28.68 -3.41
CA LEU B 251 -1.01 -29.86 -2.65
C LEU B 251 -0.27 -31.08 -3.19
N ARG B 252 -0.44 -31.35 -4.49
CA ARG B 252 0.21 -32.49 -5.13
C ARG B 252 1.67 -32.65 -4.71
N SER B 253 2.49 -31.67 -5.11
CA SER B 253 3.92 -31.68 -4.79
C SER B 253 4.16 -31.89 -3.29
N ALA B 254 3.23 -31.43 -2.46
CA ALA B 254 3.37 -31.58 -1.02
C ALA B 254 2.98 -33.00 -0.60
N ILE B 255 1.85 -33.47 -1.12
CA ILE B 255 1.36 -34.80 -0.81
C ILE B 255 2.29 -35.89 -1.34
N ASN B 256 2.66 -35.80 -2.61
CA ASN B 256 3.56 -36.79 -3.19
C ASN B 256 4.95 -36.47 -2.65
N LYS B 257 4.99 -35.80 -1.50
CA LYS B 257 6.24 -35.40 -0.85
C LYS B 257 7.37 -35.16 -1.85
N THR B 258 7.05 -34.46 -2.92
CA THR B 258 8.02 -34.15 -3.97
C THR B 258 8.68 -32.80 -3.73
N GLY B 259 7.86 -31.81 -3.37
CA GLY B 259 8.38 -30.47 -3.14
C GLY B 259 9.24 -30.27 -1.92
N THR B 260 9.83 -29.07 -1.83
CA THR B 260 10.69 -28.69 -0.72
C THR B 260 10.09 -27.47 -0.02
N ASP B 261 8.77 -27.37 -0.07
CA ASP B 261 8.04 -26.27 0.56
C ASP B 261 7.18 -26.82 1.70
N GLU B 262 7.80 -26.97 2.87
CA GLU B 262 7.12 -27.51 4.04
C GLU B 262 6.04 -26.56 4.55
N GLY B 263 4.95 -27.13 5.05
CA GLY B 263 3.86 -26.33 5.55
C GLY B 263 2.84 -26.07 4.47
N ALA B 264 3.23 -26.33 3.22
CA ALA B 264 2.38 -26.13 2.06
C ALA B 264 0.94 -26.65 2.21
N LEU B 265 0.77 -27.93 2.55
CA LEU B 265 -0.56 -28.50 2.70
C LEU B 265 -1.40 -27.78 3.76
N THR B 266 -0.90 -27.70 4.99
CA THR B 266 -1.61 -27.02 6.07
C THR B 266 -2.00 -25.60 5.66
N ARG B 267 -1.02 -24.87 5.13
CA ARG B 267 -1.20 -23.49 4.70
C ARG B 267 -2.37 -23.34 3.72
N ILE B 268 -2.31 -24.09 2.62
CA ILE B 268 -3.36 -24.04 1.59
C ILE B 268 -4.74 -24.28 2.18
N VAL B 269 -4.91 -25.44 2.80
CA VAL B 269 -6.20 -25.77 3.39
C VAL B 269 -6.72 -24.65 4.28
N THR B 270 -5.94 -24.28 5.30
CA THR B 270 -6.36 -23.25 6.24
C THR B 270 -6.56 -21.86 5.64
N THR B 271 -5.72 -21.47 4.67
CA THR B 271 -5.85 -20.15 4.08
C THR B 271 -6.97 -19.99 3.05
N ARG B 272 -7.42 -21.10 2.47
CA ARG B 272 -8.47 -21.00 1.45
C ARG B 272 -9.82 -21.65 1.80
N ALA B 273 -9.99 -22.10 3.04
CA ALA B 273 -11.23 -22.75 3.44
C ALA B 273 -12.45 -21.84 3.35
N GLU B 274 -12.38 -20.68 4.01
CA GLU B 274 -13.50 -19.75 4.03
C GLU B 274 -13.55 -18.85 2.80
N ILE B 275 -13.03 -19.35 1.69
CA ILE B 275 -13.01 -18.58 0.45
C ILE B 275 -13.36 -19.37 -0.82
N ASP B 276 -12.41 -20.14 -1.34
CA ASP B 276 -12.65 -20.89 -2.58
C ASP B 276 -12.02 -22.27 -2.64
N LEU B 277 -11.60 -22.80 -1.49
CA LEU B 277 -10.97 -24.13 -1.47
C LEU B 277 -11.76 -25.14 -2.31
N LYS B 278 -13.09 -25.05 -2.29
CA LYS B 278 -13.91 -25.98 -3.05
C LYS B 278 -13.47 -26.03 -4.51
N VAL B 279 -13.28 -24.86 -5.12
CA VAL B 279 -12.84 -24.83 -6.51
C VAL B 279 -11.48 -25.50 -6.62
N ILE B 280 -10.69 -25.43 -5.55
CA ILE B 280 -9.38 -26.06 -5.56
C ILE B 280 -9.61 -27.58 -5.61
N GLY B 281 -10.43 -28.07 -4.70
CA GLY B 281 -10.73 -29.49 -4.64
C GLY B 281 -11.31 -30.04 -5.92
N GLU B 282 -12.38 -29.41 -6.41
CA GLU B 282 -13.00 -29.86 -7.66
C GLU B 282 -11.93 -29.94 -8.73
N GLU B 283 -11.23 -28.84 -8.93
CA GLU B 283 -10.15 -28.76 -9.91
C GLU B 283 -9.01 -29.72 -9.57
N TYR B 284 -8.99 -30.19 -8.32
CA TYR B 284 -7.96 -31.11 -7.86
C TYR B 284 -8.42 -32.56 -8.02
N GLN B 285 -9.72 -32.77 -7.86
CA GLN B 285 -10.31 -34.09 -7.97
C GLN B 285 -10.24 -34.58 -9.41
N ARG B 286 -9.80 -33.70 -10.31
CA ARG B 286 -9.68 -34.02 -11.72
C ARG B 286 -8.26 -34.42 -12.11
N ARG B 287 -7.29 -33.57 -11.76
CA ARG B 287 -5.89 -33.81 -12.09
C ARG B 287 -5.32 -35.05 -11.41
N ASN B 288 -6.07 -35.66 -10.49
CA ASN B 288 -5.61 -36.86 -9.77
C ASN B 288 -6.62 -37.99 -9.65
N SER B 289 -7.81 -37.80 -10.23
CA SER B 289 -8.86 -38.82 -10.19
C SER B 289 -9.44 -39.02 -8.80
N ILE B 290 -8.59 -38.95 -7.77
CA ILE B 290 -9.02 -39.15 -6.39
C ILE B 290 -9.17 -37.80 -5.67
N PRO B 291 -10.18 -37.69 -4.80
CA PRO B 291 -10.43 -36.46 -4.04
C PRO B 291 -9.25 -36.05 -3.16
N LEU B 292 -9.10 -34.75 -2.90
CA LEU B 292 -8.02 -34.25 -2.07
C LEU B 292 -8.12 -34.80 -0.65
N GLU B 293 -9.34 -34.80 -0.10
CA GLU B 293 -9.56 -35.30 1.24
C GLU B 293 -9.03 -36.72 1.41
N LYS B 294 -9.38 -37.60 0.47
CA LYS B 294 -8.91 -38.98 0.53
C LYS B 294 -7.39 -39.07 0.36
N ALA B 295 -6.84 -38.22 -0.50
CA ALA B 295 -5.41 -38.20 -0.73
C ALA B 295 -4.69 -37.80 0.55
N ILE B 296 -5.23 -36.79 1.23
CA ILE B 296 -4.65 -36.31 2.48
C ILE B 296 -4.60 -37.41 3.53
N THR B 297 -5.64 -38.23 3.58
CA THR B 297 -5.72 -39.31 4.55
C THR B 297 -5.39 -40.67 3.96
N LYS B 298 -4.86 -40.67 2.74
CA LYS B 298 -4.49 -41.88 2.02
C LYS B 298 -3.61 -42.86 2.81
N ASP B 299 -2.68 -42.34 3.60
CA ASP B 299 -1.80 -43.22 4.36
C ASP B 299 -1.72 -42.85 5.83
N THR B 300 -2.56 -41.91 6.26
CA THR B 300 -2.55 -41.50 7.65
C THR B 300 -3.83 -40.74 8.01
N ARG B 301 -4.31 -40.93 9.23
CA ARG B 301 -5.52 -40.24 9.66
C ARG B 301 -5.48 -39.90 11.15
N GLY B 302 -4.43 -39.20 11.56
CA GLY B 302 -4.28 -38.79 12.94
C GLY B 302 -4.97 -37.46 13.20
N ASP B 303 -4.55 -36.74 14.25
CA ASP B 303 -5.16 -35.45 14.57
C ASP B 303 -5.08 -34.45 13.41
N TYR B 304 -3.86 -34.14 12.99
CA TYR B 304 -3.67 -33.20 11.89
C TYR B 304 -4.44 -33.59 10.64
N GLU B 305 -4.24 -34.82 10.16
CA GLU B 305 -4.91 -35.32 8.97
C GLU B 305 -6.43 -35.17 9.09
N LYS B 306 -6.96 -35.47 10.27
CA LYS B 306 -8.40 -35.36 10.53
C LYS B 306 -8.83 -33.91 10.53
N MET B 307 -7.88 -33.01 10.73
CA MET B 307 -8.16 -31.58 10.74
C MET B 307 -8.29 -31.05 9.31
N LEU B 308 -7.47 -31.57 8.40
CA LEU B 308 -7.52 -31.12 7.02
C LEU B 308 -8.83 -31.47 6.31
N VAL B 309 -9.16 -32.76 6.27
CA VAL B 309 -10.38 -33.19 5.60
C VAL B 309 -11.59 -32.49 6.22
N ALA B 310 -11.52 -32.21 7.53
CA ALA B 310 -12.61 -31.52 8.19
C ALA B 310 -12.71 -30.08 7.65
N LEU B 311 -11.56 -29.49 7.34
CA LEU B 311 -11.53 -28.14 6.78
C LEU B 311 -12.00 -28.17 5.34
N LEU B 312 -11.75 -29.29 4.66
CA LEU B 312 -12.17 -29.44 3.27
C LEU B 312 -13.68 -29.70 3.24
N GLY B 313 -14.26 -29.90 4.42
CA GLY B 313 -15.69 -30.17 4.50
C GLY B 313 -16.01 -31.63 4.25
N GLU B 314 -15.03 -32.48 4.54
CA GLU B 314 -15.15 -33.92 4.36
C GLU B 314 -14.60 -34.62 5.61
N ASP B 315 -15.24 -34.38 6.75
CA ASP B 315 -14.82 -34.97 8.03
C ASP B 315 -14.41 -36.44 7.97
N ASP B 316 -15.36 -37.30 7.61
CA ASP B 316 -15.09 -38.74 7.55
C ASP B 316 -14.41 -39.21 6.27
N ALA B 317 -13.57 -38.36 5.69
CA ALA B 317 -12.87 -38.72 4.46
C ALA B 317 -11.60 -39.50 4.75
N SER A 1 0.92 21.96 15.27
CA SER A 1 1.54 22.30 13.96
C SER A 1 0.50 22.82 12.97
N ALA A 2 -0.77 22.73 13.33
CA ALA A 2 -1.85 23.21 12.48
C ALA A 2 -1.98 24.73 12.58
N THR A 3 -2.20 25.38 11.44
CA THR A 3 -2.36 26.83 11.44
C THR A 3 -3.84 27.13 11.56
N LEU A 4 -4.65 26.15 11.18
CA LEU A 4 -6.10 26.28 11.24
C LEU A 4 -6.56 26.59 12.68
N LYS A 5 -7.74 27.18 12.79
CA LYS A 5 -8.32 27.52 14.08
C LYS A 5 -9.83 27.29 13.98
N VAL A 6 -10.23 26.03 14.03
CA VAL A 6 -11.62 25.65 13.92
C VAL A 6 -12.45 26.36 15.00
N SER A 7 -13.37 27.19 14.54
CA SER A 7 -14.24 27.96 15.43
C SER A 7 -15.05 27.12 16.43
N ASP A 8 -15.08 27.59 17.67
CA ASP A 8 -15.83 26.91 18.71
C ASP A 8 -17.26 27.44 18.65
N SER A 9 -17.48 28.35 17.71
CA SER A 9 -18.79 28.95 17.48
C SER A 9 -19.19 28.72 16.02
N VAL A 10 -19.81 27.57 15.76
CA VAL A 10 -20.22 27.21 14.41
C VAL A 10 -21.73 26.96 14.29
N PRO A 11 -22.33 27.38 13.17
CA PRO A 11 -23.77 27.19 12.95
C PRO A 11 -24.18 25.73 12.73
N ALA A 12 -25.38 25.56 12.19
CA ALA A 12 -25.95 24.23 11.92
C ALA A 12 -25.60 23.73 10.52
N PRO A 13 -26.20 22.61 10.09
CA PRO A 13 -25.88 22.12 8.74
C PRO A 13 -26.25 23.12 7.67
N SER A 14 -27.48 23.02 7.17
CA SER A 14 -27.97 23.90 6.12
C SER A 14 -27.73 25.39 6.36
N ASP A 15 -27.47 25.80 7.59
CA ASP A 15 -27.23 27.22 7.86
C ASP A 15 -26.01 27.67 7.04
N ASP A 16 -24.91 26.95 7.18
CA ASP A 16 -23.72 27.27 6.42
C ASP A 16 -24.04 26.98 4.94
N ALA A 17 -24.81 25.92 4.71
CA ALA A 17 -25.20 25.51 3.37
C ALA A 17 -25.94 26.60 2.59
N GLU A 18 -27.03 27.10 3.17
CA GLU A 18 -27.80 28.15 2.51
C GLU A 18 -26.91 29.35 2.25
N GLN A 19 -26.15 29.76 3.26
CA GLN A 19 -25.25 30.91 3.12
C GLN A 19 -24.27 30.66 1.99
N LEU A 20 -23.67 29.47 1.96
CA LEU A 20 -22.73 29.11 0.93
C LEU A 20 -23.43 29.07 -0.42
N ARG A 21 -24.65 28.56 -0.43
CA ARG A 21 -25.46 28.48 -1.65
C ARG A 21 -25.74 29.91 -2.12
N THR A 22 -25.82 30.83 -1.16
CA THR A 22 -26.08 32.24 -1.44
C THR A 22 -24.80 32.96 -1.82
N ALA A 23 -23.75 32.78 -1.00
CA ALA A 23 -22.47 33.42 -1.26
C ALA A 23 -21.94 33.08 -2.64
N PHE A 24 -22.16 31.84 -3.06
CA PHE A 24 -21.70 31.41 -4.38
C PHE A 24 -22.46 32.08 -5.51
N GLU A 25 -22.59 33.39 -5.43
CA GLU A 25 -23.28 34.20 -6.43
C GLU A 25 -23.45 35.64 -5.94
N GLU A 31 -20.48 36.69 -1.02
CA GLU A 31 -19.16 36.57 -1.63
C GLU A 31 -18.12 36.22 -0.58
N ASP A 32 -17.56 37.24 0.07
CA ASP A 32 -16.55 37.05 1.10
C ASP A 32 -17.08 36.20 2.26
N LEU A 33 -18.27 35.65 2.09
CA LEU A 33 -18.89 34.82 3.11
C LEU A 33 -18.34 33.40 3.02
N ILE A 34 -17.73 33.09 1.86
CA ILE A 34 -17.14 31.78 1.63
C ILE A 34 -15.90 31.63 2.50
N ILE A 35 -15.19 32.74 2.71
CA ILE A 35 -13.99 32.75 3.55
C ILE A 35 -14.37 32.53 5.01
N SER A 36 -15.28 33.36 5.50
CA SER A 36 -15.71 33.31 6.89
C SER A 36 -16.14 31.92 7.32
N ILE A 37 -16.87 31.21 6.46
CA ILE A 37 -17.34 29.87 6.79
C ILE A 37 -16.29 28.77 6.57
N LEU A 38 -15.89 28.55 5.32
CA LEU A 38 -14.94 27.49 5.01
C LEU A 38 -13.61 27.47 5.76
N ALA A 39 -12.94 28.61 5.85
CA ALA A 39 -11.66 28.66 6.55
C ALA A 39 -11.84 28.51 8.04
N HIS A 40 -13.09 28.32 8.48
CA HIS A 40 -13.37 28.19 9.90
C HIS A 40 -14.21 26.98 10.28
N ARG A 41 -13.94 25.85 9.63
CA ARG A 41 -14.65 24.61 9.90
C ARG A 41 -13.64 23.47 9.88
N SER A 42 -13.92 22.41 10.63
CA SER A 42 -13.01 21.27 10.65
C SER A 42 -13.28 20.40 9.43
N ALA A 43 -12.33 19.53 9.08
CA ALA A 43 -12.50 18.67 7.93
C ALA A 43 -13.84 17.94 7.94
N GLU A 44 -14.17 17.31 9.06
CA GLU A 44 -15.43 16.60 9.17
C GLU A 44 -16.64 17.53 9.06
N GLN A 45 -16.57 18.69 9.71
CA GLN A 45 -17.66 19.66 9.66
C GLN A 45 -17.88 20.10 8.21
N ARG A 46 -16.80 20.37 7.48
CA ARG A 46 -16.91 20.78 6.09
C ARG A 46 -17.61 19.66 5.32
N LYS A 47 -17.23 18.42 5.63
CA LYS A 47 -17.85 17.26 4.99
C LYS A 47 -19.36 17.36 5.25
N VAL A 48 -19.74 17.40 6.52
CA VAL A 48 -21.15 17.49 6.90
C VAL A 48 -21.81 18.64 6.18
N ILE A 49 -21.17 19.80 6.18
CA ILE A 49 -21.70 20.97 5.49
C ILE A 49 -21.91 20.64 4.02
N ARG A 50 -20.87 20.08 3.40
CA ARG A 50 -20.91 19.71 1.99
C ARG A 50 -22.01 18.69 1.76
N GLN A 51 -22.09 17.72 2.66
CA GLN A 51 -23.08 16.66 2.58
C GLN A 51 -24.49 17.17 2.87
N ALA A 52 -24.56 18.27 3.63
CA ALA A 52 -25.85 18.87 3.96
C ALA A 52 -26.10 19.92 2.89
N TYR A 53 -25.56 19.68 1.71
CA TYR A 53 -25.73 20.57 0.59
C TYR A 53 -26.31 19.77 -0.55
N HIS A 54 -25.63 18.67 -0.88
CA HIS A 54 -26.08 17.79 -1.96
C HIS A 54 -27.49 17.27 -1.72
N GLU A 55 -27.83 17.04 -0.44
CA GLU A 55 -29.15 16.53 -0.08
C GLU A 55 -30.24 17.60 -0.09
N THR A 56 -29.85 18.86 -0.27
CA THR A 56 -30.82 19.94 -0.26
C THR A 56 -30.89 20.67 -1.59
N TYR A 57 -29.93 20.41 -2.46
CA TYR A 57 -29.90 21.12 -3.74
C TYR A 57 -29.64 20.24 -4.96
N GLY A 58 -29.22 19.00 -4.73
CA GLY A 58 -28.94 18.10 -5.85
C GLY A 58 -27.46 17.86 -6.09
N GLU A 59 -26.81 18.80 -6.78
CA GLU A 59 -25.39 18.70 -7.10
C GLU A 59 -24.56 18.86 -5.82
N ASP A 60 -23.23 18.86 -5.95
CA ASP A 60 -22.37 19.03 -4.80
C ASP A 60 -21.97 20.50 -4.69
N LEU A 61 -21.47 20.89 -3.53
CA LEU A 61 -21.05 22.26 -3.31
C LEU A 61 -19.87 22.65 -4.18
N LEU A 62 -18.97 21.69 -4.41
CA LEU A 62 -17.76 21.91 -5.18
C LEU A 62 -17.85 21.70 -6.69
N LYS A 63 -18.95 21.12 -7.16
CA LYS A 63 -19.12 20.85 -8.58
C LYS A 63 -18.75 22.03 -9.48
N THR A 64 -19.25 23.22 -9.15
CA THR A 64 -18.96 24.39 -9.96
C THR A 64 -17.47 24.76 -9.97
N LEU A 65 -16.70 24.20 -9.03
CA LEU A 65 -15.29 24.50 -8.92
C LEU A 65 -14.35 23.43 -9.46
N ASP A 66 -14.87 22.24 -9.70
CA ASP A 66 -14.04 21.15 -10.20
C ASP A 66 -13.91 21.16 -11.72
N LYS A 67 -13.58 22.33 -12.27
CA LYS A 67 -13.40 22.47 -13.72
C LYS A 67 -11.92 22.30 -14.08
N GLU A 68 -11.50 22.84 -15.22
CA GLU A 68 -10.11 22.73 -15.65
C GLU A 68 -9.35 24.04 -15.48
N LEU A 69 -9.50 24.93 -16.46
CA LEU A 69 -8.85 26.23 -16.44
C LEU A 69 -9.56 27.06 -15.37
N SER A 70 -9.24 26.80 -14.11
CA SER A 70 -9.89 27.47 -13.00
C SER A 70 -9.12 28.63 -12.37
N ASN A 71 -9.85 29.46 -11.62
CA ASN A 71 -9.30 30.61 -10.93
C ASN A 71 -8.69 30.22 -9.57
N ASP A 72 -7.75 31.03 -9.10
CA ASP A 72 -7.05 30.80 -7.85
C ASP A 72 -7.95 30.52 -6.65
N PHE A 73 -8.67 31.53 -6.18
CA PHE A 73 -9.56 31.38 -5.03
C PHE A 73 -10.39 30.09 -5.12
N GLU A 74 -10.92 29.82 -6.31
CA GLU A 74 -11.74 28.63 -6.56
C GLU A 74 -10.92 27.37 -6.27
N ARG A 75 -9.80 27.26 -6.98
CA ARG A 75 -8.89 26.14 -6.84
C ARG A 75 -8.62 25.89 -5.37
N ALA A 76 -8.34 26.96 -4.64
CA ALA A 76 -8.07 26.87 -3.21
C ALA A 76 -9.28 26.29 -2.49
N ILE A 77 -10.48 26.80 -2.78
CA ILE A 77 -11.67 26.29 -2.13
C ILE A 77 -11.87 24.80 -2.42
N LEU A 78 -11.65 24.41 -3.68
CA LEU A 78 -11.82 23.02 -4.09
C LEU A 78 -10.93 22.06 -3.30
N LEU A 79 -9.76 22.52 -2.88
CA LEU A 79 -8.86 21.63 -2.14
C LEU A 79 -9.16 21.60 -0.66
N TRP A 80 -9.40 22.77 -0.10
CA TRP A 80 -9.70 22.91 1.32
C TRP A 80 -10.98 22.20 1.75
N THR A 81 -11.93 22.07 0.83
CA THR A 81 -13.21 21.45 1.16
C THR A 81 -13.31 19.97 0.81
N LEU A 82 -12.60 19.53 -0.20
CA LEU A 82 -12.63 18.12 -0.55
C LEU A 82 -12.10 17.37 0.67
N GLU A 83 -12.45 16.09 0.79
CA GLU A 83 -11.94 15.30 1.90
C GLU A 83 -10.44 15.16 1.61
N PRO A 84 -9.60 15.30 2.64
CA PRO A 84 -8.14 15.19 2.45
C PRO A 84 -7.66 14.05 1.56
N GLY A 85 -8.36 12.92 1.60
CA GLY A 85 -7.98 11.80 0.78
C GLY A 85 -8.21 12.05 -0.71
N GLU A 86 -9.34 12.63 -1.07
CA GLU A 86 -9.65 12.89 -2.47
C GLU A 86 -8.69 13.93 -3.03
N ARG A 87 -8.23 14.83 -2.17
CA ARG A 87 -7.29 15.87 -2.56
C ARG A 87 -5.96 15.23 -2.93
N ASP A 88 -5.50 14.32 -2.07
CA ASP A 88 -4.24 13.62 -2.31
C ASP A 88 -4.28 12.91 -3.65
N ALA A 89 -5.44 12.35 -3.99
CA ALA A 89 -5.59 11.64 -5.25
C ALA A 89 -5.69 12.65 -6.41
N LEU A 90 -6.42 13.74 -6.18
CA LEU A 90 -6.56 14.76 -7.21
C LEU A 90 -5.19 15.38 -7.54
N LEU A 91 -4.50 15.84 -6.51
CA LEU A 91 -3.18 16.45 -6.68
C LEU A 91 -2.18 15.42 -7.17
N ALA A 92 -2.52 14.14 -7.02
CA ALA A 92 -1.65 13.06 -7.46
C ALA A 92 -1.82 12.73 -8.95
N ASN A 93 -3.02 12.94 -9.48
CA ASN A 93 -3.24 12.66 -10.89
C ASN A 93 -2.69 13.77 -11.77
N GLU A 94 -2.81 15.02 -11.31
CA GLU A 94 -2.29 16.14 -12.10
C GLU A 94 -0.77 15.95 -12.22
N ALA A 95 -0.15 15.42 -11.18
CA ALA A 95 1.29 15.19 -11.19
C ALA A 95 1.67 14.14 -12.22
N THR A 96 0.78 13.16 -12.41
CA THR A 96 1.03 12.10 -13.38
C THR A 96 0.75 12.54 -14.81
N LYS A 97 -0.21 13.46 -14.99
CA LYS A 97 -0.55 13.94 -16.33
C LYS A 97 0.59 14.74 -16.96
N ARG A 98 0.78 15.97 -16.50
CA ARG A 98 1.84 16.82 -17.02
C ARG A 98 3.14 16.56 -16.26
N TRP A 99 3.67 15.36 -16.41
CA TRP A 99 4.88 15.00 -15.69
C TRP A 99 6.19 15.12 -16.48
N THR A 100 7.23 15.55 -15.77
CA THR A 100 8.56 15.67 -16.35
C THR A 100 9.49 15.28 -15.21
N SER A 101 10.71 14.85 -15.53
CA SER A 101 11.67 14.45 -14.51
C SER A 101 11.78 15.51 -13.42
N SER A 102 11.49 16.74 -13.83
CA SER A 102 11.54 17.92 -12.96
C SER A 102 10.42 17.95 -11.92
N ASN A 103 9.38 17.16 -12.14
CA ASN A 103 8.25 17.13 -11.22
C ASN A 103 8.50 16.28 -9.98
N GLN A 104 8.33 16.91 -8.83
CA GLN A 104 8.55 16.23 -7.56
C GLN A 104 7.26 16.15 -6.74
N VAL A 105 6.13 16.49 -7.35
CA VAL A 105 4.86 16.46 -6.65
C VAL A 105 4.49 15.08 -6.10
N LEU A 106 4.71 14.02 -6.87
CA LEU A 106 4.40 12.68 -6.41
C LEU A 106 5.22 12.38 -5.15
N MET A 107 6.41 12.95 -5.08
CA MET A 107 7.31 12.80 -3.93
C MET A 107 6.58 13.29 -2.66
N GLU A 108 5.99 14.47 -2.75
CA GLU A 108 5.29 15.11 -1.63
C GLU A 108 3.99 14.37 -1.30
N VAL A 109 3.71 13.30 -2.04
CA VAL A 109 2.48 12.55 -1.79
C VAL A 109 2.73 11.37 -0.86
N ALA A 110 3.98 11.21 -0.42
CA ALA A 110 4.34 10.12 0.48
C ALA A 110 5.50 10.49 1.42
N CYS A 111 6.56 11.05 0.86
CA CYS A 111 7.73 11.45 1.63
C CYS A 111 7.33 12.10 2.96
N THR A 112 6.63 13.22 2.86
CA THR A 112 6.17 13.96 4.04
C THR A 112 4.77 13.52 4.40
N ARG A 113 4.40 12.32 3.95
CA ARG A 113 3.09 11.76 4.22
C ARG A 113 3.17 10.51 5.08
N THR A 114 2.20 10.31 5.96
CA THR A 114 2.16 9.14 6.83
C THR A 114 1.62 7.93 6.06
N SER A 115 1.31 6.88 6.81
CA SER A 115 0.78 5.63 6.25
C SER A 115 -0.71 5.73 5.92
N THR A 116 -1.52 5.90 6.97
CA THR A 116 -2.96 5.98 6.83
C THR A 116 -3.42 7.00 5.79
N GLN A 117 -2.99 8.25 5.95
CA GLN A 117 -3.38 9.30 5.03
C GLN A 117 -3.07 8.91 3.59
N LEU A 118 -1.89 8.34 3.36
CA LEU A 118 -1.53 7.90 2.01
C LEU A 118 -2.45 6.75 1.53
N LEU A 119 -2.89 5.91 2.46
CA LEU A 119 -3.78 4.79 2.11
C LEU A 119 -5.10 5.35 1.58
N HIS A 120 -5.59 6.39 2.22
CA HIS A 120 -6.84 7.01 1.78
C HIS A 120 -6.61 7.55 0.37
N ALA A 121 -5.41 8.06 0.13
CA ALA A 121 -5.06 8.59 -1.18
C ALA A 121 -5.09 7.46 -2.20
N ARG A 122 -4.58 6.29 -1.81
CA ARG A 122 -4.54 5.12 -2.68
C ARG A 122 -5.96 4.61 -2.94
N GLN A 123 -6.87 4.91 -2.02
CA GLN A 123 -8.26 4.46 -2.16
C GLN A 123 -9.00 5.42 -3.10
N ALA A 124 -9.05 6.69 -2.70
CA ALA A 124 -9.69 7.74 -3.47
C ALA A 124 -9.23 7.66 -4.93
N TYR A 125 -7.98 7.26 -5.13
CA TYR A 125 -7.47 7.16 -6.50
C TYR A 125 -8.22 6.04 -7.22
N HIS A 126 -8.46 4.93 -6.52
CA HIS A 126 -9.20 3.82 -7.11
C HIS A 126 -10.56 4.31 -7.55
N ALA A 127 -11.27 4.94 -6.61
CA ALA A 127 -12.62 5.45 -6.81
C ALA A 127 -12.77 6.53 -7.86
N ARG A 128 -11.83 7.46 -7.91
CA ARG A 128 -11.92 8.59 -8.83
C ARG A 128 -11.45 8.32 -10.25
N TYR A 129 -10.28 7.71 -10.38
CA TYR A 129 -9.69 7.44 -11.70
C TYR A 129 -9.81 6.01 -12.19
N LYS A 130 -10.27 5.12 -11.32
CA LYS A 130 -10.44 3.71 -11.69
C LYS A 130 -9.13 3.03 -12.07
N LYS A 131 -8.09 3.30 -11.28
CA LYS A 131 -6.77 2.72 -11.46
C LYS A 131 -6.03 2.84 -10.13
N SER A 132 -4.88 2.17 -9.99
CA SER A 132 -4.13 2.29 -8.74
C SER A 132 -2.98 3.26 -8.98
N LEU A 133 -2.77 4.16 -8.02
CA LEU A 133 -1.70 5.16 -8.10
C LEU A 133 -0.36 4.54 -8.53
N GLU A 134 -0.24 3.22 -8.39
CA GLU A 134 0.97 2.51 -8.79
C GLU A 134 1.12 2.45 -10.30
N GLU A 135 0.10 1.92 -10.97
CA GLU A 135 0.14 1.79 -12.43
C GLU A 135 0.32 3.11 -13.15
N ASP A 136 -0.42 4.14 -12.75
CA ASP A 136 -0.31 5.44 -13.40
C ASP A 136 1.08 6.06 -13.18
N VAL A 137 1.61 5.91 -11.97
CA VAL A 137 2.93 6.47 -11.69
C VAL A 137 3.97 5.74 -12.53
N ALA A 138 3.98 4.41 -12.43
CA ALA A 138 4.93 3.61 -13.19
C ALA A 138 4.63 3.67 -14.68
N HIS A 139 3.46 4.22 -15.02
CA HIS A 139 3.05 4.33 -16.41
C HIS A 139 3.64 5.58 -17.06
N HIS A 140 3.41 6.72 -16.43
CA HIS A 140 3.86 8.00 -16.95
C HIS A 140 5.21 8.53 -16.45
N THR A 141 5.90 7.79 -15.59
CA THR A 141 7.21 8.25 -15.11
C THR A 141 8.33 7.44 -15.75
N THR A 142 9.52 8.02 -15.82
CA THR A 142 10.65 7.35 -16.45
C THR A 142 11.91 7.21 -15.62
N GLY A 143 12.83 6.39 -16.14
CA GLY A 143 14.11 6.14 -15.51
C GLY A 143 14.09 6.01 -14.00
N ASP A 144 15.15 6.51 -13.38
CA ASP A 144 15.33 6.47 -11.94
C ASP A 144 14.26 7.20 -11.18
N PHE A 145 13.72 8.27 -11.77
CA PHE A 145 12.67 9.03 -11.13
C PHE A 145 11.54 8.06 -10.82
N ARG A 146 11.17 7.26 -11.81
CA ARG A 146 10.10 6.27 -11.64
C ARG A 146 10.47 5.26 -10.56
N LYS A 147 11.70 4.76 -10.61
CA LYS A 147 12.16 3.78 -9.62
C LYS A 147 11.88 4.30 -8.21
N LEU A 148 12.21 5.57 -7.95
CA LEU A 148 12.01 6.16 -6.63
C LEU A 148 10.55 6.55 -6.38
N LEU A 149 9.93 7.24 -7.33
CA LEU A 149 8.56 7.66 -7.13
C LEU A 149 7.62 6.46 -6.89
N VAL A 150 7.82 5.39 -7.64
CA VAL A 150 6.98 4.19 -7.51
C VAL A 150 7.16 3.53 -6.14
N SER A 151 8.40 3.32 -5.73
CA SER A 151 8.66 2.70 -4.44
C SER A 151 8.16 3.56 -3.29
N LEU A 152 8.07 4.87 -3.52
CA LEU A 152 7.59 5.80 -2.50
C LEU A 152 6.06 5.83 -2.38
N VAL A 153 5.36 5.82 -3.51
CA VAL A 153 3.90 5.85 -3.45
C VAL A 153 3.27 4.53 -3.03
N THR A 154 3.94 3.41 -3.27
CA THR A 154 3.34 2.13 -2.86
C THR A 154 3.74 1.79 -1.43
N SER A 155 4.58 2.63 -0.84
CA SER A 155 5.05 2.39 0.52
C SER A 155 3.93 2.47 1.53
N TYR A 156 4.01 1.60 2.54
CA TYR A 156 3.05 1.58 3.64
C TYR A 156 3.95 1.31 4.86
N ARG A 157 4.82 2.28 5.14
CA ARG A 157 5.79 2.19 6.22
C ARG A 157 5.22 1.99 7.61
N TYR A 158 6.02 1.37 8.46
CA TYR A 158 5.66 1.13 9.85
C TYR A 158 5.87 2.49 10.53
N GLU A 159 5.03 2.84 11.49
CA GLU A 159 5.14 4.13 12.16
C GLU A 159 5.49 4.08 13.65
N GLY A 160 6.13 3.00 14.08
CA GLY A 160 6.52 2.88 15.47
C GLY A 160 7.87 3.53 15.73
N ASP A 161 8.40 3.35 16.92
CA ASP A 161 9.69 3.96 17.31
C ASP A 161 10.90 3.06 17.16
N GLU A 162 10.66 1.75 17.10
CA GLU A 162 11.75 0.79 16.96
C GLU A 162 12.94 1.30 16.12
N VAL A 163 14.13 1.14 16.68
CA VAL A 163 15.34 1.55 15.98
C VAL A 163 16.40 0.47 16.07
N ASN A 164 17.19 0.33 15.00
CA ASN A 164 18.26 -0.67 14.96
C ASN A 164 19.57 0.00 14.52
N MET A 165 20.45 0.25 15.49
CA MET A 165 21.74 0.92 15.24
C MET A 165 22.65 0.31 14.18
N THR A 166 22.85 -1.01 14.23
CA THR A 166 23.70 -1.65 13.23
C THR A 166 23.19 -1.33 11.83
N LEU A 167 21.87 -1.16 11.70
CA LEU A 167 21.25 -0.84 10.41
C LEU A 167 21.61 0.56 9.91
N ALA A 168 21.39 1.57 10.76
CA ALA A 168 21.69 2.95 10.40
C ALA A 168 23.13 3.09 9.93
N LYS A 169 24.07 2.66 10.77
CA LYS A 169 25.48 2.75 10.42
C LYS A 169 25.75 2.06 9.11
N GLN A 170 25.63 0.73 9.08
CA GLN A 170 25.86 -0.03 7.85
C GLN A 170 25.19 0.63 6.65
N GLU A 171 23.91 0.94 6.78
CA GLU A 171 23.18 1.57 5.70
C GLU A 171 23.78 2.95 5.43
N ALA A 172 24.04 3.71 6.49
CA ALA A 172 24.66 5.03 6.34
C ALA A 172 25.99 4.83 5.63
N LYS A 173 26.75 3.85 6.10
CA LYS A 173 28.03 3.54 5.51
C LYS A 173 27.81 3.29 4.01
N LEU A 174 26.84 2.43 3.72
CA LEU A 174 26.49 2.08 2.34
C LEU A 174 26.10 3.30 1.51
N VAL A 175 25.15 4.08 2.02
CA VAL A 175 24.70 5.28 1.33
C VAL A 175 25.92 6.16 1.07
N HIS A 176 26.86 6.17 2.00
CA HIS A 176 28.09 6.96 1.88
C HIS A 176 28.97 6.49 0.72
N GLU A 177 29.12 5.18 0.60
CA GLU A 177 29.93 4.61 -0.47
C GLU A 177 29.42 5.10 -1.82
N LYS A 178 28.10 5.25 -1.93
CA LYS A 178 27.48 5.69 -3.16
C LYS A 178 27.39 7.21 -3.21
N ILE A 179 27.08 7.84 -2.07
CA ILE A 179 27.00 9.29 -2.04
C ILE A 179 28.38 9.85 -2.35
N LYS A 180 29.41 9.18 -1.84
CA LYS A 180 30.78 9.60 -2.06
C LYS A 180 31.18 9.34 -3.52
N ASP A 181 30.87 8.13 -4.01
CA ASP A 181 31.22 7.77 -5.38
C ASP A 181 30.21 8.31 -6.39
N LYS A 182 29.22 9.05 -5.89
CA LYS A 182 28.19 9.67 -6.73
C LYS A 182 27.08 8.76 -7.26
N HIS A 183 26.78 7.67 -6.55
CA HIS A 183 25.70 6.78 -6.95
C HIS A 183 24.42 7.15 -6.19
N TYR A 184 23.72 8.15 -6.68
CA TYR A 184 22.48 8.63 -6.04
C TYR A 184 21.29 7.76 -6.40
N ASN A 185 21.40 7.02 -7.49
CA ASN A 185 20.31 6.16 -7.94
C ASN A 185 20.43 4.73 -7.44
N ASP A 186 21.39 4.47 -6.57
CA ASP A 186 21.59 3.13 -6.01
C ASP A 186 20.33 2.54 -5.39
N GLU A 187 20.06 1.29 -5.75
CA GLU A 187 18.90 0.56 -5.25
C GLU A 187 18.77 0.62 -3.74
N ASP A 188 19.87 0.40 -3.03
CA ASP A 188 19.85 0.44 -1.58
C ASP A 188 19.48 1.84 -1.09
N VAL A 189 19.99 2.87 -1.75
CA VAL A 189 19.68 4.23 -1.38
C VAL A 189 18.15 4.37 -1.47
N ILE A 190 17.62 4.05 -2.64
CA ILE A 190 16.18 4.14 -2.89
C ILE A 190 15.41 3.19 -1.99
N ARG A 191 15.92 1.97 -1.82
CA ARG A 191 15.27 1.01 -0.95
C ARG A 191 15.12 1.64 0.44
N ILE A 192 16.25 2.01 1.04
CA ILE A 192 16.25 2.61 2.37
C ILE A 192 15.29 3.78 2.54
N LEU A 193 15.35 4.75 1.63
CA LEU A 193 14.49 5.92 1.73
C LEU A 193 13.01 5.59 1.60
N SER A 194 12.69 4.57 0.81
CA SER A 194 11.30 4.20 0.59
C SER A 194 10.76 3.01 1.38
N THR A 195 11.64 2.24 2.03
CA THR A 195 11.16 1.08 2.78
C THR A 195 11.28 1.20 4.29
N ARG A 196 12.48 1.52 4.77
CA ARG A 196 12.76 1.65 6.20
C ARG A 196 11.81 2.65 6.84
N SER A 197 11.73 2.63 8.17
CA SER A 197 10.87 3.57 8.88
C SER A 197 11.65 4.88 9.04
N LYS A 198 10.94 6.00 9.11
CA LYS A 198 11.60 7.29 9.28
C LYS A 198 12.50 7.24 10.51
N ALA A 199 11.91 6.90 11.66
CA ALA A 199 12.67 6.79 12.91
C ALA A 199 13.97 6.03 12.65
N GLN A 200 13.87 4.91 11.93
CA GLN A 200 15.03 4.08 11.60
C GLN A 200 15.91 4.70 10.51
N ILE A 201 15.32 5.55 9.66
CA ILE A 201 16.05 6.21 8.59
C ILE A 201 16.89 7.37 9.15
N ASN A 202 16.20 8.38 9.70
CA ASN A 202 16.89 9.55 10.25
C ASN A 202 18.11 9.11 11.05
N ALA A 203 17.97 8.00 11.78
CA ALA A 203 19.06 7.46 12.57
C ALA A 203 20.18 7.07 11.60
N THR A 204 19.82 6.56 10.43
CA THR A 204 20.81 6.17 9.42
C THR A 204 21.61 7.41 9.04
N PHE A 205 20.92 8.51 8.75
CA PHE A 205 21.60 9.74 8.38
C PHE A 205 22.42 10.28 9.56
N ASN A 206 21.84 10.28 10.75
CA ASN A 206 22.56 10.74 11.94
C ASN A 206 23.78 9.86 12.20
N ARG A 207 23.59 8.54 12.15
CA ARG A 207 24.72 7.64 12.35
C ARG A 207 25.70 7.95 11.22
N TYR A 208 25.15 8.37 10.08
CA TYR A 208 25.95 8.72 8.92
C TYR A 208 26.71 10.01 9.22
N GLN A 209 26.04 10.92 9.93
CA GLN A 209 26.62 12.21 10.29
C GLN A 209 27.67 12.04 11.39
N ASP A 210 27.42 11.10 12.30
CA ASP A 210 28.35 10.85 13.39
C ASP A 210 29.54 10.00 12.99
N ASP A 211 29.29 8.97 12.18
CA ASP A 211 30.35 8.09 11.74
C ASP A 211 31.21 8.65 10.60
N HIS A 212 30.69 9.60 9.84
CA HIS A 212 31.44 10.13 8.70
C HIS A 212 31.71 11.63 8.66
N GLY A 213 31.45 12.32 9.77
CA GLY A 213 31.71 13.75 9.82
C GLY A 213 30.63 14.68 9.33
N GLU A 214 30.51 14.85 8.02
CA GLU A 214 29.49 15.75 7.47
C GLU A 214 28.09 15.20 7.51
N GLU A 215 27.11 16.10 7.49
CA GLU A 215 25.70 15.73 7.53
C GLU A 215 25.32 15.04 6.21
N ILE A 216 24.03 14.71 6.06
CA ILE A 216 23.54 14.04 4.86
C ILE A 216 23.34 14.99 3.66
N LEU A 217 22.47 15.99 3.83
CA LEU A 217 22.20 16.96 2.77
C LEU A 217 23.45 17.69 2.31
N LYS A 218 24.36 17.95 3.24
CA LYS A 218 25.61 18.62 2.91
C LYS A 218 26.41 17.74 1.97
N SER A 219 26.41 16.43 2.24
CA SER A 219 27.12 15.47 1.41
C SER A 219 26.72 15.61 -0.06
N LEU A 220 25.42 15.72 -0.29
CA LEU A 220 24.88 15.85 -1.65
C LEU A 220 25.15 17.19 -2.30
N GLU A 221 25.26 18.25 -1.50
CA GLU A 221 25.52 19.59 -2.01
C GLU A 221 26.74 19.65 -2.92
N GLU A 222 27.45 18.54 -3.03
CA GLU A 222 28.65 18.44 -3.85
C GLU A 222 28.33 17.82 -5.21
N GLY A 223 27.04 17.78 -5.56
CA GLY A 223 26.65 17.20 -6.83
C GLY A 223 26.20 18.24 -7.84
N ASP A 224 26.09 17.83 -9.10
CA ASP A 224 25.68 18.71 -10.18
C ASP A 224 24.39 19.45 -9.81
N ASP A 225 24.46 20.77 -9.78
CA ASP A 225 23.30 21.59 -9.44
C ASP A 225 22.15 21.42 -10.43
N ASP A 226 22.44 20.83 -11.59
CA ASP A 226 21.41 20.60 -12.59
C ASP A 226 20.94 19.16 -12.61
N ASP A 227 21.47 18.34 -11.71
CA ASP A 227 21.07 16.93 -11.63
C ASP A 227 19.64 16.90 -11.10
N LYS A 228 18.69 16.74 -12.02
CA LYS A 228 17.28 16.72 -11.67
C LYS A 228 16.91 15.56 -10.75
N PHE A 229 17.61 14.43 -10.87
CA PHE A 229 17.29 13.31 -10.01
C PHE A 229 17.78 13.56 -8.58
N LEU A 230 18.98 14.11 -8.46
CA LEU A 230 19.54 14.41 -7.14
C LEU A 230 18.73 15.57 -6.54
N ALA A 231 18.18 16.41 -7.40
CA ALA A 231 17.36 17.51 -6.92
C ALA A 231 16.11 16.89 -6.34
N LEU A 232 15.83 15.66 -6.76
CA LEU A 232 14.67 14.95 -6.25
C LEU A 232 15.11 14.09 -5.07
N LEU A 233 16.32 13.56 -5.12
CA LEU A 233 16.83 12.71 -4.04
C LEU A 233 17.00 13.55 -2.76
N ARG A 234 17.33 14.84 -2.92
CA ARG A 234 17.48 15.74 -1.78
C ARG A 234 16.12 16.08 -1.20
N SER A 235 15.16 16.34 -2.09
CA SER A 235 13.82 16.67 -1.64
C SER A 235 13.21 15.48 -0.92
N THR A 236 13.57 14.27 -1.38
CA THR A 236 13.06 13.06 -0.77
C THR A 236 13.50 12.95 0.69
N ILE A 237 14.81 13.01 0.91
CA ILE A 237 15.37 12.93 2.24
C ILE A 237 14.82 14.01 3.18
N GLN A 238 14.96 15.27 2.80
CA GLN A 238 14.44 16.35 3.64
C GLN A 238 12.97 16.09 3.99
N CYS A 239 12.18 15.67 3.00
CA CYS A 239 10.76 15.40 3.19
C CYS A 239 10.44 14.28 4.18
N LEU A 240 11.33 13.30 4.30
CA LEU A 240 11.12 12.18 5.22
C LEU A 240 11.63 12.48 6.63
N THR A 241 12.56 13.43 6.74
CA THR A 241 13.16 13.81 8.00
C THR A 241 12.61 15.10 8.59
N ARG A 242 12.70 16.19 7.84
CA ARG A 242 12.21 17.51 8.28
C ARG A 242 11.32 18.16 7.21
N PRO A 243 10.03 17.78 7.17
CA PRO A 243 9.07 18.33 6.20
C PRO A 243 9.11 19.86 6.08
N GLU A 244 9.17 20.55 7.20
CA GLU A 244 9.19 22.01 7.20
C GLU A 244 10.27 22.57 6.29
N LEU A 245 11.43 21.90 6.25
CA LEU A 245 12.53 22.36 5.40
C LEU A 245 12.14 22.37 3.92
N TYR A 246 11.41 21.35 3.48
CA TYR A 246 10.99 21.26 2.08
C TYR A 246 9.84 22.22 1.81
N PHE A 247 8.84 22.21 2.69
CA PHE A 247 7.69 23.09 2.53
C PHE A 247 8.01 24.57 2.60
N VAL A 248 8.72 25.00 3.65
CA VAL A 248 9.05 26.43 3.75
C VAL A 248 9.79 26.87 2.52
N ASP A 249 10.64 26.00 1.99
CA ASP A 249 11.42 26.31 0.79
C ASP A 249 10.50 26.47 -0.41
N VAL A 250 9.62 25.50 -0.63
CA VAL A 250 8.68 25.53 -1.75
C VAL A 250 7.85 26.82 -1.75
N LEU A 251 7.62 27.36 -0.57
CA LEU A 251 6.86 28.61 -0.43
C LEU A 251 7.66 29.80 -0.96
N ARG A 252 8.89 29.95 -0.47
CA ARG A 252 9.77 31.05 -0.87
C ARG A 252 9.83 31.21 -2.40
N SER A 253 10.11 30.12 -3.09
CA SER A 253 10.21 30.15 -4.54
C SER A 253 8.85 30.44 -5.22
N ALA A 254 7.76 30.25 -4.50
CA ALA A 254 6.44 30.50 -5.10
C ALA A 254 6.04 31.97 -4.94
N ILE A 255 6.24 32.52 -3.75
CA ILE A 255 5.89 33.91 -3.50
C ILE A 255 6.68 34.81 -4.46
N ASN A 256 7.90 34.37 -4.80
CA ASN A 256 8.77 35.11 -5.70
C ASN A 256 8.50 34.80 -7.18
N LYS A 257 7.46 34.03 -7.45
CA LYS A 257 7.09 33.65 -8.81
C LYS A 257 8.31 33.24 -9.65
N THR A 258 9.19 32.48 -9.03
CA THR A 258 10.42 32.00 -9.66
C THR A 258 10.40 30.49 -9.88
N GLY A 259 9.55 29.80 -9.12
CA GLY A 259 9.46 28.36 -9.26
C GLY A 259 8.73 27.89 -10.49
N THR A 260 8.74 26.57 -10.71
CA THR A 260 8.07 25.97 -11.85
C THR A 260 6.96 25.05 -11.36
N ASP A 261 6.74 25.06 -10.06
CA ASP A 261 5.72 24.21 -9.44
C ASP A 261 4.37 24.94 -9.58
N GLU A 262 3.55 24.46 -10.50
CA GLU A 262 2.25 25.09 -10.73
C GLU A 262 1.31 24.91 -9.55
N GLY A 263 0.79 26.01 -9.03
CA GLY A 263 -0.11 25.95 -7.92
C GLY A 263 0.52 25.52 -6.61
N ALA A 264 1.86 25.56 -6.54
CA ALA A 264 2.54 25.17 -5.33
C ALA A 264 2.03 25.95 -4.12
N LEU A 265 2.09 27.27 -4.18
CA LEU A 265 1.63 28.09 -3.06
C LEU A 265 0.25 27.70 -2.52
N THR A 266 -0.77 27.78 -3.36
CA THR A 266 -2.13 27.43 -2.94
C THR A 266 -2.21 25.98 -2.49
N ARG A 267 -1.23 25.17 -2.87
CA ARG A 267 -1.19 23.76 -2.52
C ARG A 267 -0.36 23.42 -1.27
N ILE A 268 0.70 24.19 -1.00
CA ILE A 268 1.54 23.94 0.17
C ILE A 268 0.82 24.39 1.45
N VAL A 269 -0.29 25.10 1.26
CA VAL A 269 -1.08 25.59 2.38
C VAL A 269 -2.35 24.76 2.55
N THR A 270 -3.06 24.53 1.44
CA THR A 270 -4.29 23.75 1.48
C THR A 270 -4.06 22.31 1.93
N THR A 271 -2.86 21.80 1.72
CA THR A 271 -2.57 20.43 2.15
C THR A 271 -1.87 20.35 3.49
N ARG A 272 -1.33 21.48 3.96
CA ARG A 272 -0.60 21.48 5.23
C ARG A 272 -1.19 22.34 6.34
N ALA A 273 -2.19 23.16 6.00
CA ALA A 273 -2.82 24.04 6.98
C ALA A 273 -3.28 23.28 8.23
N GLU A 274 -3.91 22.13 8.04
CA GLU A 274 -4.40 21.35 9.16
C GLU A 274 -3.36 20.36 9.68
N ILE A 275 -2.13 20.46 9.18
CA ILE A 275 -1.09 19.55 9.60
C ILE A 275 0.11 20.19 10.29
N ASP A 276 1.04 20.73 9.52
CA ASP A 276 2.23 21.33 10.12
C ASP A 276 2.58 22.72 9.58
N LEU A 277 1.71 23.30 8.77
CA LEU A 277 1.96 24.62 8.20
C LEU A 277 2.36 25.62 9.26
N LYS A 278 1.92 25.42 10.50
CA LYS A 278 2.27 26.34 11.57
C LYS A 278 3.77 26.30 11.81
N VAL A 279 4.31 25.10 12.01
CA VAL A 279 5.75 24.98 12.21
C VAL A 279 6.36 25.51 10.93
N ILE A 280 5.72 25.21 9.81
CA ILE A 280 6.18 25.69 8.52
C ILE A 280 6.21 27.22 8.58
N GLY A 281 5.27 27.79 9.35
CA GLY A 281 5.18 29.22 9.49
C GLY A 281 6.36 29.87 10.20
N GLU A 282 6.68 29.42 11.40
CA GLU A 282 7.81 29.96 12.14
C GLU A 282 9.10 29.70 11.40
N GLU A 283 9.18 28.56 10.74
CA GLU A 283 10.36 28.21 9.99
C GLU A 283 10.43 29.02 8.72
N TYR A 284 9.35 29.74 8.42
CA TYR A 284 9.34 30.57 7.23
C TYR A 284 9.85 31.95 7.58
N GLN A 285 9.41 32.47 8.73
CA GLN A 285 9.81 33.78 9.20
C GLN A 285 11.31 33.82 9.43
N ARG A 286 11.86 32.66 9.82
CA ARG A 286 13.29 32.56 10.08
C ARG A 286 14.11 32.71 8.80
N ARG A 287 13.69 32.00 7.75
CA ARG A 287 14.41 32.03 6.48
C ARG A 287 14.24 33.32 5.69
N ASN A 288 13.10 33.99 5.81
CA ASN A 288 12.88 35.23 5.06
C ASN A 288 12.84 36.51 5.88
N SER A 289 12.77 36.37 7.20
CA SER A 289 12.73 37.51 8.11
C SER A 289 11.36 38.19 8.05
N ILE A 290 10.49 37.68 7.18
CA ILE A 290 9.14 38.19 7.02
C ILE A 290 8.15 37.02 7.16
N PRO A 291 7.03 37.24 7.87
CA PRO A 291 6.01 36.20 8.06
C PRO A 291 5.40 35.79 6.72
N LEU A 292 5.11 34.50 6.55
CA LEU A 292 4.55 33.99 5.30
C LEU A 292 3.30 34.76 4.88
N GLU A 293 2.41 35.01 5.85
CA GLU A 293 1.17 35.72 5.57
C GLU A 293 1.43 37.15 5.07
N LYS A 294 2.64 37.65 5.31
CA LYS A 294 2.97 39.00 4.85
C LYS A 294 3.42 38.93 3.39
N ALA A 295 4.13 37.86 3.04
CA ALA A 295 4.60 37.65 1.68
C ALA A 295 3.39 37.38 0.78
N ILE A 296 2.39 36.69 1.33
CA ILE A 296 1.18 36.34 0.57
C ILE A 296 0.38 37.56 0.13
N THR A 297 0.20 38.53 1.01
CA THR A 297 -0.57 39.74 0.69
C THR A 297 0.35 40.89 0.30
N LYS A 298 1.57 40.52 -0.07
CA LYS A 298 2.60 41.46 -0.47
C LYS A 298 2.16 42.49 -1.51
N ASP A 299 1.89 42.05 -2.73
CA ASP A 299 1.50 42.96 -3.80
C ASP A 299 -0.01 43.02 -4.07
N THR A 300 -0.74 42.02 -3.60
CA THR A 300 -2.18 41.97 -3.80
C THR A 300 -2.89 41.39 -2.58
N ARG A 301 -4.17 41.68 -2.46
CA ARG A 301 -4.97 41.18 -1.36
C ARG A 301 -6.39 40.86 -1.83
N GLY A 302 -6.49 40.06 -2.88
CA GLY A 302 -7.80 39.67 -3.40
C GLY A 302 -8.29 38.51 -2.56
N ASP A 303 -9.56 38.14 -2.74
CA ASP A 303 -10.16 37.06 -1.96
C ASP A 303 -9.28 35.80 -1.95
N TYR A 304 -8.52 35.58 -3.02
CA TYR A 304 -7.61 34.42 -3.09
C TYR A 304 -6.55 34.53 -2.02
N GLU A 305 -5.75 35.60 -2.06
CA GLU A 305 -4.70 35.78 -1.06
C GLU A 305 -5.37 35.78 0.30
N LYS A 306 -6.56 36.36 0.34
CA LYS A 306 -7.35 36.45 1.55
C LYS A 306 -7.66 35.05 2.10
N MET A 307 -8.07 34.14 1.22
CA MET A 307 -8.40 32.79 1.63
C MET A 307 -7.21 32.13 2.30
N LEU A 308 -6.02 32.33 1.74
CA LEU A 308 -4.81 31.74 2.27
C LEU A 308 -4.40 32.23 3.65
N VAL A 309 -4.40 33.54 3.86
CA VAL A 309 -4.00 34.05 5.16
C VAL A 309 -4.92 33.58 6.27
N ALA A 310 -6.19 33.36 5.95
CA ALA A 310 -7.15 32.88 6.96
C ALA A 310 -6.79 31.48 7.46
N LEU A 311 -6.52 30.55 6.55
CA LEU A 311 -6.15 29.18 6.92
C LEU A 311 -4.96 29.21 7.86
N LEU A 312 -4.08 30.20 7.66
CA LEU A 312 -2.91 30.37 8.51
C LEU A 312 -3.34 30.92 9.87
N GLY A 313 -4.61 31.27 10.00
CA GLY A 313 -5.12 31.81 11.24
C GLY A 313 -4.66 33.24 11.45
N GLU A 314 -4.60 34.00 10.36
CA GLU A 314 -4.17 35.40 10.40
C GLU A 314 -5.00 36.26 9.44
N ASP A 315 -6.31 36.09 9.48
CA ASP A 315 -7.26 36.82 8.63
C ASP A 315 -6.89 38.27 8.27
N ASP A 316 -6.52 39.06 9.28
CA ASP A 316 -6.19 40.48 9.07
C ASP A 316 -5.18 40.72 7.96
N ALA A 317 -4.09 39.96 7.95
CA ALA A 317 -3.04 40.11 6.95
C ALA A 317 -3.60 40.10 5.53
N SER B 1 -16.44 -21.01 -3.39
CA SER B 1 -15.76 -22.34 -3.32
C SER B 1 -15.16 -22.59 -1.94
N ALA B 2 -15.89 -22.20 -0.89
CA ALA B 2 -15.43 -22.37 0.48
C ALA B 2 -15.75 -23.76 1.05
N THR B 3 -14.78 -24.67 1.01
CA THR B 3 -14.97 -26.01 1.53
C THR B 3 -15.37 -25.99 3.01
N LEU B 4 -15.12 -24.85 3.66
CA LEU B 4 -15.47 -24.70 5.07
C LEU B 4 -16.95 -24.93 5.37
N LYS B 5 -17.26 -26.10 5.91
CA LYS B 5 -18.64 -26.43 6.24
C LYS B 5 -18.90 -26.06 7.71
N VAL B 6 -19.35 -24.84 7.94
CA VAL B 6 -19.63 -24.37 9.29
C VAL B 6 -20.91 -24.98 9.81
N SER B 7 -20.77 -26.02 10.62
CA SER B 7 -21.91 -26.73 11.20
C SER B 7 -23.06 -25.79 11.57
N ASP B 8 -24.26 -26.14 11.12
CA ASP B 8 -25.43 -25.31 11.39
C ASP B 8 -25.82 -25.39 12.86
N SER B 9 -26.43 -24.33 13.37
CA SER B 9 -26.85 -24.25 14.76
C SER B 9 -25.62 -24.23 15.68
N VAL B 10 -24.63 -23.43 15.31
CA VAL B 10 -23.40 -23.30 16.09
C VAL B 10 -23.70 -22.97 17.55
N PRO B 11 -23.08 -23.69 18.49
CA PRO B 11 -23.29 -23.46 19.92
C PRO B 11 -22.66 -22.16 20.41
N ALA B 12 -23.30 -21.53 21.39
CA ALA B 12 -22.83 -20.26 21.95
C ALA B 12 -21.32 -20.21 22.16
N PRO B 13 -20.75 -19.00 22.19
CA PRO B 13 -19.30 -18.77 22.38
C PRO B 13 -18.74 -19.30 23.69
N SER B 14 -19.38 -18.95 24.80
CA SER B 14 -18.92 -19.39 26.11
C SER B 14 -18.85 -20.92 26.18
N ASP B 15 -19.70 -21.58 25.41
CA ASP B 15 -19.73 -23.04 25.39
C ASP B 15 -18.42 -23.58 24.82
N ASP B 16 -18.13 -23.22 23.58
CA ASP B 16 -16.90 -23.66 22.95
C ASP B 16 -15.71 -23.07 23.71
N ALA B 17 -15.98 -21.98 24.43
CA ALA B 17 -14.94 -21.32 25.23
C ALA B 17 -14.54 -22.23 26.39
N GLU B 18 -15.54 -22.88 27.00
CA GLU B 18 -15.30 -23.80 28.12
C GLU B 18 -14.68 -25.09 27.62
N GLN B 19 -15.24 -25.63 26.53
CA GLN B 19 -14.77 -26.87 25.94
C GLN B 19 -13.33 -26.76 25.44
N LEU B 20 -13.04 -25.71 24.67
CA LEU B 20 -11.69 -25.51 24.15
C LEU B 20 -10.75 -25.36 25.34
N ARG B 21 -11.18 -24.55 26.31
CA ARG B 21 -10.43 -24.29 27.54
C ARG B 21 -9.88 -25.58 28.15
N THR B 22 -10.73 -26.58 28.30
CA THR B 22 -10.33 -27.86 28.88
C THR B 22 -9.04 -28.39 28.24
N ALA B 23 -8.92 -28.24 26.93
CA ALA B 23 -7.73 -28.70 26.21
C ALA B 23 -6.84 -27.53 25.83
N GLU B 31 -9.38 -33.06 21.51
CA GLU B 31 -8.83 -33.35 20.18
C GLU B 31 -9.94 -33.37 19.15
N ASP B 32 -10.77 -34.41 19.20
CA ASP B 32 -11.89 -34.54 18.27
C ASP B 32 -12.89 -33.42 18.50
N LEU B 33 -12.95 -32.95 19.74
CA LEU B 33 -13.86 -31.86 20.12
C LEU B 33 -13.25 -30.53 19.68
N ILE B 34 -11.95 -30.54 19.45
CA ILE B 34 -11.24 -29.36 19.00
C ILE B 34 -11.47 -29.22 17.51
N ILE B 35 -11.42 -30.35 16.81
CA ILE B 35 -11.62 -30.38 15.37
C ILE B 35 -13.08 -30.13 15.02
N SER B 36 -13.97 -30.98 15.51
CA SER B 36 -15.40 -30.82 15.21
C SER B 36 -15.86 -29.39 15.51
N ILE B 37 -15.14 -28.71 16.40
CA ILE B 37 -15.51 -27.33 16.73
C ILE B 37 -14.75 -26.31 15.88
N LEU B 38 -13.43 -26.29 16.01
CA LEU B 38 -12.62 -25.34 15.24
C LEU B 38 -12.68 -25.50 13.72
N ALA B 39 -13.15 -26.66 13.26
CA ALA B 39 -13.26 -26.91 11.83
C ALA B 39 -14.71 -26.76 11.37
N HIS B 40 -15.53 -26.18 12.23
CA HIS B 40 -16.95 -25.97 11.91
C HIS B 40 -17.42 -24.61 12.41
N ARG B 41 -16.46 -23.71 12.62
CA ARG B 41 -16.75 -22.36 13.09
C ARG B 41 -16.19 -21.38 12.07
N SER B 42 -17.04 -20.48 11.58
CA SER B 42 -16.61 -19.49 10.60
C SER B 42 -15.67 -18.47 11.25
N ALA B 43 -14.75 -17.94 10.46
CA ALA B 43 -13.76 -16.97 10.93
C ALA B 43 -14.30 -15.91 11.88
N GLU B 44 -15.46 -15.33 11.53
CA GLU B 44 -16.08 -14.30 12.37
C GLU B 44 -16.38 -14.91 13.73
N GLN B 45 -16.84 -16.16 13.71
CA GLN B 45 -17.15 -16.85 14.93
C GLN B 45 -15.88 -17.16 15.72
N ARG B 46 -14.77 -17.30 15.01
CA ARG B 46 -13.50 -17.59 15.66
C ARG B 46 -12.90 -16.29 16.21
N LYS B 47 -13.40 -15.17 15.72
CA LYS B 47 -12.93 -13.86 16.16
C LYS B 47 -13.71 -13.50 17.42
N VAL B 48 -14.84 -14.18 17.61
CA VAL B 48 -15.69 -13.95 18.76
C VAL B 48 -15.48 -15.02 19.83
N ILE B 49 -15.15 -16.24 19.41
CA ILE B 49 -14.93 -17.35 20.33
C ILE B 49 -13.70 -17.17 21.22
N ARG B 50 -12.64 -16.58 20.67
CA ARG B 50 -11.42 -16.34 21.44
C ARG B 50 -11.74 -15.58 22.71
N GLN B 51 -12.33 -14.40 22.55
CA GLN B 51 -12.71 -13.55 23.67
C GLN B 51 -13.54 -14.33 24.67
N ALA B 52 -14.42 -15.21 24.17
CA ALA B 52 -15.25 -16.02 25.04
C ALA B 52 -14.35 -16.79 25.99
N TYR B 53 -13.08 -16.90 25.63
CA TYR B 53 -12.07 -17.58 26.43
C TYR B 53 -11.17 -16.54 27.09
N HIS B 54 -10.92 -15.44 26.37
CA HIS B 54 -10.08 -14.36 26.87
C HIS B 54 -10.76 -13.58 27.99
N GLU B 55 -11.82 -12.87 27.65
CA GLU B 55 -12.58 -12.06 28.61
C GLU B 55 -13.22 -12.96 29.67
N THR B 56 -12.67 -14.16 29.83
CA THR B 56 -13.19 -15.10 30.80
C THR B 56 -12.06 -15.79 31.55
N TYR B 57 -11.00 -16.15 30.83
CA TYR B 57 -9.86 -16.82 31.43
C TYR B 57 -8.65 -15.91 31.43
N GLY B 58 -8.87 -14.64 31.08
CA GLY B 58 -7.80 -13.65 31.04
C GLY B 58 -6.51 -14.21 30.47
N GLU B 59 -6.50 -14.49 29.17
CA GLU B 59 -5.31 -15.05 28.52
C GLU B 59 -5.52 -15.16 27.01
N ASP B 60 -4.52 -15.70 26.31
CA ASP B 60 -4.61 -15.86 24.85
C ASP B 60 -4.63 -17.34 24.47
N LEU B 61 -5.59 -17.71 23.63
CA LEU B 61 -5.77 -19.08 23.18
C LEU B 61 -4.54 -19.67 22.48
N LEU B 62 -3.80 -18.83 21.75
CA LEU B 62 -2.62 -19.30 21.03
C LEU B 62 -1.28 -18.89 21.65
N LYS B 63 -0.97 -19.46 22.80
CA LYS B 63 0.28 -19.16 23.49
C LYS B 63 1.21 -20.38 23.47
N THR B 64 0.64 -21.55 23.69
CA THR B 64 1.42 -22.80 23.71
C THR B 64 1.42 -23.46 22.34
N LEU B 65 0.98 -22.73 21.31
CA LEU B 65 0.93 -23.25 19.96
C LEU B 65 1.60 -22.28 18.99
N ASP B 66 2.08 -21.16 19.52
CA ASP B 66 2.73 -20.14 18.70
C ASP B 66 4.23 -20.44 18.60
N SER B 70 4.42 -27.04 17.88
CA SER B 70 5.44 -27.83 17.19
C SER B 70 4.79 -28.91 16.32
N ASN B 71 3.68 -29.46 16.78
CA ASN B 71 2.95 -30.50 16.05
C ASN B 71 2.20 -29.88 14.87
N ASP B 72 2.18 -30.61 13.75
CA ASP B 72 1.50 -30.13 12.55
C ASP B 72 0.02 -29.86 12.76
N PHE B 73 -0.59 -30.64 13.66
CA PHE B 73 -2.00 -30.44 13.98
C PHE B 73 -2.12 -29.10 14.70
N GLU B 74 -1.30 -28.91 15.73
CA GLU B 74 -1.30 -27.68 16.49
C GLU B 74 -0.97 -26.55 15.52
N ARG B 75 -0.08 -26.85 14.59
CA ARG B 75 0.36 -25.91 13.57
C ARG B 75 -0.79 -25.58 12.61
N ALA B 76 -1.88 -26.34 12.70
CA ALA B 76 -3.05 -26.13 11.86
C ALA B 76 -4.05 -25.23 12.57
N ILE B 77 -4.27 -25.50 13.86
CA ILE B 77 -5.20 -24.69 14.65
C ILE B 77 -4.69 -23.25 14.72
N LEU B 78 -3.36 -23.11 14.80
CA LEU B 78 -2.73 -21.80 14.89
C LEU B 78 -3.01 -20.96 13.65
N LEU B 79 -2.56 -21.45 12.51
CA LEU B 79 -2.74 -20.75 11.23
C LEU B 79 -4.21 -20.63 10.84
N TRP B 80 -5.07 -21.36 11.53
CA TRP B 80 -6.50 -21.33 11.23
C TRP B 80 -7.34 -20.47 12.20
N THR B 81 -6.81 -20.22 13.38
CA THR B 81 -7.55 -19.45 14.37
C THR B 81 -7.13 -17.98 14.46
N LEU B 82 -5.94 -17.67 13.95
CA LEU B 82 -5.47 -16.29 13.94
C LEU B 82 -6.29 -15.56 12.87
N GLU B 83 -6.29 -14.23 12.91
CA GLU B 83 -7.00 -13.48 11.90
C GLU B 83 -6.22 -13.73 10.62
N PRO B 84 -6.92 -13.99 9.50
CA PRO B 84 -6.23 -14.24 8.24
C PRO B 84 -5.04 -13.31 7.96
N GLY B 85 -5.10 -12.09 8.49
CA GLY B 85 -4.02 -11.14 8.29
C GLY B 85 -2.75 -11.54 9.04
N GLU B 86 -2.90 -11.82 10.34
CA GLU B 86 -1.75 -12.21 11.14
C GLU B 86 -1.21 -13.54 10.60
N ARG B 87 -2.12 -14.41 10.18
CA ARG B 87 -1.75 -15.70 9.61
C ARG B 87 -0.77 -15.54 8.44
N ASP B 88 -1.16 -14.73 7.47
CA ASP B 88 -0.33 -14.47 6.30
C ASP B 88 0.92 -13.69 6.67
N ALA B 89 0.93 -13.13 7.88
CA ALA B 89 2.08 -12.38 8.36
C ALA B 89 3.17 -13.36 8.78
N LEU B 90 2.76 -14.42 9.49
CA LEU B 90 3.69 -15.46 9.94
C LEU B 90 4.43 -16.08 8.75
N LEU B 91 3.67 -16.61 7.79
CA LEU B 91 4.25 -17.23 6.60
C LEU B 91 5.32 -16.33 6.01
N ALA B 92 4.90 -15.26 5.33
CA ALA B 92 5.82 -14.31 4.71
C ALA B 92 7.05 -14.06 5.59
N ASN B 93 6.82 -13.73 6.87
CA ASN B 93 7.94 -13.49 7.78
C ASN B 93 8.90 -14.69 7.72
N GLU B 94 8.37 -15.87 8.02
CA GLU B 94 9.16 -17.10 8.01
C GLU B 94 9.78 -17.33 6.64
N ALA B 95 8.99 -17.06 5.59
CA ALA B 95 9.46 -17.22 4.22
C ALA B 95 10.63 -16.29 3.95
N THR B 96 10.57 -15.07 4.47
CA THR B 96 11.61 -14.08 4.27
C THR B 96 12.91 -14.47 4.98
N LYS B 97 12.78 -15.04 6.17
CA LYS B 97 13.94 -15.46 6.96
C LYS B 97 14.92 -16.33 6.18
N ARG B 98 14.66 -17.63 6.16
CA ARG B 98 15.50 -18.58 5.46
C ARG B 98 15.17 -18.60 3.96
N TRP B 99 14.64 -17.49 3.49
CA TRP B 99 14.26 -17.32 2.09
C TRP B 99 15.34 -17.70 1.09
N THR B 100 14.91 -18.31 -0.02
CA THR B 100 15.82 -18.68 -1.10
C THR B 100 15.09 -18.35 -2.39
N SER B 101 15.83 -18.20 -3.47
CA SER B 101 15.26 -17.87 -4.77
C SER B 101 14.18 -18.86 -5.21
N SER B 102 14.01 -19.94 -4.45
CA SER B 102 13.02 -20.95 -4.78
C SER B 102 11.73 -20.83 -3.98
N ASN B 103 11.77 -20.02 -2.93
CA ASN B 103 10.58 -19.82 -2.12
C ASN B 103 9.69 -18.78 -2.80
N GLN B 104 8.48 -19.20 -3.16
CA GLN B 104 7.56 -18.30 -3.84
C GLN B 104 6.36 -17.93 -2.98
N VAL B 105 6.43 -18.21 -1.69
CA VAL B 105 5.33 -17.91 -0.78
C VAL B 105 4.92 -16.44 -0.77
N LEU B 106 5.89 -15.53 -0.55
CA LEU B 106 5.60 -14.10 -0.53
C LEU B 106 4.74 -13.75 -1.74
N MET B 107 5.03 -14.38 -2.88
CA MET B 107 4.23 -14.14 -4.07
C MET B 107 2.85 -14.72 -3.79
N GLU B 108 2.81 -16.00 -3.44
CA GLU B 108 1.55 -16.67 -3.17
C GLU B 108 0.61 -15.77 -2.36
N VAL B 109 1.13 -15.15 -1.31
CA VAL B 109 0.35 -14.26 -0.47
C VAL B 109 0.04 -12.92 -1.15
N ALA B 110 0.93 -12.50 -2.05
CA ALA B 110 0.75 -11.23 -2.75
C ALA B 110 -0.15 -11.26 -3.97
N CYS B 111 -0.25 -12.41 -4.62
CA CYS B 111 -1.07 -12.53 -5.83
C CYS B 111 -2.38 -13.30 -5.70
N THR B 112 -2.60 -13.95 -4.56
CA THR B 112 -3.83 -14.70 -4.38
C THR B 112 -4.71 -14.14 -3.27
N ARG B 113 -4.51 -12.86 -2.97
CA ARG B 113 -5.27 -12.17 -1.95
C ARG B 113 -5.96 -10.97 -2.56
N THR B 114 -7.06 -10.55 -1.95
CA THR B 114 -7.76 -9.37 -2.43
C THR B 114 -6.98 -8.19 -1.85
N SER B 115 -7.15 -7.01 -2.43
CA SER B 115 -6.42 -5.83 -1.96
C SER B 115 -6.66 -5.60 -0.47
N THR B 116 -7.91 -5.75 -0.03
CA THR B 116 -8.22 -5.56 1.39
C THR B 116 -7.50 -6.63 2.20
N GLN B 117 -7.34 -7.81 1.61
CA GLN B 117 -6.69 -8.92 2.31
C GLN B 117 -5.17 -8.74 2.37
N LEU B 118 -4.59 -8.04 1.39
CA LEU B 118 -3.15 -7.82 1.41
C LEU B 118 -2.83 -6.66 2.33
N LEU B 119 -3.83 -5.82 2.59
CA LEU B 119 -3.62 -4.69 3.48
C LEU B 119 -3.64 -5.19 4.92
N HIS B 120 -4.62 -6.04 5.23
CA HIS B 120 -4.74 -6.59 6.57
C HIS B 120 -3.47 -7.32 6.97
N ALA B 121 -2.93 -8.12 6.05
CA ALA B 121 -1.71 -8.87 6.32
C ALA B 121 -0.58 -7.90 6.64
N ARG B 122 -0.57 -6.77 5.95
CA ARG B 122 0.46 -5.75 6.18
C ARG B 122 0.20 -5.07 7.51
N GLN B 123 -1.04 -4.61 7.70
CA GLN B 123 -1.41 -3.92 8.94
C GLN B 123 -1.19 -4.80 10.15
N ALA B 124 -1.30 -6.11 9.92
CA ALA B 124 -1.07 -7.09 10.97
C ALA B 124 0.43 -7.18 11.22
N TYR B 125 1.20 -7.11 10.14
CA TYR B 125 2.65 -7.19 10.23
C TYR B 125 3.14 -6.02 11.09
N HIS B 126 2.59 -4.83 10.84
CA HIS B 126 2.95 -3.63 11.59
C HIS B 126 2.88 -3.91 13.09
N ALA B 127 1.83 -4.62 13.49
CA ALA B 127 1.59 -4.93 14.89
C ALA B 127 2.47 -6.07 15.39
N ARG B 128 2.23 -7.27 14.85
CA ARG B 128 2.98 -8.44 15.25
C ARG B 128 4.49 -8.22 15.38
N TYR B 129 5.15 -7.93 14.26
CA TYR B 129 6.59 -7.76 14.23
C TYR B 129 7.15 -6.33 14.37
N LYS B 130 6.33 -5.38 14.82
CA LYS B 130 6.79 -4.00 14.97
C LYS B 130 7.68 -3.59 13.79
N LYS B 131 7.33 -4.08 12.60
CA LYS B 131 8.07 -3.76 11.37
C LYS B 131 7.09 -3.70 10.20
N SER B 132 7.64 -3.47 9.00
CA SER B 132 6.86 -3.40 7.77
C SER B 132 7.19 -4.61 6.89
N LEU B 133 6.17 -5.44 6.61
CA LEU B 133 6.34 -6.62 5.77
C LEU B 133 7.14 -6.31 4.52
N GLU B 134 6.86 -5.15 3.92
CA GLU B 134 7.53 -4.72 2.72
C GLU B 134 9.05 -4.56 2.88
N GLU B 135 9.49 -3.94 3.98
CA GLU B 135 10.92 -3.74 4.19
C GLU B 135 11.62 -5.06 4.52
N ASP B 136 10.92 -5.98 5.20
CA ASP B 136 11.51 -7.27 5.53
C ASP B 136 11.77 -8.04 4.25
N VAL B 137 10.85 -7.92 3.29
CA VAL B 137 11.02 -8.60 2.00
C VAL B 137 12.20 -7.99 1.29
N ALA B 138 12.20 -6.67 1.16
CA ALA B 138 13.29 -5.98 0.50
C ALA B 138 14.61 -6.27 1.21
N HIS B 139 14.54 -6.46 2.53
CA HIS B 139 15.74 -6.72 3.31
C HIS B 139 16.39 -8.08 3.09
N HIS B 140 15.59 -9.12 2.86
CA HIS B 140 16.18 -10.45 2.69
C HIS B 140 15.99 -11.17 1.37
N THR B 141 15.66 -10.44 0.30
CA THR B 141 15.50 -11.07 -1.01
C THR B 141 16.52 -10.46 -1.98
N THR B 142 16.85 -11.18 -3.06
CA THR B 142 17.85 -10.68 -3.99
C THR B 142 17.46 -10.54 -5.47
N GLY B 143 18.27 -9.77 -6.18
CA GLY B 143 18.09 -9.52 -7.61
C GLY B 143 16.67 -9.30 -8.11
N ASP B 144 16.30 -10.06 -9.14
CA ASP B 144 14.98 -9.96 -9.74
C ASP B 144 13.93 -10.50 -8.76
N PHE B 145 14.31 -11.55 -8.05
CA PHE B 145 13.44 -12.16 -7.07
C PHE B 145 12.91 -11.10 -6.11
N ARG B 146 13.76 -10.14 -5.77
CA ARG B 146 13.36 -9.06 -4.86
C ARG B 146 12.57 -7.98 -5.58
N LYS B 147 12.94 -7.68 -6.81
CA LYS B 147 12.25 -6.64 -7.58
C LYS B 147 10.80 -7.00 -7.87
N LEU B 148 10.49 -8.30 -7.96
CA LEU B 148 9.13 -8.72 -8.24
C LEU B 148 8.29 -8.80 -6.96
N LEU B 149 8.81 -9.56 -5.99
CA LEU B 149 8.12 -9.74 -4.72
C LEU B 149 7.69 -8.43 -4.04
N VAL B 150 8.64 -7.54 -3.74
CA VAL B 150 8.31 -6.26 -3.10
C VAL B 150 7.14 -5.61 -3.83
N SER B 151 7.34 -5.26 -5.10
CA SER B 151 6.29 -4.63 -5.89
C SER B 151 4.97 -5.39 -5.70
N LEU B 152 5.05 -6.71 -5.51
CA LEU B 152 3.87 -7.53 -5.33
C LEU B 152 3.31 -7.47 -3.90
N VAL B 153 4.12 -7.08 -2.93
CA VAL B 153 3.62 -6.99 -1.56
C VAL B 153 3.14 -5.58 -1.21
N THR B 154 3.69 -4.56 -1.86
CA THR B 154 3.27 -3.19 -1.57
C THR B 154 2.05 -2.79 -2.40
N SER B 155 1.80 -3.55 -3.44
CA SER B 155 0.67 -3.29 -4.32
C SER B 155 -0.64 -3.27 -3.55
N TYR B 156 -1.51 -2.34 -3.95
CA TYR B 156 -2.86 -2.20 -3.38
C TYR B 156 -3.73 -2.11 -4.64
N ARG B 157 -3.54 -3.10 -5.51
CA ARG B 157 -4.22 -3.24 -6.80
C ARG B 157 -5.63 -2.73 -6.96
N TYR B 158 -5.92 -2.23 -8.16
CA TYR B 158 -7.25 -1.75 -8.50
C TYR B 158 -8.06 -3.02 -8.72
N GLU B 159 -9.33 -3.00 -8.34
CA GLU B 159 -10.17 -4.18 -8.47
C GLU B 159 -11.43 -3.99 -9.31
N GLY B 160 -11.55 -2.83 -9.95
CA GLY B 160 -12.69 -2.58 -10.81
C GLY B 160 -12.67 -3.55 -11.98
N ASP B 161 -13.76 -3.62 -12.73
CA ASP B 161 -13.84 -4.54 -13.86
C ASP B 161 -13.40 -3.93 -15.18
N GLU B 162 -13.37 -2.61 -15.25
CA GLU B 162 -12.96 -1.91 -16.47
C GLU B 162 -11.75 -2.55 -17.14
N VAL B 163 -11.70 -2.48 -18.47
CA VAL B 163 -10.60 -3.05 -19.21
C VAL B 163 -10.25 -2.18 -20.40
N ASN B 164 -8.98 -1.80 -20.51
CA ASN B 164 -8.55 -0.99 -21.64
C ASN B 164 -7.90 -1.94 -22.63
N MET B 165 -8.71 -2.52 -23.50
CA MET B 165 -8.22 -3.46 -24.51
C MET B 165 -7.04 -2.91 -25.31
N THR B 166 -7.07 -1.62 -25.64
CA THR B 166 -5.99 -1.01 -26.40
C THR B 166 -4.65 -1.12 -25.66
N LEU B 167 -4.63 -0.62 -24.42
CA LEU B 167 -3.43 -0.68 -23.60
C LEU B 167 -3.08 -2.14 -23.38
N ALA B 168 -4.12 -2.96 -23.30
CA ALA B 168 -3.94 -4.40 -23.11
C ALA B 168 -3.19 -5.03 -24.27
N LYS B 169 -3.34 -4.44 -25.45
CA LYS B 169 -2.69 -4.96 -26.64
C LYS B 169 -1.26 -4.43 -26.76
N GLN B 170 -1.06 -3.17 -26.38
CA GLN B 170 0.27 -2.57 -26.42
C GLN B 170 1.23 -3.30 -25.48
N GLU B 171 0.76 -3.60 -24.28
CA GLU B 171 1.61 -4.30 -23.33
C GLU B 171 1.82 -5.76 -23.73
N ALA B 172 0.82 -6.35 -24.37
CA ALA B 172 0.94 -7.73 -24.81
C ALA B 172 2.15 -7.81 -25.74
N LYS B 173 2.30 -6.81 -26.60
CA LYS B 173 3.43 -6.76 -27.52
C LYS B 173 4.72 -6.59 -26.73
N LEU B 174 4.63 -5.87 -25.62
CA LEU B 174 5.79 -5.65 -24.77
C LEU B 174 6.23 -6.97 -24.15
N VAL B 175 5.31 -7.60 -23.41
CA VAL B 175 5.61 -8.86 -22.76
C VAL B 175 6.18 -9.85 -23.76
N HIS B 176 5.64 -9.84 -24.97
CA HIS B 176 6.09 -10.79 -25.98
C HIS B 176 7.48 -10.51 -26.51
N GLU B 177 7.71 -9.31 -27.03
CA GLU B 177 9.02 -8.96 -27.55
C GLU B 177 10.12 -9.37 -26.57
N LYS B 178 9.92 -9.04 -25.30
CA LYS B 178 10.90 -9.37 -24.27
C LYS B 178 10.99 -10.87 -24.04
N ILE B 179 9.85 -11.50 -23.78
CA ILE B 179 9.84 -12.95 -23.54
C ILE B 179 10.46 -13.65 -24.74
N LYS B 180 10.26 -13.09 -25.93
CA LYS B 180 10.81 -13.63 -27.17
C LYS B 180 12.32 -13.81 -27.04
N ASP B 181 13.02 -12.74 -26.67
CA ASP B 181 14.46 -12.79 -26.51
C ASP B 181 14.83 -13.38 -25.15
N LYS B 182 13.80 -13.81 -24.43
CA LYS B 182 13.96 -14.42 -23.11
C LYS B 182 14.39 -13.50 -21.97
N HIS B 183 13.74 -12.35 -21.87
CA HIS B 183 14.02 -11.41 -20.79
C HIS B 183 12.84 -11.40 -19.83
N TYR B 184 12.65 -12.54 -19.18
CA TYR B 184 11.56 -12.75 -18.23
C TYR B 184 11.66 -11.81 -17.04
N ASN B 185 12.68 -10.96 -17.04
CA ASN B 185 12.89 -10.02 -15.95
C ASN B 185 12.93 -8.58 -16.45
N ASP B 186 12.75 -8.40 -17.75
CA ASP B 186 12.79 -7.08 -18.35
C ASP B 186 11.80 -6.10 -17.71
N GLU B 187 12.32 -5.17 -16.92
CA GLU B 187 11.54 -4.16 -16.22
C GLU B 187 10.16 -3.89 -16.84
N ASP B 188 10.10 -3.93 -18.17
CA ASP B 188 8.85 -3.70 -18.89
C ASP B 188 7.78 -4.73 -18.54
N VAL B 189 8.18 -5.97 -18.24
CA VAL B 189 7.21 -7.00 -17.86
C VAL B 189 6.86 -6.86 -16.39
N ILE B 190 7.84 -6.44 -15.57
CA ILE B 190 7.61 -6.28 -14.14
C ILE B 190 6.59 -5.20 -13.85
N ARG B 191 6.62 -4.13 -14.63
CA ARG B 191 5.68 -3.04 -14.44
C ARG B 191 4.26 -3.41 -14.92
N ILE B 192 4.17 -4.44 -15.75
CA ILE B 192 2.88 -4.88 -16.27
C ILE B 192 2.04 -5.60 -15.26
N LEU B 193 2.64 -6.62 -14.65
CA LEU B 193 1.96 -7.42 -13.64
C LEU B 193 1.64 -6.63 -12.37
N SER B 194 2.68 -6.32 -11.62
CA SER B 194 2.57 -5.61 -10.35
C SER B 194 1.59 -4.45 -10.22
N THR B 195 1.48 -3.59 -11.24
CA THR B 195 0.60 -2.44 -11.13
C THR B 195 -0.88 -2.59 -11.51
N ARG B 196 -1.16 -3.00 -12.74
CA ARG B 196 -2.56 -3.12 -13.18
C ARG B 196 -3.38 -4.21 -12.50
N SER B 197 -4.69 -4.07 -12.54
CA SER B 197 -5.61 -5.01 -11.93
C SER B 197 -5.56 -6.37 -12.64
N LYS B 198 -5.93 -7.41 -11.91
CA LYS B 198 -5.93 -8.76 -12.47
C LYS B 198 -6.78 -8.81 -13.75
N ALA B 199 -7.94 -8.16 -13.71
CA ALA B 199 -8.82 -8.11 -14.87
C ALA B 199 -8.03 -7.58 -16.06
N GLN B 200 -7.39 -6.43 -15.87
CA GLN B 200 -6.60 -5.80 -16.91
C GLN B 200 -5.48 -6.74 -17.34
N ILE B 201 -4.98 -7.51 -16.37
CA ILE B 201 -3.93 -8.50 -16.61
C ILE B 201 -4.51 -9.68 -17.37
N ASN B 202 -5.81 -9.90 -17.17
CA ASN B 202 -6.52 -10.97 -17.84
C ASN B 202 -6.63 -10.62 -19.32
N ALA B 203 -7.02 -9.37 -19.60
CA ALA B 203 -7.17 -8.93 -20.98
C ALA B 203 -5.82 -8.89 -21.66
N THR B 204 -4.78 -8.57 -20.89
CA THR B 204 -3.44 -8.50 -21.45
C THR B 204 -2.99 -9.83 -22.01
N PHE B 205 -3.23 -10.90 -21.27
CA PHE B 205 -2.84 -12.22 -21.75
C PHE B 205 -3.69 -12.70 -22.94
N ASN B 206 -4.95 -12.25 -23.01
CA ASN B 206 -5.81 -12.63 -24.13
C ASN B 206 -5.15 -12.10 -25.41
N ARG B 207 -4.93 -10.79 -25.45
CA ARG B 207 -4.31 -10.14 -26.61
C ARG B 207 -2.97 -10.77 -26.94
N TYR B 208 -2.26 -11.23 -25.91
CA TYR B 208 -0.97 -11.88 -26.09
C TYR B 208 -1.17 -13.13 -26.96
N GLN B 209 -2.15 -13.96 -26.58
CA GLN B 209 -2.45 -15.18 -27.32
C GLN B 209 -3.02 -14.90 -28.71
N ASP B 210 -3.85 -13.87 -28.82
CA ASP B 210 -4.45 -13.52 -30.10
C ASP B 210 -3.40 -12.92 -31.05
N ASP B 211 -2.71 -11.89 -30.58
CA ASP B 211 -1.69 -11.21 -31.38
C ASP B 211 -0.46 -12.06 -31.68
N HIS B 212 -0.18 -13.04 -30.83
CA HIS B 212 1.00 -13.87 -31.02
C HIS B 212 0.71 -15.36 -30.81
N GLY B 213 -0.33 -15.85 -31.49
CA GLY B 213 -0.70 -17.26 -31.39
C GLY B 213 -0.51 -17.91 -30.03
N GLU B 214 0.66 -18.53 -29.83
CA GLU B 214 0.97 -19.22 -28.59
C GLU B 214 0.42 -18.52 -27.36
N GLU B 215 0.20 -19.29 -26.31
CA GLU B 215 -0.33 -18.75 -25.06
C GLU B 215 0.82 -18.45 -24.10
N ILE B 216 0.63 -17.45 -23.24
CA ILE B 216 1.64 -17.03 -22.28
C ILE B 216 2.44 -18.15 -21.60
N LEU B 217 1.76 -19.02 -20.85
CA LEU B 217 2.45 -20.11 -20.19
C LEU B 217 3.21 -20.96 -21.20
N LYS B 218 2.53 -21.37 -22.27
CA LYS B 218 3.18 -22.18 -23.31
C LYS B 218 4.51 -21.53 -23.67
N SER B 219 4.44 -20.24 -23.96
CA SER B 219 5.61 -19.45 -24.33
C SER B 219 6.74 -19.62 -23.31
N LEU B 220 6.38 -19.58 -22.03
CA LEU B 220 7.34 -19.72 -20.94
C LEU B 220 7.66 -21.18 -20.60
N GLU B 221 7.05 -22.12 -21.32
CA GLU B 221 7.28 -23.54 -21.07
C GLU B 221 8.51 -24.10 -21.79
N GLU B 222 9.12 -23.27 -22.63
CA GLU B 222 10.30 -23.68 -23.39
C GLU B 222 11.56 -23.32 -22.61
N GLY B 223 11.46 -22.24 -21.82
CA GLY B 223 12.58 -21.79 -21.03
C GLY B 223 13.21 -22.86 -20.16
N ASP B 224 14.36 -22.53 -19.57
CA ASP B 224 15.08 -23.45 -18.70
C ASP B 224 14.36 -23.67 -17.38
N ASP B 225 14.22 -24.94 -16.99
CA ASP B 225 13.54 -25.29 -15.75
C ASP B 225 14.41 -25.03 -14.52
N ASP B 226 15.71 -24.88 -14.74
CA ASP B 226 16.64 -24.62 -13.64
C ASP B 226 16.51 -23.16 -13.22
N ASP B 227 16.00 -22.32 -14.11
CA ASP B 227 15.82 -20.89 -13.84
C ASP B 227 14.72 -20.69 -12.81
N LYS B 228 15.11 -20.39 -11.57
CA LYS B 228 14.18 -20.18 -10.47
C LYS B 228 13.30 -18.94 -10.66
N PHE B 229 13.82 -17.92 -11.34
CA PHE B 229 13.03 -16.72 -11.56
C PHE B 229 11.88 -17.01 -12.50
N LEU B 230 12.19 -17.70 -13.60
CA LEU B 230 11.19 -18.05 -14.59
C LEU B 230 10.04 -18.76 -13.88
N ALA B 231 10.41 -19.67 -12.99
CA ALA B 231 9.45 -20.44 -12.21
C ALA B 231 8.56 -19.46 -11.45
N LEU B 232 9.18 -18.56 -10.70
CA LEU B 232 8.48 -17.56 -9.90
C LEU B 232 7.48 -16.80 -10.79
N LEU B 233 7.97 -16.28 -11.91
CA LEU B 233 7.12 -15.55 -12.84
C LEU B 233 5.89 -16.39 -13.19
N ARG B 234 6.12 -17.67 -13.51
CA ARG B 234 5.04 -18.58 -13.86
C ARG B 234 3.94 -18.60 -12.81
N SER B 235 4.31 -18.92 -11.57
CA SER B 235 3.34 -18.95 -10.48
C SER B 235 2.63 -17.61 -10.29
N THR B 236 3.33 -16.53 -10.58
CA THR B 236 2.75 -15.18 -10.44
C THR B 236 1.65 -15.01 -11.47
N ILE B 237 1.96 -15.33 -12.72
CA ILE B 237 0.98 -15.23 -13.79
C ILE B 237 -0.24 -16.10 -13.45
N GLN B 238 0.01 -17.31 -12.95
CA GLN B 238 -1.06 -18.23 -12.57
C GLN B 238 -1.91 -17.68 -11.41
N CYS B 239 -1.24 -17.31 -10.33
CA CYS B 239 -1.92 -16.79 -9.13
C CYS B 239 -2.77 -15.56 -9.40
N LEU B 240 -2.35 -14.75 -10.37
CA LEU B 240 -3.08 -13.53 -10.72
C LEU B 240 -4.19 -13.83 -11.72
N THR B 241 -3.96 -14.86 -12.55
CA THR B 241 -4.90 -15.28 -13.59
C THR B 241 -5.83 -16.41 -13.16
N ARG B 242 -5.27 -17.62 -13.06
CA ARG B 242 -6.04 -18.79 -12.63
C ARG B 242 -5.35 -19.45 -11.44
N PRO B 243 -5.51 -18.86 -10.23
CA PRO B 243 -4.94 -19.31 -8.96
C PRO B 243 -4.97 -20.82 -8.76
N GLU B 244 -6.18 -21.39 -8.78
CA GLU B 244 -6.38 -22.82 -8.56
C GLU B 244 -5.36 -23.72 -9.26
N LEU B 245 -4.86 -23.30 -10.42
CA LEU B 245 -3.88 -24.09 -11.15
C LEU B 245 -2.50 -24.06 -10.49
N TYR B 246 -2.16 -22.93 -9.88
CA TYR B 246 -0.89 -22.80 -9.19
C TYR B 246 -0.83 -23.76 -8.02
N PHE B 247 -1.83 -23.67 -7.15
CA PHE B 247 -1.89 -24.52 -5.95
C PHE B 247 -1.81 -26.02 -6.26
N VAL B 248 -2.50 -26.46 -7.30
CA VAL B 248 -2.48 -27.86 -7.67
C VAL B 248 -1.05 -28.39 -7.80
N ASP B 249 -0.23 -27.66 -8.56
CA ASP B 249 1.16 -28.05 -8.75
C ASP B 249 1.90 -28.17 -7.42
N VAL B 250 1.77 -27.14 -6.58
CA VAL B 250 2.43 -27.14 -5.29
C VAL B 250 1.86 -28.27 -4.44
N LEU B 251 0.58 -28.56 -4.61
CA LEU B 251 -0.07 -29.62 -3.86
C LEU B 251 0.46 -30.97 -4.34
N ARG B 252 1.06 -30.96 -5.53
CA ARG B 252 1.63 -32.18 -6.10
C ARG B 252 2.79 -32.68 -5.23
N SER B 253 3.87 -31.92 -5.19
CA SER B 253 5.02 -32.29 -4.39
C SER B 253 4.70 -32.24 -2.90
N ALA B 254 3.51 -31.78 -2.55
CA ALA B 254 3.11 -31.70 -1.15
C ALA B 254 2.76 -33.09 -0.64
N ILE B 255 1.68 -33.66 -1.17
CA ILE B 255 1.25 -34.98 -0.76
C ILE B 255 2.29 -36.06 -1.01
N ASN B 256 3.09 -35.90 -2.07
CA ASN B 256 4.11 -36.89 -2.37
C ASN B 256 5.13 -36.93 -1.24
N LYS B 257 5.00 -35.99 -0.31
CA LYS B 257 5.90 -35.89 0.85
C LYS B 257 7.26 -35.35 0.43
N THR B 258 7.60 -35.55 -0.85
CA THR B 258 8.88 -35.09 -1.39
C THR B 258 8.85 -33.63 -1.80
N GLY B 259 9.22 -32.75 -0.88
CA GLY B 259 9.23 -31.34 -1.20
C GLY B 259 10.29 -30.51 -0.48
N THR B 260 10.44 -29.28 -0.92
CA THR B 260 11.40 -28.36 -0.34
C THR B 260 10.63 -27.15 0.17
N ASP B 261 9.31 -27.31 0.25
CA ASP B 261 8.39 -26.27 0.72
C ASP B 261 7.43 -26.89 1.75
N GLU B 262 7.97 -27.28 2.90
CA GLU B 262 7.17 -27.89 3.95
C GLU B 262 6.12 -26.94 4.49
N GLY B 263 5.07 -27.50 5.08
CA GLY B 263 4.00 -26.68 5.62
C GLY B 263 3.01 -26.31 4.53
N ALA B 264 3.40 -26.54 3.29
CA ALA B 264 2.57 -26.23 2.13
C ALA B 264 1.15 -26.81 2.17
N LEU B 265 0.94 -27.93 2.85
CA LEU B 265 -0.39 -28.52 2.93
C LEU B 265 -1.29 -27.79 3.93
N THR B 266 -0.80 -27.58 5.15
CA THR B 266 -1.57 -26.87 6.17
C THR B 266 -1.82 -25.42 5.72
N ARG B 267 -0.84 -24.85 5.03
CA ARG B 267 -0.92 -23.47 4.54
C ARG B 267 -2.06 -23.30 3.54
N ILE B 268 -2.09 -24.16 2.52
CA ILE B 268 -3.12 -24.07 1.49
C ILE B 268 -4.50 -24.42 2.02
N VAL B 269 -4.57 -25.45 2.85
CA VAL B 269 -5.86 -25.84 3.40
C VAL B 269 -6.46 -24.75 4.28
N THR B 270 -5.70 -24.26 5.25
CA THR B 270 -6.20 -23.24 6.17
C THR B 270 -6.43 -21.85 5.57
N THR B 271 -5.61 -21.44 4.61
CA THR B 271 -5.78 -20.12 4.02
C THR B 271 -6.86 -20.04 2.95
N ARG B 272 -7.17 -21.15 2.30
CA ARG B 272 -8.17 -21.13 1.23
C ARG B 272 -9.52 -21.77 1.57
N ALA B 273 -9.58 -22.56 2.64
CA ALA B 273 -10.82 -23.22 3.01
C ALA B 273 -11.99 -22.25 3.15
N GLU B 274 -11.69 -20.99 3.46
CA GLU B 274 -12.73 -19.99 3.63
C GLU B 274 -12.88 -19.15 2.37
N ILE B 275 -12.05 -19.45 1.37
CA ILE B 275 -12.07 -18.73 0.11
C ILE B 275 -12.47 -19.58 -1.09
N ASP B 276 -11.55 -20.38 -1.60
CA ASP B 276 -11.83 -21.19 -2.79
C ASP B 276 -11.18 -22.57 -2.81
N LEU B 277 -11.00 -23.18 -1.65
CA LEU B 277 -10.36 -24.48 -1.60
C LEU B 277 -11.16 -25.51 -2.42
N LYS B 278 -12.46 -25.31 -2.53
CA LYS B 278 -13.30 -26.23 -3.28
C LYS B 278 -12.77 -26.42 -4.70
N VAL B 279 -12.60 -25.33 -5.43
CA VAL B 279 -12.09 -25.42 -6.79
C VAL B 279 -10.72 -26.10 -6.83
N ILE B 280 -9.85 -25.78 -5.88
CA ILE B 280 -8.53 -26.41 -5.85
C ILE B 280 -8.70 -27.94 -5.74
N GLY B 281 -9.65 -28.37 -4.93
CA GLY B 281 -9.91 -29.79 -4.76
C GLY B 281 -10.41 -30.39 -6.05
N GLU B 282 -11.30 -29.67 -6.73
CA GLU B 282 -11.85 -30.12 -8.00
C GLU B 282 -10.75 -30.30 -9.04
N GLU B 283 -9.85 -29.34 -9.14
CA GLU B 283 -8.75 -29.44 -10.09
C GLU B 283 -7.80 -30.54 -9.67
N TYR B 284 -7.54 -30.63 -8.37
CA TYR B 284 -6.65 -31.66 -7.86
C TYR B 284 -7.16 -33.04 -8.26
N GLN B 285 -8.48 -33.20 -8.27
CA GLN B 285 -9.09 -34.47 -8.63
C GLN B 285 -9.06 -34.73 -10.13
N ARG B 286 -9.28 -33.68 -10.91
CA ARG B 286 -9.26 -33.82 -12.36
C ARG B 286 -7.84 -34.06 -12.81
N ARG B 287 -6.89 -33.79 -11.92
CA ARG B 287 -5.48 -33.93 -12.22
C ARG B 287 -4.85 -35.16 -11.57
N ASN B 288 -5.58 -35.81 -10.67
CA ASN B 288 -5.06 -37.00 -9.97
C ASN B 288 -6.06 -38.13 -9.82
N SER B 289 -7.29 -37.91 -10.29
CA SER B 289 -8.34 -38.91 -10.23
C SER B 289 -8.77 -39.21 -8.79
N ILE B 290 -7.85 -39.07 -7.85
CA ILE B 290 -8.14 -39.34 -6.44
C ILE B 290 -8.34 -38.04 -5.66
N PRO B 291 -9.54 -37.84 -5.08
CA PRO B 291 -9.91 -36.66 -4.29
C PRO B 291 -8.80 -36.21 -3.34
N LEU B 292 -8.66 -34.89 -3.18
CA LEU B 292 -7.62 -34.36 -2.30
C LEU B 292 -7.81 -34.86 -0.86
N GLU B 293 -9.05 -34.88 -0.39
CA GLU B 293 -9.31 -35.36 0.96
C GLU B 293 -8.96 -36.84 1.04
N LYS B 294 -9.44 -37.63 0.08
CA LYS B 294 -9.14 -39.06 0.06
C LYS B 294 -7.79 -39.34 -0.58
N ALA B 295 -6.89 -38.36 -0.52
CA ALA B 295 -5.56 -38.49 -1.08
C ALA B 295 -4.51 -38.31 0.01
N ILE B 296 -4.83 -37.46 0.99
CA ILE B 296 -3.94 -37.20 2.10
C ILE B 296 -4.19 -38.23 3.19
N THR B 297 -5.47 -38.53 3.39
CA THR B 297 -5.91 -39.49 4.40
C THR B 297 -5.45 -40.91 4.06
N LYS B 298 -4.71 -41.03 2.96
CA LYS B 298 -4.19 -42.30 2.48
C LYS B 298 -3.34 -43.07 3.49
N ASP B 299 -2.17 -42.54 3.81
CA ASP B 299 -1.26 -43.19 4.76
C ASP B 299 -1.74 -43.11 6.21
N THR B 300 -1.52 -41.95 6.84
CA THR B 300 -1.93 -41.75 8.21
C THR B 300 -3.21 -40.92 8.30
N ARG B 301 -4.00 -41.17 9.33
CA ARG B 301 -5.24 -40.43 9.52
C ARG B 301 -5.38 -40.00 10.97
N GLY B 302 -4.32 -39.41 11.51
CA GLY B 302 -4.32 -38.92 12.89
C GLY B 302 -5.03 -37.58 12.98
N ASP B 303 -5.15 -37.05 14.19
CA ASP B 303 -5.82 -35.78 14.40
C ASP B 303 -5.47 -34.68 13.38
N TYR B 304 -4.19 -34.54 13.07
CA TYR B 304 -3.77 -33.53 12.09
C TYR B 304 -4.55 -33.64 10.78
N GLU B 305 -4.57 -34.83 10.19
CA GLU B 305 -5.30 -35.04 8.94
C GLU B 305 -6.80 -34.95 9.18
N LYS B 306 -7.21 -35.17 10.43
CA LYS B 306 -8.63 -35.11 10.80
C LYS B 306 -9.17 -33.68 10.73
N MET B 307 -8.35 -32.72 11.15
CA MET B 307 -8.74 -31.31 11.11
C MET B 307 -8.73 -30.84 9.66
N LEU B 308 -7.70 -31.22 8.91
CA LEU B 308 -7.60 -30.83 7.52
C LEU B 308 -8.81 -31.31 6.72
N VAL B 309 -9.09 -32.61 6.78
CA VAL B 309 -10.23 -33.14 6.05
C VAL B 309 -11.51 -32.45 6.51
N ALA B 310 -11.53 -32.05 7.78
CA ALA B 310 -12.69 -31.36 8.32
C ALA B 310 -12.76 -29.95 7.71
N LEU B 311 -11.60 -29.38 7.42
CA LEU B 311 -11.53 -28.04 6.82
C LEU B 311 -12.03 -28.12 5.38
N LEU B 312 -11.76 -29.25 4.72
CA LEU B 312 -12.21 -29.45 3.35
C LEU B 312 -13.68 -29.88 3.35
N GLY B 313 -14.27 -29.95 4.54
CA GLY B 313 -15.66 -30.35 4.64
C GLY B 313 -15.86 -31.83 4.31
N GLU B 314 -14.79 -32.60 4.51
CA GLU B 314 -14.80 -34.03 4.24
C GLU B 314 -14.32 -34.77 5.49
N ASP B 315 -15.03 -34.56 6.60
CA ASP B 315 -14.70 -35.19 7.88
C ASP B 315 -14.37 -36.68 7.78
N ASP B 316 -15.35 -37.49 7.37
CA ASP B 316 -15.17 -38.93 7.26
C ASP B 316 -14.37 -39.37 6.04
N ALA B 317 -13.59 -38.46 5.46
CA ALA B 317 -12.79 -38.79 4.29
C ALA B 317 -11.54 -39.55 4.70
N SER A 1 0.55 21.85 15.34
CA SER A 1 1.24 22.51 14.20
C SER A 1 0.22 23.05 13.19
N ALA A 2 -1.06 22.95 13.52
CA ALA A 2 -2.11 23.44 12.64
C ALA A 2 -2.28 24.94 12.84
N THR A 3 -2.55 25.67 11.77
CA THR A 3 -2.76 27.12 11.87
C THR A 3 -4.24 27.45 11.81
N LEU A 4 -4.99 26.61 11.09
CA LEU A 4 -6.42 26.77 10.93
C LEU A 4 -7.11 27.10 12.25
N LYS A 5 -7.94 28.13 12.25
CA LYS A 5 -8.68 28.51 13.45
C LYS A 5 -10.16 28.17 13.30
N VAL A 6 -10.60 27.16 14.03
CA VAL A 6 -11.97 26.70 13.98
C VAL A 6 -12.86 27.54 14.88
N SER A 7 -14.11 27.71 14.49
CA SER A 7 -15.05 28.50 15.27
C SER A 7 -15.68 27.73 16.43
N ASP A 8 -15.95 28.45 17.51
CA ASP A 8 -16.56 27.86 18.68
C ASP A 8 -18.07 27.92 18.54
N SER A 9 -18.53 28.84 17.70
CA SER A 9 -19.96 29.03 17.47
C SER A 9 -20.35 28.55 16.06
N VAL A 10 -19.76 27.44 15.64
CA VAL A 10 -20.05 26.88 14.33
C VAL A 10 -21.54 26.61 14.16
N PRO A 11 -22.13 27.13 13.07
CA PRO A 11 -23.56 26.91 12.82
C PRO A 11 -23.80 25.54 12.20
N ALA A 12 -24.95 24.94 12.53
CA ALA A 12 -25.30 23.62 12.00
C ALA A 12 -25.03 23.58 10.50
N PRO A 13 -24.61 22.40 10.01
CA PRO A 13 -24.31 22.25 8.57
C PRO A 13 -25.47 22.69 7.70
N SER A 14 -26.68 22.41 8.16
CA SER A 14 -27.89 22.75 7.44
C SER A 14 -27.90 24.22 7.01
N ASP A 15 -27.41 25.08 7.89
CA ASP A 15 -27.37 26.51 7.62
C ASP A 15 -26.01 26.96 7.09
N ASP A 16 -25.03 26.07 7.11
CA ASP A 16 -23.72 26.39 6.57
C ASP A 16 -23.95 26.44 5.06
N ALA A 17 -24.54 25.37 4.54
CA ALA A 17 -24.84 25.25 3.11
C ALA A 17 -25.65 26.43 2.58
N GLU A 18 -26.73 26.76 3.29
CA GLU A 18 -27.57 27.88 2.89
C GLU A 18 -26.75 29.15 2.79
N GLN A 19 -25.93 29.42 3.80
CA GLN A 19 -25.07 30.60 3.79
C GLN A 19 -24.25 30.64 2.50
N LEU A 20 -23.75 29.49 2.07
CA LEU A 20 -22.95 29.42 0.85
C LEU A 20 -23.78 29.54 -0.41
N ARG A 21 -24.82 28.71 -0.54
CA ARG A 21 -25.69 28.72 -1.71
C ARG A 21 -25.90 30.14 -2.20
N THR A 22 -26.30 31.03 -1.29
CA THR A 22 -26.53 32.43 -1.64
C THR A 22 -25.26 33.02 -2.21
N ALA A 23 -24.21 33.02 -1.42
CA ALA A 23 -22.91 33.55 -1.85
C ALA A 23 -22.20 32.51 -2.71
N PHE A 24 -22.50 32.47 -3.99
CA PHE A 24 -21.87 31.51 -4.89
C PHE A 24 -22.28 31.73 -6.35
N GLU A 25 -22.80 32.92 -6.65
CA GLU A 25 -23.22 33.25 -8.01
C GLU A 25 -23.08 34.73 -8.29
N GLU A 31 -21.86 37.21 -0.79
CA GLU A 31 -21.11 36.84 -1.98
C GLU A 31 -19.64 36.63 -1.63
N ASP A 32 -19.32 36.83 -0.36
CA ASP A 32 -17.95 36.68 0.11
C ASP A 32 -17.95 35.96 1.46
N LEU A 33 -18.98 35.15 1.69
CA LEU A 33 -19.11 34.41 2.94
C LEU A 33 -18.39 33.06 2.84
N ILE A 34 -17.77 32.82 1.69
CA ILE A 34 -17.04 31.59 1.44
C ILE A 34 -15.71 31.55 2.19
N ILE A 35 -15.04 32.70 2.26
CA ILE A 35 -13.76 32.83 2.93
C ILE A 35 -13.96 32.92 4.44
N SER A 36 -15.21 33.06 4.86
CA SER A 36 -15.52 33.17 6.27
C SER A 36 -15.97 31.86 6.90
N ILE A 37 -16.72 31.06 6.14
CA ILE A 37 -17.22 29.78 6.64
C ILE A 37 -16.21 28.63 6.54
N LEU A 38 -15.97 28.13 5.34
CA LEU A 38 -15.06 27.00 5.14
C LEU A 38 -13.66 27.15 5.71
N ALA A 39 -13.25 28.39 5.94
CA ALA A 39 -11.93 28.66 6.49
C ALA A 39 -11.95 28.42 7.99
N HIS A 40 -13.16 28.29 8.54
CA HIS A 40 -13.32 28.08 9.97
C HIS A 40 -14.20 26.88 10.29
N ARG A 41 -14.12 25.86 9.42
CA ARG A 41 -14.89 24.64 9.61
C ARG A 41 -13.93 23.47 9.47
N SER A 42 -13.74 22.71 10.55
CA SER A 42 -12.85 21.55 10.52
C SER A 42 -13.18 20.63 9.35
N ALA A 43 -12.31 19.66 9.10
CA ALA A 43 -12.51 18.72 8.00
C ALA A 43 -13.89 18.05 8.06
N GLU A 44 -14.23 17.46 9.21
CA GLU A 44 -15.51 16.80 9.35
C GLU A 44 -16.68 17.75 9.04
N GLN A 45 -16.65 18.94 9.60
CA GLN A 45 -17.69 19.94 9.37
C GLN A 45 -17.80 20.25 7.87
N ARG A 46 -16.66 20.28 7.17
CA ARG A 46 -16.67 20.54 5.74
C ARG A 46 -17.29 19.33 5.03
N LYS A 47 -17.14 18.15 5.64
CA LYS A 47 -17.70 16.93 5.08
C LYS A 47 -19.23 16.93 5.16
N VAL A 48 -19.77 17.25 6.33
CA VAL A 48 -21.22 17.29 6.53
C VAL A 48 -21.87 18.44 5.79
N ILE A 49 -21.24 19.61 5.84
CA ILE A 49 -21.77 20.77 5.14
C ILE A 49 -22.06 20.41 3.68
N ARG A 50 -21.07 19.83 3.00
CA ARG A 50 -21.24 19.44 1.61
C ARG A 50 -22.39 18.47 1.51
N GLN A 51 -22.35 17.46 2.38
CA GLN A 51 -23.37 16.43 2.43
C GLN A 51 -24.76 17.05 2.51
N ALA A 52 -24.93 18.03 3.40
CA ALA A 52 -26.23 18.68 3.54
C ALA A 52 -26.54 19.40 2.25
N TYR A 53 -25.58 20.18 1.77
CA TYR A 53 -25.75 20.93 0.53
C TYR A 53 -26.29 20.04 -0.57
N HIS A 54 -25.62 18.91 -0.78
CA HIS A 54 -26.03 17.98 -1.83
C HIS A 54 -27.44 17.43 -1.63
N GLU A 55 -27.92 17.43 -0.38
CA GLU A 55 -29.26 16.95 -0.08
C GLU A 55 -30.33 17.95 -0.50
N THR A 56 -30.09 19.23 -0.23
CA THR A 56 -31.02 20.28 -0.56
C THR A 56 -31.00 20.74 -2.02
N TYR A 57 -29.85 20.65 -2.67
CA TYR A 57 -29.77 21.11 -4.05
C TYR A 57 -29.52 20.01 -5.08
N GLY A 58 -29.38 18.77 -4.63
CA GLY A 58 -29.16 17.66 -5.54
C GLY A 58 -27.88 17.74 -6.38
N GLU A 59 -26.87 18.41 -5.85
CA GLU A 59 -25.59 18.60 -6.53
C GLU A 59 -24.48 18.86 -5.49
N ASP A 60 -23.24 18.58 -5.84
CA ASP A 60 -22.13 18.82 -4.92
C ASP A 60 -21.80 20.30 -4.78
N LEU A 61 -21.51 20.73 -3.56
CA LEU A 61 -21.19 22.12 -3.26
C LEU A 61 -20.09 22.67 -4.16
N LEU A 62 -19.10 21.82 -4.43
CA LEU A 62 -17.94 22.19 -5.24
C LEU A 62 -18.13 21.90 -6.72
N LYS A 63 -19.37 21.76 -7.14
CA LYS A 63 -19.69 21.49 -8.53
C LYS A 63 -19.02 22.48 -9.48
N THR A 64 -19.33 23.75 -9.31
CA THR A 64 -18.77 24.80 -10.18
C THR A 64 -17.26 25.03 -10.03
N LEU A 65 -16.64 24.41 -9.03
CA LEU A 65 -15.22 24.60 -8.78
C LEU A 65 -14.31 23.55 -9.41
N ASP A 66 -14.81 22.34 -9.61
CA ASP A 66 -13.98 21.29 -10.20
C ASP A 66 -14.03 21.33 -11.73
N LYS A 67 -13.89 22.53 -12.29
CA LYS A 67 -13.90 22.71 -13.74
C LYS A 67 -12.49 22.54 -14.29
N GLU A 68 -12.35 22.57 -15.62
CA GLU A 68 -11.04 22.40 -16.24
C GLU A 68 -10.06 23.52 -15.90
N LEU A 69 -10.48 24.76 -16.12
CA LEU A 69 -9.64 25.91 -15.82
C LEU A 69 -10.30 26.69 -14.69
N SER A 70 -9.49 27.32 -13.84
CA SER A 70 -10.03 28.08 -12.73
C SER A 70 -9.04 29.05 -12.09
N ASN A 71 -9.56 30.12 -11.49
CA ASN A 71 -8.73 31.12 -10.85
C ASN A 71 -8.16 30.66 -9.51
N ASP A 72 -7.31 31.49 -8.91
CA ASP A 72 -6.69 31.17 -7.64
C ASP A 72 -7.73 30.80 -6.58
N PHE A 73 -8.67 31.70 -6.32
CA PHE A 73 -9.69 31.47 -5.31
C PHE A 73 -10.46 30.15 -5.57
N GLU A 74 -10.94 29.98 -6.80
CA GLU A 74 -11.67 28.75 -7.16
C GLU A 74 -10.89 27.52 -6.70
N ARG A 75 -9.65 27.43 -7.16
CA ARG A 75 -8.76 26.34 -6.84
C ARG A 75 -8.52 26.34 -5.32
N ALA A 76 -8.19 27.50 -4.79
CA ALA A 76 -7.94 27.67 -3.38
C ALA A 76 -9.06 27.00 -2.59
N ILE A 77 -10.29 27.50 -2.73
CA ILE A 77 -11.41 26.92 -2.00
C ILE A 77 -11.49 25.46 -2.38
N LEU A 78 -11.15 25.19 -3.65
CA LEU A 78 -11.19 23.82 -4.14
C LEU A 78 -10.28 22.90 -3.35
N LEU A 79 -9.01 22.80 -3.77
CA LEU A 79 -8.04 21.92 -3.12
C LEU A 79 -8.28 21.83 -1.62
N TRP A 80 -9.02 22.81 -1.11
CA TRP A 80 -9.40 22.92 0.30
C TRP A 80 -10.54 21.98 0.73
N THR A 81 -11.77 22.49 0.65
CA THR A 81 -12.97 21.76 1.07
C THR A 81 -13.05 20.29 0.68
N LEU A 82 -12.28 19.87 -0.33
CA LEU A 82 -12.30 18.46 -0.68
C LEU A 82 -11.68 17.77 0.53
N GLU A 83 -11.86 16.44 0.63
CA GLU A 83 -11.28 15.71 1.73
C GLU A 83 -9.85 15.33 1.36
N PRO A 84 -9.00 15.06 2.36
CA PRO A 84 -7.60 14.68 2.16
C PRO A 84 -7.34 13.66 1.05
N GLY A 85 -7.86 12.45 1.25
CA GLY A 85 -7.68 11.39 0.28
C GLY A 85 -7.95 11.81 -1.16
N GLU A 86 -9.16 12.30 -1.44
CA GLU A 86 -9.50 12.71 -2.79
C GLU A 86 -8.71 13.94 -3.22
N ARG A 87 -8.45 14.84 -2.27
CA ARG A 87 -7.68 16.04 -2.55
C ARG A 87 -6.25 15.69 -2.97
N ASP A 88 -5.69 14.66 -2.34
CA ASP A 88 -4.36 14.23 -2.70
C ASP A 88 -4.42 13.41 -3.97
N ALA A 89 -5.55 12.74 -4.19
CA ALA A 89 -5.72 11.95 -5.40
C ALA A 89 -5.76 12.90 -6.60
N LEU A 90 -6.43 14.03 -6.44
CA LEU A 90 -6.51 15.02 -7.53
C LEU A 90 -5.12 15.57 -7.85
N LEU A 91 -4.38 15.91 -6.81
CA LEU A 91 -3.03 16.45 -6.96
C LEU A 91 -2.11 15.36 -7.53
N ALA A 92 -2.20 14.16 -6.97
CA ALA A 92 -1.39 13.05 -7.43
C ALA A 92 -1.74 12.75 -8.90
N ASN A 93 -3.03 12.78 -9.22
CA ASN A 93 -3.46 12.53 -10.58
C ASN A 93 -2.99 13.61 -11.54
N GLU A 94 -3.09 14.87 -11.14
CA GLU A 94 -2.64 15.98 -12.00
C GLU A 94 -1.12 15.92 -12.12
N ALA A 95 -0.46 15.43 -11.08
CA ALA A 95 1.00 15.33 -11.10
C ALA A 95 1.46 14.25 -12.07
N THR A 96 0.61 13.23 -12.28
CA THR A 96 0.93 12.14 -13.18
C THR A 96 0.69 12.47 -14.66
N LYS A 97 -0.26 13.35 -14.96
CA LYS A 97 -0.56 13.70 -16.34
C LYS A 97 0.46 14.69 -16.91
N ARG A 98 0.74 15.74 -16.15
CA ARG A 98 1.69 16.75 -16.60
C ARG A 98 3.03 16.51 -15.90
N TRP A 99 3.56 15.30 -16.08
CA TRP A 99 4.82 14.95 -15.43
C TRP A 99 6.08 15.31 -16.19
N THR A 100 7.11 15.65 -15.44
CA THR A 100 8.44 15.97 -15.95
C THR A 100 9.36 15.68 -14.79
N SER A 101 10.66 15.55 -15.06
CA SER A 101 11.64 15.28 -14.01
C SER A 101 11.80 16.43 -13.00
N SER A 102 10.74 17.19 -12.79
CA SER A 102 10.75 18.32 -11.85
C SER A 102 9.64 18.18 -10.81
N ASN A 103 8.63 17.38 -11.13
CA ASN A 103 7.51 17.17 -10.22
C ASN A 103 7.91 16.51 -8.90
N GLN A 104 7.50 17.15 -7.80
CA GLN A 104 7.79 16.65 -6.47
C GLN A 104 6.50 16.34 -5.70
N VAL A 105 5.36 16.52 -6.35
CA VAL A 105 4.09 16.26 -5.68
C VAL A 105 3.92 14.78 -5.31
N LEU A 106 4.32 13.87 -6.20
CA LEU A 106 4.20 12.44 -5.89
C LEU A 106 5.01 12.09 -4.65
N MET A 107 6.30 12.41 -4.65
CA MET A 107 7.14 12.15 -3.49
C MET A 107 6.59 12.90 -2.30
N GLU A 108 6.18 14.15 -2.52
CA GLU A 108 5.64 14.99 -1.46
C GLU A 108 4.41 14.32 -0.83
N VAL A 109 3.51 13.83 -1.67
CA VAL A 109 2.30 13.16 -1.21
C VAL A 109 2.62 11.95 -0.32
N ALA A 110 3.28 10.95 -0.89
CA ALA A 110 3.64 9.73 -0.15
C ALA A 110 4.83 9.88 0.80
N CYS A 111 5.08 11.09 1.28
CA CYS A 111 6.20 11.32 2.18
C CYS A 111 5.98 12.41 3.22
N THR A 112 5.04 13.31 2.97
CA THR A 112 4.76 14.41 3.89
C THR A 112 3.46 14.21 4.66
N ARG A 113 2.80 13.08 4.43
CA ARG A 113 1.57 12.74 5.14
C ARG A 113 1.76 11.34 5.73
N THR A 114 0.79 10.83 6.47
CA THR A 114 0.91 9.50 7.05
C THR A 114 0.50 8.42 6.05
N SER A 115 1.18 7.27 6.11
CA SER A 115 0.88 6.15 5.22
C SER A 115 -0.64 6.00 5.10
N THR A 116 -1.33 6.11 6.24
CA THR A 116 -2.78 6.01 6.30
C THR A 116 -3.40 7.08 5.39
N GLN A 117 -2.94 8.31 5.53
CA GLN A 117 -3.46 9.39 4.70
C GLN A 117 -3.14 9.03 3.26
N LEU A 118 -1.94 8.46 3.05
CA LEU A 118 -1.54 8.04 1.72
C LEU A 118 -2.51 6.94 1.21
N LEU A 119 -2.52 5.78 1.86
CA LEU A 119 -3.42 4.68 1.48
C LEU A 119 -4.77 5.24 1.07
N HIS A 120 -5.27 6.19 1.87
CA HIS A 120 -6.56 6.83 1.59
C HIS A 120 -6.48 7.57 0.26
N ALA A 121 -5.41 8.33 0.09
CA ALA A 121 -5.25 9.08 -1.14
C ALA A 121 -5.37 8.12 -2.32
N ARG A 122 -4.76 6.95 -2.20
CA ARG A 122 -4.81 5.94 -3.26
C ARG A 122 -6.23 5.37 -3.42
N GLN A 123 -6.86 4.95 -2.32
CA GLN A 123 -8.22 4.40 -2.43
C GLN A 123 -9.03 5.32 -3.34
N ALA A 124 -9.10 6.60 -2.95
CA ALA A 124 -9.82 7.62 -3.70
C ALA A 124 -9.37 7.62 -5.17
N TYR A 125 -8.09 7.36 -5.39
CA TYR A 125 -7.55 7.33 -6.75
C TYR A 125 -8.22 6.24 -7.58
N HIS A 126 -8.62 5.16 -6.92
CA HIS A 126 -9.29 4.05 -7.62
C HIS A 126 -10.66 4.49 -8.08
N ALA A 127 -11.41 5.08 -7.15
CA ALA A 127 -12.77 5.54 -7.40
C ALA A 127 -12.90 6.56 -8.51
N ARG A 128 -12.13 7.64 -8.39
CA ARG A 128 -12.18 8.73 -9.34
C ARG A 128 -11.40 8.47 -10.62
N TYR A 129 -10.76 7.31 -10.74
CA TYR A 129 -9.95 7.03 -11.93
C TYR A 129 -10.01 5.60 -12.45
N LYS A 130 -10.58 4.69 -11.66
CA LYS A 130 -10.70 3.28 -12.06
C LYS A 130 -9.33 2.65 -12.25
N LYS A 131 -8.29 3.43 -11.97
CA LYS A 131 -6.91 2.98 -12.10
C LYS A 131 -6.29 3.03 -10.71
N SER A 132 -5.11 2.43 -10.56
CA SER A 132 -4.43 2.46 -9.29
C SER A 132 -3.39 3.58 -9.37
N LEU A 133 -2.88 4.01 -8.22
CA LEU A 133 -1.91 5.08 -8.21
C LEU A 133 -0.53 4.72 -8.79
N GLU A 134 0.09 3.63 -8.32
CA GLU A 134 1.40 3.23 -8.82
C GLU A 134 1.36 2.77 -10.28
N GLU A 135 0.28 2.13 -10.68
CA GLU A 135 0.19 1.65 -12.05
C GLU A 135 0.29 2.83 -13.01
N ASP A 136 -0.16 4.00 -12.56
CA ASP A 136 -0.10 5.20 -13.39
C ASP A 136 1.29 5.84 -13.44
N VAL A 137 1.84 6.19 -12.29
CA VAL A 137 3.16 6.81 -12.26
C VAL A 137 4.18 6.03 -13.09
N ALA A 138 4.34 4.74 -12.78
CA ALA A 138 5.30 3.90 -13.48
C ALA A 138 5.02 3.87 -14.99
N HIS A 139 3.77 4.16 -15.36
CA HIS A 139 3.36 4.17 -16.75
C HIS A 139 3.60 5.54 -17.41
N HIS A 140 3.66 6.59 -16.60
CA HIS A 140 3.88 7.93 -17.13
C HIS A 140 5.16 8.63 -16.67
N THR A 141 6.08 7.87 -16.07
CA THR A 141 7.36 8.44 -15.63
C THR A 141 8.46 7.47 -16.06
N THR A 142 9.70 7.96 -16.16
CA THR A 142 10.80 7.10 -16.59
C THR A 142 12.12 7.36 -15.87
N GLY A 143 13.11 6.53 -16.21
CA GLY A 143 14.43 6.65 -15.64
C GLY A 143 14.50 6.39 -14.14
N ASP A 144 15.45 7.06 -13.49
CA ASP A 144 15.66 6.92 -12.07
C ASP A 144 14.48 7.45 -11.28
N PHE A 145 13.88 8.53 -11.78
CA PHE A 145 12.73 9.14 -11.12
C PHE A 145 11.68 8.06 -10.91
N ARG A 146 11.47 7.23 -11.92
CA ARG A 146 10.49 6.15 -11.85
C ARG A 146 10.98 5.04 -10.93
N LYS A 147 12.27 4.73 -10.97
CA LYS A 147 12.80 3.69 -10.12
C LYS A 147 12.78 4.12 -8.65
N LEU A 148 12.26 5.32 -8.39
CA LEU A 148 12.16 5.83 -7.03
C LEU A 148 10.75 6.30 -6.67
N LEU A 149 10.14 7.13 -7.52
CA LEU A 149 8.81 7.62 -7.20
C LEU A 149 7.80 6.49 -6.97
N VAL A 150 8.02 5.34 -7.61
CA VAL A 150 7.13 4.20 -7.45
C VAL A 150 7.38 3.52 -6.10
N SER A 151 8.66 3.36 -5.75
CA SER A 151 9.02 2.74 -4.50
C SER A 151 8.37 3.42 -3.30
N LEU A 152 8.20 4.73 -3.39
CA LEU A 152 7.61 5.51 -2.31
C LEU A 152 6.10 5.34 -2.09
N VAL A 153 5.29 5.65 -3.11
CA VAL A 153 3.84 5.53 -2.96
C VAL A 153 3.38 4.11 -2.67
N THR A 154 4.21 3.11 -2.97
CA THR A 154 3.80 1.74 -2.70
C THR A 154 3.81 1.34 -1.22
N SER A 155 4.74 1.91 -0.45
CA SER A 155 4.82 1.55 0.96
C SER A 155 3.70 2.19 1.76
N TYR A 156 3.36 1.52 2.85
CA TYR A 156 2.32 1.94 3.80
C TYR A 156 3.13 2.26 5.04
N ARG A 157 4.41 2.51 4.78
CA ARG A 157 5.45 2.83 5.76
C ARG A 157 5.18 2.57 7.23
N TYR A 158 6.01 1.74 7.85
CA TYR A 158 5.89 1.42 9.28
C TYR A 158 6.02 2.74 10.05
N GLU A 159 5.27 2.88 11.14
CA GLU A 159 5.33 4.12 11.92
C GLU A 159 5.66 3.96 13.40
N GLY A 160 6.15 2.78 13.78
CA GLY A 160 6.51 2.56 15.18
C GLY A 160 7.76 3.35 15.55
N ASP A 161 8.22 3.20 16.79
CA ASP A 161 9.40 3.92 17.28
C ASP A 161 10.68 3.08 17.25
N GLU A 162 10.51 1.77 17.21
CA GLU A 162 11.64 0.85 17.19
C GLU A 162 12.83 1.39 16.39
N VAL A 163 14.03 1.11 16.87
CA VAL A 163 15.23 1.57 16.20
C VAL A 163 16.36 0.53 16.26
N ASN A 164 16.56 -0.17 15.15
CA ASN A 164 17.64 -1.16 15.09
C ASN A 164 18.93 -0.38 14.89
N MET A 165 19.49 0.15 15.97
CA MET A 165 20.71 0.96 15.89
C MET A 165 21.85 0.27 15.13
N THR A 166 21.86 -1.06 15.12
CA THR A 166 22.89 -1.80 14.43
C THR A 166 22.65 -1.72 12.92
N LEU A 167 21.39 -1.69 12.54
CA LEU A 167 21.02 -1.60 11.13
C LEU A 167 21.26 -0.16 10.65
N ALA A 168 21.00 0.79 11.55
CA ALA A 168 21.19 2.21 11.24
C ALA A 168 22.63 2.48 10.86
N LYS A 169 23.56 1.92 11.63
CA LYS A 169 24.98 2.13 11.37
C LYS A 169 25.43 1.50 10.07
N GLN A 170 24.98 0.27 9.82
CA GLN A 170 25.33 -0.47 8.62
C GLN A 170 24.82 0.18 7.33
N GLU A 171 23.55 0.56 7.32
CA GLU A 171 23.00 1.17 6.13
C GLU A 171 23.46 2.63 6.01
N ALA A 172 23.79 3.25 7.13
CA ALA A 172 24.28 4.62 7.10
C ALA A 172 25.64 4.50 6.41
N LYS A 173 26.37 3.47 6.78
CA LYS A 173 27.67 3.21 6.20
C LYS A 173 27.48 3.06 4.69
N LEU A 174 26.57 2.16 4.31
CA LEU A 174 26.27 1.90 2.92
C LEU A 174 25.79 3.13 2.16
N VAL A 175 24.85 3.87 2.73
CA VAL A 175 24.34 5.07 2.09
C VAL A 175 25.46 6.10 1.94
N HIS A 176 26.32 6.17 2.96
CA HIS A 176 27.43 7.12 2.96
C HIS A 176 28.44 6.85 1.85
N GLU A 177 28.81 5.59 1.68
CA GLU A 177 29.77 5.20 0.65
C GLU A 177 29.20 5.53 -0.73
N LYS A 178 27.91 5.31 -0.89
CA LYS A 178 27.25 5.57 -2.16
C LYS A 178 27.25 7.05 -2.51
N ILE A 179 26.95 7.90 -1.55
CA ILE A 179 26.93 9.34 -1.81
C ILE A 179 28.32 9.75 -2.28
N LYS A 180 29.34 9.07 -1.77
CA LYS A 180 30.72 9.35 -2.15
C LYS A 180 30.93 9.23 -3.66
N ASP A 181 30.66 8.05 -4.19
CA ASP A 181 30.83 7.80 -5.63
C ASP A 181 29.74 8.51 -6.42
N LYS A 182 28.84 9.17 -5.69
CA LYS A 182 27.74 9.90 -6.30
C LYS A 182 26.71 9.01 -7.00
N HIS A 183 26.48 7.83 -6.44
CA HIS A 183 25.48 6.92 -7.01
C HIS A 183 24.14 7.24 -6.34
N TYR A 184 23.65 8.44 -6.61
CA TYR A 184 22.38 8.89 -6.04
C TYR A 184 21.24 7.94 -6.36
N ASN A 185 21.32 7.31 -7.53
CA ASN A 185 20.28 6.37 -7.97
C ASN A 185 20.56 4.94 -7.52
N ASP A 186 21.41 4.77 -6.51
CA ASP A 186 21.73 3.44 -6.01
C ASP A 186 20.51 2.68 -5.51
N GLU A 187 20.45 1.41 -5.87
CA GLU A 187 19.35 0.53 -5.47
C GLU A 187 19.08 0.57 -3.98
N ASP A 188 20.12 0.36 -3.18
CA ASP A 188 19.97 0.38 -1.72
C ASP A 188 19.58 1.76 -1.20
N VAL A 189 20.03 2.80 -1.87
CA VAL A 189 19.69 4.16 -1.47
C VAL A 189 18.16 4.27 -1.53
N ILE A 190 17.61 4.02 -2.72
CA ILE A 190 16.17 4.09 -2.94
C ILE A 190 15.44 3.08 -2.07
N ARG A 191 16.04 1.91 -1.90
CA ARG A 191 15.44 0.88 -1.07
C ARG A 191 15.23 1.41 0.35
N ILE A 192 16.26 2.00 0.94
CA ILE A 192 16.17 2.51 2.30
C ILE A 192 15.20 3.66 2.54
N LEU A 193 15.27 4.70 1.72
CA LEU A 193 14.40 5.84 1.89
C LEU A 193 12.90 5.51 1.72
N SER A 194 12.62 4.52 0.88
CA SER A 194 11.23 4.14 0.62
C SER A 194 10.69 2.99 1.46
N THR A 195 11.55 2.29 2.19
CA THR A 195 11.05 1.16 2.98
C THR A 195 11.11 1.33 4.50
N ARG A 196 12.24 1.81 5.02
CA ARG A 196 12.41 2.02 6.46
C ARG A 196 11.33 3.00 6.94
N SER A 197 10.88 2.85 8.17
CA SER A 197 9.85 3.74 8.71
C SER A 197 10.36 5.18 8.71
N LYS A 198 9.59 6.08 9.32
CA LYS A 198 9.97 7.49 9.43
C LYS A 198 11.07 7.66 10.48
N ALA A 199 10.94 6.95 11.59
CA ALA A 199 11.93 7.02 12.68
C ALA A 199 13.25 6.39 12.25
N GLN A 200 13.18 5.13 11.81
CA GLN A 200 14.35 4.38 11.37
C GLN A 200 15.21 5.17 10.37
N ILE A 201 14.58 6.08 9.65
CA ILE A 201 15.30 6.90 8.68
C ILE A 201 15.99 8.06 9.41
N ASN A 202 15.53 8.32 10.62
CA ASN A 202 16.10 9.37 11.45
C ASN A 202 17.35 8.84 12.16
N ALA A 203 17.25 7.64 12.71
CA ALA A 203 18.38 7.05 13.42
C ALA A 203 19.50 6.75 12.45
N THR A 204 19.15 6.43 11.21
CA THR A 204 20.16 6.13 10.21
C THR A 204 20.96 7.39 9.94
N PHE A 205 20.26 8.51 9.81
CA PHE A 205 20.92 9.78 9.55
C PHE A 205 21.46 10.43 10.82
N ASN A 206 20.96 9.99 11.97
CA ASN A 206 21.48 10.50 13.24
C ASN A 206 22.84 9.83 13.40
N ARG A 207 22.91 8.55 13.05
CA ARG A 207 24.16 7.81 13.14
C ARG A 207 25.07 8.17 11.97
N TYR A 208 24.46 8.39 10.81
CA TYR A 208 25.21 8.75 9.62
C TYR A 208 26.02 10.00 9.90
N GLN A 209 25.40 10.94 10.60
CA GLN A 209 26.04 12.19 10.96
C GLN A 209 27.08 11.98 12.06
N ASP A 210 26.73 11.17 13.06
CA ASP A 210 27.64 10.92 14.16
C ASP A 210 28.89 10.19 13.65
N ASP A 211 28.69 9.24 12.74
CA ASP A 211 29.78 8.44 12.21
C ASP A 211 30.65 9.04 11.10
N HIS A 212 30.15 10.05 10.40
CA HIS A 212 30.91 10.63 9.29
C HIS A 212 31.14 12.14 9.32
N GLY A 213 30.76 12.79 10.41
CA GLY A 213 30.98 14.23 10.52
C GLY A 213 29.90 15.18 10.01
N GLU A 214 29.51 15.06 8.75
CA GLU A 214 28.49 15.96 8.20
C GLU A 214 27.17 15.26 7.91
N GLU A 215 26.10 16.05 7.91
CA GLU A 215 24.77 15.53 7.63
C GLU A 215 24.74 15.06 6.17
N ILE A 216 23.67 14.36 5.78
CA ILE A 216 23.55 13.88 4.41
C ILE A 216 23.21 15.02 3.43
N LEU A 217 22.24 15.85 3.79
CA LEU A 217 21.82 16.97 2.95
C LEU A 217 22.98 17.88 2.59
N LYS A 218 23.67 18.41 3.61
CA LYS A 218 24.82 19.26 3.38
C LYS A 218 25.84 18.50 2.54
N SER A 219 25.93 17.20 2.79
CA SER A 219 26.85 16.33 2.07
C SER A 219 26.44 16.20 0.60
N LEU A 220 25.15 16.40 0.34
CA LEU A 220 24.61 16.30 -1.02
C LEU A 220 24.63 17.64 -1.75
N GLU A 221 25.37 18.62 -1.21
CA GLU A 221 25.46 19.95 -1.83
C GLU A 221 26.55 20.04 -2.89
N GLU A 222 27.46 19.08 -2.89
CA GLU A 222 28.55 19.07 -3.85
C GLU A 222 28.14 18.53 -5.22
N GLY A 223 27.00 17.86 -5.28
CA GLY A 223 26.54 17.30 -6.54
C GLY A 223 26.08 18.35 -7.54
N ASP A 224 26.02 17.96 -8.81
CA ASP A 224 25.59 18.85 -9.89
C ASP A 224 24.22 19.46 -9.55
N ASP A 225 24.12 20.78 -9.71
CA ASP A 225 22.88 21.48 -9.42
C ASP A 225 21.81 21.29 -10.49
N ASP A 226 22.18 20.64 -11.60
CA ASP A 226 21.22 20.40 -12.68
C ASP A 226 20.71 18.97 -12.67
N ASP A 227 21.05 18.22 -11.63
CA ASP A 227 20.62 16.83 -11.49
C ASP A 227 19.26 16.81 -10.78
N LYS A 228 18.20 16.65 -11.56
CA LYS A 228 16.84 16.63 -11.04
C LYS A 228 16.61 15.51 -10.02
N PHE A 229 17.33 14.40 -10.16
CA PHE A 229 17.16 13.30 -9.21
C PHE A 229 17.61 13.66 -7.78
N LEU A 230 18.89 14.00 -7.62
CA LEU A 230 19.45 14.37 -6.31
C LEU A 230 18.47 15.29 -5.58
N ALA A 231 17.94 16.27 -6.31
CA ALA A 231 16.98 17.20 -5.73
C ALA A 231 15.87 16.36 -5.08
N LEU A 232 15.30 15.45 -5.85
CA LEU A 232 14.24 14.57 -5.38
C LEU A 232 14.75 13.77 -4.19
N LEU A 233 15.93 13.16 -4.34
CA LEU A 233 16.54 12.41 -3.24
C LEU A 233 16.53 13.35 -2.04
N ARG A 234 17.27 14.45 -2.15
CA ARG A 234 17.36 15.47 -1.10
C ARG A 234 16.01 15.72 -0.43
N SER A 235 15.10 16.27 -1.22
CA SER A 235 13.76 16.60 -0.75
C SER A 235 13.06 15.43 -0.06
N THR A 236 13.16 14.23 -0.65
CA THR A 236 12.52 13.05 -0.08
C THR A 236 12.96 12.91 1.37
N ILE A 237 14.27 12.70 1.55
CA ILE A 237 14.86 12.56 2.87
C ILE A 237 14.23 13.59 3.79
N GLN A 238 14.46 14.86 3.47
CA GLN A 238 13.91 15.96 4.25
C GLN A 238 12.45 15.74 4.66
N CYS A 239 11.60 15.48 3.68
CA CYS A 239 10.18 15.25 3.93
C CYS A 239 9.93 14.10 4.92
N LEU A 240 10.91 13.21 5.06
CA LEU A 240 10.81 12.08 5.96
C LEU A 240 11.55 12.34 7.27
N THR A 241 12.24 13.49 7.31
CA THR A 241 13.03 13.92 8.47
C THR A 241 12.55 15.31 8.93
N ARG A 242 12.82 16.33 8.12
CA ARG A 242 12.42 17.72 8.39
C ARG A 242 11.67 18.27 7.17
N PRO A 243 10.38 17.95 7.05
CA PRO A 243 9.51 18.38 5.94
C PRO A 243 9.46 19.90 5.76
N GLU A 244 9.42 20.63 6.87
CA GLU A 244 9.37 22.08 6.81
C GLU A 244 10.44 22.65 5.89
N LEU A 245 11.58 21.98 5.81
CA LEU A 245 12.68 22.44 4.94
C LEU A 245 12.32 22.36 3.45
N TYR A 246 11.63 21.29 3.04
CA TYR A 246 11.24 21.16 1.63
C TYR A 246 10.19 22.22 1.30
N PHE A 247 9.19 22.35 2.16
CA PHE A 247 8.13 23.33 1.93
C PHE A 247 8.63 24.77 1.87
N VAL A 248 9.62 25.10 2.70
CA VAL A 248 10.21 26.44 2.70
C VAL A 248 10.68 26.78 1.29
N ASP A 249 11.59 25.97 0.76
CA ASP A 249 12.13 26.18 -0.57
C ASP A 249 11.04 26.45 -1.61
N VAL A 250 10.17 25.47 -1.80
CA VAL A 250 9.07 25.56 -2.75
C VAL A 250 8.26 26.84 -2.53
N LEU A 251 7.85 27.10 -1.30
CA LEU A 251 7.08 28.32 -1.03
C LEU A 251 7.89 29.55 -1.42
N ARG A 252 9.19 29.52 -1.15
CA ARG A 252 10.07 30.64 -1.51
C ARG A 252 9.97 30.94 -3.00
N SER A 253 10.11 29.89 -3.81
CA SER A 253 10.03 30.03 -5.26
C SER A 253 8.63 30.31 -5.78
N ALA A 254 7.62 30.15 -4.93
CA ALA A 254 6.25 30.42 -5.36
C ALA A 254 5.90 31.89 -5.09
N ILE A 255 6.17 32.34 -3.87
CA ILE A 255 5.90 33.71 -3.47
C ILE A 255 6.85 34.67 -4.19
N ASN A 256 8.05 34.18 -4.53
CA ASN A 256 9.04 34.97 -5.24
C ASN A 256 9.02 34.59 -6.72
N LYS A 257 7.92 33.97 -7.14
CA LYS A 257 7.73 33.52 -8.53
C LYS A 257 9.01 33.04 -9.21
N THR A 258 9.75 32.17 -8.52
CA THR A 258 11.01 31.64 -9.03
C THR A 258 10.86 30.23 -9.61
N GLY A 259 10.10 29.39 -8.91
CA GLY A 259 9.91 28.02 -9.35
C GLY A 259 9.04 27.75 -10.56
N THR A 260 8.95 26.48 -10.93
CA THR A 260 8.15 26.05 -12.07
C THR A 260 7.10 25.05 -11.59
N ASP A 261 6.78 25.11 -10.30
CA ASP A 261 5.78 24.21 -9.72
C ASP A 261 4.43 24.91 -9.79
N GLU A 262 3.60 24.48 -10.74
CA GLU A 262 2.28 25.08 -10.90
C GLU A 262 1.42 24.86 -9.67
N GLY A 263 0.84 25.94 -9.17
CA GLY A 263 -0.01 25.86 -8.00
C GLY A 263 0.72 25.37 -6.77
N ALA A 264 2.05 25.45 -6.79
CA ALA A 264 2.84 25.01 -5.65
C ALA A 264 2.33 25.78 -4.43
N LEU A 265 2.43 27.10 -4.49
CA LEU A 265 1.96 27.90 -3.37
C LEU A 265 0.55 27.49 -2.94
N THR A 266 -0.16 26.76 -3.81
CA THR A 266 -1.51 26.30 -3.50
C THR A 266 -1.45 24.90 -2.85
N ARG A 267 -0.78 23.97 -3.51
CA ARG A 267 -0.66 22.63 -2.95
C ARG A 267 -0.15 22.68 -1.52
N ILE A 268 0.79 23.59 -1.24
CA ILE A 268 1.39 23.73 0.09
C ILE A 268 0.42 24.20 1.18
N VAL A 269 -0.28 25.30 0.93
CA VAL A 269 -1.22 25.82 1.93
C VAL A 269 -2.34 24.85 2.25
N THR A 270 -3.13 24.49 1.24
CA THR A 270 -4.26 23.59 1.41
C THR A 270 -3.95 22.18 1.92
N THR A 271 -2.68 21.76 1.89
CA THR A 271 -2.34 20.43 2.40
C THR A 271 -1.84 20.44 3.84
N ARG A 272 -0.88 21.33 4.12
CA ARG A 272 -0.29 21.41 5.44
C ARG A 272 -1.00 22.28 6.46
N ALA A 273 -1.91 23.13 5.99
CA ALA A 273 -2.65 24.03 6.86
C ALA A 273 -3.20 23.35 8.11
N GLU A 274 -3.94 22.25 7.93
CA GLU A 274 -4.53 21.56 9.06
C GLU A 274 -3.64 20.49 9.70
N ILE A 275 -2.33 20.62 9.56
CA ILE A 275 -1.42 19.64 10.16
C ILE A 275 -0.14 20.24 10.73
N ASP A 276 0.67 20.88 9.89
CA ASP A 276 1.92 21.44 10.37
C ASP A 276 2.26 22.83 9.82
N LEU A 277 1.26 23.54 9.31
CA LEU A 277 1.48 24.85 8.72
C LEU A 277 2.15 25.81 9.71
N LYS A 278 1.81 25.66 10.99
CA LYS A 278 2.39 26.51 12.04
C LYS A 278 3.91 26.45 12.00
N VAL A 279 4.46 25.24 12.04
CA VAL A 279 5.90 25.08 12.00
C VAL A 279 6.41 25.59 10.66
N ILE A 280 5.77 25.17 9.58
CA ILE A 280 6.20 25.60 8.24
C ILE A 280 6.37 27.13 8.21
N GLY A 281 5.36 27.85 8.69
CA GLY A 281 5.41 29.30 8.70
C GLY A 281 6.59 29.83 9.48
N GLU A 282 6.75 29.35 10.71
CA GLU A 282 7.86 29.75 11.56
C GLU A 282 9.18 29.63 10.83
N GLU A 283 9.27 28.68 9.90
CA GLU A 283 10.49 28.51 9.13
C GLU A 283 10.63 29.63 8.12
N TYR A 284 9.71 29.68 7.17
CA TYR A 284 9.75 30.72 6.16
C TYR A 284 9.85 32.06 6.88
N GLN A 285 9.23 32.14 8.05
CA GLN A 285 9.22 33.35 8.87
C GLN A 285 10.64 33.63 9.33
N ARG A 286 11.39 32.56 9.55
CA ARG A 286 12.79 32.67 10.00
C ARG A 286 13.74 32.82 8.83
N ARG A 287 13.70 31.83 7.93
CA ARG A 287 14.55 31.78 6.75
C ARG A 287 14.49 33.01 5.86
N ASN A 288 13.42 33.79 5.94
CA ASN A 288 13.30 34.98 5.10
C ASN A 288 13.04 36.27 5.88
N SER A 289 12.90 36.14 7.19
CA SER A 289 12.65 37.28 8.06
C SER A 289 11.22 37.83 7.92
N ILE A 290 10.70 37.78 6.70
CA ILE A 290 9.34 38.26 6.41
C ILE A 290 8.31 37.19 6.76
N PRO A 291 7.22 37.57 7.43
CA PRO A 291 6.16 36.61 7.80
C PRO A 291 5.54 36.02 6.53
N LEU A 292 5.01 34.81 6.62
CA LEU A 292 4.40 34.18 5.46
C LEU A 292 3.10 34.85 5.03
N GLU A 293 2.17 35.01 5.97
CA GLU A 293 0.88 35.62 5.69
C GLU A 293 1.02 37.02 5.09
N LYS A 294 2.01 37.79 5.55
CA LYS A 294 2.23 39.11 5.01
C LYS A 294 2.96 39.00 3.67
N ALA A 295 3.79 37.96 3.55
CA ALA A 295 4.54 37.74 2.31
C ALA A 295 3.57 37.39 1.19
N ILE A 296 2.40 36.87 1.55
CA ILE A 296 1.38 36.49 0.59
C ILE A 296 0.49 37.66 0.15
N THR A 297 0.28 38.63 1.04
CA THR A 297 -0.55 39.78 0.72
C THR A 297 0.33 41.00 0.39
N LYS A 298 1.61 40.72 0.23
CA LYS A 298 2.61 41.73 -0.08
C LYS A 298 2.26 42.68 -1.23
N ASP A 299 1.60 42.16 -2.27
CA ASP A 299 1.24 43.00 -3.41
C ASP A 299 -0.26 43.06 -3.72
N THR A 300 -0.98 42.01 -3.35
CA THR A 300 -2.42 41.95 -3.60
C THR A 300 -3.14 41.41 -2.37
N ARG A 301 -4.46 41.60 -2.34
CA ARG A 301 -5.27 41.12 -1.23
C ARG A 301 -6.73 40.95 -1.65
N GLY A 302 -6.96 40.15 -2.68
CA GLY A 302 -8.30 39.90 -3.16
C GLY A 302 -8.92 38.70 -2.46
N ASP A 303 -9.69 37.92 -3.19
CA ASP A 303 -10.35 36.73 -2.65
C ASP A 303 -9.32 35.71 -2.16
N TYR A 304 -8.36 35.40 -3.02
CA TYR A 304 -7.30 34.45 -2.71
C TYR A 304 -6.62 34.76 -1.37
N GLU A 305 -5.89 35.87 -1.34
CA GLU A 305 -5.17 36.27 -0.13
C GLU A 305 -5.99 36.14 1.14
N LYS A 306 -7.24 36.59 1.08
CA LYS A 306 -8.11 36.51 2.26
C LYS A 306 -8.29 35.07 2.73
N MET A 307 -8.48 34.15 1.78
CA MET A 307 -8.67 32.74 2.11
C MET A 307 -7.42 32.16 2.78
N LEU A 308 -6.24 32.44 2.21
CA LEU A 308 -5.00 31.92 2.76
C LEU A 308 -4.68 32.42 4.18
N VAL A 309 -4.66 33.73 4.39
CA VAL A 309 -4.36 34.21 5.72
C VAL A 309 -5.35 33.57 6.67
N ALA A 310 -6.59 33.44 6.22
CA ALA A 310 -7.63 32.81 7.04
C ALA A 310 -7.23 31.36 7.34
N LEU A 311 -6.54 30.71 6.41
CA LEU A 311 -6.08 29.33 6.61
C LEU A 311 -4.82 29.32 7.47
N LEU A 312 -4.10 30.44 7.46
CA LEU A 312 -2.89 30.57 8.28
C LEU A 312 -3.27 31.12 9.65
N GLY A 313 -4.57 31.26 9.88
CA GLY A 313 -5.05 31.78 11.16
C GLY A 313 -4.60 33.21 11.40
N GLU A 314 -4.58 34.01 10.33
CA GLU A 314 -4.17 35.40 10.40
C GLU A 314 -4.99 36.28 9.45
N ASP A 315 -6.30 36.09 9.48
CA ASP A 315 -7.25 36.83 8.64
C ASP A 315 -6.88 38.29 8.29
N ASP A 316 -6.51 39.07 9.31
CA ASP A 316 -6.16 40.47 9.11
C ASP A 316 -5.17 40.73 7.99
N ALA A 317 -4.09 39.96 7.97
CA ALA A 317 -3.06 40.11 6.95
C ALA A 317 -3.64 40.08 5.52
N SER B 1 -13.59 -22.60 -5.00
CA SER B 1 -14.78 -22.20 -4.21
C SER B 1 -14.54 -22.52 -2.75
N ALA B 2 -15.57 -22.33 -1.92
CA ALA B 2 -15.46 -22.61 -0.49
C ALA B 2 -15.88 -24.03 -0.14
N THR B 3 -15.14 -24.67 0.76
CA THR B 3 -15.43 -26.03 1.18
C THR B 3 -15.90 -26.08 2.63
N LEU B 4 -15.40 -25.15 3.45
CA LEU B 4 -15.72 -25.06 4.86
C LEU B 4 -17.19 -25.30 5.24
N LYS B 5 -17.40 -25.98 6.36
CA LYS B 5 -18.75 -26.29 6.84
C LYS B 5 -19.08 -25.54 8.12
N VAL B 6 -19.54 -24.30 7.99
CA VAL B 6 -19.90 -23.49 9.15
C VAL B 6 -21.22 -24.01 9.71
N SER B 7 -21.12 -24.92 10.66
CA SER B 7 -22.30 -25.51 11.29
C SER B 7 -23.31 -24.46 11.72
N ASP B 8 -24.58 -24.74 11.46
CA ASP B 8 -25.66 -23.81 11.82
C ASP B 8 -26.05 -24.04 13.27
N SER B 9 -26.79 -23.09 13.84
CA SER B 9 -27.21 -23.19 15.23
C SER B 9 -25.97 -23.18 16.12
N VAL B 10 -25.01 -22.32 15.75
CA VAL B 10 -23.75 -22.18 16.48
C VAL B 10 -24.01 -21.89 17.96
N PRO B 11 -23.15 -22.41 18.85
CA PRO B 11 -23.29 -22.19 20.29
C PRO B 11 -22.96 -20.78 20.77
N ALA B 12 -23.11 -20.55 22.07
CA ALA B 12 -22.85 -19.26 22.69
C ALA B 12 -21.35 -18.98 22.85
N PRO B 13 -21.00 -17.79 23.38
CA PRO B 13 -19.58 -17.48 23.55
C PRO B 13 -18.87 -18.50 24.43
N SER B 14 -19.25 -18.54 25.70
CA SER B 14 -18.68 -19.45 26.68
C SER B 14 -18.80 -20.91 26.26
N ASP B 15 -19.79 -21.24 25.45
CA ASP B 15 -19.99 -22.61 25.01
C ASP B 15 -18.72 -23.17 24.40
N ASP B 16 -18.28 -22.59 23.30
CA ASP B 16 -17.05 -23.04 22.66
C ASP B 16 -15.86 -22.64 23.54
N ALA B 17 -16.05 -21.57 24.32
CA ALA B 17 -15.02 -21.07 25.21
C ALA B 17 -14.81 -21.98 26.43
N GLU B 18 -15.72 -22.93 26.63
CA GLU B 18 -15.63 -23.87 27.74
C GLU B 18 -15.09 -25.21 27.23
N GLN B 19 -15.66 -25.68 26.13
CA GLN B 19 -15.25 -26.95 25.53
C GLN B 19 -13.77 -26.93 25.18
N LEU B 20 -13.33 -25.84 24.55
CA LEU B 20 -11.93 -25.69 24.16
C LEU B 20 -11.06 -25.66 25.42
N ARG B 21 -11.54 -24.95 26.43
CA ARG B 21 -10.86 -24.82 27.71
C ARG B 21 -10.66 -26.23 28.29
N THR B 22 -11.73 -27.02 28.25
CA THR B 22 -11.69 -28.38 28.75
C THR B 22 -10.72 -29.22 27.92
N ALA B 23 -10.41 -28.73 26.73
CA ALA B 23 -9.49 -29.42 25.82
C ALA B 23 -8.06 -28.86 25.93
N GLU B 31 -9.47 -33.02 21.54
CA GLU B 31 -8.88 -33.29 20.24
C GLU B 31 -9.95 -33.31 19.16
N ASP B 32 -10.81 -34.33 19.20
CA ASP B 32 -11.89 -34.46 18.23
C ASP B 32 -12.93 -33.37 18.47
N LEU B 33 -12.99 -32.89 19.72
CA LEU B 33 -13.93 -31.84 20.10
C LEU B 33 -13.37 -30.49 19.70
N ILE B 34 -12.06 -30.44 19.49
CA ILE B 34 -11.38 -29.22 19.08
C ILE B 34 -11.78 -28.95 17.64
N ILE B 35 -12.07 -30.04 16.92
CA ILE B 35 -12.47 -29.96 15.52
C ILE B 35 -13.95 -29.58 15.37
N SER B 36 -14.81 -30.19 16.18
CA SER B 36 -16.25 -29.92 16.10
C SER B 36 -16.62 -28.49 16.46
N ILE B 37 -15.63 -27.70 16.88
CA ILE B 37 -15.87 -26.31 17.25
C ILE B 37 -15.15 -25.33 16.33
N LEU B 38 -13.83 -25.45 16.25
CA LEU B 38 -13.05 -24.56 15.42
C LEU B 38 -13.38 -24.59 13.93
N ALA B 39 -13.07 -25.72 13.28
CA ALA B 39 -13.34 -25.90 11.85
C ALA B 39 -14.83 -25.94 11.53
N HIS B 40 -15.67 -25.57 12.49
CA HIS B 40 -17.11 -25.57 12.29
C HIS B 40 -17.76 -24.25 12.68
N ARG B 41 -17.10 -23.15 12.36
CA ARG B 41 -17.61 -21.82 12.68
C ARG B 41 -17.09 -20.79 11.68
N SER B 42 -17.85 -19.72 11.48
CA SER B 42 -17.44 -18.66 10.57
C SER B 42 -16.16 -18.03 11.12
N ALA B 43 -15.25 -17.66 10.22
CA ALA B 43 -13.97 -17.08 10.60
C ALA B 43 -14.05 -15.93 11.61
N GLU B 44 -15.24 -15.35 11.76
CA GLU B 44 -15.42 -14.25 12.69
C GLU B 44 -15.85 -14.76 14.06
N GLN B 45 -16.45 -15.94 14.08
CA GLN B 45 -16.88 -16.54 15.34
C GLN B 45 -15.64 -17.00 16.10
N ARG B 46 -14.70 -17.59 15.38
CA ARG B 46 -13.46 -18.07 15.98
C ARG B 46 -12.77 -16.87 16.61
N LYS B 47 -12.79 -15.75 15.90
CA LYS B 47 -12.19 -14.51 16.37
C LYS B 47 -12.90 -14.09 17.64
N VAL B 48 -14.21 -14.32 17.69
CA VAL B 48 -15.01 -13.98 18.85
C VAL B 48 -14.67 -14.89 20.02
N ILE B 49 -14.46 -16.17 19.73
CA ILE B 49 -14.11 -17.13 20.77
C ILE B 49 -12.80 -16.72 21.44
N ARG B 50 -11.79 -16.39 20.63
CA ARG B 50 -10.50 -15.96 21.18
C ARG B 50 -10.76 -14.78 22.09
N GLN B 51 -11.66 -13.91 21.67
CA GLN B 51 -12.02 -12.73 22.42
C GLN B 51 -12.65 -13.12 23.76
N ALA B 52 -13.71 -13.91 23.70
CA ALA B 52 -14.40 -14.35 24.90
C ALA B 52 -13.44 -15.13 25.79
N TYR B 53 -12.84 -16.17 25.22
CA TYR B 53 -11.90 -17.01 25.94
C TYR B 53 -10.83 -16.17 26.63
N HIS B 54 -10.42 -15.07 25.98
CA HIS B 54 -9.40 -14.18 26.53
C HIS B 54 -9.89 -13.41 27.75
N GLU B 55 -11.18 -13.13 27.81
CA GLU B 55 -11.75 -12.39 28.93
C GLU B 55 -12.10 -13.35 30.05
N THR B 56 -12.81 -14.41 29.70
CA THR B 56 -13.23 -15.41 30.66
C THR B 56 -12.08 -16.03 31.44
N TYR B 57 -10.94 -16.20 30.78
CA TYR B 57 -9.78 -16.82 31.42
C TYR B 57 -8.56 -15.89 31.43
N GLY B 58 -8.80 -14.61 31.18
CA GLY B 58 -7.71 -13.64 31.17
C GLY B 58 -6.51 -14.15 30.40
N GLU B 59 -6.76 -14.74 29.24
CA GLU B 59 -5.69 -15.29 28.40
C GLU B 59 -6.25 -15.82 27.08
N ASP B 60 -5.52 -15.58 25.99
CA ASP B 60 -5.96 -16.04 24.66
C ASP B 60 -5.68 -17.52 24.41
N LEU B 61 -6.67 -18.18 23.83
CA LEU B 61 -6.58 -19.59 23.51
C LEU B 61 -5.39 -19.95 22.61
N LEU B 62 -4.96 -19.01 21.79
CA LEU B 62 -3.84 -19.25 20.88
C LEU B 62 -2.48 -18.91 21.48
N LYS B 63 -2.49 -18.31 22.66
CA LYS B 63 -1.27 -17.92 23.36
C LYS B 63 -0.29 -19.09 23.45
N THR B 64 -0.73 -20.14 24.15
CA THR B 64 0.09 -21.33 24.35
C THR B 64 0.61 -21.95 23.07
N LEU B 65 -0.08 -21.72 21.96
CA LEU B 65 0.33 -22.30 20.67
C LEU B 65 1.13 -21.37 19.78
N ASP B 66 1.10 -20.07 20.04
CA ASP B 66 1.83 -19.12 19.22
C ASP B 66 3.16 -18.73 19.86
N SER B 70 0.36 -31.70 18.89
CA SER B 70 1.64 -31.11 19.27
C SER B 70 2.47 -30.73 18.04
N ASN B 71 2.37 -31.53 16.98
CA ASN B 71 3.13 -31.27 15.77
C ASN B 71 2.31 -30.51 14.71
N ASP B 72 2.46 -30.90 13.45
CA ASP B 72 1.75 -30.24 12.35
C ASP B 72 0.28 -29.97 12.60
N PHE B 73 -0.30 -30.67 13.59
CA PHE B 73 -1.70 -30.46 13.93
C PHE B 73 -1.88 -29.14 14.68
N GLU B 74 -1.00 -28.87 15.64
CA GLU B 74 -1.08 -27.65 16.44
C GLU B 74 -0.91 -26.39 15.58
N ARG B 75 0.15 -26.36 14.79
CA ARG B 75 0.43 -25.23 13.92
C ARG B 75 -0.77 -24.97 12.99
N ALA B 76 -1.48 -26.05 12.66
CA ALA B 76 -2.66 -25.95 11.81
C ALA B 76 -3.77 -25.26 12.61
N ILE B 77 -3.78 -25.51 13.91
CA ILE B 77 -4.78 -24.90 14.81
C ILE B 77 -4.49 -23.41 14.87
N LEU B 78 -3.27 -23.08 15.26
CA LEU B 78 -2.82 -21.69 15.37
C LEU B 78 -3.27 -20.93 14.14
N LEU B 79 -2.93 -21.46 12.97
CA LEU B 79 -3.28 -20.84 11.71
C LEU B 79 -4.79 -20.69 11.56
N TRP B 80 -5.47 -21.81 11.36
CA TRP B 80 -6.92 -21.80 11.19
C TRP B 80 -7.66 -20.89 12.17
N THR B 81 -7.21 -20.89 13.42
CA THR B 81 -7.85 -20.08 14.45
C THR B 81 -7.47 -18.61 14.43
N LEU B 82 -6.34 -18.29 13.79
CA LEU B 82 -5.91 -16.90 13.69
C LEU B 82 -6.83 -16.17 12.71
N GLU B 83 -6.88 -14.84 12.83
CA GLU B 83 -7.68 -14.03 11.94
C GLU B 83 -6.89 -13.95 10.63
N PRO B 84 -7.59 -14.06 9.49
CA PRO B 84 -6.94 -14.02 8.18
C PRO B 84 -5.74 -13.07 8.08
N GLY B 85 -5.96 -11.80 8.41
CA GLY B 85 -4.88 -10.82 8.36
C GLY B 85 -3.70 -11.22 9.22
N GLU B 86 -3.99 -11.74 10.41
CA GLU B 86 -2.93 -12.18 11.32
C GLU B 86 -2.25 -13.34 10.63
N ARG B 87 -3.01 -14.41 10.43
CA ARG B 87 -2.50 -15.62 9.77
C ARG B 87 -1.66 -15.23 8.57
N ASP B 88 -2.22 -14.36 7.73
CA ASP B 88 -1.53 -13.89 6.52
C ASP B 88 -0.25 -13.13 6.88
N ALA B 89 -0.35 -12.19 7.81
CA ALA B 89 0.82 -11.43 8.20
C ALA B 89 1.81 -12.34 8.90
N LEU B 90 1.27 -13.39 9.51
CA LEU B 90 2.10 -14.36 10.23
C LEU B 90 2.87 -15.28 9.31
N LEU B 91 2.26 -15.65 8.18
CA LEU B 91 2.89 -16.55 7.23
C LEU B 91 3.88 -15.79 6.35
N ALA B 92 3.61 -14.50 6.15
CA ALA B 92 4.47 -13.66 5.33
C ALA B 92 5.73 -13.26 6.10
N ASN B 93 5.96 -13.88 7.24
CA ASN B 93 7.14 -13.59 8.04
C ASN B 93 8.13 -14.76 8.01
N GLU B 94 7.61 -15.98 7.98
CA GLU B 94 8.49 -17.16 7.93
C GLU B 94 9.27 -17.18 6.63
N ALA B 95 8.61 -16.79 5.54
CA ALA B 95 9.24 -16.76 4.23
C ALA B 95 10.39 -15.76 4.16
N THR B 96 10.24 -14.61 4.81
CA THR B 96 11.30 -13.60 4.79
C THR B 96 12.50 -14.07 5.58
N LYS B 97 12.28 -14.41 6.85
CA LYS B 97 13.36 -14.86 7.72
C LYS B 97 13.93 -16.21 7.30
N ARG B 98 13.27 -16.86 6.35
CA ARG B 98 13.74 -18.14 5.84
C ARG B 98 13.47 -18.15 4.34
N TRP B 99 14.28 -17.41 3.60
CA TRP B 99 14.12 -17.30 2.16
C TRP B 99 15.31 -17.81 1.35
N THR B 100 15.02 -18.36 0.18
CA THR B 100 16.06 -18.84 -0.71
C THR B 100 15.76 -18.33 -2.12
N SER B 101 15.42 -19.23 -3.03
CA SER B 101 15.12 -18.84 -4.40
C SER B 101 13.86 -19.51 -4.92
N SER B 102 13.46 -20.61 -4.27
CA SER B 102 12.27 -21.32 -4.72
C SER B 102 11.07 -21.04 -3.83
N ASN B 103 11.27 -20.24 -2.79
CA ASN B 103 10.16 -19.89 -1.92
C ASN B 103 9.38 -18.81 -2.66
N GLN B 104 8.14 -19.13 -2.99
CA GLN B 104 7.28 -18.20 -3.72
C GLN B 104 6.03 -17.86 -2.91
N VAL B 105 6.03 -18.23 -1.64
CA VAL B 105 4.89 -17.97 -0.76
C VAL B 105 4.40 -16.52 -0.80
N LEU B 106 5.13 -15.60 -0.17
CA LEU B 106 4.77 -14.18 -0.14
C LEU B 106 3.92 -13.79 -1.37
N MET B 107 4.46 -14.08 -2.56
CA MET B 107 3.76 -13.79 -3.82
C MET B 107 2.32 -14.28 -3.73
N GLU B 108 2.16 -15.48 -3.19
CA GLU B 108 0.84 -16.09 -3.07
C GLU B 108 -0.12 -15.28 -2.21
N VAL B 109 0.42 -14.55 -1.23
CA VAL B 109 -0.40 -13.74 -0.33
C VAL B 109 -1.02 -12.47 -0.97
N ALA B 110 -0.59 -12.12 -2.17
CA ALA B 110 -1.11 -10.94 -2.86
C ALA B 110 -1.76 -11.26 -4.21
N CYS B 111 -1.15 -12.20 -4.93
CA CYS B 111 -1.70 -12.58 -6.23
C CYS B 111 -3.05 -13.25 -6.02
N THR B 112 -3.11 -14.12 -5.03
CA THR B 112 -4.32 -14.87 -4.71
C THR B 112 -5.06 -14.29 -3.49
N ARG B 113 -5.00 -12.98 -3.35
CA ARG B 113 -5.67 -12.30 -2.26
C ARG B 113 -6.30 -10.99 -2.73
N THR B 114 -7.30 -10.53 -2.00
CA THR B 114 -7.95 -9.27 -2.33
C THR B 114 -7.06 -8.22 -1.67
N SER B 115 -6.94 -7.05 -2.29
CA SER B 115 -6.10 -6.00 -1.74
C SER B 115 -6.43 -5.69 -0.27
N THR B 116 -7.71 -5.81 0.10
CA THR B 116 -8.09 -5.56 1.48
C THR B 116 -7.43 -6.63 2.34
N GLN B 117 -7.16 -7.78 1.72
CA GLN B 117 -6.52 -8.89 2.42
C GLN B 117 -5.00 -8.74 2.44
N LEU B 118 -4.44 -8.08 1.43
CA LEU B 118 -3.00 -7.88 1.40
C LEU B 118 -2.65 -6.72 2.31
N LEU B 119 -3.65 -5.91 2.64
CA LEU B 119 -3.43 -4.77 3.52
C LEU B 119 -3.54 -5.22 4.97
N HIS B 120 -4.66 -5.88 5.29
CA HIS B 120 -4.89 -6.37 6.65
C HIS B 120 -3.68 -7.13 7.16
N ALA B 121 -3.09 -7.95 6.29
CA ALA B 121 -1.92 -8.71 6.69
C ALA B 121 -0.87 -7.69 7.10
N ARG B 122 -0.28 -7.00 6.13
CA ARG B 122 0.74 -5.98 6.41
C ARG B 122 0.46 -5.22 7.70
N GLN B 123 -0.70 -4.57 7.77
CA GLN B 123 -1.07 -3.79 8.96
C GLN B 123 -0.86 -4.61 10.23
N ALA B 124 -1.38 -5.83 10.23
CA ALA B 124 -1.22 -6.71 11.37
C ALA B 124 0.27 -7.01 11.52
N TYR B 125 0.96 -7.05 10.39
CA TYR B 125 2.38 -7.34 10.35
C TYR B 125 3.24 -6.18 10.86
N HIS B 126 2.62 -5.03 11.12
CA HIS B 126 3.32 -3.85 11.62
C HIS B 126 3.91 -4.04 13.02
N ALA B 127 3.05 -3.89 14.02
CA ALA B 127 3.43 -4.03 15.41
C ALA B 127 3.79 -5.46 15.75
N ARG B 128 3.29 -6.40 14.96
CA ARG B 128 3.57 -7.81 15.20
C ARG B 128 4.98 -8.16 14.74
N TYR B 129 5.72 -7.16 14.29
CA TYR B 129 7.10 -7.40 13.83
C TYR B 129 8.03 -6.18 13.83
N LYS B 130 7.49 -5.00 14.13
CA LYS B 130 8.27 -3.75 14.17
C LYS B 130 9.02 -3.45 12.87
N LYS B 131 8.39 -3.77 11.75
CA LYS B 131 8.98 -3.56 10.43
C LYS B 131 7.88 -3.48 9.36
N SER B 132 8.15 -4.03 8.17
CA SER B 132 7.17 -4.03 7.10
C SER B 132 7.63 -4.85 5.91
N LEU B 133 6.70 -5.60 5.33
CA LEU B 133 7.00 -6.46 4.20
C LEU B 133 7.92 -5.70 3.24
N GLU B 134 7.58 -4.44 2.98
CA GLU B 134 8.39 -3.60 2.10
C GLU B 134 9.88 -3.74 2.41
N GLU B 135 10.28 -3.33 3.61
CA GLU B 135 11.70 -3.40 3.99
C GLU B 135 12.20 -4.82 4.23
N ASP B 136 11.35 -5.70 4.75
CA ASP B 136 11.77 -7.09 4.98
C ASP B 136 12.04 -7.80 3.65
N VAL B 137 11.09 -7.72 2.72
CA VAL B 137 11.29 -8.37 1.43
C VAL B 137 12.43 -7.64 0.73
N ALA B 138 12.79 -6.49 1.27
CA ALA B 138 13.87 -5.72 0.70
C ALA B 138 15.14 -6.06 1.48
N HIS B 139 14.95 -6.66 2.65
CA HIS B 139 16.07 -7.02 3.49
C HIS B 139 16.62 -8.41 3.20
N HIS B 140 15.71 -9.38 3.08
CA HIS B 140 16.10 -10.76 2.84
C HIS B 140 16.24 -11.22 1.38
N THR B 141 15.24 -10.94 0.55
CA THR B 141 15.30 -11.36 -0.86
C THR B 141 16.32 -10.56 -1.66
N THR B 142 16.75 -11.12 -2.79
CA THR B 142 17.74 -10.49 -3.64
C THR B 142 17.32 -10.29 -5.10
N GLY B 143 18.22 -9.68 -5.87
CA GLY B 143 18.00 -9.43 -7.29
C GLY B 143 16.58 -9.33 -7.80
N ASP B 144 16.37 -9.78 -9.03
CA ASP B 144 15.07 -9.75 -9.68
C ASP B 144 14.01 -10.37 -8.78
N PHE B 145 14.37 -11.47 -8.13
CA PHE B 145 13.46 -12.15 -7.23
C PHE B 145 12.92 -11.14 -6.21
N ARG B 146 13.71 -10.11 -5.93
CA ARG B 146 13.30 -9.09 -4.98
C ARG B 146 12.58 -7.94 -5.65
N LYS B 147 13.01 -7.56 -6.85
CA LYS B 147 12.37 -6.45 -7.56
C LYS B 147 10.91 -6.76 -7.89
N LEU B 148 10.52 -8.03 -7.84
CA LEU B 148 9.16 -8.41 -8.17
C LEU B 148 8.31 -8.62 -6.91
N LEU B 149 8.83 -9.41 -5.97
CA LEU B 149 8.11 -9.68 -4.74
C LEU B 149 7.64 -8.41 -4.02
N VAL B 150 8.57 -7.50 -3.69
CA VAL B 150 8.19 -6.25 -3.01
C VAL B 150 7.03 -5.61 -3.77
N SER B 151 7.32 -5.13 -4.98
CA SER B 151 6.30 -4.50 -5.82
C SER B 151 4.95 -5.22 -5.69
N LEU B 152 4.99 -6.54 -5.48
CA LEU B 152 3.78 -7.35 -5.36
C LEU B 152 3.18 -7.27 -3.95
N VAL B 153 4.04 -7.16 -2.94
CA VAL B 153 3.56 -7.08 -1.57
C VAL B 153 3.13 -5.66 -1.15
N THR B 154 3.67 -4.64 -1.80
CA THR B 154 3.33 -3.26 -1.46
C THR B 154 2.08 -2.78 -2.18
N SER B 155 1.85 -3.33 -3.37
CA SER B 155 0.71 -2.97 -4.18
C SER B 155 -0.64 -3.12 -3.45
N TYR B 156 -1.53 -2.19 -3.76
CA TYR B 156 -2.89 -2.16 -3.21
C TYR B 156 -3.77 -2.02 -4.46
N ARG B 157 -3.90 -3.13 -5.18
CA ARG B 157 -4.65 -3.22 -6.44
C ARG B 157 -6.09 -2.76 -6.51
N TYR B 158 -6.43 -2.13 -7.63
CA TYR B 158 -7.78 -1.69 -7.89
C TYR B 158 -8.50 -2.99 -8.27
N GLU B 159 -9.50 -3.35 -7.48
CA GLU B 159 -10.27 -4.57 -7.67
C GLU B 159 -11.15 -4.57 -8.92
N GLY B 160 -12.03 -3.58 -9.01
CA GLY B 160 -12.95 -3.44 -10.13
C GLY B 160 -12.55 -4.11 -11.43
N ASP B 161 -13.55 -4.66 -12.11
CA ASP B 161 -13.32 -5.33 -13.38
C ASP B 161 -13.20 -4.37 -14.54
N GLU B 162 -12.67 -3.18 -14.25
CA GLU B 162 -12.46 -2.15 -15.27
C GLU B 162 -11.50 -2.72 -16.33
N VAL B 163 -11.88 -2.70 -17.59
CA VAL B 163 -11.00 -3.24 -18.62
C VAL B 163 -10.71 -2.26 -19.74
N ASN B 164 -9.43 -2.17 -20.10
CA ASN B 164 -9.00 -1.29 -21.19
C ASN B 164 -8.36 -2.17 -22.25
N MET B 165 -9.13 -2.55 -23.26
CA MET B 165 -8.62 -3.40 -24.32
C MET B 165 -7.51 -2.72 -25.12
N THR B 166 -7.58 -1.40 -25.26
CA THR B 166 -6.57 -0.68 -26.02
C THR B 166 -5.21 -0.84 -25.33
N LEU B 167 -5.20 -0.59 -24.02
CA LEU B 167 -3.98 -0.70 -23.23
C LEU B 167 -3.47 -2.13 -23.24
N ALA B 168 -4.39 -3.09 -23.20
CA ALA B 168 -4.02 -4.49 -23.21
C ALA B 168 -3.22 -4.82 -24.47
N LYS B 169 -3.69 -4.30 -25.59
CA LYS B 169 -3.02 -4.54 -26.86
C LYS B 169 -1.61 -3.96 -26.84
N GLN B 170 -1.48 -2.73 -26.37
CA GLN B 170 -0.18 -2.06 -26.28
C GLN B 170 0.79 -2.87 -25.41
N GLU B 171 0.42 -3.02 -24.14
CA GLU B 171 1.27 -3.74 -23.20
C GLU B 171 1.43 -5.20 -23.57
N ALA B 172 0.59 -5.65 -24.52
CA ALA B 172 0.66 -7.04 -24.99
C ALA B 172 1.93 -7.19 -25.83
N LYS B 173 2.12 -6.27 -26.77
CA LYS B 173 3.30 -6.32 -27.61
C LYS B 173 4.51 -6.02 -26.73
N LEU B 174 4.34 -5.01 -25.88
CA LEU B 174 5.38 -4.59 -24.97
C LEU B 174 5.95 -5.78 -24.20
N VAL B 175 5.14 -6.81 -24.02
CA VAL B 175 5.57 -8.00 -23.31
C VAL B 175 6.23 -8.98 -24.28
N HIS B 176 5.59 -9.22 -25.42
CA HIS B 176 6.15 -10.14 -26.40
C HIS B 176 7.50 -9.64 -26.88
N GLU B 177 7.67 -8.32 -26.91
CA GLU B 177 8.94 -7.73 -27.35
C GLU B 177 10.06 -8.33 -26.50
N LYS B 178 9.79 -8.51 -25.21
CA LYS B 178 10.77 -9.07 -24.29
C LYS B 178 10.79 -10.59 -24.27
N ILE B 179 9.70 -11.20 -23.81
CA ILE B 179 9.63 -12.66 -23.73
C ILE B 179 10.23 -13.31 -24.99
N LYS B 180 10.11 -12.61 -26.11
CA LYS B 180 10.66 -13.09 -27.38
C LYS B 180 12.14 -13.46 -27.22
N ASP B 181 12.94 -12.50 -26.77
CA ASP B 181 14.37 -12.72 -26.59
C ASP B 181 14.70 -13.30 -25.23
N LYS B 182 13.65 -13.66 -24.48
CA LYS B 182 13.80 -14.26 -23.16
C LYS B 182 14.26 -13.33 -22.03
N HIS B 183 13.75 -12.09 -22.03
CA HIS B 183 14.11 -11.15 -20.98
C HIS B 183 12.96 -11.05 -19.96
N TYR B 184 12.89 -12.04 -19.07
CA TYR B 184 11.85 -12.10 -18.05
C TYR B 184 11.91 -10.94 -17.07
N ASN B 185 13.03 -10.82 -16.35
CA ASN B 185 13.19 -9.76 -15.36
C ASN B 185 12.93 -8.33 -15.85
N ASP B 186 12.66 -8.20 -17.14
CA ASP B 186 12.40 -6.89 -17.73
C ASP B 186 11.47 -6.02 -16.87
N GLU B 187 11.98 -4.86 -16.49
CA GLU B 187 11.24 -3.90 -15.68
C GLU B 187 9.75 -3.81 -16.01
N ASP B 188 9.42 -3.44 -17.25
CA ASP B 188 8.03 -3.31 -17.66
C ASP B 188 7.19 -4.56 -17.42
N VAL B 189 7.67 -5.70 -17.88
CA VAL B 189 6.95 -6.95 -17.67
C VAL B 189 6.60 -7.11 -16.19
N ILE B 190 7.55 -6.76 -15.31
CA ILE B 190 7.31 -6.87 -13.88
C ILE B 190 6.37 -5.78 -13.38
N ARG B 191 6.37 -4.64 -14.06
CA ARG B 191 5.53 -3.53 -13.68
C ARG B 191 4.03 -3.83 -13.88
N ILE B 192 3.67 -4.20 -15.11
CA ILE B 192 2.30 -4.51 -15.49
C ILE B 192 1.64 -5.59 -14.62
N LEU B 193 2.38 -6.67 -14.39
CA LEU B 193 1.89 -7.79 -13.59
C LEU B 193 1.69 -7.47 -12.11
N SER B 194 2.61 -6.70 -11.54
CA SER B 194 2.52 -6.36 -10.11
C SER B 194 1.68 -5.12 -9.78
N THR B 195 1.47 -4.26 -10.77
CA THR B 195 0.71 -3.05 -10.54
C THR B 195 -0.72 -2.98 -11.08
N ARG B 196 -1.01 -3.68 -12.17
CA ARG B 196 -2.36 -3.61 -12.75
C ARG B 196 -3.47 -4.38 -12.05
N SER B 197 -4.68 -4.25 -12.58
CA SER B 197 -5.83 -4.93 -12.04
C SER B 197 -5.79 -6.37 -12.56
N LYS B 198 -6.35 -7.30 -11.80
CA LYS B 198 -6.35 -8.69 -12.22
C LYS B 198 -7.08 -8.87 -13.55
N ALA B 199 -8.04 -7.99 -13.84
CA ALA B 199 -8.81 -8.04 -15.08
C ALA B 199 -7.97 -7.50 -16.25
N GLN B 200 -7.17 -6.48 -15.99
CA GLN B 200 -6.33 -5.86 -17.01
C GLN B 200 -5.27 -6.84 -17.48
N ILE B 201 -4.70 -7.58 -16.54
CA ILE B 201 -3.66 -8.58 -16.82
C ILE B 201 -4.23 -9.82 -17.52
N ASN B 202 -5.40 -10.27 -17.06
CA ASN B 202 -6.05 -11.43 -17.63
C ASN B 202 -6.36 -11.12 -19.10
N ALA B 203 -6.61 -9.84 -19.38
CA ALA B 203 -6.91 -9.42 -20.74
C ALA B 203 -5.59 -9.35 -21.51
N THR B 204 -4.58 -8.77 -20.88
CA THR B 204 -3.28 -8.65 -21.52
C THR B 204 -2.83 -10.01 -22.06
N PHE B 205 -3.13 -11.07 -21.32
CA PHE B 205 -2.77 -12.41 -21.77
C PHE B 205 -3.62 -12.84 -22.99
N ASN B 206 -4.88 -12.42 -23.03
CA ASN B 206 -5.75 -12.76 -24.17
C ASN B 206 -5.10 -12.17 -25.42
N ARG B 207 -4.92 -10.84 -25.41
CA ARG B 207 -4.31 -10.13 -26.53
C ARG B 207 -2.98 -10.78 -26.90
N TYR B 208 -2.25 -11.23 -25.89
CA TYR B 208 -0.97 -11.90 -26.12
C TYR B 208 -1.22 -13.19 -26.89
N GLN B 209 -2.21 -13.95 -26.43
CA GLN B 209 -2.55 -15.21 -27.08
C GLN B 209 -3.13 -15.05 -28.48
N ASP B 210 -3.94 -14.01 -28.68
CA ASP B 210 -4.53 -13.77 -29.99
C ASP B 210 -3.46 -13.26 -30.96
N ASP B 211 -2.47 -12.56 -30.42
CA ASP B 211 -1.38 -12.02 -31.24
C ASP B 211 -0.34 -13.05 -31.66
N HIS B 212 -0.12 -14.07 -30.84
CA HIS B 212 0.88 -15.07 -31.15
C HIS B 212 0.36 -16.51 -31.14
N GLY B 213 -0.95 -16.65 -30.99
CA GLY B 213 -1.55 -17.98 -30.99
C GLY B 213 -1.25 -18.86 -29.79
N GLU B 214 -0.06 -18.68 -29.19
CA GLU B 214 0.34 -19.48 -28.05
C GLU B 214 -0.04 -18.84 -26.72
N GLU B 215 -0.49 -19.68 -25.78
CA GLU B 215 -0.87 -19.22 -24.46
C GLU B 215 0.36 -18.68 -23.75
N ILE B 216 0.13 -17.83 -22.75
CA ILE B 216 1.23 -17.22 -22.00
C ILE B 216 2.10 -18.26 -21.27
N LEU B 217 1.48 -19.12 -20.47
CA LEU B 217 2.22 -20.14 -19.74
C LEU B 217 2.91 -21.13 -20.69
N LYS B 218 2.31 -21.37 -21.85
CA LYS B 218 2.90 -22.27 -22.82
C LYS B 218 4.16 -21.61 -23.36
N SER B 219 4.05 -20.32 -23.64
CA SER B 219 5.16 -19.53 -24.17
C SER B 219 6.35 -19.59 -23.21
N LEU B 220 6.07 -19.87 -21.93
CA LEU B 220 7.12 -19.95 -20.93
C LEU B 220 7.49 -21.40 -20.58
N GLU B 221 7.07 -22.34 -21.43
CA GLU B 221 7.37 -23.76 -21.21
C GLU B 221 8.75 -24.13 -21.74
N GLU B 222 9.13 -23.55 -22.86
CA GLU B 222 10.42 -23.80 -23.49
C GLU B 222 11.58 -23.37 -22.59
N GLY B 223 11.34 -22.33 -21.80
CA GLY B 223 12.35 -21.82 -20.90
C GLY B 223 13.12 -22.88 -20.13
N ASP B 224 14.27 -22.49 -19.59
CA ASP B 224 15.12 -23.39 -18.82
C ASP B 224 14.44 -23.87 -17.54
N ASP B 225 14.68 -25.13 -17.20
CA ASP B 225 14.10 -25.73 -16.00
C ASP B 225 14.81 -25.25 -14.74
N ASP B 226 16.02 -24.75 -14.90
CA ASP B 226 16.80 -24.24 -13.77
C ASP B 226 16.53 -22.77 -13.51
N ASP B 227 16.10 -22.05 -14.55
CA ASP B 227 15.81 -20.62 -14.42
C ASP B 227 14.79 -20.40 -13.30
N LYS B 228 15.29 -19.95 -12.16
CA LYS B 228 14.47 -19.70 -10.99
C LYS B 228 13.53 -18.51 -11.14
N PHE B 229 13.96 -17.46 -11.84
CA PHE B 229 13.08 -16.32 -11.99
C PHE B 229 11.83 -16.70 -12.78
N LEU B 230 11.99 -17.66 -13.69
CA LEU B 230 10.87 -18.13 -14.48
C LEU B 230 9.85 -18.78 -13.55
N ALA B 231 10.35 -19.61 -12.66
CA ALA B 231 9.52 -20.32 -11.71
C ALA B 231 8.84 -19.31 -10.79
N LEU B 232 9.25 -18.06 -10.90
CA LEU B 232 8.64 -17.00 -10.09
C LEU B 232 7.64 -16.26 -10.97
N LEU B 233 7.97 -16.14 -12.25
CA LEU B 233 7.12 -15.48 -13.22
C LEU B 233 5.89 -16.33 -13.53
N ARG B 234 6.12 -17.58 -13.98
CA ARG B 234 5.04 -18.50 -14.31
C ARG B 234 4.07 -18.54 -13.14
N SER B 235 4.61 -18.86 -11.98
CA SER B 235 3.82 -18.93 -10.77
C SER B 235 3.04 -17.64 -10.53
N THR B 236 3.67 -16.49 -10.85
CA THR B 236 3.02 -15.20 -10.67
C THR B 236 1.92 -15.01 -11.71
N ILE B 237 2.26 -15.29 -12.95
CA ILE B 237 1.30 -15.17 -14.05
C ILE B 237 0.07 -16.03 -13.76
N GLN B 238 0.29 -17.25 -13.28
CA GLN B 238 -0.83 -18.14 -12.97
C GLN B 238 -1.56 -17.77 -11.68
N CYS B 239 -0.82 -17.27 -10.68
CA CYS B 239 -1.43 -16.90 -9.42
C CYS B 239 -2.34 -15.68 -9.58
N LEU B 240 -2.04 -14.85 -10.57
CA LEU B 240 -2.85 -13.67 -10.83
C LEU B 240 -4.02 -14.07 -11.75
N THR B 241 -3.81 -15.16 -12.48
CA THR B 241 -4.78 -15.71 -13.43
C THR B 241 -5.82 -16.60 -12.76
N ARG B 242 -5.40 -17.83 -12.45
CA ARG B 242 -6.26 -18.82 -11.80
C ARG B 242 -5.40 -19.64 -10.84
N PRO B 243 -5.22 -19.13 -9.61
CA PRO B 243 -4.44 -19.74 -8.53
C PRO B 243 -4.73 -21.21 -8.29
N GLU B 244 -6.01 -21.58 -8.40
CA GLU B 244 -6.43 -22.96 -8.18
C GLU B 244 -5.47 -23.96 -8.83
N LEU B 245 -5.02 -23.65 -10.04
CA LEU B 245 -4.09 -24.54 -10.73
C LEU B 245 -2.72 -24.55 -10.04
N TYR B 246 -2.07 -23.40 -10.01
CA TYR B 246 -0.77 -23.29 -9.35
C TYR B 246 -0.80 -24.01 -8.01
N PHE B 247 -1.91 -23.86 -7.28
CA PHE B 247 -2.05 -24.52 -5.98
C PHE B 247 -2.06 -26.03 -6.10
N VAL B 248 -2.58 -26.54 -7.22
CA VAL B 248 -2.63 -27.97 -7.44
C VAL B 248 -1.21 -28.53 -7.59
N ASP B 249 -0.39 -27.82 -8.38
CA ASP B 249 0.98 -28.25 -8.60
C ASP B 249 1.73 -28.30 -7.27
N VAL B 250 1.52 -27.29 -6.43
CA VAL B 250 2.17 -27.24 -5.13
C VAL B 250 1.57 -28.28 -4.18
N LEU B 251 0.25 -28.44 -4.25
CA LEU B 251 -0.43 -29.42 -3.41
C LEU B 251 0.07 -30.81 -3.82
N ARG B 252 0.23 -31.01 -5.12
CA ARG B 252 0.71 -32.29 -5.64
C ARG B 252 2.02 -32.64 -4.93
N SER B 253 3.01 -31.75 -5.09
CA SER B 253 4.31 -31.95 -4.49
C SER B 253 4.22 -32.01 -2.96
N ALA B 254 3.08 -31.63 -2.41
CA ALA B 254 2.88 -31.68 -0.96
C ALA B 254 2.38 -33.06 -0.55
N ILE B 255 1.20 -33.42 -1.04
CA ILE B 255 0.60 -34.71 -0.71
C ILE B 255 1.47 -35.83 -1.28
N ASN B 256 2.06 -35.62 -2.45
CA ASN B 256 2.92 -36.61 -3.07
C ASN B 256 4.34 -36.44 -2.54
N LYS B 257 4.45 -35.72 -1.42
CA LYS B 257 5.74 -35.44 -0.78
C LYS B 257 6.91 -35.21 -1.74
N THR B 258 6.59 -34.60 -2.88
CA THR B 258 7.59 -34.31 -3.91
C THR B 258 8.36 -33.01 -3.60
N GLY B 259 7.62 -31.93 -3.42
CA GLY B 259 8.24 -30.64 -3.15
C GLY B 259 9.10 -30.57 -1.90
N THR B 260 9.90 -29.51 -1.82
CA THR B 260 10.78 -29.26 -0.69
C THR B 260 10.17 -28.17 0.19
N ASP B 261 9.39 -27.30 -0.42
CA ASP B 261 8.75 -26.20 0.28
C ASP B 261 7.93 -26.75 1.45
N GLU B 262 8.55 -26.82 2.62
CA GLU B 262 7.91 -27.33 3.82
C GLU B 262 6.73 -26.48 4.25
N GLY B 263 5.68 -27.13 4.71
CA GLY B 263 4.50 -26.41 5.15
C GLY B 263 3.59 -26.08 3.98
N ALA B 264 4.11 -26.26 2.76
CA ALA B 264 3.37 -25.98 1.54
C ALA B 264 2.06 -26.73 1.44
N LEU B 265 1.97 -27.86 2.14
CA LEU B 265 0.77 -28.66 2.13
C LEU B 265 -0.38 -27.92 2.80
N THR B 266 -0.24 -27.75 4.12
CA THR B 266 -1.24 -27.08 4.95
C THR B 266 -1.41 -25.61 4.58
N ARG B 267 -0.30 -24.93 4.29
CA ARG B 267 -0.34 -23.51 3.94
C ARG B 267 -1.44 -23.25 2.92
N ILE B 268 -1.68 -24.23 2.05
CA ILE B 268 -2.72 -24.11 1.04
C ILE B 268 -4.09 -24.27 1.69
N VAL B 269 -4.37 -25.48 2.15
CA VAL B 269 -5.65 -25.79 2.79
C VAL B 269 -6.11 -24.72 3.76
N THR B 270 -5.22 -24.30 4.65
CA THR B 270 -5.53 -23.30 5.65
C THR B 270 -5.80 -21.88 5.15
N THR B 271 -5.17 -21.50 4.05
CA THR B 271 -5.39 -20.15 3.53
C THR B 271 -6.26 -20.10 2.29
N ARG B 272 -6.81 -21.24 1.88
CA ARG B 272 -7.66 -21.29 0.69
C ARG B 272 -9.05 -21.84 0.96
N ALA B 273 -9.17 -22.66 2.00
CA ALA B 273 -10.44 -23.28 2.36
C ALA B 273 -11.65 -22.34 2.29
N GLU B 274 -11.51 -21.18 2.89
CA GLU B 274 -12.60 -20.20 2.92
C GLU B 274 -12.55 -19.23 1.75
N ILE B 275 -12.00 -19.68 0.63
CA ILE B 275 -11.88 -18.83 -0.55
C ILE B 275 -12.05 -19.56 -1.88
N ASP B 276 -11.13 -20.48 -2.18
CA ASP B 276 -11.20 -21.19 -3.45
C ASP B 276 -10.67 -22.62 -3.37
N LEU B 277 -10.70 -23.19 -2.18
CA LEU B 277 -10.20 -24.54 -2.01
C LEU B 277 -11.05 -25.49 -2.86
N LYS B 278 -12.37 -25.36 -2.76
CA LYS B 278 -13.25 -26.23 -3.53
C LYS B 278 -12.82 -26.31 -4.98
N VAL B 279 -12.85 -25.17 -5.69
CA VAL B 279 -12.44 -25.16 -7.08
C VAL B 279 -11.04 -25.75 -7.22
N ILE B 280 -10.18 -25.50 -6.23
CA ILE B 280 -8.83 -26.06 -6.27
C ILE B 280 -8.98 -27.57 -6.16
N GLY B 281 -9.90 -27.99 -5.29
CA GLY B 281 -10.15 -29.40 -5.07
C GLY B 281 -10.67 -30.07 -6.33
N GLU B 282 -11.47 -29.33 -7.10
CA GLU B 282 -12.00 -29.87 -8.35
C GLU B 282 -10.81 -30.22 -9.23
N GLU B 283 -9.82 -29.34 -9.29
CA GLU B 283 -8.62 -29.57 -10.09
C GLU B 283 -7.71 -30.64 -9.52
N TYR B 284 -7.59 -30.67 -8.20
CA TYR B 284 -6.72 -31.67 -7.58
C TYR B 284 -7.11 -33.06 -8.09
N GLN B 285 -8.40 -33.28 -8.29
CA GLN B 285 -8.89 -34.56 -8.76
C GLN B 285 -8.84 -34.70 -10.28
N ARG B 286 -9.29 -33.67 -10.98
CA ARG B 286 -9.28 -33.72 -12.44
C ARG B 286 -7.85 -33.91 -12.93
N ARG B 287 -6.89 -33.58 -12.08
CA ARG B 287 -5.47 -33.68 -12.43
C ARG B 287 -4.77 -34.89 -11.84
N ASN B 288 -5.41 -35.58 -10.89
CA ASN B 288 -4.79 -36.74 -10.27
C ASN B 288 -5.64 -38.01 -10.27
N SER B 289 -6.88 -37.89 -10.70
CA SER B 289 -7.79 -39.03 -10.75
C SER B 289 -8.05 -39.60 -9.34
N ILE B 290 -7.96 -38.74 -8.34
CA ILE B 290 -8.18 -39.14 -6.94
C ILE B 290 -8.64 -37.92 -6.14
N PRO B 291 -9.53 -38.12 -5.14
CA PRO B 291 -10.03 -37.02 -4.31
C PRO B 291 -8.95 -36.40 -3.41
N LEU B 292 -9.08 -35.09 -3.16
CA LEU B 292 -8.13 -34.38 -2.31
C LEU B 292 -8.13 -34.94 -0.89
N GLU B 293 -9.31 -35.06 -0.32
CA GLU B 293 -9.46 -35.61 1.02
C GLU B 293 -8.87 -37.01 1.08
N LYS B 294 -9.15 -37.82 0.06
CA LYS B 294 -8.62 -39.18 0.02
C LYS B 294 -7.10 -39.19 0.04
N ALA B 295 -6.50 -38.26 -0.69
CA ALA B 295 -5.05 -38.15 -0.76
C ALA B 295 -4.47 -37.80 0.61
N ILE B 296 -5.14 -36.88 1.31
CA ILE B 296 -4.69 -36.46 2.63
C ILE B 296 -4.83 -37.58 3.65
N THR B 297 -5.85 -38.42 3.46
CA THR B 297 -6.10 -39.53 4.38
C THR B 297 -5.50 -40.86 3.92
N LYS B 298 -4.68 -40.80 2.88
CA LYS B 298 -4.03 -41.98 2.32
C LYS B 298 -3.14 -42.73 3.31
N ASP B 299 -2.76 -42.09 4.41
CA ASP B 299 -1.91 -42.76 5.39
C ASP B 299 -2.36 -42.62 6.83
N THR B 300 -2.20 -41.44 7.42
CA THR B 300 -2.59 -41.21 8.80
C THR B 300 -4.01 -40.67 8.93
N ARG B 301 -4.50 -40.56 10.15
CA ARG B 301 -5.84 -40.05 10.43
C ARG B 301 -6.13 -40.13 11.93
N GLY B 302 -6.49 -38.99 12.51
CA GLY B 302 -6.77 -38.92 13.94
C GLY B 302 -6.84 -37.49 14.43
N ASP B 303 -5.82 -36.70 14.08
CA ASP B 303 -5.77 -35.29 14.49
C ASP B 303 -5.49 -34.34 13.31
N TYR B 304 -4.20 -34.10 13.06
CA TYR B 304 -3.78 -33.22 11.97
C TYR B 304 -4.48 -33.57 10.66
N GLU B 305 -4.42 -34.85 10.29
CA GLU B 305 -5.04 -35.33 9.07
C GLU B 305 -6.55 -35.10 9.05
N LYS B 306 -7.20 -35.35 10.19
CA LYS B 306 -8.65 -35.16 10.30
C LYS B 306 -9.05 -33.70 10.11
N MET B 307 -8.47 -32.82 10.93
CA MET B 307 -8.77 -31.38 10.83
C MET B 307 -8.69 -30.94 9.37
N LEU B 308 -7.68 -31.43 8.65
CA LEU B 308 -7.54 -31.07 7.25
C LEU B 308 -8.78 -31.45 6.44
N VAL B 309 -9.17 -32.72 6.48
CA VAL B 309 -10.35 -33.15 5.73
C VAL B 309 -11.61 -32.58 6.37
N ALA B 310 -11.56 -32.34 7.67
CA ALA B 310 -12.70 -31.75 8.37
C ALA B 310 -12.90 -30.31 7.90
N LEU B 311 -11.78 -29.60 7.70
CA LEU B 311 -11.84 -28.22 7.22
C LEU B 311 -12.45 -28.20 5.83
N LEU B 312 -12.32 -29.32 5.12
CA LEU B 312 -12.87 -29.43 3.77
C LEU B 312 -14.38 -29.64 3.83
N GLY B 313 -14.82 -30.48 4.75
CA GLY B 313 -16.24 -30.78 4.89
C GLY B 313 -16.51 -32.24 4.65
N GLU B 314 -15.45 -33.02 4.48
CA GLU B 314 -15.56 -34.46 4.24
C GLU B 314 -15.72 -35.19 5.58
N ASP B 315 -15.69 -36.51 5.53
CA ASP B 315 -15.85 -37.32 6.74
C ASP B 315 -15.03 -38.63 6.73
N ASP B 316 -15.73 -39.75 6.55
CA ASP B 316 -15.09 -41.07 6.52
C ASP B 316 -14.75 -41.49 5.09
N ALA B 317 -13.63 -40.99 4.57
CA ALA B 317 -13.20 -41.34 3.21
C ALA B 317 -11.78 -40.86 2.95
N SER A 1 0.76 21.02 14.79
CA SER A 1 1.24 22.35 14.32
C SER A 1 0.29 22.97 13.30
N ALA A 2 -1.01 22.70 13.48
CA ALA A 2 -2.02 23.25 12.59
C ALA A 2 -2.17 24.74 12.83
N THR A 3 -2.44 25.50 11.77
CA THR A 3 -2.63 26.94 11.92
C THR A 3 -4.12 27.21 12.00
N LEU A 4 -4.91 26.29 11.47
CA LEU A 4 -6.36 26.39 11.47
C LEU A 4 -6.89 26.76 12.85
N LYS A 5 -8.04 27.42 12.90
CA LYS A 5 -8.66 27.82 14.14
C LYS A 5 -10.18 27.65 14.05
N VAL A 6 -10.74 26.81 14.92
CA VAL A 6 -12.17 26.54 14.91
C VAL A 6 -12.85 26.78 16.27
N SER A 7 -14.06 27.35 16.23
CA SER A 7 -14.82 27.63 17.43
C SER A 7 -15.29 26.34 18.09
N ASP A 8 -15.26 26.31 19.42
CA ASP A 8 -15.69 25.13 20.17
C ASP A 8 -17.19 24.93 20.01
N SER A 9 -17.79 25.74 19.16
CA SER A 9 -19.21 25.68 18.89
C SER A 9 -19.42 26.11 17.45
N VAL A 10 -20.13 25.29 16.68
CA VAL A 10 -20.38 25.58 15.28
C VAL A 10 -21.86 25.48 14.94
N PRO A 11 -22.36 26.42 14.11
CA PRO A 11 -23.77 26.43 13.71
C PRO A 11 -24.14 25.16 12.96
N ALA A 12 -25.42 25.01 12.65
CA ALA A 12 -25.90 23.83 11.94
C ALA A 12 -25.44 23.82 10.49
N PRO A 13 -24.99 22.65 10.00
CA PRO A 13 -24.51 22.52 8.62
C PRO A 13 -25.48 23.03 7.56
N SER A 14 -26.74 23.19 7.92
CA SER A 14 -27.73 23.69 6.98
C SER A 14 -27.66 25.21 6.85
N ASP A 15 -27.36 25.89 7.95
CA ASP A 15 -27.25 27.35 7.95
C ASP A 15 -26.09 27.76 7.03
N ASP A 16 -24.96 27.10 7.21
CA ASP A 16 -23.80 27.38 6.39
C ASP A 16 -24.14 27.00 4.95
N ALA A 17 -24.94 25.95 4.81
CA ALA A 17 -25.37 25.46 3.49
C ALA A 17 -26.05 26.54 2.65
N GLU A 18 -27.16 27.07 3.15
CA GLU A 18 -27.89 28.11 2.43
C GLU A 18 -26.97 29.30 2.18
N GLN A 19 -26.16 29.66 3.19
CA GLN A 19 -25.24 30.78 3.05
C GLN A 19 -24.27 30.54 1.90
N LEU A 20 -23.66 29.36 1.88
CA LEU A 20 -22.72 29.02 0.82
C LEU A 20 -23.41 29.03 -0.53
N ARG A 21 -24.69 28.62 -0.54
CA ARG A 21 -25.47 28.60 -1.78
C ARG A 21 -25.71 30.05 -2.21
N THR A 22 -25.99 30.90 -1.23
CA THR A 22 -26.24 32.32 -1.48
C THR A 22 -24.93 33.03 -1.83
N ALA A 23 -23.83 32.41 -1.43
CA ALA A 23 -22.51 32.98 -1.70
C ALA A 23 -21.97 32.63 -3.08
N PHE A 24 -21.90 31.34 -3.38
CA PHE A 24 -21.38 30.88 -4.67
C PHE A 24 -22.17 31.35 -5.89
N GLU A 25 -23.04 32.33 -5.70
CA GLU A 25 -23.83 32.85 -6.82
C GLU A 25 -23.54 34.33 -7.04
N GLU A 31 -19.46 37.31 -2.26
CA GLU A 31 -18.64 38.13 -1.39
C GLU A 31 -17.52 37.32 -0.73
N ASP A 32 -16.87 37.93 0.26
CA ASP A 32 -15.79 37.28 0.99
C ASP A 32 -16.38 36.37 2.06
N LEU A 33 -17.65 36.03 1.89
CA LEU A 33 -18.36 35.16 2.83
C LEU A 33 -17.92 33.70 2.65
N ILE A 34 -17.24 33.42 1.55
CA ILE A 34 -16.74 32.09 1.24
C ILE A 34 -15.35 31.91 1.87
N ILE A 35 -15.04 32.74 2.87
CA ILE A 35 -13.76 32.68 3.57
C ILE A 35 -13.96 32.17 5.00
N SER A 36 -14.49 33.04 5.85
CA SER A 36 -14.76 32.73 7.25
C SER A 36 -15.32 31.34 7.44
N ILE A 37 -16.30 31.00 6.62
CA ILE A 37 -16.96 29.70 6.71
C ILE A 37 -16.01 28.51 6.69
N LEU A 38 -15.63 28.08 5.49
CA LEU A 38 -14.75 26.92 5.33
C LEU A 38 -13.47 26.92 6.16
N ALA A 39 -13.02 28.10 6.55
CA ALA A 39 -11.81 28.22 7.35
C ALA A 39 -12.14 28.03 8.83
N HIS A 40 -13.39 28.27 9.20
CA HIS A 40 -13.80 28.12 10.60
C HIS A 40 -14.67 26.89 10.76
N ARG A 41 -14.39 25.89 9.94
CA ARG A 41 -15.10 24.61 9.97
C ARG A 41 -14.06 23.57 9.59
N SER A 42 -13.55 22.84 10.58
CA SER A 42 -12.54 21.81 10.34
C SER A 42 -12.96 20.85 9.23
N ALA A 43 -12.06 19.95 8.85
CA ALA A 43 -12.35 19.00 7.79
C ALA A 43 -13.63 18.21 8.08
N GLU A 44 -13.73 17.69 9.30
CA GLU A 44 -14.90 16.91 9.71
C GLU A 44 -16.18 17.72 9.60
N GLN A 45 -16.10 19.01 9.93
CA GLN A 45 -17.27 19.88 9.87
C GLN A 45 -17.62 20.27 8.42
N ARG A 46 -16.60 20.37 7.57
CA ARG A 46 -16.83 20.72 6.17
C ARG A 46 -17.53 19.58 5.44
N LYS A 47 -17.15 18.35 5.77
CA LYS A 47 -17.78 17.18 5.15
C LYS A 47 -19.28 17.21 5.46
N VAL A 48 -19.61 17.51 6.71
CA VAL A 48 -21.00 17.59 7.13
C VAL A 48 -21.71 18.72 6.40
N ILE A 49 -21.03 19.86 6.30
CA ILE A 49 -21.59 21.02 5.61
C ILE A 49 -21.85 20.71 4.15
N ARG A 50 -20.82 20.19 3.47
CA ARG A 50 -20.91 19.85 2.06
C ARG A 50 -22.03 18.85 1.82
N GLN A 51 -22.19 17.93 2.75
CA GLN A 51 -23.22 16.89 2.64
C GLN A 51 -24.61 17.49 2.74
N ALA A 52 -24.75 18.63 3.42
CA ALA A 52 -26.04 19.28 3.58
C ALA A 52 -26.42 20.03 2.32
N TYR A 53 -25.53 20.89 1.84
CA TYR A 53 -25.80 21.66 0.62
C TYR A 53 -26.37 20.73 -0.43
N HIS A 54 -25.88 19.49 -0.44
CA HIS A 54 -26.36 18.51 -1.40
C HIS A 54 -27.78 18.05 -1.08
N GLU A 55 -28.04 17.73 0.19
CA GLU A 55 -29.36 17.29 0.63
C GLU A 55 -30.37 18.43 0.54
N THR A 56 -29.96 19.54 -0.04
CA THR A 56 -30.83 20.70 -0.14
C THR A 56 -30.98 21.20 -1.56
N TYR A 57 -30.03 20.86 -2.42
CA TYR A 57 -30.08 21.33 -3.79
C TYR A 57 -29.85 20.27 -4.85
N GLY A 58 -29.73 19.01 -4.43
CA GLY A 58 -29.52 17.92 -5.37
C GLY A 58 -28.29 18.10 -6.24
N GLU A 59 -27.41 19.01 -5.81
CA GLU A 59 -26.18 19.32 -6.54
C GLU A 59 -25.01 19.41 -5.55
N ASP A 60 -23.82 19.00 -5.97
CA ASP A 60 -22.64 19.03 -5.12
C ASP A 60 -22.12 20.45 -4.91
N LEU A 61 -21.77 20.77 -3.67
CA LEU A 61 -21.26 22.09 -3.32
C LEU A 61 -20.21 22.56 -4.29
N LEU A 62 -19.43 21.60 -4.79
CA LEU A 62 -18.34 21.87 -5.72
C LEU A 62 -18.69 21.36 -7.11
N LYS A 63 -19.46 22.13 -7.86
CA LYS A 63 -19.85 21.72 -9.21
C LYS A 63 -18.99 22.43 -10.23
N THR A 64 -18.33 23.51 -9.80
CA THR A 64 -17.49 24.29 -10.70
C THR A 64 -16.14 24.70 -10.09
N LEU A 65 -15.35 23.72 -9.67
CA LEU A 65 -14.04 24.01 -9.08
C LEU A 65 -12.95 23.15 -9.69
N ASP A 66 -13.26 21.87 -9.94
CA ASP A 66 -12.29 20.95 -10.52
C ASP A 66 -11.80 21.52 -11.84
N LYS A 67 -12.71 22.16 -12.56
CA LYS A 67 -12.41 22.77 -13.85
C LYS A 67 -11.21 23.70 -13.75
N GLU A 68 -10.58 23.98 -14.89
CA GLU A 68 -9.43 24.87 -14.90
C GLU A 68 -9.89 26.26 -15.31
N LEU A 69 -11.17 26.39 -15.60
CA LEU A 69 -11.77 27.66 -15.99
C LEU A 69 -11.85 28.51 -14.72
N SER A 70 -11.60 27.86 -13.60
CA SER A 70 -11.64 28.51 -12.30
C SER A 70 -10.36 29.30 -12.05
N ASN A 71 -10.46 30.28 -11.16
CA ASN A 71 -9.33 31.10 -10.80
C ASN A 71 -8.66 30.55 -9.53
N ASP A 72 -7.64 31.24 -9.05
CA ASP A 72 -6.95 30.81 -7.85
C ASP A 72 -7.89 30.68 -6.66
N PHE A 73 -8.97 31.45 -6.67
CA PHE A 73 -9.94 31.39 -5.58
C PHE A 73 -10.80 30.12 -5.71
N GLU A 74 -11.53 29.98 -6.81
CA GLU A 74 -12.37 28.80 -7.00
C GLU A 74 -11.52 27.53 -7.10
N ARG A 75 -10.20 27.70 -7.07
CA ARG A 75 -9.26 26.60 -7.15
C ARG A 75 -8.80 26.12 -5.79
N ALA A 76 -8.74 27.04 -4.83
CA ALA A 76 -8.32 26.70 -3.48
C ALA A 76 -9.50 26.15 -2.69
N ILE A 77 -10.70 26.67 -2.96
CA ILE A 77 -11.90 26.20 -2.26
C ILE A 77 -12.03 24.69 -2.37
N LEU A 78 -11.90 24.17 -3.59
CA LEU A 78 -12.01 22.74 -3.86
C LEU A 78 -11.14 21.88 -2.93
N LEU A 79 -9.87 22.25 -2.79
CA LEU A 79 -8.98 21.47 -1.95
C LEU A 79 -9.35 21.53 -0.47
N TRP A 80 -9.32 22.72 0.09
CA TRP A 80 -9.65 22.91 1.49
C TRP A 80 -10.94 22.19 1.89
N THR A 81 -11.81 21.93 0.92
CA THR A 81 -13.09 21.29 1.22
C THR A 81 -13.21 19.84 0.76
N LEU A 82 -12.42 19.44 -0.23
CA LEU A 82 -12.45 18.06 -0.67
C LEU A 82 -11.99 17.22 0.52
N GLU A 83 -11.88 15.91 0.31
CA GLU A 83 -11.41 15.02 1.36
C GLU A 83 -9.90 14.95 1.18
N PRO A 84 -9.13 14.95 2.27
CA PRO A 84 -7.67 14.88 2.15
C PRO A 84 -7.23 13.76 1.22
N GLY A 85 -7.92 12.62 1.30
CA GLY A 85 -7.61 11.49 0.45
C GLY A 85 -7.84 11.80 -1.02
N GLU A 86 -9.06 12.21 -1.36
CA GLU A 86 -9.39 12.54 -2.74
C GLU A 86 -8.57 13.75 -3.18
N ARG A 87 -8.30 14.63 -2.23
CA ARG A 87 -7.53 15.84 -2.47
C ARG A 87 -6.14 15.45 -2.97
N ASP A 88 -5.49 14.55 -2.23
CA ASP A 88 -4.16 14.11 -2.61
C ASP A 88 -4.22 13.15 -3.79
N ALA A 89 -5.24 12.30 -3.81
CA ALA A 89 -5.39 11.35 -4.92
C ALA A 89 -5.46 12.22 -6.17
N LEU A 90 -6.10 13.38 -6.01
CA LEU A 90 -6.26 14.34 -7.09
C LEU A 90 -4.95 15.05 -7.45
N LEU A 91 -4.21 15.46 -6.43
CA LEU A 91 -2.95 16.17 -6.66
C LEU A 91 -1.92 15.33 -7.41
N ALA A 92 -1.79 14.06 -7.04
CA ALA A 92 -0.83 13.19 -7.72
C ALA A 92 -1.30 12.98 -9.16
N ASN A 93 -2.62 12.81 -9.32
CA ASN A 93 -3.20 12.62 -10.64
C ASN A 93 -2.78 13.72 -11.61
N GLU A 94 -2.70 14.96 -11.13
CA GLU A 94 -2.27 16.05 -11.99
C GLU A 94 -0.74 15.96 -12.12
N ALA A 95 -0.08 15.48 -11.08
CA ALA A 95 1.37 15.35 -11.10
C ALA A 95 1.82 14.33 -12.14
N THR A 96 1.07 13.24 -12.26
CA THR A 96 1.40 12.20 -13.23
C THR A 96 0.85 12.52 -14.62
N LYS A 97 -0.08 13.45 -14.69
CA LYS A 97 -0.67 13.81 -15.98
C LYS A 97 0.36 14.47 -16.88
N ARG A 98 0.98 15.54 -16.40
CA ARG A 98 1.99 16.24 -17.19
C ARG A 98 3.35 16.12 -16.53
N TRP A 99 3.64 14.94 -16.01
CA TRP A 99 4.90 14.69 -15.33
C TRP A 99 6.15 15.18 -16.08
N THR A 100 7.14 15.57 -15.30
CA THR A 100 8.43 16.02 -15.80
C THR A 100 9.39 15.80 -14.64
N SER A 101 10.68 15.67 -14.96
CA SER A 101 11.72 15.45 -13.95
C SER A 101 11.64 16.37 -12.71
N SER A 102 11.17 17.60 -12.90
CA SER A 102 11.07 18.57 -11.81
C SER A 102 9.89 18.38 -10.84
N ASN A 103 8.74 17.94 -11.35
CA ASN A 103 7.60 17.74 -10.48
C ASN A 103 7.91 16.80 -9.31
N GLN A 104 7.72 17.29 -8.09
CA GLN A 104 7.99 16.50 -6.90
C GLN A 104 6.72 16.26 -6.06
N VAL A 105 5.56 16.67 -6.58
CA VAL A 105 4.33 16.48 -5.83
C VAL A 105 4.09 15.01 -5.51
N LEU A 106 4.38 14.12 -6.46
CA LEU A 106 4.21 12.70 -6.21
C LEU A 106 5.05 12.29 -5.00
N MET A 107 6.31 12.73 -4.95
CA MET A 107 7.18 12.42 -3.82
C MET A 107 6.58 13.11 -2.58
N GLU A 108 6.27 14.39 -2.72
CA GLU A 108 5.71 15.21 -1.65
C GLU A 108 4.56 14.51 -0.93
N VAL A 109 3.47 14.28 -1.64
CA VAL A 109 2.29 13.61 -1.11
C VAL A 109 2.70 12.28 -0.49
N ALA A 110 3.72 11.65 -1.06
CA ALA A 110 4.16 10.34 -0.59
C ALA A 110 4.98 10.30 0.70
N CYS A 111 5.65 11.41 1.04
CA CYS A 111 6.49 11.45 2.24
C CYS A 111 5.98 12.31 3.39
N THR A 112 5.07 13.23 3.11
CA THR A 112 4.52 14.11 4.14
C THR A 112 3.17 13.60 4.66
N ARG A 113 2.76 12.44 4.16
CA ARG A 113 1.51 11.83 4.58
C ARG A 113 1.74 10.67 5.54
N THR A 114 0.94 10.60 6.59
CA THR A 114 1.07 9.49 7.54
C THR A 114 0.53 8.29 6.78
N SER A 115 1.02 7.11 7.11
CA SER A 115 0.62 5.88 6.44
C SER A 115 -0.88 5.82 6.14
N THR A 116 -1.69 6.16 7.14
CA THR A 116 -3.13 6.14 6.98
C THR A 116 -3.60 7.13 5.92
N GLN A 117 -3.01 8.32 5.91
CA GLN A 117 -3.39 9.34 4.94
C GLN A 117 -3.06 8.92 3.52
N LEU A 118 -1.88 8.34 3.30
CA LEU A 118 -1.51 7.89 1.97
C LEU A 118 -2.44 6.76 1.48
N LEU A 119 -2.79 5.83 2.37
CA LEU A 119 -3.70 4.74 2.00
C LEU A 119 -5.02 5.34 1.55
N HIS A 120 -5.44 6.41 2.22
CA HIS A 120 -6.68 7.09 1.87
C HIS A 120 -6.54 7.67 0.48
N ALA A 121 -5.35 8.16 0.17
CA ALA A 121 -5.09 8.73 -1.14
C ALA A 121 -5.17 7.62 -2.18
N ARG A 122 -4.58 6.46 -1.84
CA ARG A 122 -4.60 5.30 -2.74
C ARG A 122 -6.01 4.76 -2.88
N GLN A 123 -6.79 4.83 -1.79
CA GLN A 123 -8.17 4.36 -1.81
C GLN A 123 -9.05 5.39 -2.50
N ALA A 124 -8.67 6.67 -2.38
CA ALA A 124 -9.42 7.74 -3.02
C ALA A 124 -9.05 7.71 -4.49
N TYR A 125 -7.94 7.05 -4.81
CA TYR A 125 -7.51 6.94 -6.19
C TYR A 125 -8.22 5.76 -6.86
N HIS A 126 -8.49 4.70 -6.08
CA HIS A 126 -9.19 3.55 -6.63
C HIS A 126 -10.54 4.01 -7.17
N ALA A 127 -11.32 4.66 -6.30
CA ALA A 127 -12.65 5.12 -6.64
C ALA A 127 -12.69 6.44 -7.39
N ARG A 128 -11.56 6.85 -7.97
CA ARG A 128 -11.56 8.11 -8.68
C ARG A 128 -11.29 7.99 -10.18
N TYR A 129 -10.20 7.31 -10.53
CA TYR A 129 -9.79 7.15 -11.92
C TYR A 129 -9.86 5.71 -12.41
N LYS A 130 -10.04 4.77 -11.48
CA LYS A 130 -10.15 3.34 -11.79
C LYS A 130 -8.82 2.70 -12.17
N LYS A 131 -7.76 3.12 -11.48
CA LYS A 131 -6.41 2.59 -11.68
C LYS A 131 -5.74 2.59 -10.29
N SER A 132 -4.51 2.09 -10.21
CA SER A 132 -3.83 2.10 -8.92
C SER A 132 -2.69 3.11 -9.05
N LEU A 133 -2.46 3.87 -7.99
CA LEU A 133 -1.41 4.88 -7.96
C LEU A 133 -0.05 4.27 -8.33
N GLU A 134 -0.04 2.95 -8.52
CA GLU A 134 1.18 2.23 -8.90
C GLU A 134 1.29 2.20 -10.42
N GLU A 135 0.23 1.73 -11.09
CA GLU A 135 0.26 1.69 -12.55
C GLU A 135 0.22 3.11 -13.07
N ASP A 136 -0.58 3.95 -12.43
CA ASP A 136 -0.72 5.35 -12.82
C ASP A 136 0.67 5.99 -12.93
N VAL A 137 1.40 5.97 -11.82
CA VAL A 137 2.74 6.54 -11.79
C VAL A 137 3.69 5.71 -12.65
N ALA A 138 3.88 4.45 -12.27
CA ALA A 138 4.78 3.56 -13.00
C ALA A 138 4.53 3.59 -14.51
N HIS A 139 3.28 3.82 -14.90
CA HIS A 139 2.93 3.88 -16.31
C HIS A 139 3.79 4.93 -17.01
N HIS A 140 3.57 6.19 -16.63
CA HIS A 140 4.25 7.31 -17.25
C HIS A 140 5.65 7.66 -16.72
N THR A 141 5.86 7.56 -15.41
CA THR A 141 7.17 7.88 -14.84
C THR A 141 8.30 7.23 -15.60
N THR A 142 9.46 7.88 -15.62
CA THR A 142 10.59 7.37 -16.37
C THR A 142 11.89 7.17 -15.61
N GLY A 143 12.77 6.39 -16.22
CA GLY A 143 14.08 6.08 -15.66
C GLY A 143 14.14 6.00 -14.15
N ASP A 144 15.25 6.49 -13.60
CA ASP A 144 15.49 6.50 -12.18
C ASP A 144 14.42 7.26 -11.42
N PHE A 145 13.85 8.28 -12.05
CA PHE A 145 12.78 9.05 -11.41
C PHE A 145 11.71 8.05 -11.02
N ARG A 146 11.24 7.28 -12.01
CA ARG A 146 10.21 6.26 -11.78
C ARG A 146 10.67 5.28 -10.72
N LYS A 147 11.94 4.90 -10.77
CA LYS A 147 12.50 3.98 -9.80
C LYS A 147 12.10 4.44 -8.39
N LEU A 148 12.58 5.61 -8.00
CA LEU A 148 12.28 6.16 -6.68
C LEU A 148 10.80 6.51 -6.52
N LEU A 149 10.24 7.26 -7.46
CA LEU A 149 8.85 7.63 -7.34
C LEU A 149 7.98 6.40 -7.07
N VAL A 150 8.14 5.34 -7.88
CA VAL A 150 7.35 4.12 -7.70
C VAL A 150 7.62 3.51 -6.32
N SER A 151 8.88 3.33 -5.98
CA SER A 151 9.23 2.76 -4.68
C SER A 151 8.58 3.58 -3.57
N LEU A 152 8.56 4.89 -3.76
CA LEU A 152 7.98 5.83 -2.79
C LEU A 152 6.45 5.93 -2.89
N VAL A 153 5.92 5.95 -4.11
CA VAL A 153 4.47 6.06 -4.27
C VAL A 153 3.64 4.91 -3.72
N THR A 154 4.10 3.67 -3.83
CA THR A 154 3.31 2.55 -3.30
C THR A 154 3.74 2.20 -1.89
N SER A 155 4.58 3.04 -1.31
CA SER A 155 5.09 2.80 0.03
C SER A 155 4.02 2.87 1.11
N TYR A 156 3.89 1.77 1.86
CA TYR A 156 2.96 1.66 2.97
C TYR A 156 3.93 1.34 4.10
N ARG A 157 4.53 2.41 4.63
CA ARG A 157 5.58 2.36 5.65
C ARG A 157 5.18 2.19 7.12
N TYR A 158 6.06 1.56 7.89
CA TYR A 158 5.83 1.36 9.32
C TYR A 158 6.04 2.72 10.00
N GLU A 159 5.27 2.99 11.05
CA GLU A 159 5.37 4.27 11.73
C GLU A 159 5.83 4.28 13.19
N GLY A 160 5.55 3.21 13.93
CA GLY A 160 5.96 3.15 15.32
C GLY A 160 7.35 3.69 15.60
N ASP A 161 7.62 4.04 16.85
CA ASP A 161 8.91 4.61 17.25
C ASP A 161 10.07 3.61 17.36
N GLU A 162 9.80 2.31 17.20
CA GLU A 162 10.85 1.32 17.28
C GLU A 162 12.08 1.66 16.46
N VAL A 163 13.24 1.63 17.09
CA VAL A 163 14.49 1.94 16.42
C VAL A 163 15.52 0.86 16.73
N ASN A 164 16.08 0.26 15.69
CA ASN A 164 17.10 -0.77 15.85
C ASN A 164 18.43 -0.16 15.45
N MET A 165 19.12 0.44 16.42
CA MET A 165 20.39 1.11 16.18
C MET A 165 21.46 0.25 15.53
N THR A 166 21.33 -1.06 15.64
CA THR A 166 22.31 -1.95 15.03
C THR A 166 22.11 -2.05 13.52
N LEU A 167 20.94 -1.60 13.06
CA LEU A 167 20.64 -1.63 11.64
C LEU A 167 20.89 -0.23 11.04
N ALA A 168 20.46 0.80 11.76
CA ALA A 168 20.63 2.17 11.30
C ALA A 168 22.11 2.48 11.12
N LYS A 169 22.94 1.84 11.94
CA LYS A 169 24.38 2.06 11.89
C LYS A 169 24.98 1.47 10.61
N GLN A 170 24.42 0.35 10.16
CA GLN A 170 24.87 -0.32 8.95
C GLN A 170 24.28 0.30 7.69
N GLU A 171 23.01 0.70 7.76
CA GLU A 171 22.39 1.30 6.59
C GLU A 171 22.86 2.76 6.42
N ALA A 172 23.92 3.11 7.15
CA ALA A 172 24.51 4.44 7.10
C ALA A 172 25.83 4.35 6.34
N LYS A 173 26.60 3.30 6.62
CA LYS A 173 27.87 3.11 5.95
C LYS A 173 27.62 3.05 4.45
N LEU A 174 26.62 2.27 4.06
CA LEU A 174 26.26 2.09 2.66
C LEU A 174 25.80 3.37 1.96
N VAL A 175 24.91 4.12 2.61
CA VAL A 175 24.41 5.36 2.03
C VAL A 175 25.58 6.30 1.69
N HIS A 176 26.40 6.61 2.69
CA HIS A 176 27.54 7.50 2.49
C HIS A 176 28.54 6.90 1.52
N GLU A 177 28.73 5.58 1.62
CA GLU A 177 29.65 4.88 0.73
C GLU A 177 29.23 5.18 -0.71
N LYS A 178 27.92 5.24 -0.93
CA LYS A 178 27.38 5.50 -2.25
C LYS A 178 27.26 7.00 -2.54
N ILE A 179 26.94 7.79 -1.52
CA ILE A 179 26.81 9.22 -1.71
C ILE A 179 28.09 9.80 -2.30
N LYS A 180 29.20 9.68 -1.57
CA LYS A 180 30.48 10.21 -2.03
C LYS A 180 30.90 9.59 -3.36
N ASP A 181 30.59 8.31 -3.56
CA ASP A 181 30.93 7.63 -4.79
C ASP A 181 30.13 8.23 -5.94
N LYS A 182 29.17 9.09 -5.58
CA LYS A 182 28.30 9.78 -6.52
C LYS A 182 27.17 8.94 -7.11
N HIS A 183 26.82 7.84 -6.45
CA HIS A 183 25.74 6.99 -6.92
C HIS A 183 24.44 7.31 -6.17
N TYR A 184 23.73 8.32 -6.66
CA TYR A 184 22.48 8.75 -6.05
C TYR A 184 21.34 7.78 -6.31
N ASN A 185 21.23 7.32 -7.54
CA ASN A 185 20.19 6.38 -7.92
C ASN A 185 20.60 4.93 -7.68
N ASP A 186 21.57 4.71 -6.80
CA ASP A 186 22.06 3.37 -6.51
C ASP A 186 20.98 2.49 -5.89
N GLU A 187 20.96 1.22 -6.29
CA GLU A 187 20.00 0.23 -5.80
C GLU A 187 19.67 0.49 -4.35
N ASP A 188 20.62 0.15 -3.48
CA ASP A 188 20.48 0.31 -2.04
C ASP A 188 19.99 1.68 -1.59
N VAL A 189 20.27 2.71 -2.38
CA VAL A 189 19.80 4.05 -2.04
C VAL A 189 18.28 4.02 -2.05
N ILE A 190 17.70 4.05 -3.24
CA ILE A 190 16.25 4.02 -3.40
C ILE A 190 15.70 2.84 -2.61
N ARG A 191 16.53 1.82 -2.46
CA ARG A 191 16.14 0.66 -1.70
C ARG A 191 15.94 1.10 -0.26
N ILE A 192 16.78 2.03 0.21
CA ILE A 192 16.72 2.51 1.58
C ILE A 192 15.83 3.71 1.90
N LEU A 193 15.67 4.63 0.96
CA LEU A 193 14.84 5.81 1.21
C LEU A 193 13.39 5.63 0.80
N SER A 194 12.91 4.39 0.77
CA SER A 194 11.53 4.15 0.40
C SER A 194 10.83 3.10 1.25
N THR A 195 11.60 2.21 1.88
CA THR A 195 11.00 1.15 2.68
C THR A 195 11.04 1.34 4.21
N ARG A 196 12.17 1.82 4.73
CA ARG A 196 12.34 2.03 6.17
C ARG A 196 11.35 3.00 6.78
N SER A 197 10.97 2.76 8.03
CA SER A 197 10.04 3.64 8.73
C SER A 197 10.71 5.00 8.93
N LYS A 198 9.90 6.03 9.20
CA LYS A 198 10.43 7.37 9.41
C LYS A 198 11.32 7.51 10.65
N ALA A 199 11.02 6.77 11.72
CA ALA A 199 11.85 6.82 12.93
C ALA A 199 13.22 6.22 12.60
N GLN A 200 13.20 5.03 12.02
CA GLN A 200 14.43 4.32 11.64
C GLN A 200 15.33 5.21 10.78
N ILE A 201 14.75 5.76 9.72
CA ILE A 201 15.49 6.62 8.79
C ILE A 201 16.20 7.75 9.54
N ASN A 202 15.55 8.25 10.59
CA ASN A 202 16.14 9.32 11.40
C ASN A 202 17.37 8.80 12.14
N ALA A 203 17.25 7.64 12.75
CA ALA A 203 18.37 7.06 13.49
C ALA A 203 19.50 6.71 12.55
N THR A 204 19.17 6.47 11.29
CA THR A 204 20.17 6.13 10.30
C THR A 204 20.99 7.38 10.01
N PHE A 205 20.30 8.49 9.79
CA PHE A 205 20.99 9.74 9.49
C PHE A 205 21.60 10.38 10.74
N ASN A 206 21.15 9.94 11.91
CA ASN A 206 21.73 10.43 13.16
C ASN A 206 23.08 9.73 13.27
N ARG A 207 23.19 8.56 12.63
CA ARG A 207 24.44 7.80 12.64
C ARG A 207 25.30 8.18 11.45
N TYR A 208 24.64 8.64 10.38
CA TYR A 208 25.34 9.04 9.18
C TYR A 208 26.25 10.23 9.48
N GLN A 209 25.72 11.19 10.21
CA GLN A 209 26.47 12.39 10.58
C GLN A 209 27.64 12.07 11.50
N ASP A 210 27.53 10.95 12.22
CA ASP A 210 28.58 10.53 13.14
C ASP A 210 29.77 9.92 12.44
N ASP A 211 29.52 8.96 11.55
CA ASP A 211 30.58 8.28 10.82
C ASP A 211 31.56 9.21 10.11
N HIS A 212 31.06 10.31 9.55
CA HIS A 212 31.94 11.23 8.82
C HIS A 212 31.69 12.71 9.11
N GLY A 213 31.11 13.00 10.27
CA GLY A 213 30.84 14.38 10.65
C GLY A 213 30.34 15.28 9.54
N GLU A 214 29.06 15.21 9.23
CA GLU A 214 28.46 16.04 8.19
C GLU A 214 26.98 15.70 7.99
N GLU A 215 26.15 16.74 8.03
CA GLU A 215 24.70 16.59 7.87
C GLU A 215 24.36 16.05 6.47
N ILE A 216 23.66 14.92 6.43
CA ILE A 216 23.25 14.25 5.19
C ILE A 216 23.02 15.17 3.98
N LEU A 217 22.18 16.19 4.14
CA LEU A 217 21.89 17.12 3.06
C LEU A 217 23.13 17.85 2.56
N LYS A 218 24.04 18.18 3.46
CA LYS A 218 25.27 18.86 3.07
C LYS A 218 26.15 17.89 2.28
N SER A 219 26.03 16.60 2.60
CA SER A 219 26.81 15.58 1.90
C SER A 219 26.53 15.67 0.40
N LEU A 220 25.28 15.93 0.04
CA LEU A 220 24.86 16.02 -1.36
C LEU A 220 25.00 17.43 -1.93
N GLU A 221 25.06 18.43 -1.04
CA GLU A 221 25.18 19.83 -1.46
C GLU A 221 26.31 20.08 -2.45
N GLU A 222 27.43 19.39 -2.28
CA GLU A 222 28.56 19.55 -3.17
C GLU A 222 28.30 18.83 -4.49
N GLY A 223 27.09 18.98 -5.00
CA GLY A 223 26.72 18.33 -6.25
C GLY A 223 25.89 19.21 -7.15
N ASP A 224 25.88 18.89 -8.43
CA ASP A 224 25.11 19.65 -9.43
C ASP A 224 23.66 19.80 -8.97
N ASP A 225 23.24 21.05 -8.79
CA ASP A 225 21.87 21.33 -8.36
C ASP A 225 20.86 21.16 -9.48
N ASP A 226 21.29 21.42 -10.72
CA ASP A 226 20.42 21.29 -11.87
C ASP A 226 20.09 19.83 -12.16
N ASP A 227 20.66 18.93 -11.36
CA ASP A 227 20.42 17.50 -11.50
C ASP A 227 19.08 17.16 -10.86
N LYS A 228 18.04 17.14 -11.69
CA LYS A 228 16.68 16.87 -11.25
C LYS A 228 16.59 15.65 -10.34
N PHE A 229 17.31 14.59 -10.66
CA PHE A 229 17.23 13.42 -9.81
C PHE A 229 17.76 13.69 -8.39
N LEU A 230 18.98 14.20 -8.29
CA LEU A 230 19.57 14.51 -6.99
C LEU A 230 18.62 15.42 -6.24
N ALA A 231 18.08 16.40 -6.95
CA ALA A 231 17.14 17.33 -6.33
C ALA A 231 15.98 16.54 -5.72
N LEU A 232 15.50 15.53 -6.45
CA LEU A 232 14.41 14.70 -5.98
C LEU A 232 14.88 13.87 -4.78
N LEU A 233 16.06 13.26 -4.89
CA LEU A 233 16.61 12.45 -3.80
C LEU A 233 16.79 13.35 -2.58
N ARG A 234 17.37 14.54 -2.78
CA ARG A 234 17.59 15.49 -1.70
C ARG A 234 16.26 15.85 -1.03
N SER A 235 15.27 16.18 -1.85
CA SER A 235 13.96 16.53 -1.31
C SER A 235 13.31 15.38 -0.57
N THR A 236 13.50 14.17 -1.08
CA THR A 236 12.90 12.98 -0.45
C THR A 236 13.37 12.90 0.99
N ILE A 237 14.68 12.99 1.19
CA ILE A 237 15.28 12.94 2.52
C ILE A 237 14.66 14.00 3.42
N GLN A 238 14.63 15.24 2.96
CA GLN A 238 14.05 16.34 3.73
C GLN A 238 12.69 15.99 4.36
N CYS A 239 11.77 15.48 3.55
CA CYS A 239 10.43 15.12 4.04
C CYS A 239 10.39 13.94 5.02
N LEU A 240 11.40 13.08 4.99
CA LEU A 240 11.47 11.93 5.89
C LEU A 240 12.26 12.29 7.16
N THR A 241 12.71 13.54 7.23
CA THR A 241 13.49 14.05 8.35
C THR A 241 12.87 15.32 8.94
N ARG A 242 12.97 16.41 8.18
CA ARG A 242 12.42 17.71 8.59
C ARG A 242 11.57 18.28 7.44
N PRO A 243 10.28 17.90 7.37
CA PRO A 243 9.34 18.35 6.34
C PRO A 243 9.29 19.87 6.13
N GLU A 244 9.98 20.62 6.98
CA GLU A 244 10.00 22.06 6.87
C GLU A 244 10.97 22.53 5.78
N LEU A 245 12.12 21.87 5.67
CA LEU A 245 13.12 22.23 4.67
C LEU A 245 12.58 22.22 3.24
N TYR A 246 11.97 21.12 2.82
CA TYR A 246 11.40 21.06 1.47
C TYR A 246 10.26 22.07 1.42
N PHE A 247 9.41 22.03 2.44
CA PHE A 247 8.29 22.95 2.50
C PHE A 247 8.72 24.39 2.76
N VAL A 248 10.02 24.67 2.56
CA VAL A 248 10.59 26.00 2.71
C VAL A 248 11.04 26.47 1.32
N ASP A 249 12.00 25.77 0.73
CA ASP A 249 12.55 26.12 -0.57
C ASP A 249 11.46 26.37 -1.61
N VAL A 250 10.76 25.29 -1.98
CA VAL A 250 9.67 25.35 -2.96
C VAL A 250 8.80 26.55 -2.60
N LEU A 251 8.18 26.48 -1.43
CA LEU A 251 7.32 27.55 -0.96
C LEU A 251 8.01 28.92 -1.08
N ARG A 252 9.34 28.93 -0.91
CA ARG A 252 10.12 30.17 -1.00
C ARG A 252 10.36 30.55 -2.45
N SER A 253 10.15 29.59 -3.35
CA SER A 253 10.34 29.84 -4.78
C SER A 253 9.02 30.26 -5.44
N ALA A 254 7.90 29.79 -4.91
CA ALA A 254 6.60 30.12 -5.48
C ALA A 254 6.24 31.60 -5.30
N ILE A 255 6.56 32.14 -4.15
CA ILE A 255 6.26 33.54 -3.85
C ILE A 255 7.12 34.48 -4.69
N ASN A 256 8.41 34.17 -4.82
CA ASN A 256 9.32 34.98 -5.62
C ASN A 256 8.97 34.81 -7.10
N LYS A 257 8.10 33.85 -7.39
CA LYS A 257 7.67 33.55 -8.76
C LYS A 257 8.85 33.07 -9.60
N THR A 258 9.80 32.41 -8.96
CA THR A 258 10.99 31.88 -9.64
C THR A 258 11.05 30.37 -9.61
N GLY A 259 9.95 29.72 -9.96
CA GLY A 259 9.91 28.27 -9.96
C GLY A 259 9.00 27.70 -11.03
N THR A 260 9.11 26.39 -11.24
CA THR A 260 8.29 25.69 -12.23
C THR A 260 7.40 24.63 -11.57
N ASP A 261 6.87 24.97 -10.40
CA ASP A 261 5.99 24.08 -9.66
C ASP A 261 4.69 24.83 -9.38
N GLU A 262 4.40 25.80 -10.23
CA GLU A 262 3.20 26.61 -10.11
C GLU A 262 2.05 25.88 -9.42
N GLY A 263 1.24 26.63 -8.67
CA GLY A 263 0.14 26.02 -7.96
C GLY A 263 0.56 25.48 -6.61
N ALA A 264 1.87 25.50 -6.36
CA ALA A 264 2.41 25.00 -5.10
C ALA A 264 1.95 25.77 -3.86
N LEU A 265 1.66 27.06 -4.00
CA LEU A 265 1.23 27.85 -2.85
C LEU A 265 -0.13 27.45 -2.28
N THR A 266 -1.15 27.46 -3.13
CA THR A 266 -2.50 27.08 -2.74
C THR A 266 -2.54 25.67 -2.14
N ARG A 267 -1.64 24.81 -2.60
CA ARG A 267 -1.58 23.43 -2.15
C ARG A 267 -1.11 23.27 -0.70
N ILE A 268 0.07 23.79 -0.40
CA ILE A 268 0.65 23.69 0.94
C ILE A 268 -0.27 24.28 2.02
N VAL A 269 -0.74 25.49 1.80
CA VAL A 269 -1.61 26.12 2.77
C VAL A 269 -2.80 25.22 3.10
N THR A 270 -3.52 24.81 2.05
CA THR A 270 -4.69 23.94 2.21
C THR A 270 -4.36 22.54 2.75
N THR A 271 -3.35 21.89 2.18
CA THR A 271 -2.98 20.55 2.61
C THR A 271 -2.32 20.45 3.98
N ARG A 272 -1.67 21.52 4.44
CA ARG A 272 -0.97 21.47 5.72
C ARG A 272 -1.61 22.28 6.86
N ALA A 273 -2.63 23.07 6.53
CA ALA A 273 -3.30 23.89 7.54
C ALA A 273 -3.74 23.06 8.74
N GLU A 274 -4.05 21.79 8.51
CA GLU A 274 -4.50 20.93 9.58
C GLU A 274 -3.44 19.91 10.00
N ILE A 275 -2.17 20.23 9.80
CA ILE A 275 -1.10 19.29 10.13
C ILE A 275 0.16 19.91 10.76
N ASP A 276 0.88 20.73 10.01
CA ASP A 276 2.12 21.31 10.53
C ASP A 276 2.44 22.66 9.88
N LEU A 277 1.42 23.37 9.44
CA LEU A 277 1.60 24.65 8.76
C LEU A 277 2.37 25.66 9.61
N LYS A 278 2.25 25.54 10.93
CA LYS A 278 2.95 26.44 11.83
C LYS A 278 4.46 26.26 11.67
N VAL A 279 4.92 25.01 11.70
CA VAL A 279 6.34 24.74 11.52
C VAL A 279 6.79 25.41 10.22
N ILE A 280 6.16 25.02 9.12
CA ILE A 280 6.49 25.59 7.81
C ILE A 280 6.50 27.12 7.91
N GLY A 281 5.55 27.66 8.67
CA GLY A 281 5.44 29.09 8.84
C GLY A 281 6.57 29.66 9.69
N GLU A 282 7.03 28.88 10.66
CA GLU A 282 8.13 29.32 11.52
C GLU A 282 9.33 29.47 10.59
N GLU A 283 9.69 28.37 9.93
CA GLU A 283 10.83 28.37 9.02
C GLU A 283 10.82 29.52 8.03
N TYR A 284 9.78 29.60 7.21
CA TYR A 284 9.69 30.66 6.22
C TYR A 284 10.00 32.00 6.88
N GLN A 285 9.52 32.19 8.10
CA GLN A 285 9.74 33.44 8.83
C GLN A 285 11.20 33.58 9.20
N ARG A 286 11.85 32.44 9.49
CA ARG A 286 13.25 32.44 9.85
C ARG A 286 14.13 32.58 8.61
N ARG A 287 13.62 32.16 7.45
CA ARG A 287 14.38 32.25 6.22
C ARG A 287 14.23 33.59 5.50
N ASN A 288 13.07 34.22 5.62
CA ASN A 288 12.83 35.49 4.94
C ASN A 288 12.75 36.72 5.84
N SER A 289 12.70 36.51 7.15
CA SER A 289 12.62 37.61 8.11
C SER A 289 11.27 38.32 8.04
N ILE A 290 10.34 37.72 7.32
CA ILE A 290 9.00 38.25 7.15
C ILE A 290 7.99 37.11 7.34
N PRO A 291 6.90 37.36 8.08
CA PRO A 291 5.86 36.34 8.32
C PRO A 291 5.26 35.89 6.99
N LEU A 292 5.17 34.58 6.79
CA LEU A 292 4.62 34.05 5.55
C LEU A 292 3.32 34.75 5.12
N GLU A 293 2.44 34.97 6.08
CA GLU A 293 1.16 35.62 5.79
C GLU A 293 1.35 37.06 5.34
N LYS A 294 2.60 37.51 5.26
CA LYS A 294 2.88 38.86 4.82
C LYS A 294 3.42 38.82 3.40
N ALA A 295 4.13 37.74 3.07
CA ALA A 295 4.67 37.56 1.73
C ALA A 295 3.49 37.32 0.80
N ILE A 296 2.49 36.59 1.29
CA ILE A 296 1.30 36.26 0.51
C ILE A 296 0.46 37.50 0.17
N THR A 297 0.33 38.43 1.12
CA THR A 297 -0.44 39.65 0.89
C THR A 297 0.47 40.80 0.50
N LYS A 298 1.76 40.48 0.35
CA LYS A 298 2.79 41.43 -0.02
C LYS A 298 2.30 42.55 -0.94
N ASP A 299 1.34 42.24 -1.79
CA ASP A 299 0.79 43.23 -2.72
C ASP A 299 -0.75 43.24 -2.65
N THR A 300 -1.38 42.78 -3.73
CA THR A 300 -2.83 42.73 -3.81
C THR A 300 -3.38 41.84 -2.70
N ARG A 301 -4.56 42.20 -2.21
CA ARG A 301 -5.21 41.45 -1.15
C ARG A 301 -6.64 41.08 -1.54
N GLY A 302 -6.77 40.33 -2.63
CA GLY A 302 -8.08 39.89 -3.08
C GLY A 302 -8.52 38.73 -2.22
N ASP A 303 -9.70 38.18 -2.53
CA ASP A 303 -10.25 37.06 -1.78
C ASP A 303 -9.33 35.84 -1.77
N TYR A 304 -8.62 35.59 -2.86
CA TYR A 304 -7.68 34.46 -2.95
C TYR A 304 -6.63 34.57 -1.85
N GLU A 305 -5.88 35.67 -1.85
CA GLU A 305 -4.85 35.88 -0.84
C GLU A 305 -5.53 35.86 0.53
N LYS A 306 -6.73 36.41 0.59
CA LYS A 306 -7.48 36.45 1.83
C LYS A 306 -7.77 35.04 2.38
N MET A 307 -8.26 34.16 1.52
CA MET A 307 -8.58 32.79 1.95
C MET A 307 -7.35 32.13 2.57
N LEU A 308 -6.18 32.37 1.98
CA LEU A 308 -4.94 31.78 2.46
C LEU A 308 -4.49 32.26 3.84
N VAL A 309 -4.40 33.57 4.03
CA VAL A 309 -3.94 34.07 5.33
C VAL A 309 -4.85 33.63 6.46
N ALA A 310 -6.12 33.37 6.15
CA ALA A 310 -7.06 32.93 7.19
C ALA A 310 -6.67 31.57 7.78
N LEU A 311 -6.55 30.55 6.94
CA LEU A 311 -6.18 29.20 7.38
C LEU A 311 -5.06 29.21 8.41
N LEU A 312 -4.12 30.14 8.23
CA LEU A 312 -3.00 30.28 9.16
C LEU A 312 -3.52 30.69 10.53
N GLY A 313 -4.65 31.41 10.53
CA GLY A 313 -5.25 31.88 11.75
C GLY A 313 -5.14 33.40 11.81
N GLU A 314 -5.08 34.01 10.61
CA GLU A 314 -4.97 35.46 10.48
C GLU A 314 -5.71 35.96 9.23
N ASP A 315 -6.98 36.32 9.40
CA ASP A 315 -7.78 36.83 8.29
C ASP A 315 -7.32 38.22 7.83
N ASP A 316 -6.75 39.01 8.75
CA ASP A 316 -6.31 40.36 8.45
C ASP A 316 -4.81 40.57 8.21
N ALA A 317 -4.16 39.63 7.53
CA ALA A 317 -2.74 39.77 7.25
C ALA A 317 -2.56 40.38 5.87
N SER B 1 -17.07 -21.33 -3.42
CA SER B 1 -15.67 -21.81 -3.57
C SER B 1 -15.12 -22.33 -2.24
N ALA B 2 -15.86 -22.09 -1.16
CA ALA B 2 -15.44 -22.54 0.17
C ALA B 2 -15.81 -24.00 0.45
N THR B 3 -14.94 -24.68 1.20
CA THR B 3 -15.16 -26.07 1.56
C THR B 3 -15.66 -26.18 3.01
N LEU B 4 -15.33 -25.15 3.80
CA LEU B 4 -15.71 -25.07 5.21
C LEU B 4 -17.20 -25.33 5.49
N LYS B 5 -17.47 -26.02 6.59
CA LYS B 5 -18.84 -26.32 6.98
C LYS B 5 -19.23 -25.60 8.27
N VAL B 6 -19.81 -24.41 8.12
CA VAL B 6 -20.23 -23.63 9.28
C VAL B 6 -21.65 -24.04 9.65
N SER B 7 -21.77 -24.96 10.60
CA SER B 7 -23.07 -25.45 11.05
C SER B 7 -24.03 -24.29 11.37
N ASP B 8 -25.26 -24.41 10.89
CA ASP B 8 -26.27 -23.38 11.12
C ASP B 8 -26.57 -23.32 12.62
N SER B 9 -26.67 -22.11 13.15
CA SER B 9 -26.93 -21.90 14.58
C SER B 9 -25.69 -22.28 15.38
N VAL B 10 -25.04 -21.27 15.96
CA VAL B 10 -23.84 -21.47 16.75
C VAL B 10 -24.07 -21.13 18.22
N PRO B 11 -23.44 -21.88 19.14
CA PRO B 11 -23.59 -21.64 20.58
C PRO B 11 -22.84 -20.40 21.07
N ALA B 12 -23.04 -20.06 22.34
CA ALA B 12 -22.38 -18.91 22.94
C ALA B 12 -20.87 -19.07 22.90
N PRO B 13 -20.16 -18.04 22.44
CA PRO B 13 -18.69 -18.11 22.36
C PRO B 13 -18.04 -18.49 23.69
N SER B 14 -18.48 -17.87 24.78
CA SER B 14 -17.90 -18.17 26.09
C SER B 14 -18.05 -19.66 26.41
N ASP B 15 -19.12 -20.28 25.92
CA ASP B 15 -19.36 -21.70 26.14
C ASP B 15 -18.37 -22.55 25.37
N ASP B 16 -18.27 -22.33 24.06
CA ASP B 16 -17.34 -23.07 23.24
C ASP B 16 -15.92 -22.79 23.71
N ALA B 17 -15.73 -21.61 24.30
CA ALA B 17 -14.41 -21.22 24.80
C ALA B 17 -14.04 -22.08 26.00
N GLU B 18 -15.00 -22.31 26.89
CA GLU B 18 -14.76 -23.12 28.07
C GLU B 18 -14.42 -24.57 27.71
N GLN B 19 -15.00 -25.05 26.62
CA GLN B 19 -14.74 -26.42 26.18
C GLN B 19 -13.38 -26.54 25.49
N LEU B 20 -12.99 -25.51 24.74
CA LEU B 20 -11.69 -25.52 24.08
C LEU B 20 -10.67 -25.48 25.21
N ARG B 21 -11.01 -24.71 26.23
CA ARG B 21 -10.20 -24.53 27.43
C ARG B 21 -10.03 -25.88 28.14
N THR B 22 -11.13 -26.62 28.24
CA THR B 22 -11.12 -27.93 28.88
C THR B 22 -10.47 -28.96 27.96
N ALA B 23 -10.17 -28.54 26.73
CA ALA B 23 -9.54 -29.41 25.74
C ALA B 23 -8.05 -29.14 25.63
N GLU B 31 -8.55 -33.68 21.81
CA GLU B 31 -7.84 -33.77 20.54
C GLU B 31 -8.81 -33.61 19.38
N ASP B 32 -10.05 -34.04 19.60
CA ASP B 32 -11.09 -33.93 18.58
C ASP B 32 -12.07 -32.83 18.96
N LEU B 33 -12.06 -32.42 20.24
CA LEU B 33 -12.94 -31.37 20.70
C LEU B 33 -12.48 -30.04 20.10
N ILE B 34 -11.19 -29.98 19.79
CA ILE B 34 -10.61 -28.79 19.19
C ILE B 34 -11.08 -28.76 17.74
N ILE B 35 -10.86 -29.88 17.04
CA ILE B 35 -11.26 -30.02 15.66
C ILE B 35 -12.76 -29.80 15.55
N SER B 36 -13.52 -30.53 16.38
CA SER B 36 -14.97 -30.42 16.37
C SER B 36 -15.47 -28.98 16.43
N ILE B 37 -14.91 -28.18 17.34
CA ILE B 37 -15.34 -26.79 17.47
C ILE B 37 -14.82 -25.90 16.33
N LEU B 38 -13.54 -25.57 16.39
CA LEU B 38 -12.89 -24.70 15.42
C LEU B 38 -13.22 -24.90 13.94
N ALA B 39 -12.90 -26.06 13.40
CA ALA B 39 -13.15 -26.38 11.99
C ALA B 39 -14.62 -26.34 11.58
N HIS B 40 -15.50 -26.04 12.53
CA HIS B 40 -16.93 -25.98 12.23
C HIS B 40 -17.46 -24.60 12.54
N ARG B 41 -16.55 -23.70 12.91
CA ARG B 41 -16.89 -22.33 13.24
C ARG B 41 -16.32 -21.40 12.16
N SER B 42 -17.15 -20.47 11.69
CA SER B 42 -16.72 -19.52 10.68
C SER B 42 -15.67 -18.58 11.26
N ALA B 43 -14.83 -18.02 10.38
CA ALA B 43 -13.76 -17.10 10.80
C ALA B 43 -14.22 -16.02 11.77
N GLU B 44 -15.33 -15.36 11.44
CA GLU B 44 -15.87 -14.31 12.29
C GLU B 44 -16.35 -14.95 13.57
N GLN B 45 -16.84 -16.17 13.47
CA GLN B 45 -17.32 -16.88 14.63
C GLN B 45 -16.14 -17.23 15.54
N ARG B 46 -14.94 -17.23 14.97
CA ARG B 46 -13.72 -17.56 15.72
C ARG B 46 -13.10 -16.29 16.29
N LYS B 47 -13.47 -15.15 15.71
CA LYS B 47 -12.96 -13.86 16.16
C LYS B 47 -13.68 -13.53 17.46
N VAL B 48 -14.89 -14.07 17.60
CA VAL B 48 -15.69 -13.83 18.79
C VAL B 48 -15.33 -14.81 19.90
N ILE B 49 -14.91 -16.02 19.53
CA ILE B 49 -14.53 -17.03 20.50
C ILE B 49 -13.21 -16.70 21.19
N ARG B 50 -12.17 -16.38 20.40
CA ARG B 50 -10.87 -16.04 20.98
C ARG B 50 -11.08 -14.94 22.01
N GLN B 51 -12.00 -14.04 21.70
CA GLN B 51 -12.32 -12.92 22.57
C GLN B 51 -12.90 -13.43 23.89
N ALA B 52 -14.07 -14.04 23.81
CA ALA B 52 -14.74 -14.57 24.99
C ALA B 52 -13.77 -15.33 25.88
N TYR B 53 -13.04 -16.26 25.27
CA TYR B 53 -12.07 -17.07 25.99
C TYR B 53 -11.03 -16.18 26.66
N HIS B 54 -10.61 -15.13 25.96
CA HIS B 54 -9.60 -14.21 26.48
C HIS B 54 -10.08 -13.47 27.72
N GLU B 55 -11.40 -13.33 27.88
CA GLU B 55 -11.95 -12.65 29.04
C GLU B 55 -12.15 -13.66 30.16
N THR B 56 -12.96 -14.69 29.87
CA THR B 56 -13.27 -15.73 30.83
C THR B 56 -12.03 -16.30 31.51
N TYR B 57 -10.91 -16.30 30.81
CA TYR B 57 -9.67 -16.84 31.36
C TYR B 57 -8.52 -15.85 31.34
N GLY B 58 -8.83 -14.59 31.02
CA GLY B 58 -7.80 -13.56 30.98
C GLY B 58 -6.56 -14.03 30.25
N GLU B 59 -6.73 -14.58 29.06
CA GLU B 59 -5.61 -15.09 28.27
C GLU B 59 -6.08 -15.66 26.93
N ASP B 60 -5.23 -15.56 25.90
CA ASP B 60 -5.58 -16.06 24.56
C ASP B 60 -5.22 -17.54 24.41
N LEU B 61 -6.18 -18.32 23.91
CA LEU B 61 -6.00 -19.75 23.70
C LEU B 61 -4.91 -20.12 22.71
N LEU B 62 -4.65 -19.24 21.74
CA LEU B 62 -3.64 -19.52 20.73
C LEU B 62 -2.21 -19.31 21.22
N LYS B 63 -1.92 -19.78 22.42
CA LYS B 63 -0.58 -19.65 22.99
C LYS B 63 0.09 -21.01 23.15
N THR B 64 -0.72 -22.05 23.33
CA THR B 64 -0.20 -23.41 23.49
C THR B 64 0.18 -24.04 22.15
N LEU B 65 -0.04 -23.30 21.06
CA LEU B 65 0.28 -23.81 19.73
C LEU B 65 1.06 -22.80 18.87
N ASP B 66 1.56 -21.75 19.50
CA ASP B 66 2.32 -20.73 18.78
C ASP B 66 3.73 -21.23 18.47
N SER B 70 6.39 -27.74 17.98
CA SER B 70 5.62 -27.25 16.84
C SER B 70 4.99 -28.40 16.05
N ASN B 71 4.01 -29.05 16.64
CA ASN B 71 3.31 -30.16 16.02
C ASN B 71 2.51 -29.69 14.81
N ASP B 72 2.51 -30.49 13.73
CA ASP B 72 1.81 -30.13 12.51
C ASP B 72 0.31 -29.94 12.70
N PHE B 73 -0.29 -30.73 13.59
CA PHE B 73 -1.70 -30.56 13.88
C PHE B 73 -1.86 -29.22 14.57
N GLU B 74 -1.04 -28.99 15.59
CA GLU B 74 -1.08 -27.74 16.33
C GLU B 74 -0.83 -26.57 15.38
N ARG B 75 0.06 -26.79 14.42
CA ARG B 75 0.40 -25.79 13.43
C ARG B 75 -0.86 -25.42 12.63
N ALA B 76 -1.50 -26.42 12.05
CA ALA B 76 -2.72 -26.20 11.27
C ALA B 76 -3.76 -25.49 12.15
N ILE B 77 -3.99 -26.00 13.34
CA ILE B 77 -4.94 -25.39 14.25
C ILE B 77 -4.51 -23.96 14.55
N LEU B 78 -3.21 -23.77 14.77
CA LEU B 78 -2.66 -22.45 15.08
C LEU B 78 -3.10 -21.44 14.03
N LEU B 79 -2.81 -21.77 12.77
CA LEU B 79 -3.15 -20.90 11.65
C LEU B 79 -4.64 -20.70 11.50
N TRP B 80 -5.36 -21.79 11.26
CA TRP B 80 -6.81 -21.72 11.08
C TRP B 80 -7.54 -20.81 12.06
N THR B 81 -7.08 -20.79 13.31
CA THR B 81 -7.72 -19.98 14.33
C THR B 81 -7.28 -18.51 14.33
N LEU B 82 -6.14 -18.23 13.72
CA LEU B 82 -5.66 -16.85 13.65
C LEU B 82 -6.53 -16.08 12.65
N GLU B 83 -6.39 -14.76 12.68
CA GLU B 83 -7.12 -13.91 11.76
C GLU B 83 -6.36 -13.97 10.45
N PRO B 84 -7.07 -14.01 9.32
CA PRO B 84 -6.41 -14.08 8.01
C PRO B 84 -5.19 -13.17 7.88
N GLY B 85 -5.33 -11.90 8.26
CA GLY B 85 -4.21 -10.97 8.19
C GLY B 85 -3.04 -11.46 9.02
N GLU B 86 -3.35 -11.92 10.24
CA GLU B 86 -2.34 -12.43 11.15
C GLU B 86 -1.57 -13.52 10.44
N ARG B 87 -2.29 -14.56 10.01
CA ARG B 87 -1.69 -15.68 9.29
C ARG B 87 -0.93 -15.19 8.07
N ASP B 88 -1.52 -14.24 7.33
CA ASP B 88 -0.87 -13.69 6.14
C ASP B 88 0.51 -13.17 6.53
N ALA B 89 0.57 -12.40 7.61
CA ALA B 89 1.83 -11.83 8.09
C ALA B 89 2.75 -12.89 8.65
N LEU B 90 2.20 -13.82 9.42
CA LEU B 90 3.00 -14.88 10.01
C LEU B 90 3.66 -15.74 8.92
N LEU B 91 2.88 -16.06 7.88
CA LEU B 91 3.40 -16.85 6.78
C LEU B 91 4.45 -16.07 5.98
N ALA B 92 4.20 -14.78 5.82
CA ALA B 92 5.13 -13.91 5.09
C ALA B 92 6.37 -13.65 5.95
N ASN B 93 6.19 -13.71 7.26
CA ASN B 93 7.31 -13.51 8.18
C ASN B 93 8.30 -14.65 8.01
N GLU B 94 7.83 -15.89 8.18
CA GLU B 94 8.69 -17.07 8.04
C GLU B 94 9.30 -17.18 6.64
N ALA B 95 8.51 -16.87 5.62
CA ALA B 95 8.98 -16.94 4.25
C ALA B 95 10.20 -16.05 4.03
N THR B 96 10.19 -14.87 4.64
CA THR B 96 11.30 -13.93 4.49
C THR B 96 12.46 -14.32 5.39
N LYS B 97 12.14 -14.77 6.60
CA LYS B 97 13.15 -15.16 7.58
C LYS B 97 13.97 -16.36 7.13
N ARG B 98 13.34 -17.27 6.40
CA ARG B 98 14.04 -18.45 5.92
C ARG B 98 13.99 -18.49 4.40
N TRP B 99 13.85 -17.31 3.81
CA TRP B 99 13.78 -17.16 2.36
C TRP B 99 14.82 -17.94 1.59
N THR B 100 14.53 -18.17 0.32
CA THR B 100 15.42 -18.86 -0.61
C THR B 100 14.97 -18.47 -2.01
N SER B 101 15.91 -18.36 -2.94
CA SER B 101 15.59 -17.97 -4.32
C SER B 101 14.46 -18.78 -4.93
N SER B 102 14.21 -19.96 -4.37
CA SER B 102 13.17 -20.85 -4.88
C SER B 102 11.89 -20.72 -4.08
N ASN B 103 11.96 -20.02 -2.96
CA ASN B 103 10.78 -19.83 -2.13
C ASN B 103 9.85 -18.83 -2.80
N GLN B 104 8.64 -19.28 -3.11
CA GLN B 104 7.67 -18.43 -3.78
C GLN B 104 6.47 -18.12 -2.88
N VAL B 105 6.65 -18.23 -1.57
CA VAL B 105 5.56 -17.94 -0.65
C VAL B 105 5.11 -16.49 -0.73
N LEU B 106 6.07 -15.57 -0.63
CA LEU B 106 5.77 -14.14 -0.70
C LEU B 106 5.14 -13.80 -2.07
N MET B 107 5.29 -14.69 -3.04
CA MET B 107 4.71 -14.48 -4.36
C MET B 107 3.23 -14.81 -4.28
N GLU B 108 2.94 -16.04 -3.85
CA GLU B 108 1.56 -16.49 -3.74
C GLU B 108 0.75 -15.54 -2.85
N VAL B 109 1.29 -15.27 -1.68
CA VAL B 109 0.64 -14.39 -0.70
C VAL B 109 0.33 -12.99 -1.24
N ALA B 110 1.18 -12.52 -2.15
CA ALA B 110 0.99 -11.19 -2.73
C ALA B 110 -0.04 -11.07 -3.84
N CYS B 111 -0.55 -12.21 -4.33
CA CYS B 111 -1.51 -12.16 -5.42
C CYS B 111 -2.87 -12.84 -5.21
N THR B 112 -2.86 -13.99 -4.53
CA THR B 112 -4.11 -14.70 -4.29
C THR B 112 -4.92 -14.12 -3.14
N ARG B 113 -4.75 -12.82 -2.93
CA ARG B 113 -5.47 -12.09 -1.89
C ARG B 113 -6.13 -10.89 -2.54
N THR B 114 -7.23 -10.44 -1.94
CA THR B 114 -7.91 -9.26 -2.45
C THR B 114 -7.13 -8.09 -1.88
N SER B 115 -7.31 -6.90 -2.45
CA SER B 115 -6.59 -5.72 -1.98
C SER B 115 -6.81 -5.52 -0.48
N THR B 116 -8.05 -5.71 -0.02
CA THR B 116 -8.32 -5.55 1.40
C THR B 116 -7.57 -6.61 2.19
N GLN B 117 -7.62 -7.85 1.71
CA GLN B 117 -6.94 -8.95 2.39
C GLN B 117 -5.42 -8.71 2.48
N LEU B 118 -4.84 -8.09 1.47
CA LEU B 118 -3.41 -7.83 1.51
C LEU B 118 -3.15 -6.65 2.44
N LEU B 119 -4.05 -5.67 2.44
CA LEU B 119 -3.89 -4.53 3.32
C LEU B 119 -3.91 -5.04 4.76
N HIS B 120 -4.82 -5.96 5.05
CA HIS B 120 -4.90 -6.51 6.39
C HIS B 120 -3.60 -7.23 6.72
N ALA B 121 -3.00 -7.87 5.72
CA ALA B 121 -1.75 -8.58 5.92
C ALA B 121 -0.64 -7.58 6.23
N ARG B 122 -0.80 -6.36 5.73
CA ARG B 122 0.17 -5.31 5.94
C ARG B 122 -0.03 -4.67 7.30
N GLN B 123 -1.31 -4.46 7.65
CA GLN B 123 -1.68 -3.83 8.91
C GLN B 123 -1.41 -4.74 10.10
N ALA B 124 -1.58 -6.03 9.88
CA ALA B 124 -1.33 -7.01 10.92
C ALA B 124 0.17 -7.03 11.21
N TYR B 125 0.96 -7.07 10.14
CA TYR B 125 2.40 -7.11 10.26
C TYR B 125 2.90 -5.91 11.08
N HIS B 126 2.27 -4.75 10.90
CA HIS B 126 2.64 -3.54 11.63
C HIS B 126 2.54 -3.75 13.13
N ALA B 127 1.55 -4.52 13.54
CA ALA B 127 1.31 -4.78 14.96
C ALA B 127 2.19 -5.87 15.54
N ARG B 128 1.96 -7.09 15.08
CA ARG B 128 2.71 -8.25 15.58
C ARG B 128 4.22 -8.07 15.52
N TYR B 129 4.71 -7.41 14.48
CA TYR B 129 6.15 -7.25 14.32
C TYR B 129 6.74 -5.83 14.37
N LYS B 130 5.94 -4.85 14.79
CA LYS B 130 6.42 -3.47 14.87
C LYS B 130 7.17 -3.09 13.60
N LYS B 131 6.80 -3.71 12.48
CA LYS B 131 7.44 -3.43 11.19
C LYS B 131 6.43 -3.54 10.06
N SER B 132 6.92 -3.42 8.82
CA SER B 132 6.07 -3.55 7.64
C SER B 132 6.61 -4.71 6.80
N LEU B 133 5.69 -5.51 6.25
CA LEU B 133 6.06 -6.65 5.43
C LEU B 133 7.03 -6.23 4.32
N GLU B 134 6.78 -5.07 3.72
CA GLU B 134 7.64 -4.57 2.67
C GLU B 134 9.08 -4.37 3.15
N GLU B 135 9.26 -3.83 4.36
CA GLU B 135 10.61 -3.62 4.87
C GLU B 135 11.28 -4.96 5.19
N ASP B 136 10.49 -5.95 5.59
CA ASP B 136 11.02 -7.28 5.89
C ASP B 136 11.39 -7.99 4.59
N VAL B 137 10.57 -7.79 3.56
CA VAL B 137 10.81 -8.42 2.27
C VAL B 137 12.04 -7.86 1.59
N ALA B 138 12.12 -6.53 1.49
CA ALA B 138 13.24 -5.87 0.85
C ALA B 138 14.56 -6.17 1.56
N HIS B 139 14.50 -6.57 2.83
CA HIS B 139 15.71 -6.84 3.57
C HIS B 139 16.36 -8.18 3.28
N HIS B 140 15.56 -9.20 2.98
CA HIS B 140 16.15 -10.52 2.74
C HIS B 140 15.97 -11.16 1.37
N THR B 141 15.67 -10.37 0.34
CA THR B 141 15.53 -10.92 -1.01
C THR B 141 16.54 -10.28 -1.96
N THR B 142 16.90 -10.97 -3.03
CA THR B 142 17.90 -10.46 -3.97
C THR B 142 17.50 -10.32 -5.44
N GLY B 143 18.35 -9.60 -6.18
CA GLY B 143 18.17 -9.38 -7.60
C GLY B 143 16.76 -9.18 -8.15
N ASP B 144 16.50 -9.83 -9.28
CA ASP B 144 15.20 -9.74 -9.94
C ASP B 144 14.13 -10.33 -9.03
N PHE B 145 14.53 -11.32 -8.25
CA PHE B 145 13.62 -11.96 -7.31
C PHE B 145 13.06 -10.90 -6.36
N ARG B 146 13.95 -10.12 -5.74
CA ARG B 146 13.50 -9.10 -4.81
C ARG B 146 12.65 -8.04 -5.50
N LYS B 147 13.01 -7.68 -6.74
CA LYS B 147 12.24 -6.68 -7.47
C LYS B 147 10.79 -7.08 -7.68
N LEU B 148 10.55 -8.34 -8.03
CA LEU B 148 9.18 -8.81 -8.26
C LEU B 148 8.42 -8.92 -6.95
N LEU B 149 8.99 -9.66 -6.00
CA LEU B 149 8.37 -9.84 -4.71
C LEU B 149 7.96 -8.52 -4.04
N VAL B 150 8.92 -7.60 -3.88
CA VAL B 150 8.63 -6.30 -3.26
C VAL B 150 7.48 -5.61 -4.02
N SER B 151 7.65 -5.42 -5.31
CA SER B 151 6.62 -4.78 -6.12
C SER B 151 5.25 -5.45 -5.96
N LEU B 152 5.25 -6.77 -5.72
CA LEU B 152 4.00 -7.51 -5.56
C LEU B 152 3.43 -7.40 -4.15
N VAL B 153 4.28 -7.32 -3.14
CA VAL B 153 3.80 -7.20 -1.76
C VAL B 153 3.35 -5.80 -1.42
N THR B 154 3.79 -4.82 -2.20
CA THR B 154 3.44 -3.41 -1.97
C THR B 154 2.27 -2.88 -2.81
N SER B 155 1.97 -3.58 -3.91
CA SER B 155 0.89 -3.17 -4.78
C SER B 155 -0.45 -3.11 -4.06
N TYR B 156 -1.28 -2.15 -4.48
CA TYR B 156 -2.63 -1.98 -3.95
C TYR B 156 -3.45 -1.75 -5.22
N ARG B 157 -4.04 -2.82 -5.75
CA ARG B 157 -4.79 -2.75 -7.00
C ARG B 157 -6.25 -2.35 -6.93
N TYR B 158 -6.75 -1.89 -8.07
CA TYR B 158 -8.16 -1.54 -8.21
C TYR B 158 -8.76 -2.92 -8.51
N GLU B 159 -10.04 -3.12 -8.23
CA GLU B 159 -10.65 -4.42 -8.44
C GLU B 159 -12.06 -4.36 -9.01
N GLY B 160 -12.16 -4.21 -10.33
CA GLY B 160 -13.45 -4.13 -10.99
C GLY B 160 -13.56 -4.94 -12.27
N ASP B 161 -13.43 -4.27 -13.43
CA ASP B 161 -13.52 -4.97 -14.71
C ASP B 161 -13.25 -4.14 -15.98
N GLU B 162 -12.77 -2.92 -15.84
CA GLU B 162 -12.49 -2.06 -16.99
C GLU B 162 -11.32 -2.57 -17.84
N VAL B 163 -11.42 -2.39 -19.16
CA VAL B 163 -10.38 -2.87 -20.09
C VAL B 163 -10.01 -1.92 -21.23
N ASN B 164 -8.86 -1.26 -21.10
CA ASN B 164 -8.41 -0.35 -22.15
C ASN B 164 -7.70 -1.21 -23.21
N MET B 165 -8.47 -1.68 -24.19
CA MET B 165 -7.89 -2.52 -25.23
C MET B 165 -6.82 -1.82 -26.04
N THR B 166 -6.76 -0.50 -25.93
CA THR B 166 -5.75 0.22 -26.68
C THR B 166 -4.39 0.09 -25.99
N LEU B 167 -4.40 -0.13 -24.69
CA LEU B 167 -3.19 -0.30 -23.90
C LEU B 167 -2.92 -1.80 -23.75
N ALA B 168 -4.00 -2.58 -23.77
CA ALA B 168 -3.90 -4.03 -23.64
C ALA B 168 -3.04 -4.59 -24.78
N LYS B 169 -3.36 -4.20 -26.00
CA LYS B 169 -2.60 -4.68 -27.15
C LYS B 169 -1.14 -4.27 -27.03
N GLN B 170 -0.92 -3.04 -26.57
CA GLN B 170 0.43 -2.52 -26.39
C GLN B 170 1.24 -3.25 -25.32
N GLU B 171 0.66 -3.42 -24.13
CA GLU B 171 1.40 -4.07 -23.06
C GLU B 171 1.61 -5.56 -23.35
N ALA B 172 0.61 -6.19 -23.95
CA ALA B 172 0.72 -7.60 -24.31
C ALA B 172 1.85 -7.72 -25.33
N LYS B 173 1.86 -6.81 -26.29
CA LYS B 173 2.88 -6.79 -27.33
C LYS B 173 4.20 -6.38 -26.70
N LEU B 174 4.13 -5.53 -25.69
CA LEU B 174 5.30 -5.06 -25.01
C LEU B 174 5.98 -6.25 -24.33
N VAL B 175 5.16 -7.15 -23.78
CA VAL B 175 5.68 -8.32 -23.11
C VAL B 175 6.32 -9.26 -24.13
N HIS B 176 5.70 -9.39 -25.29
CA HIS B 176 6.24 -10.28 -26.31
C HIS B 176 7.55 -9.77 -26.87
N GLU B 177 7.69 -8.44 -26.97
CA GLU B 177 8.92 -7.87 -27.48
C GLU B 177 10.10 -8.35 -26.63
N LYS B 178 9.83 -8.56 -25.34
CA LYS B 178 10.86 -9.01 -24.41
C LYS B 178 10.95 -10.54 -24.28
N ILE B 179 9.90 -11.15 -23.77
CA ILE B 179 9.90 -12.60 -23.59
C ILE B 179 10.42 -13.28 -24.87
N LYS B 180 10.37 -12.54 -25.97
CA LYS B 180 10.83 -13.02 -27.27
C LYS B 180 12.26 -13.55 -27.16
N ASP B 181 13.05 -12.98 -26.24
CA ASP B 181 14.44 -13.38 -26.04
C ASP B 181 14.79 -13.73 -24.59
N LYS B 182 14.19 -14.80 -24.09
CA LYS B 182 14.43 -15.28 -22.72
C LYS B 182 14.69 -14.19 -21.67
N HIS B 183 13.83 -13.18 -21.65
CA HIS B 183 13.98 -12.09 -20.69
C HIS B 183 12.75 -11.96 -19.80
N TYR B 184 12.61 -12.92 -18.90
CA TYR B 184 11.49 -12.98 -17.97
C TYR B 184 11.68 -11.99 -16.83
N ASN B 185 12.76 -11.23 -16.89
CA ASN B 185 13.06 -10.24 -15.84
C ASN B 185 13.05 -8.82 -16.42
N ASP B 186 12.18 -8.58 -17.39
CA ASP B 186 12.11 -7.27 -18.03
C ASP B 186 11.35 -6.22 -17.21
N GLU B 187 11.89 -5.01 -17.24
CA GLU B 187 11.32 -3.86 -16.52
C GLU B 187 9.80 -3.76 -16.68
N ASP B 188 9.31 -3.70 -17.93
CA ASP B 188 7.87 -3.58 -18.17
C ASP B 188 7.08 -4.81 -17.72
N VAL B 189 7.64 -5.99 -17.92
CA VAL B 189 6.98 -7.22 -17.50
C VAL B 189 6.62 -7.17 -16.02
N ILE B 190 7.57 -6.75 -15.19
CA ILE B 190 7.34 -6.68 -13.76
C ILE B 190 6.36 -5.58 -13.39
N ARG B 191 6.36 -4.49 -14.14
CA ARG B 191 5.47 -3.36 -13.87
C ARG B 191 4.01 -3.71 -14.17
N ILE B 192 3.77 -4.29 -15.35
CA ILE B 192 2.44 -4.67 -15.80
C ILE B 192 1.77 -5.64 -14.83
N LEU B 193 2.52 -6.66 -14.44
CA LEU B 193 2.03 -7.69 -13.53
C LEU B 193 1.87 -7.17 -12.10
N SER B 194 2.71 -6.21 -11.71
CA SER B 194 2.64 -5.67 -10.36
C SER B 194 1.63 -4.53 -10.17
N THR B 195 1.42 -3.73 -11.20
CA THR B 195 0.50 -2.61 -11.07
C THR B 195 -0.87 -2.74 -11.74
N ARG B 196 -0.94 -3.44 -12.87
CA ARG B 196 -2.23 -3.57 -13.56
C ARG B 196 -3.27 -4.32 -12.73
N SER B 197 -4.54 -4.12 -13.06
CA SER B 197 -5.61 -4.79 -12.33
C SER B 197 -5.71 -6.24 -12.80
N LYS B 198 -6.49 -7.03 -12.09
CA LYS B 198 -6.64 -8.43 -12.46
C LYS B 198 -7.38 -8.55 -13.81
N ALA B 199 -8.40 -7.72 -13.99
CA ALA B 199 -9.16 -7.73 -15.26
C ALA B 199 -8.29 -7.22 -16.41
N GLN B 200 -7.49 -6.20 -16.12
CA GLN B 200 -6.61 -5.62 -17.12
C GLN B 200 -5.50 -6.59 -17.51
N ILE B 201 -5.01 -7.34 -16.53
CA ILE B 201 -3.95 -8.33 -16.76
C ILE B 201 -4.45 -9.46 -17.64
N ASN B 202 -5.67 -9.93 -17.37
CA ASN B 202 -6.26 -10.99 -18.14
C ASN B 202 -6.44 -10.51 -19.59
N ALA B 203 -7.01 -9.32 -19.74
CA ALA B 203 -7.23 -8.77 -21.08
C ALA B 203 -5.88 -8.64 -21.77
N THR B 204 -4.83 -8.42 -20.98
CA THR B 204 -3.49 -8.30 -21.54
C THR B 204 -3.02 -9.60 -22.15
N PHE B 205 -3.21 -10.70 -21.42
CA PHE B 205 -2.79 -12.00 -21.93
C PHE B 205 -3.67 -12.51 -23.09
N ASN B 206 -4.95 -12.14 -23.09
CA ASN B 206 -5.84 -12.55 -24.18
C ASN B 206 -5.21 -11.99 -25.45
N ARG B 207 -4.99 -10.68 -25.46
CA ARG B 207 -4.38 -10.00 -26.61
C ARG B 207 -3.04 -10.64 -26.98
N TYR B 208 -2.27 -11.03 -25.96
CA TYR B 208 -0.99 -11.67 -26.20
C TYR B 208 -1.28 -13.00 -26.91
N GLN B 209 -2.33 -13.68 -26.47
CA GLN B 209 -2.71 -14.96 -27.05
C GLN B 209 -3.29 -14.83 -28.45
N ASP B 210 -3.97 -13.71 -28.71
CA ASP B 210 -4.57 -13.48 -30.01
C ASP B 210 -3.50 -13.23 -31.08
N ASP B 211 -2.36 -12.69 -30.66
CA ASP B 211 -1.28 -12.40 -31.61
C ASP B 211 -0.37 -13.60 -31.88
N HIS B 212 -0.24 -14.48 -30.89
CA HIS B 212 0.63 -15.65 -31.04
C HIS B 212 -0.13 -16.96 -30.99
N GLY B 213 -1.44 -16.89 -30.73
CA GLY B 213 -2.27 -18.08 -30.66
C GLY B 213 -1.86 -19.10 -29.60
N GLU B 214 -1.60 -18.62 -28.38
CA GLU B 214 -1.20 -19.51 -27.29
C GLU B 214 -1.02 -18.74 -25.98
N GLU B 215 -1.49 -19.33 -24.88
CA GLU B 215 -1.37 -18.70 -23.57
C GLU B 215 0.08 -18.31 -23.29
N ILE B 216 0.29 -17.41 -22.35
CA ILE B 216 1.64 -16.96 -22.01
C ILE B 216 2.43 -18.05 -21.29
N LEU B 217 1.76 -18.86 -20.48
CA LEU B 217 2.45 -19.93 -19.77
C LEU B 217 3.03 -20.92 -20.76
N LYS B 218 2.38 -21.07 -21.91
CA LYS B 218 2.86 -21.98 -22.94
C LYS B 218 4.20 -21.47 -23.46
N SER B 219 4.20 -20.24 -23.94
CA SER B 219 5.39 -19.59 -24.49
C SER B 219 6.57 -19.65 -23.52
N LEU B 220 6.31 -19.43 -22.24
CA LEU B 220 7.36 -19.45 -21.22
C LEU B 220 7.92 -20.85 -20.96
N GLU B 221 7.10 -21.86 -21.13
CA GLU B 221 7.51 -23.25 -20.89
C GLU B 221 8.62 -23.72 -21.83
N GLU B 222 9.21 -22.80 -22.56
CA GLU B 222 10.29 -23.12 -23.50
C GLU B 222 11.65 -22.89 -22.82
N GLY B 223 11.67 -22.01 -21.83
CA GLY B 223 12.90 -21.70 -21.13
C GLY B 223 13.37 -22.81 -20.20
N ASP B 224 14.49 -22.57 -19.53
CA ASP B 224 15.05 -23.54 -18.60
C ASP B 224 14.17 -23.66 -17.36
N ASP B 225 13.68 -24.87 -17.11
CA ASP B 225 12.81 -25.11 -15.96
C ASP B 225 13.54 -25.06 -14.64
N ASP B 226 14.87 -24.98 -14.70
CA ASP B 226 15.68 -24.90 -13.50
C ASP B 226 15.73 -23.44 -13.04
N ASP B 227 15.66 -22.53 -14.01
CA ASP B 227 15.69 -21.09 -13.74
C ASP B 227 14.61 -20.77 -12.73
N LYS B 228 15.02 -20.54 -11.48
CA LYS B 228 14.11 -20.23 -10.39
C LYS B 228 13.28 -18.97 -10.63
N PHE B 229 13.85 -18.00 -11.33
CA PHE B 229 13.10 -16.77 -11.59
C PHE B 229 11.93 -17.05 -12.52
N LEU B 230 12.19 -17.79 -13.59
CA LEU B 230 11.15 -18.14 -14.55
C LEU B 230 10.00 -18.79 -13.81
N ALA B 231 10.36 -19.71 -12.91
CA ALA B 231 9.40 -20.43 -12.12
C ALA B 231 8.53 -19.44 -11.35
N LEU B 232 9.17 -18.44 -10.75
CA LEU B 232 8.48 -17.41 -9.98
C LEU B 232 7.54 -16.60 -10.88
N LEU B 233 8.00 -16.30 -12.09
CA LEU B 233 7.20 -15.54 -13.05
C LEU B 233 5.89 -16.29 -13.34
N ARG B 234 6.01 -17.56 -13.69
CA ARG B 234 4.85 -18.39 -14.01
C ARG B 234 3.88 -18.42 -12.85
N SER B 235 4.38 -18.80 -11.68
CA SER B 235 3.56 -18.88 -10.48
C SER B 235 2.80 -17.58 -10.26
N THR B 236 3.44 -16.46 -10.61
CA THR B 236 2.80 -15.14 -10.46
C THR B 236 1.69 -15.03 -11.48
N ILE B 237 2.03 -15.34 -12.74
CA ILE B 237 1.05 -15.29 -13.81
C ILE B 237 -0.13 -16.22 -13.50
N GLN B 238 0.15 -17.35 -12.85
CA GLN B 238 -0.91 -18.29 -12.47
C GLN B 238 -1.82 -17.73 -11.38
N CYS B 239 -1.24 -17.31 -10.27
CA CYS B 239 -2.01 -16.76 -9.15
C CYS B 239 -2.81 -15.52 -9.50
N LEU B 240 -2.30 -14.74 -10.45
CA LEU B 240 -2.96 -13.52 -10.88
C LEU B 240 -4.18 -13.84 -11.75
N THR B 241 -4.04 -14.88 -12.58
CA THR B 241 -5.08 -15.30 -13.52
C THR B 241 -5.93 -16.46 -13.00
N ARG B 242 -5.35 -17.65 -12.93
CA ARG B 242 -6.05 -18.85 -12.45
C ARG B 242 -5.17 -19.57 -11.42
N PRO B 243 -5.24 -19.13 -10.15
CA PRO B 243 -4.49 -19.68 -9.02
C PRO B 243 -4.52 -21.20 -8.85
N GLU B 244 -5.67 -21.81 -9.10
CA GLU B 244 -5.80 -23.27 -8.97
C GLU B 244 -4.66 -24.02 -9.65
N LEU B 245 -4.16 -23.47 -10.75
CA LEU B 245 -3.06 -24.08 -11.49
C LEU B 245 -1.84 -24.18 -10.58
N TYR B 246 -1.37 -23.03 -10.12
CA TYR B 246 -0.21 -22.96 -9.24
C TYR B 246 -0.37 -23.89 -8.06
N PHE B 247 -1.50 -23.78 -7.38
CA PHE B 247 -1.77 -24.60 -6.21
C PHE B 247 -1.67 -26.10 -6.51
N VAL B 248 -2.02 -26.49 -7.73
CA VAL B 248 -1.94 -27.89 -8.13
C VAL B 248 -0.48 -28.35 -8.09
N ASP B 249 0.41 -27.54 -8.66
CA ASP B 249 1.83 -27.86 -8.68
C ASP B 249 2.44 -27.75 -7.29
N VAL B 250 1.62 -27.39 -6.32
CA VAL B 250 2.08 -27.25 -4.94
C VAL B 250 1.49 -28.35 -4.06
N LEU B 251 0.21 -28.63 -4.28
CA LEU B 251 -0.45 -29.68 -3.51
C LEU B 251 0.11 -31.03 -3.93
N ARG B 252 0.47 -31.15 -5.21
CA ARG B 252 1.03 -32.38 -5.74
C ARG B 252 2.25 -32.80 -4.90
N SER B 253 3.31 -32.00 -5.00
CA SER B 253 4.54 -32.28 -4.25
C SER B 253 4.28 -32.23 -2.74
N ALA B 254 3.10 -31.79 -2.34
CA ALA B 254 2.75 -31.72 -0.93
C ALA B 254 2.37 -33.10 -0.40
N ILE B 255 1.22 -33.60 -0.85
CA ILE B 255 0.74 -34.90 -0.41
C ILE B 255 1.69 -36.03 -0.82
N ASN B 256 2.51 -35.77 -1.83
CA ASN B 256 3.47 -36.76 -2.30
C ASN B 256 4.84 -36.49 -1.71
N LYS B 257 4.91 -35.47 -0.86
CA LYS B 257 6.16 -35.06 -0.22
C LYS B 257 7.32 -35.13 -1.20
N THR B 258 7.29 -34.25 -2.19
CA THR B 258 8.34 -34.20 -3.22
C THR B 258 8.81 -32.78 -3.48
N GLY B 259 8.16 -31.80 -2.87
CA GLY B 259 8.55 -30.42 -3.10
C GLY B 259 9.52 -29.84 -2.08
N THR B 260 9.77 -28.54 -2.20
CA THR B 260 10.68 -27.83 -1.30
C THR B 260 9.86 -26.88 -0.44
N ASP B 261 8.58 -26.75 -0.76
CA ASP B 261 7.67 -25.87 -0.03
C ASP B 261 7.22 -26.51 1.28
N GLU B 262 8.09 -26.50 2.28
CA GLU B 262 7.76 -27.08 3.57
C GLU B 262 6.63 -26.32 4.23
N GLY B 263 5.55 -27.03 4.54
CA GLY B 263 4.41 -26.41 5.17
C GLY B 263 3.31 -26.17 4.16
N ALA B 264 3.64 -26.36 2.88
CA ALA B 264 2.69 -26.15 1.78
C ALA B 264 1.31 -26.78 2.00
N LEU B 265 1.24 -28.11 2.13
CA LEU B 265 -0.05 -28.76 2.34
C LEU B 265 -0.64 -28.34 3.68
N THR B 266 0.20 -27.83 4.57
CA THR B 266 -0.26 -27.39 5.88
C THR B 266 -0.82 -25.98 5.71
N ARG B 267 -0.24 -25.24 4.77
CA ARG B 267 -0.68 -23.87 4.51
C ARG B 267 -1.84 -23.80 3.52
N ILE B 268 -1.75 -24.57 2.43
CA ILE B 268 -2.78 -24.59 1.40
C ILE B 268 -4.18 -24.64 1.99
N VAL B 269 -4.49 -25.76 2.64
CA VAL B 269 -5.80 -25.94 3.25
C VAL B 269 -6.16 -24.77 4.16
N THR B 270 -5.17 -24.28 4.90
CA THR B 270 -5.39 -23.19 5.83
C THR B 270 -5.52 -21.81 5.20
N THR B 271 -4.87 -21.59 4.06
CA THR B 271 -4.93 -20.29 3.41
C THR B 271 -5.84 -20.23 2.20
N ARG B 272 -6.44 -21.36 1.84
CA ARG B 272 -7.32 -21.40 0.67
C ARG B 272 -8.68 -22.02 0.95
N ALA B 273 -8.91 -22.41 2.20
CA ALA B 273 -10.18 -23.04 2.57
C ALA B 273 -11.39 -22.14 2.44
N GLU B 274 -11.49 -21.14 3.31
CA GLU B 274 -12.62 -20.22 3.32
C GLU B 274 -12.69 -19.36 2.07
N ILE B 275 -11.76 -19.57 1.15
CA ILE B 275 -11.74 -18.80 -0.08
C ILE B 275 -12.13 -19.59 -1.33
N ASP B 276 -11.21 -20.40 -1.84
CA ASP B 276 -11.48 -21.15 -3.06
C ASP B 276 -10.91 -22.58 -3.05
N LEU B 277 -10.92 -23.20 -1.88
CA LEU B 277 -10.39 -24.55 -1.78
C LEU B 277 -11.24 -25.52 -2.59
N LYS B 278 -12.57 -25.37 -2.49
CA LYS B 278 -13.48 -26.24 -3.21
C LYS B 278 -13.09 -26.32 -4.69
N VAL B 279 -12.71 -25.19 -5.28
CA VAL B 279 -12.30 -25.18 -6.67
C VAL B 279 -10.95 -25.87 -6.82
N ILE B 280 -10.04 -25.62 -5.88
CA ILE B 280 -8.72 -26.25 -5.93
C ILE B 280 -8.89 -27.78 -5.84
N GLY B 281 -9.80 -28.21 -4.98
CA GLY B 281 -10.05 -29.64 -4.80
C GLY B 281 -10.51 -30.28 -6.10
N GLU B 282 -11.34 -29.57 -6.84
CA GLU B 282 -11.85 -30.07 -8.12
C GLU B 282 -10.70 -30.31 -9.09
N GLU B 283 -9.78 -29.37 -9.19
CA GLU B 283 -8.63 -29.53 -10.08
C GLU B 283 -7.72 -30.62 -9.55
N TYR B 284 -7.61 -30.71 -8.23
CA TYR B 284 -6.77 -31.72 -7.61
C TYR B 284 -7.34 -33.09 -7.92
N GLN B 285 -8.66 -33.23 -7.76
CA GLN B 285 -9.35 -34.48 -8.00
C GLN B 285 -9.52 -34.81 -9.48
N ARG B 286 -9.18 -33.85 -10.33
CA ARG B 286 -9.30 -34.03 -11.78
C ARG B 286 -7.92 -34.18 -12.42
N ARG B 287 -6.88 -33.98 -11.64
CA ARG B 287 -5.51 -34.07 -12.15
C ARG B 287 -4.75 -35.26 -11.55
N ASN B 288 -5.38 -35.93 -10.59
CA ASN B 288 -4.74 -37.08 -9.94
C ASN B 288 -5.70 -38.24 -9.71
N SER B 289 -6.99 -37.97 -9.87
CA SER B 289 -8.02 -38.98 -9.68
C SER B 289 -8.23 -39.32 -8.21
N ILE B 290 -7.15 -39.34 -7.43
CA ILE B 290 -7.29 -39.67 -6.02
C ILE B 290 -7.88 -38.49 -5.26
N PRO B 291 -8.99 -38.72 -4.53
CA PRO B 291 -9.68 -37.70 -3.75
C PRO B 291 -8.74 -36.80 -2.95
N LEU B 292 -9.19 -35.59 -2.66
CA LEU B 292 -8.37 -34.64 -1.92
C LEU B 292 -8.39 -34.94 -0.43
N GLU B 293 -9.57 -34.85 0.19
CA GLU B 293 -9.68 -35.11 1.62
C GLU B 293 -9.23 -36.53 1.93
N LYS B 294 -9.27 -37.40 0.93
CA LYS B 294 -8.86 -38.79 1.08
C LYS B 294 -7.36 -38.97 0.89
N ALA B 295 -6.83 -38.46 -0.22
CA ALA B 295 -5.40 -38.57 -0.50
C ALA B 295 -4.62 -37.98 0.68
N ILE B 296 -5.15 -36.91 1.26
CA ILE B 296 -4.52 -36.26 2.40
C ILE B 296 -4.35 -37.26 3.54
N THR B 297 -5.31 -38.18 3.67
CA THR B 297 -5.27 -39.16 4.74
C THR B 297 -5.04 -40.60 4.24
N LYS B 298 -4.44 -40.70 3.06
CA LYS B 298 -4.13 -41.98 2.42
C LYS B 298 -3.25 -42.91 3.26
N ASP B 299 -2.16 -42.38 3.80
CA ASP B 299 -1.23 -43.18 4.60
C ASP B 299 -1.55 -43.14 6.09
N THR B 300 -1.76 -41.95 6.62
CA THR B 300 -2.08 -41.79 8.03
C THR B 300 -3.34 -40.94 8.21
N ARG B 301 -4.11 -41.25 9.26
CA ARG B 301 -5.32 -40.49 9.53
C ARG B 301 -5.34 -40.02 10.99
N GLY B 302 -4.26 -39.38 11.40
CA GLY B 302 -4.17 -38.87 12.76
C GLY B 302 -4.93 -37.56 12.86
N ASP B 303 -5.03 -37.00 14.06
CA ASP B 303 -5.76 -35.75 14.27
C ASP B 303 -5.51 -34.69 13.19
N TYR B 304 -4.30 -34.71 12.62
CA TYR B 304 -3.93 -33.76 11.58
C TYR B 304 -4.96 -33.74 10.45
N GLU B 305 -5.13 -34.88 9.78
CA GLU B 305 -6.09 -34.99 8.69
C GLU B 305 -7.51 -34.73 9.19
N LYS B 306 -7.82 -35.27 10.36
CA LYS B 306 -9.14 -35.11 10.97
C LYS B 306 -9.59 -33.65 10.88
N MET B 307 -8.70 -32.73 11.23
CA MET B 307 -9.00 -31.31 11.16
C MET B 307 -9.02 -30.85 9.71
N LEU B 308 -7.99 -31.21 8.96
CA LEU B 308 -7.90 -30.83 7.56
C LEU B 308 -9.11 -31.26 6.73
N VAL B 309 -9.43 -32.55 6.75
CA VAL B 309 -10.56 -33.04 5.97
C VAL B 309 -11.84 -32.39 6.45
N ALA B 310 -11.91 -32.07 7.75
CA ALA B 310 -13.09 -31.43 8.30
C ALA B 310 -13.19 -29.99 7.77
N LEU B 311 -12.06 -29.46 7.28
CA LEU B 311 -12.02 -28.12 6.72
C LEU B 311 -12.31 -28.18 5.23
N LEU B 312 -12.02 -29.32 4.63
CA LEU B 312 -12.27 -29.51 3.21
C LEU B 312 -13.76 -29.82 3.05
N GLY B 313 -14.47 -29.84 4.17
CA GLY B 313 -15.91 -30.12 4.14
C GLY B 313 -16.20 -31.61 4.11
N GLU B 314 -15.25 -32.41 4.59
CA GLU B 314 -15.39 -33.86 4.64
C GLU B 314 -14.84 -34.39 5.96
N ASP B 315 -15.57 -34.14 7.04
CA ASP B 315 -15.16 -34.59 8.38
C ASP B 315 -14.62 -36.01 8.43
N ASP B 316 -15.50 -36.99 8.26
CA ASP B 316 -15.09 -38.39 8.32
C ASP B 316 -14.62 -38.95 6.97
N ALA B 317 -13.44 -38.50 6.53
CA ALA B 317 -12.88 -38.95 5.27
C ALA B 317 -11.42 -39.38 5.42
N SER A 1 0.54 22.09 15.35
CA SER A 1 1.15 22.52 14.05
C SER A 1 0.08 23.00 13.06
N ALA A 2 -1.18 22.98 13.47
CA ALA A 2 -2.26 23.44 12.62
C ALA A 2 -2.39 24.96 12.76
N THR A 3 -2.63 25.64 11.63
CA THR A 3 -2.79 27.09 11.66
C THR A 3 -4.26 27.46 11.62
N LEU A 4 -5.04 26.61 10.95
CA LEU A 4 -6.49 26.83 10.81
C LEU A 4 -7.16 27.18 12.13
N LYS A 5 -8.04 28.17 12.10
CA LYS A 5 -8.77 28.59 13.30
C LYS A 5 -10.26 28.28 13.15
N VAL A 6 -10.75 27.42 14.04
CA VAL A 6 -12.15 26.99 14.02
C VAL A 6 -13.01 27.92 14.87
N SER A 7 -14.32 27.72 14.82
CA SER A 7 -15.24 28.54 15.59
C SER A 7 -15.77 27.80 16.82
N ASP A 8 -15.86 28.54 17.93
CA ASP A 8 -16.33 27.97 19.19
C ASP A 8 -17.53 27.07 18.92
N SER A 9 -18.59 27.67 18.40
CA SER A 9 -19.80 26.93 18.06
C SER A 9 -20.17 27.23 16.62
N VAL A 10 -20.01 26.23 15.76
CA VAL A 10 -20.30 26.36 14.35
C VAL A 10 -21.80 26.31 14.08
N PRO A 11 -22.28 27.10 13.11
CA PRO A 11 -23.72 27.09 12.80
C PRO A 11 -24.13 25.75 12.20
N ALA A 12 -25.41 25.42 12.33
CA ALA A 12 -25.94 24.16 11.80
C ALA A 12 -25.54 24.00 10.34
N PRO A 13 -25.08 22.79 9.96
CA PRO A 13 -24.67 22.53 8.57
C PRO A 13 -25.67 22.98 7.51
N SER A 14 -26.94 22.63 7.66
CA SER A 14 -27.94 23.01 6.68
C SER A 14 -27.95 24.53 6.48
N ASP A 15 -27.46 25.25 7.47
CA ASP A 15 -27.43 26.70 7.39
C ASP A 15 -26.07 27.21 6.92
N ASP A 16 -25.09 26.30 6.88
CA ASP A 16 -23.78 26.66 6.38
C ASP A 16 -24.00 26.67 4.86
N ALA A 17 -24.60 25.59 4.37
CA ALA A 17 -24.89 25.40 2.95
C ALA A 17 -25.70 26.53 2.34
N GLU A 18 -26.79 26.91 2.99
CA GLU A 18 -27.66 27.97 2.51
C GLU A 18 -26.88 29.25 2.19
N GLN A 19 -26.10 29.72 3.17
CA GLN A 19 -25.31 30.93 2.97
C GLN A 19 -24.26 30.72 1.88
N LEU A 20 -23.58 29.58 1.94
CA LEU A 20 -22.56 29.25 0.96
C LEU A 20 -23.21 29.17 -0.40
N ARG A 21 -24.48 28.76 -0.43
CA ARG A 21 -25.24 28.64 -1.66
C ARG A 21 -25.52 30.03 -2.21
N THR A 22 -25.59 31.02 -1.31
CA THR A 22 -25.85 32.40 -1.69
C THR A 22 -24.61 32.99 -2.34
N ALA A 23 -23.46 32.81 -1.69
CA ALA A 23 -22.20 33.32 -2.19
C ALA A 23 -21.74 32.58 -3.43
N PHE A 24 -22.51 31.61 -3.88
CA PHE A 24 -22.15 30.84 -5.06
C PHE A 24 -22.95 31.20 -6.30
N GLU A 25 -24.08 31.90 -6.11
CA GLU A 25 -24.91 32.30 -7.24
C GLU A 25 -24.31 33.51 -7.96
N GLU A 31 -17.96 36.43 -1.17
CA GLU A 31 -16.60 35.96 -0.96
C GLU A 31 -16.20 35.96 0.51
N ASP A 32 -16.46 37.06 1.21
CA ASP A 32 -16.13 37.18 2.61
C ASP A 32 -16.91 36.13 3.41
N LEU A 33 -18.03 35.69 2.84
CA LEU A 33 -18.87 34.69 3.47
C LEU A 33 -18.30 33.29 3.24
N ILE A 34 -17.80 33.04 2.03
CA ILE A 34 -17.20 31.76 1.69
C ILE A 34 -15.94 31.56 2.54
N ILE A 35 -15.19 32.63 2.72
CA ILE A 35 -13.97 32.59 3.53
C ILE A 35 -14.33 32.48 5.00
N SER A 36 -15.28 33.30 5.43
CA SER A 36 -15.70 33.31 6.83
C SER A 36 -16.09 31.91 7.28
N ILE A 37 -16.98 31.27 6.53
CA ILE A 37 -17.42 29.92 6.86
C ILE A 37 -16.34 28.87 6.59
N LEU A 38 -16.01 28.65 5.33
CA LEU A 38 -15.04 27.62 4.97
C LEU A 38 -13.67 27.66 5.63
N ALA A 39 -12.96 28.79 5.53
CA ALA A 39 -11.65 28.87 6.12
C ALA A 39 -11.71 28.79 7.64
N HIS A 40 -12.86 28.39 8.16
CA HIS A 40 -13.04 28.29 9.61
C HIS A 40 -13.93 27.11 10.04
N ARG A 41 -13.67 25.95 9.44
CA ARG A 41 -14.41 24.74 9.76
C ARG A 41 -13.42 23.58 9.82
N SER A 42 -13.86 22.43 10.33
CA SER A 42 -12.98 21.26 10.41
C SER A 42 -13.25 20.30 9.25
N ALA A 43 -12.39 19.29 9.09
CA ALA A 43 -12.56 18.32 8.02
C ALA A 43 -13.82 17.48 8.18
N GLU A 44 -14.03 16.93 9.37
CA GLU A 44 -15.22 16.11 9.62
C GLU A 44 -16.44 17.00 9.83
N GLN A 45 -16.34 18.23 9.36
CA GLN A 45 -17.42 19.22 9.47
C GLN A 45 -17.82 19.64 8.05
N ARG A 46 -16.87 20.15 7.28
CA ARG A 46 -17.13 20.57 5.90
C ARG A 46 -17.71 19.38 5.14
N LYS A 47 -17.36 18.18 5.59
CA LYS A 47 -17.86 16.94 4.99
C LYS A 47 -19.39 17.01 5.05
N VAL A 48 -19.93 17.13 6.26
CA VAL A 48 -21.37 17.21 6.47
C VAL A 48 -21.98 18.40 5.75
N ILE A 49 -21.32 19.56 5.87
CA ILE A 49 -21.80 20.76 5.20
C ILE A 49 -22.07 20.46 3.73
N ARG A 50 -21.10 19.86 3.05
CA ARG A 50 -21.26 19.51 1.64
C ARG A 50 -22.43 18.57 1.51
N GLN A 51 -22.44 17.56 2.36
CA GLN A 51 -23.50 16.56 2.39
C GLN A 51 -24.85 17.26 2.50
N ALA A 52 -24.97 18.19 3.43
CA ALA A 52 -26.23 18.90 3.60
C ALA A 52 -26.56 19.65 2.32
N TYR A 53 -25.63 20.49 1.88
CA TYR A 53 -25.82 21.27 0.66
C TYR A 53 -26.32 20.35 -0.45
N HIS A 54 -25.74 19.16 -0.55
CA HIS A 54 -26.13 18.22 -1.58
C HIS A 54 -27.58 17.77 -1.41
N GLU A 55 -27.99 17.55 -0.16
CA GLU A 55 -29.35 17.12 0.14
C GLU A 55 -30.35 18.21 -0.24
N THR A 56 -30.03 19.44 0.13
CA THR A 56 -30.89 20.58 -0.13
C THR A 56 -31.01 21.00 -1.58
N TYR A 57 -29.95 20.83 -2.36
CA TYR A 57 -29.98 21.27 -3.74
C TYR A 57 -29.79 20.19 -4.81
N GLY A 58 -29.67 18.94 -4.39
CA GLY A 58 -29.49 17.86 -5.35
C GLY A 58 -28.28 18.06 -6.25
N GLU A 59 -27.44 19.00 -5.87
CA GLU A 59 -26.23 19.32 -6.62
C GLU A 59 -25.05 19.44 -5.65
N ASP A 60 -23.84 19.15 -6.14
CA ASP A 60 -22.64 19.22 -5.31
C ASP A 60 -22.16 20.65 -5.09
N LEU A 61 -21.68 20.92 -3.87
CA LEU A 61 -21.20 22.24 -3.51
C LEU A 61 -20.01 22.66 -4.36
N LEU A 62 -19.16 21.68 -4.67
CA LEU A 62 -17.94 21.92 -5.43
C LEU A 62 -18.07 21.76 -6.94
N LYS A 63 -19.28 21.52 -7.43
CA LYS A 63 -19.49 21.35 -8.86
C LYS A 63 -18.86 22.45 -9.69
N THR A 64 -19.31 23.68 -9.48
CA THR A 64 -18.81 24.82 -10.25
C THR A 64 -17.30 25.10 -10.06
N LEU A 65 -16.64 24.30 -9.24
CA LEU A 65 -15.22 24.52 -8.97
C LEU A 65 -14.29 23.43 -9.50
N ASP A 66 -14.84 22.25 -9.75
CA ASP A 66 -14.02 21.14 -10.26
C ASP A 66 -13.83 21.31 -11.77
N LYS A 67 -13.52 22.54 -12.18
CA LYS A 67 -13.30 22.87 -13.58
C LYS A 67 -11.89 23.44 -13.75
N GLU A 68 -11.16 22.99 -14.76
CA GLU A 68 -9.80 23.47 -14.98
C GLU A 68 -9.80 24.97 -15.27
N LEU A 69 -10.94 25.48 -15.77
CA LEU A 69 -11.09 26.89 -16.08
C LEU A 69 -11.43 27.67 -14.82
N SER A 70 -10.50 27.70 -13.86
CA SER A 70 -10.73 28.41 -12.62
C SER A 70 -9.57 29.27 -12.15
N ASN A 71 -9.89 30.28 -11.36
CA ASN A 71 -8.91 31.20 -10.82
C ASN A 71 -8.27 30.65 -9.53
N ASP A 72 -7.35 31.42 -8.95
CA ASP A 72 -6.68 31.01 -7.74
C ASP A 72 -7.65 30.73 -6.60
N PHE A 73 -8.59 31.64 -6.38
CA PHE A 73 -9.57 31.47 -5.30
C PHE A 73 -10.38 30.17 -5.47
N GLU A 74 -10.95 29.96 -6.66
CA GLU A 74 -11.73 28.76 -6.93
C GLU A 74 -10.92 27.49 -6.62
N ARG A 75 -9.73 27.42 -7.21
CA ARG A 75 -8.83 26.29 -7.03
C ARG A 75 -8.61 26.07 -5.54
N ALA A 76 -8.54 27.17 -4.81
CA ALA A 76 -8.34 27.13 -3.37
C ALA A 76 -9.63 26.68 -2.67
N ILE A 77 -10.78 26.86 -3.31
CA ILE A 77 -12.01 26.40 -2.68
C ILE A 77 -12.08 24.89 -2.87
N LEU A 78 -11.56 24.40 -3.99
CA LEU A 78 -11.59 22.97 -4.28
C LEU A 78 -10.59 22.21 -3.41
N LEU A 79 -9.30 22.31 -3.76
CA LEU A 79 -8.24 21.62 -3.02
C LEU A 79 -8.60 21.58 -1.54
N TRP A 80 -9.16 22.69 -1.07
CA TRP A 80 -9.58 22.82 0.33
C TRP A 80 -10.81 21.96 0.62
N THR A 81 -11.96 22.36 0.07
CA THR A 81 -13.21 21.67 0.30
C THR A 81 -13.27 20.22 -0.16
N LEU A 82 -12.11 19.69 -0.56
CA LEU A 82 -12.03 18.28 -0.96
C LEU A 82 -11.51 17.53 0.25
N GLU A 83 -11.69 16.22 0.25
CA GLU A 83 -11.21 15.41 1.36
C GLU A 83 -9.73 15.20 1.09
N PRO A 84 -8.96 14.75 2.09
CA PRO A 84 -7.52 14.53 1.91
C PRO A 84 -7.18 13.65 0.71
N GLY A 85 -7.57 12.37 0.79
CA GLY A 85 -7.32 11.43 -0.28
C GLY A 85 -7.55 11.87 -1.72
N GLU A 86 -8.80 12.10 -2.12
CA GLU A 86 -9.11 12.51 -3.49
C GLU A 86 -8.29 13.74 -3.86
N ARG A 87 -8.22 14.71 -2.95
CA ARG A 87 -7.43 15.92 -3.18
C ARG A 87 -6.04 15.49 -3.62
N ASP A 88 -5.40 14.65 -2.81
CA ASP A 88 -4.07 14.17 -3.11
C ASP A 88 -4.02 13.36 -4.40
N ALA A 89 -5.03 12.52 -4.64
CA ALA A 89 -5.05 11.71 -5.85
C ALA A 89 -5.04 12.60 -7.09
N LEU A 90 -5.90 13.63 -7.07
CA LEU A 90 -6.03 14.60 -8.15
C LEU A 90 -4.67 15.19 -8.56
N LEU A 91 -3.95 15.72 -7.59
CA LEU A 91 -2.63 16.29 -7.83
C LEU A 91 -1.75 15.26 -8.50
N ALA A 92 -1.38 14.22 -7.76
CA ALA A 92 -0.54 13.15 -8.28
C ALA A 92 -0.97 12.91 -9.73
N ASN A 93 -2.27 12.70 -9.91
CA ASN A 93 -2.84 12.48 -11.23
C ASN A 93 -2.39 13.64 -12.12
N GLU A 94 -2.78 14.88 -11.77
CA GLU A 94 -2.40 16.05 -12.55
C GLU A 94 -0.89 15.96 -12.85
N ALA A 95 -0.11 15.81 -11.79
CA ALA A 95 1.35 15.71 -11.91
C ALA A 95 1.79 14.76 -13.01
N THR A 96 1.21 13.57 -13.04
CA THR A 96 1.59 12.59 -14.06
C THR A 96 0.92 12.82 -15.41
N LYS A 97 -0.17 13.57 -15.45
CA LYS A 97 -0.85 13.82 -16.73
C LYS A 97 0.11 14.40 -17.76
N ARG A 98 1.19 15.00 -17.28
CA ARG A 98 2.21 15.59 -18.14
C ARG A 98 3.52 15.63 -17.37
N TRP A 99 3.73 14.58 -16.56
CA TRP A 99 4.93 14.48 -15.74
C TRP A 99 6.22 14.92 -16.42
N THR A 100 7.11 15.52 -15.64
CA THR A 100 8.40 15.97 -16.11
C THR A 100 9.39 15.84 -14.97
N SER A 101 10.67 16.04 -15.28
CA SER A 101 11.73 15.99 -14.28
C SER A 101 11.49 17.01 -13.15
N SER A 102 10.87 18.14 -13.51
CA SER A 102 10.58 19.21 -12.56
C SER A 102 9.60 18.80 -11.46
N ASN A 103 8.36 18.55 -11.83
CA ASN A 103 7.32 18.17 -10.88
C ASN A 103 7.72 17.07 -9.91
N GLN A 104 7.26 17.21 -8.65
CA GLN A 104 7.56 16.21 -7.62
C GLN A 104 6.48 16.10 -6.54
N VAL A 105 5.23 16.44 -6.87
CA VAL A 105 4.20 16.33 -5.85
C VAL A 105 4.02 14.90 -5.34
N LEU A 106 4.02 13.93 -6.25
CA LEU A 106 3.88 12.53 -5.85
C LEU A 106 4.78 12.25 -4.65
N MET A 107 6.01 12.75 -4.70
CA MET A 107 6.96 12.60 -3.61
C MET A 107 6.43 13.31 -2.38
N GLU A 108 6.05 14.57 -2.54
CA GLU A 108 5.53 15.39 -1.46
C GLU A 108 4.38 14.65 -0.76
N VAL A 109 3.39 14.25 -1.54
CA VAL A 109 2.24 13.52 -1.04
C VAL A 109 2.68 12.21 -0.38
N ALA A 110 3.69 11.57 -0.95
CA ALA A 110 4.17 10.28 -0.43
C ALA A 110 5.08 10.29 0.79
N CYS A 111 5.67 11.45 1.12
CA CYS A 111 6.58 11.51 2.27
C CYS A 111 6.09 12.29 3.48
N THR A 112 5.12 13.18 3.29
CA THR A 112 4.60 13.99 4.39
C THR A 112 3.26 13.46 4.90
N ARG A 113 2.70 12.49 4.19
CA ARG A 113 1.42 11.90 4.58
C ARG A 113 1.60 10.76 5.56
N THR A 114 0.65 10.59 6.48
CA THR A 114 0.74 9.47 7.40
C THR A 114 0.45 8.24 6.55
N SER A 115 0.86 7.07 7.03
CA SER A 115 0.62 5.84 6.29
C SER A 115 -0.86 5.75 5.99
N THR A 116 -1.66 6.37 6.86
CA THR A 116 -3.11 6.37 6.73
C THR A 116 -3.55 7.39 5.65
N GLN A 117 -2.78 8.45 5.47
CA GLN A 117 -3.13 9.44 4.47
C GLN A 117 -2.80 8.92 3.08
N LEU A 118 -1.67 8.24 2.95
CA LEU A 118 -1.29 7.68 1.66
C LEU A 118 -2.26 6.54 1.25
N LEU A 119 -2.73 5.75 2.21
CA LEU A 119 -3.68 4.68 1.93
C LEU A 119 -5.02 5.28 1.55
N HIS A 120 -5.37 6.40 2.18
CA HIS A 120 -6.62 7.10 1.89
C HIS A 120 -6.52 7.72 0.51
N ALA A 121 -5.32 8.17 0.16
CA ALA A 121 -5.11 8.78 -1.14
C ALA A 121 -5.26 7.73 -2.23
N ARG A 122 -4.67 6.55 -2.02
CA ARG A 122 -4.74 5.46 -2.99
C ARG A 122 -6.17 4.95 -3.13
N GLN A 123 -6.91 4.88 -2.03
CA GLN A 123 -8.30 4.41 -2.07
C GLN A 123 -9.16 5.44 -2.80
N ALA A 124 -8.92 6.72 -2.51
CA ALA A 124 -9.66 7.80 -3.15
C ALA A 124 -9.36 7.75 -4.65
N TYR A 125 -8.11 7.41 -4.97
CA TYR A 125 -7.69 7.33 -6.36
C TYR A 125 -8.57 6.28 -7.06
N HIS A 126 -8.39 5.01 -6.68
CA HIS A 126 -9.19 3.93 -7.26
C HIS A 126 -10.59 4.40 -7.59
N ALA A 127 -11.24 5.01 -6.60
CA ALA A 127 -12.61 5.50 -6.71
C ALA A 127 -12.82 6.56 -7.78
N ARG A 128 -11.91 7.51 -7.86
CA ARG A 128 -12.02 8.61 -8.79
C ARG A 128 -11.53 8.33 -10.19
N TYR A 129 -10.35 7.72 -10.31
CA TYR A 129 -9.73 7.43 -11.60
C TYR A 129 -9.87 6.00 -12.08
N LYS A 130 -10.45 5.14 -11.26
CA LYS A 130 -10.61 3.74 -11.62
C LYS A 130 -9.29 3.13 -12.08
N LYS A 131 -8.23 3.48 -11.36
CA LYS A 131 -6.88 2.99 -11.61
C LYS A 131 -6.11 3.03 -10.29
N SER A 132 -4.85 2.63 -10.30
CA SER A 132 -4.05 2.68 -9.08
C SER A 132 -3.00 3.77 -9.26
N LEU A 133 -2.74 4.53 -8.21
CA LEU A 133 -1.74 5.59 -8.28
C LEU A 133 -0.42 5.07 -8.89
N GLU A 134 0.11 3.98 -8.34
CA GLU A 134 1.38 3.43 -8.85
C GLU A 134 1.31 2.85 -10.25
N GLU A 135 0.19 2.21 -10.59
CA GLU A 135 0.10 1.64 -11.93
C GLU A 135 0.19 2.80 -12.92
N ASP A 136 -0.23 3.97 -12.48
CA ASP A 136 -0.19 5.17 -13.31
C ASP A 136 1.18 5.84 -13.32
N VAL A 137 1.76 6.05 -12.15
CA VAL A 137 3.08 6.68 -12.08
C VAL A 137 4.09 5.90 -12.92
N ALA A 138 4.19 4.60 -12.67
CA ALA A 138 5.12 3.76 -13.41
C ALA A 138 4.80 3.76 -14.89
N HIS A 139 3.55 4.06 -15.21
CA HIS A 139 3.10 4.11 -16.59
C HIS A 139 3.53 5.42 -17.26
N HIS A 140 3.58 6.50 -16.49
CA HIS A 140 3.93 7.80 -17.05
C HIS A 140 5.21 8.48 -16.53
N THR A 141 6.04 7.74 -15.79
CA THR A 141 7.31 8.31 -15.31
C THR A 141 8.46 7.44 -15.84
N THR A 142 9.64 8.02 -15.97
CA THR A 142 10.77 7.27 -16.51
C THR A 142 12.09 7.35 -15.74
N GLY A 143 13.03 6.51 -16.20
CA GLY A 143 14.35 6.45 -15.62
C GLY A 143 14.42 6.34 -14.10
N ASP A 144 15.45 6.98 -13.54
CA ASP A 144 15.69 6.98 -12.12
C ASP A 144 14.48 7.50 -11.36
N PHE A 145 13.83 8.54 -11.89
CA PHE A 145 12.66 9.11 -11.26
C PHE A 145 11.70 8.01 -10.88
N ARG A 146 11.15 7.33 -11.90
CA ARG A 146 10.20 6.23 -11.70
C ARG A 146 10.68 5.24 -10.65
N LYS A 147 11.97 4.90 -10.70
CA LYS A 147 12.54 3.98 -9.73
C LYS A 147 12.14 4.38 -8.30
N LEU A 148 12.48 5.61 -7.91
CA LEU A 148 12.17 6.11 -6.57
C LEU A 148 10.69 6.45 -6.38
N LEU A 149 10.10 7.17 -7.32
CA LEU A 149 8.71 7.57 -7.19
C LEU A 149 7.78 6.39 -6.87
N VAL A 150 7.84 5.33 -7.68
CA VAL A 150 6.99 4.15 -7.48
C VAL A 150 7.22 3.53 -6.10
N SER A 151 8.49 3.39 -5.72
CA SER A 151 8.82 2.80 -4.42
C SER A 151 8.22 3.61 -3.28
N LEU A 152 8.15 4.93 -3.47
CA LEU A 152 7.62 5.83 -2.45
C LEU A 152 6.09 5.81 -2.34
N VAL A 153 5.38 5.74 -3.47
CA VAL A 153 3.92 5.72 -3.39
C VAL A 153 3.34 4.35 -3.01
N THR A 154 3.99 3.26 -3.38
CA THR A 154 3.43 1.96 -3.00
C THR A 154 3.74 1.63 -1.55
N SER A 155 4.54 2.48 -0.92
CA SER A 155 4.94 2.27 0.45
C SER A 155 3.82 2.45 1.46
N TYR A 156 3.73 1.49 2.38
CA TYR A 156 2.78 1.51 3.48
C TYR A 156 3.75 1.35 4.65
N ARG A 157 4.48 2.42 4.90
CA ARG A 157 5.54 2.48 5.90
C ARG A 157 5.17 2.23 7.36
N TYR A 158 6.08 1.57 8.07
CA TYR A 158 5.91 1.29 9.49
C TYR A 158 6.10 2.63 10.22
N GLU A 159 5.24 2.91 11.20
CA GLU A 159 5.31 4.18 11.93
C GLU A 159 5.67 4.11 13.42
N GLY A 160 6.10 2.93 13.88
CA GLY A 160 6.47 2.80 15.28
C GLY A 160 7.78 3.52 15.55
N ASP A 161 8.28 3.43 16.78
CA ASP A 161 9.52 4.11 17.16
C ASP A 161 10.77 3.24 17.22
N GLU A 162 10.58 1.93 17.25
CA GLU A 162 11.71 1.02 17.31
C GLU A 162 12.84 1.40 16.35
N VAL A 163 14.08 1.23 16.80
CA VAL A 163 15.23 1.56 15.98
C VAL A 163 16.33 0.51 16.05
N ASN A 164 16.54 -0.19 14.95
CA ASN A 164 17.60 -1.20 14.90
C ASN A 164 18.92 -0.45 14.75
N MET A 165 19.49 -0.02 15.88
CA MET A 165 20.74 0.75 15.85
C MET A 165 21.87 0.16 15.01
N THR A 166 22.03 -1.16 15.05
CA THR A 166 23.08 -1.81 14.28
C THR A 166 22.80 -1.69 12.78
N LEU A 167 21.52 -1.77 12.41
CA LEU A 167 21.13 -1.66 11.01
C LEU A 167 21.33 -0.20 10.59
N ALA A 168 21.07 0.72 11.51
CA ALA A 168 21.23 2.14 11.25
C ALA A 168 22.67 2.45 10.86
N LYS A 169 23.61 1.88 11.61
CA LYS A 169 25.03 2.11 11.34
C LYS A 169 25.46 1.52 10.01
N GLN A 170 25.02 0.27 9.77
CA GLN A 170 25.36 -0.45 8.54
C GLN A 170 24.83 0.22 7.27
N GLU A 171 23.54 0.52 7.25
CA GLU A 171 22.97 1.14 6.07
C GLU A 171 23.44 2.60 5.96
N ALA A 172 23.77 3.21 7.09
CA ALA A 172 24.27 4.58 7.07
C ALA A 172 25.63 4.46 6.39
N LYS A 173 26.35 3.41 6.76
CA LYS A 173 27.66 3.17 6.18
C LYS A 173 27.48 2.99 4.68
N LEU A 174 26.54 2.13 4.31
CA LEU A 174 26.25 1.84 2.91
C LEU A 174 25.80 3.08 2.14
N VAL A 175 24.93 3.88 2.73
CA VAL A 175 24.46 5.09 2.06
C VAL A 175 25.64 6.03 1.85
N HIS A 176 26.64 5.94 2.74
CA HIS A 176 27.83 6.77 2.66
C HIS A 176 28.76 6.36 1.52
N GLU A 177 28.97 5.06 1.36
CA GLU A 177 29.83 4.54 0.31
C GLU A 177 29.28 4.95 -1.06
N LYS A 178 27.97 5.18 -1.10
CA LYS A 178 27.33 5.56 -2.35
C LYS A 178 27.28 7.05 -2.62
N ILE A 179 26.96 7.84 -1.60
CA ILE A 179 26.90 9.29 -1.79
C ILE A 179 28.25 9.80 -2.29
N LYS A 180 29.34 9.18 -1.83
CA LYS A 180 30.68 9.58 -2.24
C LYS A 180 30.93 9.36 -3.73
N ASP A 181 30.66 8.15 -4.22
CA ASP A 181 30.86 7.85 -5.63
C ASP A 181 29.76 8.47 -6.45
N LYS A 182 28.80 9.07 -5.77
CA LYS A 182 27.67 9.74 -6.39
C LYS A 182 26.68 8.77 -7.05
N HIS A 183 26.31 7.72 -6.33
CA HIS A 183 25.35 6.75 -6.82
C HIS A 183 24.00 7.10 -6.20
N TYR A 184 23.59 8.35 -6.39
CA TYR A 184 22.33 8.86 -5.86
C TYR A 184 21.17 7.96 -6.25
N ASN A 185 21.33 7.22 -7.34
CA ASN A 185 20.29 6.33 -7.82
C ASN A 185 20.49 4.89 -7.36
N ASP A 186 21.38 4.69 -6.39
CA ASP A 186 21.64 3.35 -5.87
C ASP A 186 20.39 2.68 -5.34
N GLU A 187 20.21 1.43 -5.74
CA GLU A 187 19.07 0.61 -5.35
C GLU A 187 18.87 0.54 -3.84
N ASP A 188 19.97 0.48 -3.09
CA ASP A 188 19.90 0.39 -1.63
C ASP A 188 19.42 1.66 -0.93
N VAL A 189 19.87 2.82 -1.39
CA VAL A 189 19.42 4.07 -0.77
C VAL A 189 17.90 4.10 -0.95
N ILE A 190 17.47 3.62 -2.12
CA ILE A 190 16.06 3.58 -2.46
C ILE A 190 15.27 2.69 -1.50
N ARG A 191 15.76 1.46 -1.33
CA ARG A 191 15.12 0.50 -0.43
C ARG A 191 14.99 1.06 0.99
N ILE A 192 15.98 1.82 1.44
CA ILE A 192 15.96 2.39 2.78
C ILE A 192 14.90 3.47 2.91
N LEU A 193 14.99 4.50 2.08
CA LEU A 193 14.04 5.60 2.12
C LEU A 193 12.59 5.21 1.79
N SER A 194 12.43 4.12 1.03
CA SER A 194 11.09 3.69 0.64
C SER A 194 10.43 2.62 1.50
N THR A 195 11.21 1.95 2.36
CA THR A 195 10.62 0.91 3.20
C THR A 195 10.82 1.09 4.70
N ARG A 196 11.99 1.60 5.09
CA ARG A 196 12.33 1.82 6.49
C ARG A 196 11.42 2.82 7.16
N SER A 197 11.18 2.63 8.44
CA SER A 197 10.35 3.55 9.20
C SER A 197 11.16 4.85 9.28
N LYS A 198 10.48 5.99 9.28
CA LYS A 198 11.16 7.27 9.35
C LYS A 198 12.08 7.31 10.58
N ALA A 199 11.77 6.51 11.59
CA ALA A 199 12.59 6.45 12.80
C ALA A 199 13.96 5.87 12.43
N GLN A 200 13.95 4.82 11.63
CA GLN A 200 15.20 4.18 11.19
C GLN A 200 15.99 5.03 10.19
N ILE A 201 15.28 5.76 9.32
CA ILE A 201 15.93 6.62 8.34
C ILE A 201 16.60 7.79 9.09
N ASN A 202 15.92 8.28 10.11
CA ASN A 202 16.44 9.38 10.91
C ASN A 202 17.76 8.94 11.53
N ALA A 203 17.75 7.75 12.10
CA ALA A 203 18.94 7.21 12.71
C ALA A 203 19.97 6.89 11.63
N THR A 204 19.50 6.60 10.41
CA THR A 204 20.43 6.30 9.33
C THR A 204 21.17 7.56 8.90
N PHE A 205 20.61 8.71 9.21
CA PHE A 205 21.24 9.98 8.86
C PHE A 205 21.94 10.56 10.07
N ASN A 206 21.46 10.21 11.28
CA ASN A 206 22.11 10.68 12.50
C ASN A 206 23.38 9.86 12.67
N ARG A 207 23.27 8.54 12.57
CA ARG A 207 24.43 7.68 12.69
C ARG A 207 25.39 8.07 11.57
N TYR A 208 24.84 8.69 10.53
CA TYR A 208 25.62 9.12 9.38
C TYR A 208 26.40 10.41 9.67
N GLN A 209 25.80 11.29 10.46
CA GLN A 209 26.44 12.56 10.81
C GLN A 209 27.84 12.35 11.41
N ASP A 210 27.90 12.09 12.71
CA ASP A 210 29.16 11.86 13.40
C ASP A 210 30.12 10.94 12.65
N ASP A 211 29.71 9.68 12.51
CA ASP A 211 30.50 8.66 11.84
C ASP A 211 31.39 9.09 10.68
N HIS A 212 30.82 9.78 9.70
CA HIS A 212 31.58 10.19 8.52
C HIS A 212 31.87 11.67 8.37
N GLY A 213 31.66 12.44 9.45
CA GLY A 213 31.93 13.86 9.40
C GLY A 213 30.81 14.73 8.85
N GLU A 214 30.66 14.75 7.54
CA GLU A 214 29.62 15.57 6.90
C GLU A 214 28.22 15.02 7.14
N GLU A 215 27.24 15.92 7.16
CA GLU A 215 25.85 15.56 7.38
C GLU A 215 25.17 15.40 6.02
N ILE A 216 24.64 14.20 5.75
CA ILE A 216 23.98 13.91 4.47
C ILE A 216 23.08 15.07 4.03
N LEU A 217 22.41 15.67 5.00
CA LEU A 217 21.53 16.80 4.75
C LEU A 217 22.31 17.86 3.99
N LYS A 218 23.49 18.21 4.52
CA LYS A 218 24.36 19.21 3.90
C LYS A 218 25.37 18.55 2.96
N SER A 219 25.49 17.23 3.04
CA SER A 219 26.42 16.47 2.22
C SER A 219 25.97 16.40 0.75
N LEU A 220 24.67 16.57 0.52
CA LEU A 220 24.11 16.52 -0.82
C LEU A 220 24.11 17.90 -1.50
N GLU A 221 24.98 18.79 -1.03
CA GLU A 221 25.08 20.14 -1.59
C GLU A 221 26.24 20.28 -2.57
N GLU A 222 27.17 19.33 -2.50
CA GLU A 222 28.34 19.34 -3.37
C GLU A 222 28.01 18.81 -4.77
N GLY A 223 26.84 18.19 -4.90
CA GLY A 223 26.44 17.64 -6.18
C GLY A 223 25.96 18.67 -7.18
N ASP A 224 25.95 18.28 -8.44
CA ASP A 224 25.51 19.14 -9.54
C ASP A 224 24.07 19.60 -9.32
N ASP A 225 23.80 20.86 -9.64
CA ASP A 225 22.46 21.41 -9.47
C ASP A 225 21.55 21.13 -10.67
N ASP A 226 22.14 21.02 -11.85
CA ASP A 226 21.35 20.73 -13.06
C ASP A 226 20.89 19.27 -13.04
N ASP A 227 21.44 18.49 -12.12
CA ASP A 227 21.09 17.08 -12.00
C ASP A 227 19.66 16.93 -11.49
N LYS A 228 18.75 16.58 -12.39
CA LYS A 228 17.34 16.42 -12.05
C LYS A 228 17.08 15.37 -10.99
N PHE A 229 17.67 14.18 -11.12
CA PHE A 229 17.42 13.16 -10.12
C PHE A 229 18.10 13.50 -8.80
N LEU A 230 19.19 14.27 -8.88
CA LEU A 230 19.89 14.67 -7.67
C LEU A 230 18.96 15.66 -6.97
N ALA A 231 18.25 16.44 -7.75
CA ALA A 231 17.31 17.41 -7.17
C ALA A 231 16.10 16.65 -6.68
N LEU A 232 16.10 15.33 -6.93
CA LEU A 232 15.00 14.51 -6.47
C LEU A 232 15.43 13.83 -5.17
N LEU A 233 16.65 13.29 -5.15
CA LEU A 233 17.16 12.63 -3.96
C LEU A 233 17.29 13.64 -2.82
N ARG A 234 17.45 14.92 -3.19
CA ARG A 234 17.54 15.99 -2.21
C ARG A 234 16.16 16.25 -1.64
N SER A 235 15.19 16.46 -2.52
CA SER A 235 13.82 16.71 -2.10
C SER A 235 13.26 15.44 -1.49
N THR A 236 13.95 14.32 -1.71
CA THR A 236 13.51 13.04 -1.16
C THR A 236 13.94 12.90 0.28
N ILE A 237 15.25 12.87 0.50
CA ILE A 237 15.80 12.74 1.85
C ILE A 237 15.31 13.88 2.74
N GLN A 238 15.20 15.08 2.19
CA GLN A 238 14.71 16.22 2.97
C GLN A 238 13.30 15.95 3.52
N CYS A 239 12.37 15.62 2.62
CA CYS A 239 10.98 15.36 2.99
C CYS A 239 10.74 14.27 4.04
N LEU A 240 11.71 13.37 4.23
CA LEU A 240 11.56 12.30 5.20
C LEU A 240 12.10 12.60 6.61
N THR A 241 12.80 13.73 6.75
CA THR A 241 13.38 14.14 8.03
C THR A 241 12.71 15.37 8.61
N ARG A 242 12.90 16.51 7.94
CA ARG A 242 12.31 17.80 8.35
C ARG A 242 11.51 18.35 7.17
N PRO A 243 10.21 18.01 7.10
CA PRO A 243 9.30 18.44 6.04
C PRO A 243 9.20 19.95 5.80
N GLU A 244 8.96 20.72 6.86
CA GLU A 244 8.85 22.17 6.71
C GLU A 244 10.02 22.75 5.93
N LEU A 245 11.19 22.17 6.07
CA LEU A 245 12.36 22.64 5.34
C LEU A 245 12.08 22.52 3.83
N TYR A 246 11.31 21.51 3.45
CA TYR A 246 10.94 21.28 2.05
C TYR A 246 9.86 22.29 1.66
N PHE A 247 8.82 22.37 2.47
CA PHE A 247 7.72 23.29 2.20
C PHE A 247 8.14 24.77 2.20
N VAL A 248 8.94 25.17 3.19
CA VAL A 248 9.40 26.54 3.27
C VAL A 248 10.13 26.93 2.01
N ASP A 249 10.99 26.03 1.52
CA ASP A 249 11.74 26.31 0.31
C ASP A 249 10.90 26.33 -0.95
N VAL A 250 9.83 25.53 -1.00
CA VAL A 250 8.94 25.51 -2.15
C VAL A 250 8.06 26.77 -2.10
N LEU A 251 7.80 27.25 -0.90
CA LEU A 251 6.99 28.46 -0.73
C LEU A 251 7.79 29.69 -1.18
N ARG A 252 9.05 29.76 -0.75
CA ARG A 252 9.94 30.87 -1.10
C ARG A 252 9.99 31.04 -2.61
N SER A 253 9.96 29.92 -3.33
CA SER A 253 10.01 29.96 -4.79
C SER A 253 8.67 30.36 -5.42
N ALA A 254 7.57 30.13 -4.72
CA ALA A 254 6.26 30.49 -5.25
C ALA A 254 5.92 31.96 -4.99
N ILE A 255 6.00 32.35 -3.71
CA ILE A 255 5.70 33.72 -3.31
C ILE A 255 6.60 34.74 -4.02
N ASN A 256 7.80 34.30 -4.39
CA ASN A 256 8.76 35.15 -5.10
C ASN A 256 8.68 34.83 -6.59
N LYS A 257 7.55 34.24 -7.01
CA LYS A 257 7.31 33.83 -8.39
C LYS A 257 8.53 33.26 -9.10
N THR A 258 9.41 32.64 -8.31
CA THR A 258 10.62 32.02 -8.83
C THR A 258 10.25 30.56 -9.08
N GLY A 259 8.98 30.25 -8.84
CA GLY A 259 8.47 28.90 -9.00
C GLY A 259 8.18 28.42 -10.40
N THR A 260 8.19 27.10 -10.54
CA THR A 260 7.91 26.44 -11.80
C THR A 260 6.98 25.27 -11.48
N ASP A 261 6.54 25.23 -10.22
CA ASP A 261 5.64 24.19 -9.75
C ASP A 261 4.22 24.73 -9.93
N GLU A 262 3.47 24.08 -10.81
CA GLU A 262 2.10 24.47 -11.12
C GLU A 262 1.32 24.83 -9.88
N GLY A 263 1.13 26.13 -9.66
CA GLY A 263 0.38 26.59 -8.50
C GLY A 263 0.74 25.81 -7.25
N ALA A 264 2.01 25.89 -6.83
CA ALA A 264 2.43 25.20 -5.62
C ALA A 264 1.93 25.93 -4.38
N LEU A 265 2.13 27.24 -4.33
CA LEU A 265 1.70 28.01 -3.16
C LEU A 265 0.31 27.63 -2.63
N THR A 266 -0.66 27.44 -3.53
CA THR A 266 -2.01 27.08 -3.12
C THR A 266 -2.08 25.72 -2.41
N ARG A 267 -1.35 24.74 -2.91
CA ARG A 267 -1.34 23.42 -2.31
C ARG A 267 -0.58 23.33 -0.99
N ILE A 268 0.52 24.07 -0.89
CA ILE A 268 1.34 24.05 0.33
C ILE A 268 0.51 24.49 1.54
N VAL A 269 -0.47 25.36 1.30
CA VAL A 269 -1.31 25.85 2.39
C VAL A 269 -2.54 24.97 2.56
N THR A 270 -3.18 24.64 1.44
CA THR A 270 -4.39 23.81 1.49
C THR A 270 -4.12 22.38 1.95
N THR A 271 -2.98 21.81 1.59
CA THR A 271 -2.69 20.44 2.03
C THR A 271 -1.90 20.33 3.32
N ARG A 272 -1.62 21.46 3.97
CA ARG A 272 -0.84 21.43 5.23
C ARG A 272 -1.39 22.25 6.38
N ALA A 273 -2.39 23.10 6.08
CA ALA A 273 -2.98 23.95 7.11
C ALA A 273 -3.42 23.19 8.35
N GLU A 274 -4.12 22.08 8.15
CA GLU A 274 -4.60 21.29 9.28
C GLU A 274 -3.55 20.30 9.78
N ILE A 275 -2.33 20.43 9.27
CA ILE A 275 -1.26 19.52 9.68
C ILE A 275 -0.07 20.20 10.37
N ASP A 276 0.81 20.82 9.60
CA ASP A 276 1.98 21.45 10.19
C ASP A 276 2.30 22.86 9.70
N LEU A 277 1.41 23.46 8.91
CA LEU A 277 1.63 24.79 8.36
C LEU A 277 2.19 25.76 9.41
N LYS A 278 1.75 25.60 10.66
CA LYS A 278 2.22 26.48 11.73
C LYS A 278 3.73 26.35 11.91
N VAL A 279 4.22 25.12 11.92
CA VAL A 279 5.65 24.92 12.06
C VAL A 279 6.30 25.25 10.73
N ILE A 280 5.49 25.30 9.67
CA ILE A 280 6.02 25.65 8.36
C ILE A 280 6.23 27.17 8.31
N GLY A 281 5.26 27.91 8.86
CA GLY A 281 5.34 29.36 8.87
C GLY A 281 6.45 29.90 9.75
N GLU A 282 6.64 29.27 10.91
CA GLU A 282 7.69 29.67 11.82
C GLU A 282 9.01 29.59 11.10
N GLU A 283 9.18 28.54 10.30
CA GLU A 283 10.39 28.38 9.53
C GLU A 283 10.42 29.39 8.42
N TYR A 284 9.24 29.79 7.96
CA TYR A 284 9.18 30.77 6.90
C TYR A 284 9.85 32.05 7.41
N GLN A 285 9.62 32.33 8.69
CA GLN A 285 10.19 33.50 9.37
C GLN A 285 11.71 33.36 9.41
N ARG A 286 12.17 32.42 10.24
CA ARG A 286 13.58 32.14 10.43
C ARG A 286 14.38 32.04 9.14
N ARG A 287 13.70 32.01 8.00
CA ARG A 287 14.41 31.89 6.74
C ARG A 287 14.19 33.07 5.81
N ASN A 288 13.16 33.88 6.06
CA ASN A 288 12.90 35.01 5.17
C ASN A 288 12.71 36.37 5.88
N SER A 289 12.45 36.32 7.18
CA SER A 289 12.24 37.51 7.99
C SER A 289 10.79 37.99 7.93
N ILE A 290 10.28 38.15 6.71
CA ILE A 290 8.90 38.58 6.51
C ILE A 290 7.94 37.44 6.86
N PRO A 291 6.87 37.75 7.63
CA PRO A 291 5.88 36.72 8.02
C PRO A 291 5.21 36.16 6.76
N LEU A 292 4.92 34.86 6.77
CA LEU A 292 4.30 34.23 5.61
C LEU A 292 3.04 34.94 5.10
N GLU A 293 2.05 35.12 5.97
CA GLU A 293 0.80 35.76 5.59
C GLU A 293 1.03 37.10 4.87
N LYS A 294 1.66 38.06 5.55
CA LYS A 294 1.91 39.34 4.91
C LYS A 294 2.84 39.14 3.71
N ALA A 295 3.65 38.09 3.76
CA ALA A 295 4.58 37.78 2.68
C ALA A 295 3.84 37.32 1.43
N ILE A 296 2.55 37.04 1.59
CA ILE A 296 1.71 36.59 0.48
C ILE A 296 0.79 37.68 -0.06
N THR A 297 0.75 38.83 0.61
CA THR A 297 -0.12 39.93 0.16
C THR A 297 0.55 41.29 0.04
N LYS A 298 1.86 41.27 -0.16
CA LYS A 298 2.63 42.49 -0.30
C LYS A 298 2.14 43.31 -1.49
N ASP A 299 1.64 42.65 -2.52
CA ASP A 299 1.18 43.33 -3.73
C ASP A 299 -0.34 43.42 -3.92
N THR A 300 -1.06 42.41 -3.44
CA THR A 300 -2.51 42.37 -3.57
C THR A 300 -3.14 41.57 -2.44
N ARG A 301 -4.40 41.87 -2.17
CA ARG A 301 -5.17 41.17 -1.14
C ARG A 301 -6.59 40.93 -1.64
N GLY A 302 -6.73 40.09 -2.66
CA GLY A 302 -8.04 39.78 -3.19
C GLY A 302 -8.66 38.60 -2.47
N ASP A 303 -9.53 37.88 -3.17
CA ASP A 303 -10.22 36.72 -2.62
C ASP A 303 -9.24 35.60 -2.30
N TYR A 304 -8.41 35.26 -3.28
CA TYR A 304 -7.40 34.21 -3.14
C TYR A 304 -6.47 34.48 -1.97
N GLU A 305 -5.73 35.58 -2.03
CA GLU A 305 -4.81 35.92 -0.95
C GLU A 305 -5.52 35.85 0.39
N LYS A 306 -6.77 36.30 0.42
CA LYS A 306 -7.53 36.26 1.65
C LYS A 306 -7.63 34.85 2.23
N MET A 307 -8.10 33.90 1.42
CA MET A 307 -8.25 32.53 1.87
C MET A 307 -7.01 32.02 2.57
N LEU A 308 -5.86 32.20 1.91
CA LEU A 308 -4.59 31.73 2.47
C LEU A 308 -4.31 32.29 3.86
N VAL A 309 -4.37 33.62 4.01
CA VAL A 309 -4.11 34.17 5.33
C VAL A 309 -5.13 33.65 6.31
N ALA A 310 -6.39 33.52 5.86
CA ALA A 310 -7.45 33.00 6.74
C ALA A 310 -7.15 31.53 7.08
N LEU A 311 -6.57 30.80 6.13
CA LEU A 311 -6.21 29.39 6.38
C LEU A 311 -4.97 29.36 7.24
N LEU A 312 -4.23 30.46 7.25
CA LEU A 312 -3.02 30.58 8.08
C LEU A 312 -3.39 31.11 9.46
N GLY A 313 -4.67 31.40 9.67
CA GLY A 313 -5.13 31.91 10.95
C GLY A 313 -4.73 33.35 11.16
N GLU A 314 -4.48 34.06 10.06
CA GLU A 314 -4.09 35.46 10.12
C GLU A 314 -4.96 36.31 9.20
N ASP A 315 -6.27 36.07 9.26
CA ASP A 315 -7.27 36.78 8.45
C ASP A 315 -6.93 38.22 8.04
N ASP A 316 -6.46 39.03 8.98
CA ASP A 316 -6.14 40.43 8.71
C ASP A 316 -4.69 40.70 8.31
N ALA A 317 -4.13 39.83 7.47
CA ALA A 317 -2.76 40.00 7.01
C ALA A 317 -2.76 40.48 5.56
N SER B 1 -17.13 -21.45 -3.34
CA SER B 1 -15.70 -21.86 -3.47
C SER B 1 -15.12 -22.33 -2.14
N ALA B 2 -15.83 -22.02 -1.06
CA ALA B 2 -15.38 -22.39 0.29
C ALA B 2 -15.68 -23.85 0.69
N THR B 3 -14.73 -24.48 1.37
CA THR B 3 -14.89 -25.85 1.84
C THR B 3 -15.30 -25.83 3.31
N LEU B 4 -15.40 -24.63 3.86
CA LEU B 4 -15.78 -24.45 5.26
C LEU B 4 -17.29 -24.50 5.45
N LYS B 5 -17.76 -25.54 6.12
CA LYS B 5 -19.18 -25.72 6.38
C LYS B 5 -19.45 -25.30 7.83
N VAL B 6 -20.18 -24.20 8.00
CA VAL B 6 -20.48 -23.70 9.34
C VAL B 6 -21.96 -23.88 9.65
N SER B 7 -22.25 -24.50 10.79
CA SER B 7 -23.63 -24.74 11.21
C SER B 7 -24.38 -23.44 11.49
N ASP B 8 -25.63 -23.39 11.05
CA ASP B 8 -26.47 -22.22 11.24
C ASP B 8 -26.67 -21.95 12.73
N SER B 9 -27.04 -20.72 13.06
CA SER B 9 -27.26 -20.32 14.46
C SER B 9 -25.97 -20.40 15.25
N VAL B 10 -25.57 -19.26 15.80
CA VAL B 10 -24.35 -19.14 16.60
C VAL B 10 -24.55 -19.54 18.06
N PRO B 11 -23.89 -20.63 18.50
CA PRO B 11 -24.00 -21.09 19.89
C PRO B 11 -23.40 -20.07 20.87
N ALA B 12 -23.88 -20.10 22.12
CA ALA B 12 -23.39 -19.18 23.14
C ALA B 12 -21.87 -19.05 23.09
N PRO B 13 -21.39 -17.90 22.58
CA PRO B 13 -19.95 -17.65 22.48
C PRO B 13 -19.15 -18.01 23.73
N SER B 14 -19.54 -17.45 24.88
CA SER B 14 -18.86 -17.74 26.13
C SER B 14 -18.68 -19.25 26.29
N ASP B 15 -19.69 -20.02 25.88
CA ASP B 15 -19.65 -21.47 25.97
C ASP B 15 -18.58 -22.07 25.07
N ASP B 16 -18.37 -21.47 23.91
CA ASP B 16 -17.35 -21.96 22.98
C ASP B 16 -16.00 -21.90 23.68
N ALA B 17 -15.68 -20.74 24.25
CA ALA B 17 -14.42 -20.55 24.95
C ALA B 17 -14.44 -21.31 26.26
N GLU B 18 -15.59 -21.30 26.94
CA GLU B 18 -15.73 -21.99 28.21
C GLU B 18 -15.74 -23.51 28.03
N GLN B 19 -15.46 -23.94 26.81
CA GLN B 19 -15.41 -25.36 26.48
C GLN B 19 -14.08 -25.63 25.78
N LEU B 20 -13.51 -24.59 25.18
CA LEU B 20 -12.23 -24.71 24.50
C LEU B 20 -11.17 -24.83 25.58
N ARG B 21 -11.46 -24.20 26.72
CA ARG B 21 -10.59 -24.21 27.89
C ARG B 21 -10.38 -25.66 28.33
N THR B 22 -11.48 -26.40 28.40
CA THR B 22 -11.46 -27.80 28.81
C THR B 22 -10.41 -28.60 28.04
N ALA B 23 -10.19 -28.23 26.77
CA ALA B 23 -9.23 -28.93 25.93
C ALA B 23 -7.86 -28.24 25.93
N GLU B 31 -10.58 -34.44 24.51
CA GLU B 31 -9.24 -33.91 24.34
C GLU B 31 -9.17 -33.06 23.08
N ASP B 32 -8.98 -33.71 21.94
CA ASP B 32 -8.89 -33.02 20.67
C ASP B 32 -10.25 -32.47 20.25
N LEU B 33 -10.93 -31.80 21.17
CA LEU B 33 -12.24 -31.22 20.88
C LEU B 33 -12.05 -29.88 20.18
N ILE B 34 -10.85 -29.67 19.65
CA ILE B 34 -10.53 -28.45 18.94
C ILE B 34 -11.23 -28.49 17.58
N ILE B 35 -11.19 -29.67 16.96
CA ILE B 35 -11.81 -29.88 15.66
C ILE B 35 -13.30 -29.54 15.68
N SER B 36 -14.05 -30.22 16.54
CA SER B 36 -15.50 -30.00 16.64
C SER B 36 -15.86 -28.52 16.75
N ILE B 37 -15.11 -27.76 17.55
CA ILE B 37 -15.41 -26.34 17.73
C ILE B 37 -14.92 -25.50 16.55
N LEU B 38 -13.62 -25.25 16.53
CA LEU B 38 -12.99 -24.43 15.50
C LEU B 38 -13.34 -24.72 14.04
N ALA B 39 -13.01 -25.93 13.57
CA ALA B 39 -13.27 -26.33 12.19
C ALA B 39 -14.64 -25.92 11.66
N HIS B 40 -15.65 -25.95 12.52
CA HIS B 40 -17.00 -25.57 12.10
C HIS B 40 -17.45 -24.25 12.71
N ARG B 41 -16.70 -23.20 12.41
CA ARG B 41 -17.00 -21.87 12.90
C ARG B 41 -16.44 -20.86 11.90
N SER B 42 -17.23 -19.85 11.55
CA SER B 42 -16.79 -18.82 10.61
C SER B 42 -15.70 -17.99 11.28
N ALA B 43 -14.81 -17.43 10.46
CA ALA B 43 -13.69 -16.62 10.97
C ALA B 43 -14.08 -15.62 12.05
N GLU B 44 -15.28 -15.04 11.93
CA GLU B 44 -15.75 -14.07 12.93
C GLU B 44 -16.09 -14.79 14.21
N GLN B 45 -16.61 -16.00 14.11
CA GLN B 45 -16.96 -16.77 15.27
C GLN B 45 -15.70 -17.16 16.04
N ARG B 46 -14.67 -17.57 15.30
CA ARG B 46 -13.42 -17.95 15.92
C ARG B 46 -12.78 -16.72 16.56
N LYS B 47 -12.94 -15.59 15.89
CA LYS B 47 -12.40 -14.32 16.37
C LYS B 47 -13.14 -13.92 17.63
N VAL B 48 -14.42 -14.23 17.69
CA VAL B 48 -15.25 -13.92 18.85
C VAL B 48 -14.94 -14.89 19.98
N ILE B 49 -14.98 -16.18 19.67
CA ILE B 49 -14.69 -17.22 20.66
C ILE B 49 -13.32 -16.99 21.28
N ARG B 50 -12.34 -16.65 20.45
CA ARG B 50 -10.99 -16.40 20.92
C ARG B 50 -10.97 -15.18 21.82
N GLN B 51 -11.67 -14.15 21.40
CA GLN B 51 -11.74 -12.91 22.16
C GLN B 51 -12.38 -13.20 23.51
N ALA B 52 -13.58 -13.75 23.48
CA ALA B 52 -14.31 -14.08 24.71
C ALA B 52 -13.40 -14.88 25.62
N TYR B 53 -12.61 -15.75 25.03
CA TYR B 53 -11.70 -16.59 25.79
C TYR B 53 -10.62 -15.77 26.49
N HIS B 54 -10.06 -14.79 25.79
CA HIS B 54 -9.01 -13.95 26.36
C HIS B 54 -9.53 -13.06 27.48
N GLU B 55 -10.78 -12.63 27.36
CA GLU B 55 -11.40 -11.78 28.37
C GLU B 55 -11.90 -12.61 29.54
N THR B 56 -12.54 -13.73 29.23
CA THR B 56 -13.08 -14.61 30.25
C THR B 56 -12.00 -15.25 31.10
N TYR B 57 -10.98 -15.82 30.45
CA TYR B 57 -9.90 -16.49 31.17
C TYR B 57 -8.65 -15.63 31.30
N GLY B 58 -8.77 -14.36 30.95
CA GLY B 58 -7.64 -13.45 31.03
C GLY B 58 -6.37 -14.08 30.48
N GLU B 59 -6.45 -14.62 29.26
CA GLU B 59 -5.31 -15.27 28.63
C GLU B 59 -5.60 -15.60 27.16
N ASP B 60 -4.55 -15.59 26.33
CA ASP B 60 -4.71 -15.88 24.90
C ASP B 60 -4.78 -17.36 24.58
N LEU B 61 -5.73 -17.72 23.70
CA LEU B 61 -5.94 -19.10 23.28
C LEU B 61 -4.75 -19.68 22.52
N LEU B 62 -4.01 -18.83 21.80
CA LEU B 62 -2.86 -19.28 21.02
C LEU B 62 -1.49 -19.15 21.67
N LYS B 63 -1.47 -18.88 22.98
CA LYS B 63 -0.22 -18.73 23.69
C LYS B 63 0.67 -19.97 23.61
N THR B 64 0.07 -21.13 23.87
CA THR B 64 0.81 -22.40 23.83
C THR B 64 1.13 -22.86 22.41
N LEU B 65 0.77 -22.05 21.41
CA LEU B 65 1.03 -22.40 20.02
C LEU B 65 1.93 -21.38 19.33
N ASP B 66 2.87 -21.88 18.54
CA ASP B 66 3.80 -21.02 17.81
C ASP B 66 4.13 -21.64 16.46
N SER B 70 7.95 -28.61 15.26
CA SER B 70 6.60 -28.33 15.73
C SER B 70 5.66 -29.48 15.43
N ASN B 71 4.39 -29.28 15.76
CA ASN B 71 3.36 -30.30 15.54
C ASN B 71 2.43 -29.92 14.38
N ASP B 72 2.29 -30.83 13.42
CA ASP B 72 1.43 -30.59 12.26
C ASP B 72 0.05 -30.13 12.67
N PHE B 73 -0.55 -30.85 13.62
CA PHE B 73 -1.88 -30.50 14.10
C PHE B 73 -1.86 -29.13 14.80
N GLU B 74 -0.95 -28.96 15.75
CA GLU B 74 -0.84 -27.71 16.48
C GLU B 74 -0.49 -26.57 15.50
N ARG B 75 0.15 -26.94 14.41
CA ARG B 75 0.53 -25.98 13.38
C ARG B 75 -0.70 -25.60 12.55
N ALA B 76 -1.61 -26.55 12.38
CA ALA B 76 -2.83 -26.32 11.63
C ALA B 76 -3.79 -25.50 12.49
N ILE B 77 -3.74 -25.72 13.80
CA ILE B 77 -4.58 -24.97 14.72
C ILE B 77 -4.21 -23.49 14.61
N LEU B 78 -2.96 -23.20 14.90
CA LEU B 78 -2.43 -21.84 14.85
C LEU B 78 -2.88 -21.11 13.59
N LEU B 79 -2.44 -21.63 12.45
CA LEU B 79 -2.75 -21.05 11.15
C LEU B 79 -4.24 -20.81 10.94
N TRP B 80 -5.07 -21.72 11.47
CA TRP B 80 -6.51 -21.60 11.34
C TRP B 80 -7.13 -20.68 12.39
N THR B 81 -6.45 -20.56 13.53
CA THR B 81 -6.91 -19.76 14.65
C THR B 81 -6.63 -18.27 14.48
N LEU B 82 -5.46 -17.95 13.91
CA LEU B 82 -5.10 -16.56 13.70
C LEU B 82 -6.06 -15.95 12.67
N GLU B 83 -6.46 -14.71 12.87
CA GLU B 83 -7.33 -14.04 11.92
C GLU B 83 -6.55 -14.00 10.61
N PRO B 84 -7.24 -14.14 9.47
CA PRO B 84 -6.58 -14.12 8.16
C PRO B 84 -5.40 -13.16 8.02
N GLY B 85 -5.58 -11.92 8.47
CA GLY B 85 -4.52 -10.93 8.37
C GLY B 85 -3.24 -11.29 9.11
N GLU B 86 -3.36 -11.64 10.39
CA GLU B 86 -2.21 -12.02 11.19
C GLU B 86 -1.63 -13.29 10.59
N ARG B 87 -2.50 -14.23 10.25
CA ARG B 87 -2.11 -15.51 9.65
C ARG B 87 -1.17 -15.27 8.47
N ASP B 88 -1.62 -14.47 7.50
CA ASP B 88 -0.82 -14.17 6.32
C ASP B 88 0.34 -13.25 6.67
N ALA B 89 0.14 -12.38 7.66
CA ALA B 89 1.21 -11.47 8.06
C ALA B 89 2.34 -12.37 8.50
N LEU B 90 1.98 -13.43 9.21
CA LEU B 90 2.93 -14.40 9.71
C LEU B 90 3.57 -15.22 8.59
N LEU B 91 2.74 -15.81 7.73
CA LEU B 91 3.25 -16.63 6.64
C LEU B 91 4.33 -15.91 5.81
N ALA B 92 4.31 -14.58 5.82
CA ALA B 92 5.29 -13.80 5.08
C ALA B 92 6.61 -13.72 5.87
N ASN B 93 6.51 -13.73 7.19
CA ASN B 93 7.70 -13.70 8.03
C ASN B 93 8.54 -14.95 7.78
N GLU B 94 7.90 -16.12 7.86
CA GLU B 94 8.59 -17.38 7.63
C GLU B 94 9.29 -17.34 6.27
N ALA B 95 8.62 -16.75 5.29
CA ALA B 95 9.19 -16.63 3.95
C ALA B 95 10.39 -15.68 3.94
N THR B 96 10.41 -14.72 4.86
CA THR B 96 11.54 -13.78 4.92
C THR B 96 12.66 -14.35 5.78
N LYS B 97 12.32 -15.32 6.63
CA LYS B 97 13.31 -15.95 7.51
C LYS B 97 14.61 -16.30 6.80
N ARG B 98 14.56 -17.27 5.88
CA ARG B 98 15.73 -17.70 5.13
C ARG B 98 15.38 -17.90 3.66
N TRP B 99 15.30 -16.80 2.94
CA TRP B 99 14.97 -16.79 1.52
C TRP B 99 16.00 -17.48 0.60
N THR B 100 15.47 -18.06 -0.48
CA THR B 100 16.28 -18.71 -1.50
C THR B 100 15.48 -18.50 -2.77
N SER B 101 16.15 -18.48 -3.92
CA SER B 101 15.51 -18.28 -5.21
C SER B 101 14.23 -19.10 -5.43
N SER B 102 14.20 -20.34 -4.93
CA SER B 102 13.04 -21.21 -5.13
C SER B 102 11.86 -20.93 -4.23
N ASN B 103 11.97 -19.94 -3.36
CA ASN B 103 10.84 -19.62 -2.47
C ASN B 103 9.91 -18.61 -3.10
N GLN B 104 8.82 -19.09 -3.68
CA GLN B 104 7.84 -18.22 -4.32
C GLN B 104 6.66 -17.99 -3.38
N VAL B 105 6.83 -18.35 -2.12
CA VAL B 105 5.79 -18.20 -1.12
C VAL B 105 5.24 -16.77 -1.07
N LEU B 106 6.13 -15.78 -1.04
CA LEU B 106 5.72 -14.39 -0.99
C LEU B 106 4.90 -14.02 -2.23
N MET B 107 5.27 -14.58 -3.38
CA MET B 107 4.51 -14.31 -4.61
C MET B 107 3.11 -14.85 -4.37
N GLU B 108 3.04 -16.05 -3.82
CA GLU B 108 1.76 -16.69 -3.55
C GLU B 108 0.90 -15.76 -2.70
N VAL B 109 1.48 -15.26 -1.62
CA VAL B 109 0.79 -14.37 -0.69
C VAL B 109 0.44 -13.00 -1.29
N ALA B 110 1.24 -12.55 -2.24
CA ALA B 110 1.02 -11.24 -2.86
C ALA B 110 0.16 -11.27 -4.13
N CYS B 111 -0.16 -12.44 -4.63
CA CYS B 111 -0.96 -12.54 -5.84
C CYS B 111 -2.24 -13.35 -5.72
N THR B 112 -2.46 -13.97 -4.57
CA THR B 112 -3.68 -14.74 -4.39
C THR B 112 -4.57 -14.17 -3.29
N ARG B 113 -4.25 -12.96 -2.87
CA ARG B 113 -5.03 -12.27 -1.85
C ARG B 113 -5.65 -11.05 -2.50
N THR B 114 -6.82 -10.63 -2.01
CA THR B 114 -7.46 -9.45 -2.55
C THR B 114 -6.62 -8.27 -2.04
N SER B 115 -6.82 -7.09 -2.62
CA SER B 115 -6.07 -5.91 -2.20
C SER B 115 -6.31 -5.68 -0.71
N THR B 116 -7.57 -5.74 -0.28
CA THR B 116 -7.89 -5.54 1.13
C THR B 116 -7.20 -6.60 1.97
N GLN B 117 -7.51 -7.86 1.70
CA GLN B 117 -6.91 -8.96 2.45
C GLN B 117 -5.39 -8.83 2.54
N LEU B 118 -4.78 -8.11 1.59
CA LEU B 118 -3.34 -7.92 1.60
C LEU B 118 -3.00 -6.78 2.54
N LEU B 119 -3.88 -5.76 2.58
CA LEU B 119 -3.64 -4.63 3.47
C LEU B 119 -3.65 -5.15 4.90
N HIS B 120 -4.63 -6.00 5.21
CA HIS B 120 -4.74 -6.57 6.54
C HIS B 120 -3.43 -7.25 6.92
N ALA B 121 -2.83 -7.94 5.95
CA ALA B 121 -1.57 -8.65 6.19
C ALA B 121 -0.42 -7.65 6.38
N ARG B 122 -0.44 -6.57 5.63
CA ARG B 122 0.61 -5.56 5.72
C ARG B 122 0.58 -4.85 7.08
N GLN B 123 -0.62 -4.77 7.64
CA GLN B 123 -0.83 -4.11 8.92
C GLN B 123 -0.51 -5.08 10.05
N ALA B 124 -0.99 -6.32 9.89
CA ALA B 124 -0.76 -7.36 10.86
C ALA B 124 0.75 -7.65 10.93
N TYR B 125 1.48 -7.23 9.90
CA TYR B 125 2.91 -7.46 9.84
C TYR B 125 3.63 -6.38 10.65
N HIS B 126 3.09 -5.16 10.65
CA HIS B 126 3.70 -4.07 11.43
C HIS B 126 3.50 -4.37 12.90
N ALA B 127 2.27 -4.73 13.27
CA ALA B 127 1.91 -4.99 14.66
C ALA B 127 2.55 -6.24 15.25
N ARG B 128 3.14 -7.05 14.41
CA ARG B 128 3.76 -8.29 14.86
C ARG B 128 5.29 -8.22 14.87
N TYR B 129 5.88 -7.81 13.76
CA TYR B 129 7.34 -7.74 13.66
C TYR B 129 7.98 -6.35 13.71
N LYS B 130 7.18 -5.31 13.92
CA LYS B 130 7.69 -3.94 13.99
C LYS B 130 8.59 -3.57 12.81
N LYS B 131 8.16 -3.94 11.62
CA LYS B 131 8.88 -3.68 10.37
C LYS B 131 7.94 -3.88 9.19
N SER B 132 8.04 -3.03 8.18
CA SER B 132 7.18 -3.15 7.01
C SER B 132 7.51 -4.43 6.24
N LEU B 133 6.48 -5.14 5.80
CA LEU B 133 6.68 -6.36 5.05
C LEU B 133 7.69 -6.10 3.93
N GLU B 134 7.50 -4.99 3.23
CA GLU B 134 8.38 -4.61 2.13
C GLU B 134 9.84 -4.36 2.54
N GLU B 135 10.07 -3.80 3.73
CA GLU B 135 11.45 -3.55 4.14
C GLU B 135 12.14 -4.87 4.43
N ASP B 136 11.39 -5.88 4.87
CA ASP B 136 11.98 -7.20 5.13
C ASP B 136 12.16 -7.94 3.80
N VAL B 137 11.15 -7.86 2.93
CA VAL B 137 11.23 -8.54 1.63
C VAL B 137 12.29 -7.87 0.77
N ALA B 138 12.45 -6.57 0.95
CA ALA B 138 13.45 -5.86 0.17
C ALA B 138 14.81 -6.21 0.76
N HIS B 139 14.84 -6.33 2.09
CA HIS B 139 16.05 -6.67 2.82
C HIS B 139 16.68 -7.99 2.37
N HIS B 140 16.13 -9.08 2.86
CA HIS B 140 16.61 -10.43 2.61
C HIS B 140 16.73 -10.90 1.15
N THR B 141 15.64 -10.81 0.37
CA THR B 141 15.69 -11.28 -1.02
C THR B 141 16.66 -10.44 -1.86
N THR B 142 17.06 -10.97 -3.01
CA THR B 142 18.00 -10.27 -3.87
C THR B 142 17.61 -10.15 -5.35
N GLY B 143 18.48 -9.51 -6.12
CA GLY B 143 18.28 -9.31 -7.55
C GLY B 143 16.88 -9.19 -8.11
N ASP B 144 16.72 -9.68 -9.35
CA ASP B 144 15.44 -9.65 -10.05
C ASP B 144 14.34 -10.22 -9.17
N PHE B 145 14.69 -11.26 -8.42
CA PHE B 145 13.74 -11.88 -7.53
C PHE B 145 13.16 -10.80 -6.61
N ARG B 146 14.03 -10.04 -5.96
CA ARG B 146 13.59 -8.99 -5.07
C ARG B 146 12.71 -7.96 -5.77
N LYS B 147 13.02 -7.67 -7.04
CA LYS B 147 12.22 -6.70 -7.77
C LYS B 147 10.79 -7.18 -8.03
N LEU B 148 10.60 -8.49 -8.10
CA LEU B 148 9.26 -9.01 -8.35
C LEU B 148 8.50 -9.21 -7.05
N LEU B 149 9.20 -9.65 -6.02
CA LEU B 149 8.55 -9.87 -4.73
C LEU B 149 8.19 -8.54 -4.05
N VAL B 150 9.12 -7.59 -4.02
CA VAL B 150 8.87 -6.29 -3.41
C VAL B 150 7.70 -5.59 -4.11
N SER B 151 7.77 -5.53 -5.44
CA SER B 151 6.70 -4.89 -6.20
C SER B 151 5.34 -5.56 -5.95
N LEU B 152 5.34 -6.89 -5.85
CA LEU B 152 4.10 -7.62 -5.62
C LEU B 152 3.54 -7.39 -4.22
N VAL B 153 4.39 -7.28 -3.21
CA VAL B 153 3.90 -7.06 -1.85
C VAL B 153 3.43 -5.63 -1.57
N THR B 154 4.04 -4.64 -2.21
CA THR B 154 3.63 -3.26 -1.98
C THR B 154 2.38 -2.87 -2.77
N SER B 155 1.89 -3.80 -3.58
CA SER B 155 0.71 -3.53 -4.39
C SER B 155 -0.55 -3.43 -3.55
N TYR B 156 -1.45 -2.57 -3.99
CA TYR B 156 -2.77 -2.34 -3.40
C TYR B 156 -3.65 -2.14 -4.65
N ARG B 157 -3.57 -3.14 -5.54
CA ARG B 157 -4.25 -3.17 -6.83
C ARG B 157 -5.66 -2.65 -6.96
N TYR B 158 -5.98 -2.19 -8.17
CA TYR B 158 -7.31 -1.70 -8.48
C TYR B 158 -8.11 -2.97 -8.69
N GLU B 159 -9.37 -2.98 -8.29
CA GLU B 159 -10.21 -4.16 -8.43
C GLU B 159 -11.45 -3.97 -9.28
N GLY B 160 -11.57 -2.78 -9.89
CA GLY B 160 -12.70 -2.53 -10.76
C GLY B 160 -12.71 -3.55 -11.88
N ASP B 161 -13.86 -3.73 -12.52
CA ASP B 161 -14.00 -4.71 -13.59
C ASP B 161 -13.59 -4.23 -14.97
N GLU B 162 -13.67 -2.91 -15.20
CA GLU B 162 -13.32 -2.34 -16.50
C GLU B 162 -11.93 -2.76 -16.96
N VAL B 163 -11.78 -2.98 -18.25
CA VAL B 163 -10.50 -3.36 -18.80
C VAL B 163 -10.23 -2.47 -19.98
N ASN B 164 -9.01 -1.98 -20.11
CA ASN B 164 -8.67 -1.12 -21.24
C ASN B 164 -8.12 -2.02 -22.34
N MET B 165 -9.00 -2.48 -23.22
CA MET B 165 -8.58 -3.36 -24.31
C MET B 165 -7.48 -2.72 -25.14
N THR B 166 -7.50 -1.40 -25.28
CA THR B 166 -6.48 -0.71 -26.06
C THR B 166 -5.12 -0.87 -25.37
N LEU B 167 -5.11 -0.61 -24.06
CA LEU B 167 -3.89 -0.72 -23.27
C LEU B 167 -3.39 -2.16 -23.28
N ALA B 168 -4.32 -3.10 -23.24
CA ALA B 168 -3.98 -4.51 -23.23
C ALA B 168 -3.18 -4.85 -24.49
N LYS B 169 -3.63 -4.33 -25.63
CA LYS B 169 -2.95 -4.59 -26.88
C LYS B 169 -1.54 -4.02 -26.85
N GLN B 170 -1.40 -2.79 -26.35
CA GLN B 170 -0.11 -2.13 -26.25
C GLN B 170 0.85 -2.95 -25.37
N GLU B 171 0.48 -3.11 -24.11
CA GLU B 171 1.32 -3.83 -23.17
C GLU B 171 1.51 -5.29 -23.56
N ALA B 172 0.64 -5.78 -24.44
CA ALA B 172 0.73 -7.16 -24.92
C ALA B 172 1.97 -7.28 -25.80
N LYS B 173 2.15 -6.31 -26.70
CA LYS B 173 3.31 -6.33 -27.58
C LYS B 173 4.55 -6.13 -26.72
N LEU B 174 4.44 -5.22 -25.77
CA LEU B 174 5.55 -4.90 -24.89
C LEU B 174 6.10 -6.17 -24.25
N VAL B 175 5.22 -7.03 -23.78
CA VAL B 175 5.65 -8.28 -23.16
C VAL B 175 6.31 -9.19 -24.19
N HIS B 176 5.73 -9.27 -25.38
CA HIS B 176 6.32 -10.11 -26.41
C HIS B 176 7.58 -9.52 -27.00
N GLU B 177 7.68 -8.19 -26.98
CA GLU B 177 8.86 -7.52 -27.50
C GLU B 177 10.04 -7.75 -26.56
N LYS B 178 9.83 -8.60 -25.56
CA LYS B 178 10.87 -8.92 -24.59
C LYS B 178 10.94 -10.40 -24.22
N ILE B 179 9.80 -11.07 -24.15
CA ILE B 179 9.78 -12.48 -23.79
C ILE B 179 10.40 -13.38 -24.87
N LYS B 180 10.12 -13.07 -26.12
CA LYS B 180 10.66 -13.87 -27.22
C LYS B 180 12.20 -13.95 -27.16
N ASP B 181 12.83 -12.87 -26.73
CA ASP B 181 14.30 -12.83 -26.61
C ASP B 181 14.75 -13.32 -25.24
N LYS B 182 13.81 -13.86 -24.48
CA LYS B 182 14.06 -14.41 -23.16
C LYS B 182 14.54 -13.44 -22.07
N HIS B 183 13.74 -12.39 -21.83
CA HIS B 183 14.04 -11.43 -20.78
C HIS B 183 12.90 -11.47 -19.77
N TYR B 184 12.80 -12.61 -19.10
CA TYR B 184 11.76 -12.86 -18.11
C TYR B 184 11.81 -11.89 -16.94
N ASN B 185 12.87 -11.08 -16.87
CA ASN B 185 13.02 -10.11 -15.79
C ASN B 185 12.93 -8.69 -16.35
N ASP B 186 12.36 -8.55 -17.54
CA ASP B 186 12.24 -7.25 -18.19
C ASP B 186 11.46 -6.22 -17.37
N GLU B 187 12.01 -5.01 -17.32
CA GLU B 187 11.44 -3.89 -16.60
C GLU B 187 9.91 -3.79 -16.76
N ASP B 188 9.43 -3.79 -18.01
CA ASP B 188 8.00 -3.70 -18.27
C ASP B 188 7.22 -4.96 -17.89
N VAL B 189 7.87 -6.12 -17.97
CA VAL B 189 7.21 -7.36 -17.59
C VAL B 189 6.85 -7.31 -16.10
N ILE B 190 7.79 -6.85 -15.29
CA ILE B 190 7.57 -6.77 -13.85
C ILE B 190 6.55 -5.70 -13.51
N ARG B 191 6.61 -4.58 -14.21
CA ARG B 191 5.67 -3.49 -13.96
C ARG B 191 4.24 -3.93 -14.23
N ILE B 192 4.04 -4.67 -15.32
CA ILE B 192 2.73 -5.17 -15.72
C ILE B 192 2.13 -6.12 -14.71
N LEU B 193 2.88 -7.16 -14.36
CA LEU B 193 2.42 -8.15 -13.41
C LEU B 193 2.31 -7.63 -11.99
N SER B 194 3.26 -6.80 -11.59
CA SER B 194 3.24 -6.27 -10.23
C SER B 194 2.14 -5.23 -9.99
N THR B 195 2.14 -4.16 -10.76
CA THR B 195 1.15 -3.10 -10.59
C THR B 195 -0.22 -3.32 -11.24
N ARG B 196 -0.25 -3.84 -12.46
CA ARG B 196 -1.55 -4.04 -13.12
C ARG B 196 -2.47 -5.02 -12.39
N SER B 197 -3.70 -4.57 -12.13
CA SER B 197 -4.70 -5.39 -11.46
C SER B 197 -4.92 -6.74 -12.13
N LYS B 198 -5.79 -7.56 -11.53
CA LYS B 198 -6.09 -8.90 -12.03
C LYS B 198 -6.94 -8.91 -13.30
N ALA B 199 -8.11 -8.29 -13.24
CA ALA B 199 -9.00 -8.22 -14.40
C ALA B 199 -8.33 -7.36 -15.47
N GLN B 200 -6.99 -7.40 -15.49
CA GLN B 200 -6.21 -6.61 -16.44
C GLN B 200 -5.16 -7.47 -17.10
N ILE B 201 -4.32 -8.08 -16.27
CA ILE B 201 -3.24 -8.96 -16.72
C ILE B 201 -3.81 -10.23 -17.37
N ASN B 202 -4.87 -10.76 -16.77
CA ASN B 202 -5.55 -11.94 -17.27
C ASN B 202 -6.14 -11.52 -18.59
N ALA B 203 -6.39 -10.22 -18.70
CA ALA B 203 -6.95 -9.65 -19.92
C ALA B 203 -5.83 -9.40 -20.91
N THR B 204 -4.70 -8.93 -20.41
CA THR B 204 -3.54 -8.62 -21.24
C THR B 204 -2.94 -9.84 -21.95
N PHE B 205 -2.87 -10.97 -21.26
CA PHE B 205 -2.32 -12.18 -21.86
C PHE B 205 -3.20 -12.85 -22.92
N ASN B 206 -4.52 -12.81 -22.72
CA ASN B 206 -5.42 -13.39 -23.71
C ASN B 206 -5.28 -12.60 -25.00
N ARG B 207 -5.04 -11.29 -24.86
CA ARG B 207 -4.85 -10.44 -26.01
C ARG B 207 -3.45 -10.70 -26.54
N TYR B 208 -2.62 -11.30 -25.69
CA TYR B 208 -1.27 -11.67 -26.08
C TYR B 208 -1.39 -12.98 -26.86
N GLN B 209 -2.34 -13.81 -26.44
CA GLN B 209 -2.58 -15.10 -27.08
C GLN B 209 -3.19 -14.94 -28.47
N ASP B 210 -3.99 -13.90 -28.67
CA ASP B 210 -4.61 -13.68 -29.96
C ASP B 210 -3.53 -13.25 -30.97
N ASP B 211 -2.41 -12.77 -30.44
CA ASP B 211 -1.30 -12.33 -31.28
C ASP B 211 -0.41 -13.48 -31.75
N HIS B 212 -0.18 -14.45 -30.86
CA HIS B 212 0.68 -15.57 -31.19
C HIS B 212 -0.06 -16.91 -31.10
N GLY B 213 -1.38 -16.84 -30.93
CA GLY B 213 -2.20 -18.03 -30.83
C GLY B 213 -1.78 -19.04 -29.78
N GLU B 214 -1.49 -18.58 -28.57
CA GLU B 214 -1.08 -19.48 -27.49
C GLU B 214 -0.90 -18.80 -26.13
N GLU B 215 -1.24 -19.52 -25.07
CA GLU B 215 -1.12 -19.03 -23.71
C GLU B 215 0.29 -18.50 -23.45
N ILE B 216 0.41 -17.52 -22.56
CA ILE B 216 1.72 -16.96 -22.23
C ILE B 216 2.58 -17.97 -21.49
N LEU B 217 1.96 -18.78 -20.63
CA LEU B 217 2.72 -19.79 -19.91
C LEU B 217 3.25 -20.83 -20.90
N LYS B 218 2.54 -21.01 -22.00
CA LYS B 218 2.97 -21.97 -23.01
C LYS B 218 4.37 -21.66 -23.53
N SER B 219 4.56 -20.45 -24.05
CA SER B 219 5.85 -20.05 -24.59
C SER B 219 6.94 -20.08 -23.53
N LEU B 220 6.58 -19.83 -22.28
CA LEU B 220 7.54 -19.85 -21.18
C LEU B 220 7.98 -21.29 -20.90
N GLU B 221 7.12 -22.25 -21.24
CA GLU B 221 7.42 -23.67 -21.01
C GLU B 221 8.65 -24.15 -21.76
N GLU B 222 9.17 -23.30 -22.64
CA GLU B 222 10.36 -23.62 -23.42
C GLU B 222 11.61 -23.28 -22.62
N GLY B 223 11.51 -22.23 -21.82
CA GLY B 223 12.62 -21.78 -21.00
C GLY B 223 13.25 -22.87 -20.15
N ASP B 224 14.39 -22.54 -19.54
CA ASP B 224 15.12 -23.47 -18.71
C ASP B 224 14.40 -23.73 -17.38
N ASP B 225 14.38 -24.99 -16.96
CA ASP B 225 13.72 -25.37 -15.72
C ASP B 225 14.56 -25.04 -14.49
N ASP B 226 15.87 -24.88 -14.70
CA ASP B 226 16.77 -24.54 -13.60
C ASP B 226 16.60 -23.07 -13.23
N ASP B 227 16.09 -22.28 -14.16
CA ASP B 227 15.88 -20.85 -13.93
C ASP B 227 14.76 -20.66 -12.92
N LYS B 228 15.14 -20.48 -11.66
CA LYS B 228 14.17 -20.30 -10.58
C LYS B 228 13.39 -18.99 -10.76
N PHE B 229 13.95 -18.04 -11.50
CA PHE B 229 13.25 -16.78 -11.71
C PHE B 229 12.07 -17.00 -12.64
N LEU B 230 12.29 -17.76 -13.70
CA LEU B 230 11.25 -18.07 -14.68
C LEU B 230 10.11 -18.74 -13.94
N ALA B 231 10.49 -19.64 -13.03
CA ALA B 231 9.51 -20.37 -12.24
C ALA B 231 8.63 -19.37 -11.49
N LEU B 232 9.29 -18.46 -10.77
CA LEU B 232 8.57 -17.43 -9.99
C LEU B 232 7.64 -16.64 -10.92
N LEU B 233 8.15 -16.30 -12.10
CA LEU B 233 7.35 -15.58 -13.09
C LEU B 233 6.11 -16.41 -13.41
N ARG B 234 6.33 -17.70 -13.64
CA ARG B 234 5.23 -18.62 -13.97
C ARG B 234 4.15 -18.63 -12.91
N SER B 235 4.51 -18.96 -11.68
CA SER B 235 3.55 -18.99 -10.59
C SER B 235 2.86 -17.63 -10.39
N THR B 236 3.58 -16.55 -10.66
CA THR B 236 3.01 -15.20 -10.52
C THR B 236 1.87 -15.08 -11.51
N ILE B 237 2.17 -15.38 -12.78
CA ILE B 237 1.18 -15.33 -13.84
C ILE B 237 0.02 -16.26 -13.45
N GLN B 238 0.34 -17.48 -13.02
CA GLN B 238 -0.70 -18.43 -12.62
C GLN B 238 -1.66 -17.84 -11.58
N CYS B 239 -1.09 -17.39 -10.45
CA CYS B 239 -1.88 -16.82 -9.37
C CYS B 239 -2.71 -15.62 -9.80
N LEU B 240 -2.26 -14.94 -10.84
CA LEU B 240 -2.97 -13.78 -11.37
C LEU B 240 -3.83 -14.23 -12.56
N THR B 241 -3.69 -15.50 -12.93
CA THR B 241 -4.43 -16.11 -14.03
C THR B 241 -5.57 -16.94 -13.49
N ARG B 242 -5.25 -18.16 -13.10
CA ARG B 242 -6.21 -19.11 -12.54
C ARG B 242 -5.61 -19.70 -11.26
N PRO B 243 -5.74 -18.96 -10.14
CA PRO B 243 -5.22 -19.38 -8.82
C PRO B 243 -5.30 -20.89 -8.61
N GLU B 244 -6.52 -21.42 -8.73
CA GLU B 244 -6.79 -22.84 -8.54
C GLU B 244 -5.65 -23.77 -8.97
N LEU B 245 -5.12 -23.57 -10.18
CA LEU B 245 -4.04 -24.42 -10.68
C LEU B 245 -2.87 -24.47 -9.70
N TYR B 246 -2.09 -23.38 -9.66
CA TYR B 246 -0.94 -23.26 -8.77
C TYR B 246 -1.16 -24.00 -7.45
N PHE B 247 -2.28 -23.73 -6.78
CA PHE B 247 -2.56 -24.38 -5.51
C PHE B 247 -2.65 -25.89 -5.70
N VAL B 248 -3.54 -26.32 -6.58
CA VAL B 248 -3.70 -27.74 -6.88
C VAL B 248 -2.34 -28.37 -7.14
N ASP B 249 -1.52 -27.70 -7.94
CA ASP B 249 -0.21 -28.24 -8.28
C ASP B 249 0.74 -28.28 -7.08
N VAL B 250 0.81 -27.19 -6.33
CA VAL B 250 1.67 -27.15 -5.15
C VAL B 250 1.18 -28.19 -4.14
N LEU B 251 -0.12 -28.33 -4.01
CA LEU B 251 -0.70 -29.30 -3.10
C LEU B 251 -0.20 -30.67 -3.52
N ARG B 252 -0.14 -30.90 -4.83
CA ARG B 252 0.33 -32.18 -5.37
C ARG B 252 1.73 -32.48 -4.86
N SER B 253 2.67 -31.60 -5.22
CA SER B 253 4.06 -31.74 -4.82
C SER B 253 4.19 -31.97 -3.31
N ALA B 254 3.31 -31.35 -2.53
CA ALA B 254 3.34 -31.52 -1.07
C ALA B 254 2.96 -32.95 -0.71
N ILE B 255 1.84 -33.40 -1.23
CA ILE B 255 1.36 -34.75 -0.96
C ILE B 255 2.29 -35.82 -1.50
N ASN B 256 2.66 -35.72 -2.78
CA ASN B 256 3.58 -36.70 -3.36
C ASN B 256 4.93 -36.46 -2.70
N LYS B 257 4.90 -35.78 -1.54
CA LYS B 257 6.09 -35.46 -0.77
C LYS B 257 7.32 -35.15 -1.64
N THR B 258 7.15 -34.18 -2.52
CA THR B 258 8.21 -33.75 -3.43
C THR B 258 8.44 -32.24 -3.30
N GLY B 259 7.35 -31.48 -3.35
CA GLY B 259 7.44 -30.03 -3.26
C GLY B 259 7.99 -29.49 -1.96
N THR B 260 9.24 -29.02 -2.01
CA THR B 260 9.93 -28.47 -0.86
C THR B 260 9.21 -27.22 -0.33
N ASP B 261 7.95 -27.38 0.02
CA ASP B 261 7.14 -26.30 0.55
C ASP B 261 6.60 -26.78 1.89
N GLU B 262 7.49 -26.87 2.87
CA GLU B 262 7.13 -27.31 4.21
C GLU B 262 5.99 -26.47 4.75
N GLY B 263 4.90 -27.15 5.10
CA GLY B 263 3.74 -26.46 5.63
C GLY B 263 2.73 -26.17 4.54
N ALA B 264 3.13 -26.40 3.29
CA ALA B 264 2.27 -26.16 2.14
C ALA B 264 0.84 -26.68 2.30
N LEU B 265 0.67 -27.95 2.68
CA LEU B 265 -0.67 -28.51 2.86
C LEU B 265 -1.48 -27.70 3.88
N THR B 266 -0.98 -27.62 5.12
CA THR B 266 -1.68 -26.86 6.16
C THR B 266 -1.88 -25.42 5.69
N ARG B 267 -0.87 -24.88 5.00
CA ARG B 267 -0.91 -23.50 4.50
C ARG B 267 -2.05 -23.31 3.51
N ILE B 268 -2.12 -24.19 2.52
CA ILE B 268 -3.16 -24.10 1.49
C ILE B 268 -4.53 -24.43 2.05
N VAL B 269 -4.62 -25.47 2.86
CA VAL B 269 -5.91 -25.85 3.44
C VAL B 269 -6.49 -24.74 4.31
N THR B 270 -5.72 -24.27 5.29
CA THR B 270 -6.21 -23.24 6.19
C THR B 270 -6.43 -21.84 5.59
N THR B 271 -5.60 -21.44 4.64
CA THR B 271 -5.76 -20.12 4.04
C THR B 271 -6.85 -20.04 2.99
N ARG B 272 -7.14 -21.15 2.32
CA ARG B 272 -8.14 -21.14 1.25
C ARG B 272 -9.49 -21.76 1.59
N ALA B 273 -9.55 -22.54 2.67
CA ALA B 273 -10.80 -23.19 3.05
C ALA B 273 -11.97 -22.23 3.08
N GLU B 274 -11.72 -21.00 3.52
CA GLU B 274 -12.77 -20.00 3.61
C GLU B 274 -12.89 -19.24 2.29
N ILE B 275 -11.90 -19.40 1.43
CA ILE B 275 -11.90 -18.72 0.15
C ILE B 275 -12.33 -19.59 -1.03
N ASP B 276 -11.41 -20.36 -1.59
CA ASP B 276 -11.72 -21.18 -2.76
C ASP B 276 -11.12 -22.59 -2.77
N LEU B 277 -10.90 -23.17 -1.61
CA LEU B 277 -10.32 -24.50 -1.57
C LEU B 277 -11.19 -25.49 -2.34
N LYS B 278 -12.50 -25.27 -2.34
CA LYS B 278 -13.41 -26.18 -3.04
C LYS B 278 -13.07 -26.25 -4.52
N VAL B 279 -12.93 -25.10 -5.18
CA VAL B 279 -12.57 -25.09 -6.59
C VAL B 279 -11.21 -25.74 -6.76
N ILE B 280 -10.31 -25.50 -5.81
CA ILE B 280 -8.97 -26.09 -5.89
C ILE B 280 -9.12 -27.62 -5.85
N GLY B 281 -9.81 -28.11 -4.84
CA GLY B 281 -10.02 -29.53 -4.68
C GLY B 281 -10.62 -30.19 -5.90
N GLU B 282 -11.54 -29.49 -6.56
CA GLU B 282 -12.17 -30.03 -7.76
C GLU B 282 -11.16 -30.17 -8.89
N GLU B 283 -10.24 -29.22 -8.99
CA GLU B 283 -9.21 -29.26 -10.01
C GLU B 283 -8.21 -30.36 -9.73
N TYR B 284 -7.89 -30.57 -8.45
CA TYR B 284 -6.96 -31.60 -8.05
C TYR B 284 -7.68 -32.94 -8.12
N GLN B 285 -8.99 -32.88 -7.87
CA GLN B 285 -9.85 -34.06 -7.89
C GLN B 285 -10.06 -34.55 -9.31
N ARG B 286 -9.50 -33.81 -10.27
CA ARG B 286 -9.64 -34.14 -11.67
C ARG B 286 -8.30 -34.02 -12.40
N ARG B 287 -7.21 -33.99 -11.63
CA ARG B 287 -5.88 -33.87 -12.21
C ARG B 287 -5.00 -35.00 -11.71
N ASN B 288 -5.58 -35.86 -10.87
CA ASN B 288 -4.86 -37.00 -10.31
C ASN B 288 -5.73 -38.23 -10.15
N SER B 289 -6.95 -38.15 -10.68
CA SER B 289 -7.89 -39.26 -10.61
C SER B 289 -8.13 -39.75 -9.17
N ILE B 290 -8.38 -38.81 -8.26
CA ILE B 290 -8.64 -39.11 -6.85
C ILE B 290 -8.89 -37.82 -6.07
N PRO B 291 -9.84 -37.85 -5.12
CA PRO B 291 -10.16 -36.66 -4.30
C PRO B 291 -8.98 -36.20 -3.44
N LEU B 292 -8.85 -34.89 -3.24
CA LEU B 292 -7.75 -34.36 -2.44
C LEU B 292 -7.82 -34.90 -1.00
N GLU B 293 -9.03 -35.01 -0.46
CA GLU B 293 -9.20 -35.50 0.88
C GLU B 293 -8.72 -36.97 0.96
N LYS B 294 -8.86 -37.70 -0.13
CA LYS B 294 -8.43 -39.10 -0.17
C LYS B 294 -6.92 -39.19 -0.12
N ALA B 295 -6.25 -38.26 -0.81
CA ALA B 295 -4.79 -38.23 -0.83
C ALA B 295 -4.25 -37.87 0.55
N ILE B 296 -4.95 -36.95 1.22
CA ILE B 296 -4.54 -36.51 2.55
C ILE B 296 -4.73 -37.64 3.57
N THR B 297 -5.67 -38.52 3.30
CA THR B 297 -5.96 -39.64 4.21
C THR B 297 -5.27 -40.94 3.81
N LYS B 298 -4.73 -40.97 2.60
CA LYS B 298 -4.04 -42.14 2.05
C LYS B 298 -3.25 -42.97 3.07
N ASP B 299 -2.37 -42.31 3.84
CA ASP B 299 -1.56 -43.02 4.83
C ASP B 299 -2.11 -42.86 6.24
N THR B 300 -1.61 -41.85 6.96
CA THR B 300 -2.04 -41.61 8.32
C THR B 300 -3.37 -40.84 8.36
N ARG B 301 -4.16 -41.08 9.41
CA ARG B 301 -5.42 -40.38 9.56
C ARG B 301 -5.60 -39.96 11.01
N GLY B 302 -4.54 -39.44 11.61
CA GLY B 302 -4.59 -38.98 12.98
C GLY B 302 -5.21 -37.59 13.03
N ASP B 303 -5.47 -37.10 14.25
CA ASP B 303 -6.09 -35.79 14.44
C ASP B 303 -5.72 -34.71 13.41
N TYR B 304 -4.43 -34.58 13.12
CA TYR B 304 -3.99 -33.59 12.15
C TYR B 304 -4.80 -33.63 10.84
N GLU B 305 -4.87 -34.80 10.22
CA GLU B 305 -5.61 -34.96 8.98
C GLU B 305 -7.11 -34.80 9.20
N LYS B 306 -7.59 -35.15 10.39
CA LYS B 306 -9.00 -35.03 10.71
C LYS B 306 -9.43 -33.57 10.69
N MET B 307 -8.57 -32.68 11.17
CA MET B 307 -8.86 -31.25 11.17
C MET B 307 -8.91 -30.78 9.72
N LEU B 308 -7.90 -31.18 8.95
CA LEU B 308 -7.84 -30.78 7.54
C LEU B 308 -9.06 -31.25 6.76
N VAL B 309 -9.37 -32.55 6.84
CA VAL B 309 -10.51 -33.07 6.11
C VAL B 309 -11.80 -32.43 6.61
N ALA B 310 -11.84 -32.08 7.89
CA ALA B 310 -13.02 -31.43 8.45
C ALA B 310 -13.17 -30.02 7.89
N LEU B 311 -12.04 -29.42 7.50
CA LEU B 311 -12.05 -28.08 6.94
C LEU B 311 -12.38 -28.14 5.45
N LEU B 312 -12.08 -29.28 4.83
CA LEU B 312 -12.39 -29.45 3.41
C LEU B 312 -13.85 -29.87 3.30
N GLY B 313 -14.56 -29.84 4.43
CA GLY B 313 -15.96 -30.23 4.44
C GLY B 313 -16.14 -31.70 4.16
N GLU B 314 -15.10 -32.48 4.45
CA GLU B 314 -15.12 -33.92 4.23
C GLU B 314 -14.60 -34.62 5.48
N ASP B 315 -15.29 -34.41 6.60
CA ASP B 315 -14.93 -35.00 7.89
C ASP B 315 -14.51 -36.48 7.82
N ASP B 316 -15.44 -37.34 7.43
CA ASP B 316 -15.17 -38.78 7.36
C ASP B 316 -14.37 -39.22 6.13
N ALA B 317 -13.56 -38.32 5.58
CA ALA B 317 -12.77 -38.65 4.40
C ALA B 317 -11.49 -39.40 4.80
N SER A 1 0.74 23.29 15.67
CA SER A 1 1.34 23.06 14.32
C SER A 1 0.31 23.26 13.19
N ALA A 2 -0.97 23.25 13.54
CA ALA A 2 -2.03 23.44 12.57
C ALA A 2 -2.41 24.92 12.55
N THR A 3 -2.79 25.44 11.38
CA THR A 3 -3.20 26.84 11.27
C THR A 3 -4.69 26.96 11.00
N LEU A 4 -5.45 25.95 11.43
CA LEU A 4 -6.89 25.93 11.25
C LEU A 4 -7.62 26.41 12.51
N LYS A 5 -7.92 27.70 12.58
CA LYS A 5 -8.63 28.26 13.73
C LYS A 5 -10.14 28.02 13.56
N VAL A 6 -10.69 27.16 14.41
CA VAL A 6 -12.10 26.81 14.36
C VAL A 6 -12.88 27.20 15.61
N SER A 7 -14.10 27.69 15.41
CA SER A 7 -14.95 28.08 16.55
C SER A 7 -15.65 26.84 17.10
N ASP A 8 -15.36 26.53 18.37
CA ASP A 8 -15.97 25.37 19.02
C ASP A 8 -17.49 25.40 18.99
N SER A 9 -18.04 26.45 18.38
CA SER A 9 -19.48 26.61 18.25
C SER A 9 -19.79 27.06 16.83
N VAL A 10 -20.11 26.09 15.99
CA VAL A 10 -20.41 26.34 14.58
C VAL A 10 -21.92 26.27 14.30
N PRO A 11 -22.40 27.09 13.34
CA PRO A 11 -23.83 27.07 13.01
C PRO A 11 -24.23 25.72 12.42
N ALA A 12 -25.54 25.52 12.26
CA ALA A 12 -26.05 24.28 11.69
C ALA A 12 -25.60 24.14 10.24
N PRO A 13 -25.16 22.94 9.85
CA PRO A 13 -24.71 22.68 8.48
C PRO A 13 -25.63 23.14 7.35
N SER A 14 -26.94 23.00 7.52
CA SER A 14 -27.85 23.41 6.46
C SER A 14 -27.92 24.93 6.31
N ASP A 15 -27.59 25.64 7.38
CA ASP A 15 -27.62 27.10 7.34
C ASP A 15 -26.33 27.63 6.70
N ASP A 16 -25.23 26.94 6.96
CA ASP A 16 -23.97 27.32 6.34
C ASP A 16 -24.16 27.04 4.86
N ALA A 17 -24.90 25.97 4.57
CA ALA A 17 -25.18 25.54 3.20
C ALA A 17 -25.94 26.60 2.40
N GLU A 18 -27.02 27.11 2.97
CA GLU A 18 -27.82 28.13 2.29
C GLU A 18 -26.97 29.37 2.00
N GLN A 19 -26.24 29.82 3.02
CA GLN A 19 -25.38 30.99 2.87
C GLN A 19 -24.34 30.76 1.79
N LEU A 20 -23.68 29.60 1.86
CA LEU A 20 -22.67 29.25 0.87
C LEU A 20 -23.31 29.22 -0.50
N ARG A 21 -24.57 28.79 -0.55
CA ARG A 21 -25.32 28.72 -1.81
C ARG A 21 -25.54 30.13 -2.32
N THR A 22 -25.79 31.06 -1.39
CA THR A 22 -26.03 32.45 -1.74
C THR A 22 -24.74 33.08 -2.24
N ALA A 23 -23.62 32.76 -1.59
CA ALA A 23 -22.34 33.30 -1.97
C ALA A 23 -21.86 32.75 -3.31
N PHE A 24 -22.29 31.54 -3.64
CA PHE A 24 -21.88 30.92 -4.90
C PHE A 24 -22.70 31.33 -6.11
N GLU A 25 -23.85 31.97 -5.90
CA GLU A 25 -24.69 32.42 -7.01
C GLU A 25 -24.32 33.83 -7.45
N GLU A 31 -18.17 36.45 -1.25
CA GLU A 31 -16.77 36.08 -1.25
C GLU A 31 -16.20 35.98 0.17
N ASP A 32 -16.15 37.10 0.88
CA ASP A 32 -15.62 37.11 2.25
C ASP A 32 -16.52 36.30 3.18
N LEU A 33 -17.66 35.83 2.64
CA LEU A 33 -18.59 35.02 3.42
C LEU A 33 -18.20 33.54 3.26
N ILE A 34 -17.74 33.17 2.07
CA ILE A 34 -17.31 31.81 1.80
C ILE A 34 -16.05 31.54 2.63
N ILE A 35 -15.24 32.59 2.80
CA ILE A 35 -14.02 32.50 3.58
C ILE A 35 -14.32 32.44 5.07
N SER A 36 -15.24 33.30 5.51
CA SER A 36 -15.60 33.37 6.92
C SER A 36 -16.16 32.05 7.43
N ILE A 37 -16.63 31.21 6.50
CA ILE A 37 -17.19 29.92 6.86
C ILE A 37 -16.20 28.75 6.73
N LEU A 38 -15.89 28.36 5.50
CA LEU A 38 -15.00 27.23 5.26
C LEU A 38 -13.57 27.32 5.79
N ALA A 39 -13.02 28.54 5.85
CA ALA A 39 -11.65 28.70 6.32
C ALA A 39 -11.57 28.68 7.83
N HIS A 40 -12.62 28.23 8.50
CA HIS A 40 -12.64 28.19 9.96
C HIS A 40 -13.49 27.03 10.47
N ARG A 41 -13.83 26.11 9.58
CA ARG A 41 -14.63 24.94 9.95
C ARG A 41 -13.71 23.72 10.06
N SER A 42 -14.18 22.65 10.68
CA SER A 42 -13.37 21.44 10.83
C SER A 42 -13.61 20.53 9.62
N ALA A 43 -12.55 19.87 9.14
CA ALA A 43 -12.66 18.98 7.99
C ALA A 43 -13.89 18.09 8.09
N GLU A 44 -14.17 17.63 9.31
CA GLU A 44 -15.34 16.79 9.53
C GLU A 44 -16.62 17.59 9.26
N GLN A 45 -16.80 18.67 10.02
CA GLN A 45 -17.97 19.54 9.88
C GLN A 45 -18.13 20.08 8.46
N ARG A 46 -17.03 20.45 7.82
CA ARG A 46 -17.09 20.95 6.44
C ARG A 46 -17.80 19.89 5.62
N LYS A 47 -17.26 18.67 5.67
CA LYS A 47 -17.85 17.54 4.97
C LYS A 47 -19.37 17.55 5.21
N VAL A 48 -19.76 17.56 6.48
CA VAL A 48 -21.17 17.59 6.86
C VAL A 48 -21.89 18.68 6.07
N ILE A 49 -21.24 19.82 5.95
CA ILE A 49 -21.80 20.94 5.21
C ILE A 49 -22.09 20.54 3.75
N ARG A 50 -21.09 19.96 3.09
CA ARG A 50 -21.26 19.53 1.70
C ARG A 50 -22.41 18.54 1.63
N GLN A 51 -22.34 17.57 2.52
CA GLN A 51 -23.35 16.51 2.63
C GLN A 51 -24.75 17.10 2.74
N ALA A 52 -24.91 18.12 3.57
CA ALA A 52 -26.22 18.74 3.74
C ALA A 52 -26.53 19.58 2.50
N TYR A 53 -25.60 20.45 2.14
CA TYR A 53 -25.77 21.31 0.98
C TYR A 53 -26.27 20.50 -0.21
N HIS A 54 -25.73 19.29 -0.36
CA HIS A 54 -26.15 18.45 -1.47
C HIS A 54 -27.62 18.05 -1.35
N GLU A 55 -28.06 17.76 -0.12
CA GLU A 55 -29.44 17.37 0.12
C GLU A 55 -30.41 18.44 -0.35
N THR A 56 -30.24 19.64 0.17
CA THR A 56 -31.08 20.77 -0.16
C THR A 56 -31.21 21.07 -1.64
N TYR A 57 -30.12 21.51 -2.25
CA TYR A 57 -30.14 21.89 -3.66
C TYR A 57 -29.88 20.77 -4.65
N GLY A 58 -29.71 19.55 -4.14
CA GLY A 58 -29.45 18.42 -5.02
C GLY A 58 -28.33 18.80 -5.98
N GLU A 59 -27.18 19.13 -5.42
CA GLU A 59 -26.02 19.55 -6.23
C GLU A 59 -24.80 19.74 -5.33
N ASP A 60 -23.72 19.01 -5.61
CA ASP A 60 -22.49 19.11 -4.82
C ASP A 60 -21.83 20.47 -5.01
N LEU A 61 -21.57 21.15 -3.90
CA LEU A 61 -20.97 22.47 -3.91
C LEU A 61 -19.67 22.56 -4.71
N LEU A 62 -18.80 21.57 -4.56
CA LEU A 62 -17.53 21.57 -5.26
C LEU A 62 -17.64 21.44 -6.76
N LYS A 63 -18.68 20.75 -7.24
CA LYS A 63 -18.87 20.56 -8.67
C LYS A 63 -18.57 21.81 -9.48
N THR A 64 -19.30 22.88 -9.20
CA THR A 64 -19.11 24.14 -9.91
C THR A 64 -17.64 24.56 -9.96
N LEU A 65 -16.85 24.09 -8.98
CA LEU A 65 -15.44 24.46 -8.90
C LEU A 65 -14.49 23.36 -9.38
N ASP A 66 -14.98 22.13 -9.49
CA ASP A 66 -14.14 21.01 -9.92
C ASP A 66 -13.53 21.26 -11.31
N LYS A 67 -14.03 22.29 -11.99
CA LYS A 67 -13.53 22.64 -13.32
C LYS A 67 -12.08 23.10 -13.22
N GLU A 68 -11.29 22.79 -14.23
CA GLU A 68 -9.88 23.19 -14.25
C GLU A 68 -9.75 24.59 -14.84
N LEU A 69 -10.79 25.03 -15.53
CA LEU A 69 -10.81 26.36 -16.14
C LEU A 69 -11.31 27.32 -15.08
N SER A 70 -10.64 27.32 -13.93
CA SER A 70 -11.01 28.17 -12.81
C SER A 70 -9.86 29.07 -12.35
N ASN A 71 -10.20 30.06 -11.54
CA ASN A 71 -9.21 30.99 -11.02
C ASN A 71 -8.64 30.47 -9.70
N ASP A 72 -7.54 31.06 -9.26
CA ASP A 72 -6.90 30.64 -8.03
C ASP A 72 -7.84 30.60 -6.82
N PHE A 73 -8.89 31.41 -6.85
CA PHE A 73 -9.83 31.40 -5.73
C PHE A 73 -10.63 30.09 -5.73
N GLU A 74 -11.30 29.79 -6.85
CA GLU A 74 -12.07 28.56 -6.96
C GLU A 74 -11.21 27.35 -6.61
N ARG A 75 -9.96 27.37 -7.07
CA ARG A 75 -9.00 26.32 -6.84
C ARG A 75 -8.70 26.20 -5.34
N ALA A 76 -8.34 27.33 -4.74
CA ALA A 76 -8.04 27.37 -3.33
C ALA A 76 -9.14 26.72 -2.51
N ILE A 77 -10.37 27.21 -2.63
CA ILE A 77 -11.48 26.62 -1.88
C ILE A 77 -11.57 25.16 -2.29
N LEU A 78 -11.31 24.91 -3.56
CA LEU A 78 -11.40 23.57 -4.12
C LEU A 78 -10.54 22.50 -3.43
N LEU A 79 -9.29 22.83 -3.08
CA LEU A 79 -8.46 21.83 -2.44
C LEU A 79 -8.86 21.63 -0.99
N TRP A 80 -9.18 22.75 -0.33
CA TRP A 80 -9.58 22.75 1.07
C TRP A 80 -10.93 22.08 1.35
N THR A 81 -11.84 22.10 0.38
CA THR A 81 -13.16 21.52 0.57
C THR A 81 -13.22 20.01 0.36
N LEU A 82 -12.40 19.49 -0.55
CA LEU A 82 -12.39 18.05 -0.78
C LEU A 82 -11.92 17.37 0.50
N GLU A 83 -12.11 16.06 0.57
CA GLU A 83 -11.64 15.29 1.71
C GLU A 83 -10.16 15.04 1.40
N PRO A 84 -9.30 15.07 2.42
CA PRO A 84 -7.86 14.85 2.23
C PRO A 84 -7.46 13.76 1.25
N GLY A 85 -8.07 12.58 1.40
CA GLY A 85 -7.78 11.48 0.51
C GLY A 85 -7.99 11.83 -0.96
N GLU A 86 -9.18 12.30 -1.29
CA GLU A 86 -9.48 12.65 -2.67
C GLU A 86 -8.67 13.87 -3.09
N ARG A 87 -8.32 14.71 -2.12
CA ARG A 87 -7.52 15.90 -2.38
C ARG A 87 -6.12 15.50 -2.84
N ASP A 88 -5.55 14.51 -2.17
CA ASP A 88 -4.20 14.05 -2.52
C ASP A 88 -4.24 13.02 -3.64
N ALA A 89 -5.29 12.21 -3.68
CA ALA A 89 -5.42 11.20 -4.73
C ALA A 89 -5.42 12.00 -6.02
N LEU A 90 -6.06 13.16 -5.95
CA LEU A 90 -6.18 14.09 -7.05
C LEU A 90 -4.88 14.80 -7.45
N LEU A 91 -4.15 15.29 -6.45
CA LEU A 91 -2.90 15.99 -6.72
C LEU A 91 -1.90 15.14 -7.50
N ALA A 92 -1.73 13.89 -7.10
CA ALA A 92 -0.81 12.99 -7.80
C ALA A 92 -1.27 12.83 -9.25
N ASN A 93 -2.59 12.69 -9.42
CA ASN A 93 -3.16 12.53 -10.75
C ASN A 93 -2.65 13.60 -11.71
N GLU A 94 -2.83 14.87 -11.35
CA GLU A 94 -2.38 15.97 -12.20
C GLU A 94 -0.86 15.90 -12.38
N ALA A 95 -0.17 15.51 -11.32
CA ALA A 95 1.29 15.40 -11.36
C ALA A 95 1.78 14.54 -12.51
N THR A 96 1.09 13.43 -12.77
CA THR A 96 1.50 12.53 -13.86
C THR A 96 0.83 12.82 -15.19
N LYS A 97 -0.27 13.58 -15.19
CA LYS A 97 -0.97 13.89 -16.44
C LYS A 97 -0.01 14.52 -17.46
N ARG A 98 1.07 15.11 -16.98
CA ARG A 98 2.06 15.74 -17.86
C ARG A 98 3.40 15.74 -17.15
N TRP A 99 3.68 14.65 -16.43
CA TRP A 99 4.91 14.50 -15.68
C TRP A 99 6.19 14.98 -16.38
N THR A 100 7.16 15.36 -15.55
CA THR A 100 8.49 15.79 -15.96
C THR A 100 9.33 15.58 -14.70
N SER A 101 10.57 15.14 -14.89
CA SER A 101 11.47 14.89 -13.76
C SER A 101 11.42 15.93 -12.63
N SER A 102 11.17 17.19 -13.00
CA SER A 102 11.09 18.31 -12.06
C SER A 102 9.94 18.25 -11.07
N ASN A 103 8.81 17.68 -11.46
CA ASN A 103 7.67 17.60 -10.57
C ASN A 103 7.97 16.69 -9.37
N GLN A 104 7.92 17.26 -8.17
CA GLN A 104 8.19 16.49 -6.96
C GLN A 104 6.93 16.27 -6.11
N VAL A 105 5.80 16.83 -6.54
CA VAL A 105 4.56 16.68 -5.77
C VAL A 105 4.29 15.21 -5.44
N LEU A 106 4.31 14.35 -6.45
CA LEU A 106 4.11 12.92 -6.21
C LEU A 106 4.98 12.48 -5.04
N MET A 107 6.23 12.95 -5.02
CA MET A 107 7.15 12.62 -3.93
C MET A 107 6.56 13.20 -2.64
N GLU A 108 6.16 14.47 -2.71
CA GLU A 108 5.59 15.20 -1.59
C GLU A 108 4.41 14.46 -0.97
N VAL A 109 3.47 14.05 -1.82
CA VAL A 109 2.28 13.32 -1.36
C VAL A 109 2.65 11.99 -0.71
N ALA A 110 3.83 11.47 -1.02
CA ALA A 110 4.26 10.18 -0.47
C ALA A 110 5.17 10.22 0.75
N CYS A 111 5.66 11.40 1.13
CA CYS A 111 6.57 11.50 2.28
C CYS A 111 6.07 12.35 3.44
N THR A 112 5.09 13.20 3.20
CA THR A 112 4.56 14.08 4.24
C THR A 112 3.20 13.59 4.75
N ARG A 113 2.73 12.48 4.20
CA ARG A 113 1.44 11.90 4.59
C ARG A 113 1.63 10.74 5.55
N THR A 114 0.69 10.56 6.47
CA THR A 114 0.79 9.42 7.37
C THR A 114 0.52 8.23 6.46
N SER A 115 1.15 7.09 6.74
CA SER A 115 0.94 5.92 5.91
C SER A 115 -0.56 5.69 5.73
N THR A 116 -1.34 6.18 6.69
CA THR A 116 -2.79 6.09 6.67
C THR A 116 -3.37 7.02 5.60
N GLN A 117 -2.85 8.24 5.53
CA GLN A 117 -3.35 9.20 4.56
C GLN A 117 -2.87 8.90 3.14
N LEU A 118 -1.67 8.32 3.03
CA LEU A 118 -1.16 7.96 1.70
C LEU A 118 -2.04 6.81 1.13
N LEU A 119 -2.31 5.79 1.94
CA LEU A 119 -3.15 4.67 1.54
C LEU A 119 -4.52 5.22 1.13
N HIS A 120 -5.03 6.16 1.92
CA HIS A 120 -6.33 6.77 1.64
C HIS A 120 -6.25 7.49 0.31
N ALA A 121 -5.15 8.19 0.08
CA ALA A 121 -4.99 8.91 -1.16
C ALA A 121 -5.22 7.91 -2.30
N ARG A 122 -4.53 6.76 -2.26
CA ARG A 122 -4.69 5.75 -3.29
C ARG A 122 -6.13 5.21 -3.36
N GLN A 123 -6.70 4.80 -2.24
CA GLN A 123 -8.09 4.31 -2.29
C GLN A 123 -8.97 5.32 -3.01
N ALA A 124 -8.84 6.59 -2.64
CA ALA A 124 -9.61 7.67 -3.27
C ALA A 124 -9.28 7.69 -4.76
N TYR A 125 -8.03 7.35 -5.08
CA TYR A 125 -7.59 7.32 -6.46
C TYR A 125 -8.41 6.25 -7.19
N HIS A 126 -8.51 5.07 -6.58
CA HIS A 126 -9.29 3.98 -7.17
C HIS A 126 -10.65 4.52 -7.58
N ALA A 127 -11.41 4.89 -6.56
CA ALA A 127 -12.78 5.40 -6.70
C ALA A 127 -13.04 6.27 -7.93
N ARG A 128 -12.25 7.32 -8.06
CA ARG A 128 -12.39 8.29 -9.13
C ARG A 128 -11.64 8.00 -10.41
N TYR A 129 -10.62 7.14 -10.35
CA TYR A 129 -9.81 6.86 -11.53
C TYR A 129 -9.75 5.38 -11.92
N LYS A 130 -10.64 4.58 -11.34
CA LYS A 130 -10.73 3.15 -11.63
C LYS A 130 -9.38 2.46 -11.84
N LYS A 131 -8.33 3.04 -11.25
CA LYS A 131 -6.96 2.52 -11.34
C LYS A 131 -6.28 2.76 -10.00
N SER A 132 -4.99 2.46 -9.91
CA SER A 132 -4.28 2.69 -8.66
C SER A 132 -3.28 3.84 -8.88
N LEU A 133 -2.73 4.37 -7.79
CA LEU A 133 -1.77 5.45 -7.91
C LEU A 133 -0.48 4.96 -8.59
N GLU A 134 0.13 3.88 -8.08
CA GLU A 134 1.38 3.38 -8.70
C GLU A 134 1.09 2.86 -10.09
N GLU A 135 -0.19 2.75 -10.42
CA GLU A 135 -0.51 2.27 -11.74
C GLU A 135 -0.13 3.33 -12.77
N ASP A 136 -0.64 4.55 -12.60
CA ASP A 136 -0.32 5.63 -13.54
C ASP A 136 1.13 6.11 -13.40
N VAL A 137 1.60 6.28 -12.16
CA VAL A 137 2.96 6.75 -11.96
C VAL A 137 3.95 5.86 -12.72
N ALA A 138 3.99 4.57 -12.38
CA ALA A 138 4.89 3.64 -13.03
C ALA A 138 4.67 3.62 -14.54
N HIS A 139 3.43 3.85 -14.94
CA HIS A 139 3.07 3.87 -16.36
C HIS A 139 3.67 5.10 -17.04
N HIS A 140 3.64 6.24 -16.36
CA HIS A 140 4.13 7.48 -16.95
C HIS A 140 5.38 8.15 -16.38
N THR A 141 6.08 7.49 -15.45
CA THR A 141 7.31 8.08 -14.92
C THR A 141 8.51 7.33 -15.49
N THR A 142 9.68 7.94 -15.44
CA THR A 142 10.87 7.32 -16.02
C THR A 142 12.01 7.00 -15.07
N GLY A 143 12.77 5.97 -15.45
CA GLY A 143 13.93 5.51 -14.69
C GLY A 143 13.98 5.69 -13.19
N ASP A 144 14.95 6.49 -12.76
CA ASP A 144 15.18 6.77 -11.36
C ASP A 144 13.97 7.42 -10.71
N PHE A 145 13.51 8.51 -11.33
CA PHE A 145 12.36 9.24 -10.84
C PHE A 145 11.19 8.29 -10.70
N ARG A 146 11.16 7.27 -11.58
CA ARG A 146 10.09 6.27 -11.52
C ARG A 146 10.29 5.30 -10.36
N LYS A 147 11.47 4.70 -10.26
CA LYS A 147 11.75 3.76 -9.18
C LYS A 147 11.56 4.37 -7.78
N LEU A 148 11.87 5.66 -7.63
CA LEU A 148 11.73 6.31 -6.33
C LEU A 148 10.28 6.68 -6.01
N LEU A 149 9.62 7.36 -6.94
CA LEU A 149 8.25 7.75 -6.69
C LEU A 149 7.34 6.52 -6.49
N VAL A 150 7.49 5.50 -7.33
CA VAL A 150 6.69 4.29 -7.23
C VAL A 150 6.92 3.59 -5.89
N SER A 151 8.19 3.30 -5.59
CA SER A 151 8.52 2.65 -4.33
C SER A 151 8.02 3.47 -3.16
N LEU A 152 7.81 4.77 -3.39
CA LEU A 152 7.32 5.68 -2.34
C LEU A 152 5.80 5.76 -2.22
N VAL A 153 5.08 5.69 -3.34
CA VAL A 153 3.63 5.79 -3.27
C VAL A 153 2.88 4.54 -2.81
N THR A 154 3.45 3.35 -2.98
CA THR A 154 2.75 2.14 -2.52
C THR A 154 3.19 1.74 -1.12
N SER A 155 4.20 2.42 -0.60
CA SER A 155 4.71 2.11 0.72
C SER A 155 3.62 2.23 1.75
N TYR A 156 3.73 1.42 2.79
CA TYR A 156 2.80 1.45 3.90
C TYR A 156 3.73 1.27 5.09
N ARG A 157 4.53 2.30 5.36
CA ARG A 157 5.53 2.27 6.41
C ARG A 157 4.99 2.08 7.81
N TYR A 158 5.77 1.37 8.62
CA TYR A 158 5.44 1.15 10.01
C TYR A 158 5.68 2.54 10.64
N GLU A 159 4.78 2.98 11.50
CA GLU A 159 4.92 4.29 12.11
C GLU A 159 5.22 4.30 13.61
N GLY A 160 5.80 3.21 14.10
CA GLY A 160 6.14 3.12 15.51
C GLY A 160 7.52 3.64 15.87
N ASP A 161 7.76 3.78 17.17
CA ASP A 161 9.02 4.30 17.74
C ASP A 161 10.25 3.41 17.56
N GLU A 162 10.05 2.10 17.61
CA GLU A 162 11.16 1.15 17.48
C GLU A 162 12.30 1.65 16.59
N VAL A 163 13.52 1.29 16.98
CA VAL A 163 14.71 1.71 16.24
C VAL A 163 15.79 0.65 16.35
N ASN A 164 16.33 0.24 15.21
CA ASN A 164 17.39 -0.77 15.18
C ASN A 164 18.73 -0.04 15.00
N MET A 165 19.39 0.27 16.11
CA MET A 165 20.66 1.00 16.06
C MET A 165 21.78 0.29 15.30
N THR A 166 21.88 -1.02 15.45
CA THR A 166 22.92 -1.77 14.77
C THR A 166 22.80 -1.54 13.26
N LEU A 167 21.78 -2.13 12.68
CA LEU A 167 21.52 -2.00 11.24
C LEU A 167 21.56 -0.52 10.85
N ALA A 168 21.22 0.35 11.81
CA ALA A 168 21.21 1.79 11.58
C ALA A 168 22.56 2.27 11.04
N LYS A 169 23.64 1.74 11.60
CA LYS A 169 24.98 2.13 11.17
C LYS A 169 25.38 1.47 9.87
N GLN A 170 24.97 0.21 9.69
CA GLN A 170 25.28 -0.55 8.49
C GLN A 170 24.84 0.16 7.22
N GLU A 171 23.55 0.44 7.13
CA GLU A 171 23.01 1.10 5.95
C GLU A 171 23.37 2.58 5.95
N ALA A 172 23.55 3.15 7.15
CA ALA A 172 23.93 4.55 7.26
C ALA A 172 25.25 4.68 6.54
N LYS A 173 26.10 3.68 6.74
CA LYS A 173 27.40 3.63 6.11
C LYS A 173 27.21 3.57 4.59
N LEU A 174 26.43 2.59 4.16
CA LEU A 174 26.15 2.38 2.74
C LEU A 174 25.73 3.65 2.00
N VAL A 175 24.83 4.42 2.61
CA VAL A 175 24.37 5.66 1.99
C VAL A 175 25.59 6.53 1.63
N HIS A 176 26.41 6.85 2.64
CA HIS A 176 27.61 7.66 2.41
C HIS A 176 28.59 6.91 1.51
N GLU A 177 28.68 5.60 1.70
CA GLU A 177 29.57 4.77 0.88
C GLU A 177 29.19 4.94 -0.58
N LYS A 178 27.92 5.27 -0.82
CA LYS A 178 27.43 5.46 -2.17
C LYS A 178 27.36 6.92 -2.58
N ILE A 179 27.04 7.80 -1.63
CA ILE A 179 26.96 9.22 -1.93
C ILE A 179 28.32 9.71 -2.42
N LYS A 180 29.39 9.22 -1.80
CA LYS A 180 30.75 9.60 -2.19
C LYS A 180 30.99 9.43 -3.69
N ASP A 181 30.62 8.27 -4.21
CA ASP A 181 30.79 7.97 -5.63
C ASP A 181 29.75 8.71 -6.45
N LYS A 182 28.95 9.53 -5.78
CA LYS A 182 27.91 10.31 -6.43
C LYS A 182 26.83 9.43 -7.07
N HIS A 183 26.73 8.19 -6.60
CA HIS A 183 25.72 7.26 -7.11
C HIS A 183 24.37 7.57 -6.45
N TYR A 184 23.74 8.64 -6.89
CA TYR A 184 22.45 9.06 -6.35
C TYR A 184 21.34 8.04 -6.56
N ASN A 185 21.27 7.48 -7.76
CA ASN A 185 20.25 6.50 -8.09
C ASN A 185 20.61 5.09 -7.65
N ASP A 186 21.52 4.96 -6.69
CA ASP A 186 21.95 3.66 -6.21
C ASP A 186 20.79 2.84 -5.66
N GLU A 187 20.66 1.61 -6.15
CA GLU A 187 19.61 0.68 -5.74
C GLU A 187 19.31 0.69 -4.25
N ASP A 188 20.31 0.39 -3.44
CA ASP A 188 20.13 0.36 -2.00
C ASP A 188 19.74 1.71 -1.40
N VAL A 189 20.10 2.79 -2.08
CA VAL A 189 19.72 4.12 -1.63
C VAL A 189 18.21 4.17 -1.73
N ILE A 190 17.72 4.18 -2.97
CA ILE A 190 16.29 4.22 -3.24
C ILE A 190 15.60 3.18 -2.38
N ARG A 191 16.27 2.04 -2.21
CA ARG A 191 15.73 0.99 -1.38
C ARG A 191 15.53 1.58 0.03
N ILE A 192 16.59 2.11 0.60
CA ILE A 192 16.55 2.66 1.96
C ILE A 192 15.59 3.82 2.23
N LEU A 193 15.56 4.81 1.34
CA LEU A 193 14.70 5.97 1.55
C LEU A 193 13.21 5.66 1.46
N SER A 194 12.86 4.75 0.55
CA SER A 194 11.47 4.38 0.34
C SER A 194 10.94 3.30 1.27
N THR A 195 11.77 2.34 1.63
CA THR A 195 11.30 1.24 2.48
C THR A 195 11.30 1.48 3.99
N ARG A 196 12.47 1.81 4.55
CA ARG A 196 12.62 2.04 6.00
C ARG A 196 11.56 3.01 6.51
N SER A 197 11.13 2.82 7.76
CA SER A 197 10.12 3.72 8.33
C SER A 197 10.82 5.06 8.59
N LYS A 198 10.03 6.11 8.81
CA LYS A 198 10.58 7.45 9.05
C LYS A 198 11.48 7.59 10.26
N ALA A 199 11.15 6.94 11.38
CA ALA A 199 12.01 7.03 12.57
C ALA A 199 13.36 6.38 12.25
N GLN A 200 13.30 5.10 11.87
CA GLN A 200 14.49 4.33 11.53
C GLN A 200 15.40 5.06 10.54
N ILE A 201 14.81 5.85 9.66
CA ILE A 201 15.56 6.62 8.67
C ILE A 201 16.29 7.75 9.41
N ASN A 202 15.64 8.28 10.43
CA ASN A 202 16.23 9.35 11.24
C ASN A 202 17.44 8.84 12.01
N ALA A 203 17.31 7.67 12.62
CA ALA A 203 18.41 7.11 13.38
C ALA A 203 19.53 6.71 12.45
N THR A 204 19.21 6.57 11.16
CA THR A 204 20.22 6.20 10.18
C THR A 204 21.09 7.41 9.88
N PHE A 205 20.44 8.52 9.53
CA PHE A 205 21.18 9.73 9.20
C PHE A 205 21.86 10.37 10.39
N ASN A 206 21.49 9.95 11.61
CA ASN A 206 22.16 10.44 12.81
C ASN A 206 23.50 9.71 12.82
N ARG A 207 23.45 8.40 12.54
CA ARG A 207 24.65 7.58 12.50
C ARG A 207 25.48 8.02 11.29
N TYR A 208 24.79 8.50 10.26
CA TYR A 208 25.45 8.97 9.04
C TYR A 208 26.35 10.13 9.41
N GLN A 209 25.79 11.09 10.13
CA GLN A 209 26.54 12.28 10.55
C GLN A 209 27.59 11.94 11.62
N ASP A 210 27.19 11.15 12.62
CA ASP A 210 28.09 10.78 13.68
C ASP A 210 29.29 9.98 13.18
N ASP A 211 29.02 8.88 12.48
CA ASP A 211 30.09 8.01 11.98
C ASP A 211 31.05 8.67 10.98
N HIS A 212 30.50 9.38 10.01
CA HIS A 212 31.31 10.01 8.96
C HIS A 212 31.44 11.53 9.02
N GLY A 213 31.06 12.13 10.14
CA GLY A 213 31.15 13.57 10.28
C GLY A 213 30.79 14.37 9.03
N GLU A 214 29.49 14.54 8.80
CA GLU A 214 28.96 15.29 7.65
C GLU A 214 27.46 15.10 7.50
N GLU A 215 26.71 16.15 7.80
CA GLU A 215 25.24 16.15 7.71
C GLU A 215 24.77 15.69 6.33
N ILE A 216 23.87 14.71 6.31
CA ILE A 216 23.32 14.13 5.07
C ILE A 216 23.02 15.15 3.95
N LEU A 217 22.14 16.11 4.22
CA LEU A 217 21.77 17.11 3.24
C LEU A 217 22.95 17.98 2.77
N LYS A 218 23.70 18.50 3.73
CA LYS A 218 24.86 19.32 3.38
C LYS A 218 25.83 18.47 2.56
N SER A 219 25.82 17.17 2.83
CA SER A 219 26.67 16.22 2.13
C SER A 219 26.26 16.11 0.66
N LEU A 220 24.97 16.30 0.39
CA LEU A 220 24.44 16.23 -0.96
C LEU A 220 24.44 17.57 -1.69
N GLU A 221 25.21 18.54 -1.18
CA GLU A 221 25.28 19.87 -1.78
C GLU A 221 26.48 20.01 -2.71
N GLU A 222 27.25 18.95 -2.86
CA GLU A 222 28.43 18.96 -3.71
C GLU A 222 28.14 18.49 -5.13
N GLY A 223 26.97 17.90 -5.34
CA GLY A 223 26.61 17.42 -6.65
C GLY A 223 26.08 18.46 -7.61
N ASP A 224 26.03 18.09 -8.90
CA ASP A 224 25.53 18.97 -9.94
C ASP A 224 24.14 19.47 -9.63
N ASP A 225 23.99 20.79 -9.52
CA ASP A 225 22.68 21.38 -9.21
C ASP A 225 21.66 21.22 -10.32
N ASP A 226 22.09 20.69 -11.46
CA ASP A 226 21.18 20.48 -12.58
C ASP A 226 20.70 19.04 -12.66
N ASP A 227 21.07 18.25 -11.65
CA ASP A 227 20.68 16.85 -11.58
C ASP A 227 19.28 16.75 -10.98
N LYS A 228 18.29 16.50 -11.82
CA LYS A 228 16.91 16.39 -11.38
C LYS A 228 16.73 15.31 -10.33
N PHE A 229 17.50 14.23 -10.43
CA PHE A 229 17.37 13.18 -9.42
C PHE A 229 18.10 13.52 -8.12
N LEU A 230 18.70 14.72 -8.07
CA LEU A 230 19.43 15.15 -6.87
C LEU A 230 18.46 15.91 -5.96
N ALA A 231 17.69 16.81 -6.55
CA ALA A 231 16.74 17.58 -5.80
C ALA A 231 15.70 16.63 -5.18
N LEU A 232 15.22 15.68 -5.99
CA LEU A 232 14.23 14.70 -5.54
C LEU A 232 14.82 13.84 -4.42
N LEU A 233 16.04 13.34 -4.61
CA LEU A 233 16.69 12.55 -3.57
C LEU A 233 16.76 13.44 -2.32
N ARG A 234 17.20 14.69 -2.51
CA ARG A 234 17.28 15.67 -1.43
C ARG A 234 15.95 15.88 -0.71
N SER A 235 14.98 16.37 -1.47
CA SER A 235 13.64 16.64 -0.94
C SER A 235 13.04 15.47 -0.18
N THR A 236 13.18 14.26 -0.73
CA THR A 236 12.63 13.08 -0.08
C THR A 236 13.23 12.99 1.31
N ILE A 237 14.54 13.24 1.40
CA ILE A 237 15.26 13.22 2.67
C ILE A 237 14.73 14.32 3.59
N GLN A 238 14.30 15.44 3.01
CA GLN A 238 13.76 16.52 3.82
C GLN A 238 12.37 16.16 4.34
N CYS A 239 11.48 15.74 3.44
CA CYS A 239 10.11 15.38 3.81
C CYS A 239 10.02 14.16 4.73
N LEU A 240 10.97 13.25 4.62
CA LEU A 240 10.96 12.05 5.47
C LEU A 240 11.38 12.41 6.90
N THR A 241 12.23 13.42 7.02
CA THR A 241 12.75 13.89 8.31
C THR A 241 11.97 15.11 8.81
N ARG A 242 12.42 16.29 8.38
CA ARG A 242 11.81 17.58 8.74
C ARG A 242 11.28 18.26 7.47
N PRO A 243 10.05 17.91 7.07
CA PRO A 243 9.35 18.44 5.88
C PRO A 243 9.32 19.95 5.70
N GLU A 244 9.12 20.70 6.78
CA GLU A 244 9.06 22.15 6.69
C GLU A 244 10.20 22.72 5.84
N LEU A 245 11.36 22.06 5.87
CA LEU A 245 12.50 22.51 5.08
C LEU A 245 12.21 22.44 3.57
N TYR A 246 11.56 21.36 3.12
CA TYR A 246 11.22 21.22 1.71
C TYR A 246 10.13 22.22 1.37
N PHE A 247 9.11 22.30 2.21
CA PHE A 247 8.01 23.22 1.99
C PHE A 247 8.44 24.68 1.96
N VAL A 248 9.36 25.07 2.84
CA VAL A 248 9.85 26.45 2.88
C VAL A 248 10.46 26.85 1.53
N ASP A 249 11.38 26.04 1.01
CA ASP A 249 12.02 26.35 -0.27
C ASP A 249 11.00 26.54 -1.38
N VAL A 250 10.11 25.55 -1.53
CA VAL A 250 9.08 25.59 -2.55
C VAL A 250 8.24 26.86 -2.45
N LEU A 251 7.90 27.26 -1.23
CA LEU A 251 7.11 28.48 -1.05
C LEU A 251 7.87 29.70 -1.56
N ARG A 252 9.14 29.81 -1.17
CA ARG A 252 9.99 30.93 -1.60
C ARG A 252 9.87 31.13 -3.12
N SER A 253 10.22 30.07 -3.84
CA SER A 253 10.17 30.09 -5.30
C SER A 253 8.77 30.37 -5.85
N ALA A 254 7.73 30.01 -5.10
CA ALA A 254 6.36 30.25 -5.56
C ALA A 254 6.02 31.73 -5.43
N ILE A 255 6.36 32.30 -4.27
CA ILE A 255 6.11 33.71 -4.00
C ILE A 255 6.99 34.58 -4.89
N ASN A 256 8.30 34.36 -4.80
CA ASN A 256 9.26 35.11 -5.61
C ASN A 256 9.05 34.81 -7.10
N LYS A 257 8.00 34.05 -7.39
CA LYS A 257 7.65 33.63 -8.75
C LYS A 257 8.85 33.20 -9.60
N THR A 258 9.78 32.48 -8.96
CA THR A 258 10.98 31.99 -9.63
C THR A 258 11.03 30.47 -9.61
N GLY A 259 9.87 29.84 -9.82
CA GLY A 259 9.81 28.39 -9.82
C GLY A 259 8.90 27.83 -10.89
N THR A 260 8.94 26.51 -11.05
CA THR A 260 8.12 25.82 -12.04
C THR A 260 7.19 24.80 -11.38
N ASP A 261 6.76 25.12 -10.16
CA ASP A 261 5.86 24.25 -9.40
C ASP A 261 4.56 25.02 -9.21
N GLU A 262 3.66 24.86 -10.18
CA GLU A 262 2.38 25.56 -10.14
C GLU A 262 1.45 24.97 -9.09
N GLY A 263 0.76 25.87 -8.39
CA GLY A 263 -0.16 25.45 -7.34
C GLY A 263 0.48 25.40 -5.97
N ALA A 264 1.78 25.70 -5.93
CA ALA A 264 2.54 25.69 -4.68
C ALA A 264 1.84 26.29 -3.46
N LEU A 265 1.49 27.57 -3.53
CA LEU A 265 0.86 28.24 -2.40
C LEU A 265 -0.43 27.58 -1.94
N THR A 266 -1.40 27.50 -2.84
CA THR A 266 -2.69 26.88 -2.58
C THR A 266 -2.52 25.45 -2.06
N ARG A 267 -1.63 24.69 -2.69
CA ARG A 267 -1.39 23.31 -2.29
C ARG A 267 -0.92 23.16 -0.85
N ILE A 268 0.21 23.78 -0.52
CA ILE A 268 0.78 23.70 0.81
C ILE A 268 -0.15 24.30 1.88
N VAL A 269 -0.65 25.50 1.63
CA VAL A 269 -1.55 26.12 2.59
C VAL A 269 -2.75 25.22 2.89
N THR A 270 -3.42 24.76 1.85
CA THR A 270 -4.58 23.89 2.02
C THR A 270 -4.23 22.47 2.48
N THR A 271 -3.24 21.83 1.85
CA THR A 271 -2.89 20.48 2.25
C THR A 271 -2.06 20.36 3.52
N ARG A 272 -1.73 21.49 4.15
CA ARG A 272 -0.92 21.45 5.38
C ARG A 272 -1.49 22.27 6.54
N ALA A 273 -2.48 23.10 6.25
CA ALA A 273 -3.08 23.95 7.28
C ALA A 273 -3.53 23.14 8.49
N GLU A 274 -3.99 21.93 8.25
CA GLU A 274 -4.47 21.09 9.35
C GLU A 274 -3.41 20.12 9.83
N ILE A 275 -2.17 20.31 9.39
CA ILE A 275 -1.10 19.40 9.78
C ILE A 275 0.11 20.06 10.46
N ASP A 276 0.94 20.76 9.70
CA ASP A 276 2.12 21.38 10.30
C ASP A 276 2.47 22.75 9.74
N LEU A 277 1.52 23.39 9.07
CA LEU A 277 1.75 24.71 8.47
C LEU A 277 2.23 25.71 9.53
N LYS A 278 1.62 25.66 10.71
CA LYS A 278 2.00 26.57 11.78
C LYS A 278 3.48 26.46 12.13
N VAL A 279 4.14 25.45 11.57
CA VAL A 279 5.57 25.29 11.79
C VAL A 279 6.24 25.70 10.49
N ILE A 280 5.64 25.30 9.38
CA ILE A 280 6.18 25.64 8.06
C ILE A 280 6.41 27.16 7.98
N GLY A 281 5.47 27.93 8.50
CA GLY A 281 5.57 29.38 8.48
C GLY A 281 6.75 29.87 9.29
N GLU A 282 6.80 29.47 10.56
CA GLU A 282 7.89 29.86 11.45
C GLU A 282 9.23 29.65 10.75
N GLU A 283 9.32 28.61 9.93
CA GLU A 283 10.56 28.36 9.22
C GLU A 283 10.72 29.41 8.14
N TYR A 284 9.65 29.66 7.41
CA TYR A 284 9.69 30.65 6.35
C TYR A 284 10.06 31.99 6.98
N GLN A 285 9.62 32.20 8.23
CA GLN A 285 9.91 33.43 8.95
C GLN A 285 11.39 33.48 9.27
N ARG A 286 11.89 32.45 9.93
CA ARG A 286 13.28 32.38 10.30
C ARG A 286 14.18 32.46 9.07
N ARG A 287 14.13 31.42 8.25
CA ARG A 287 14.94 31.30 7.05
C ARG A 287 14.89 32.46 6.08
N ASN A 288 13.76 33.15 6.02
CA ASN A 288 13.63 34.27 5.09
C ASN A 288 13.62 35.62 5.77
N SER A 289 13.49 35.62 7.09
CA SER A 289 13.46 36.86 7.86
C SER A 289 12.08 37.51 7.77
N ILE A 290 11.22 36.96 6.91
CA ILE A 290 9.87 37.47 6.73
C ILE A 290 8.84 36.35 6.80
N PRO A 291 7.72 36.58 7.53
CA PRO A 291 6.64 35.60 7.69
C PRO A 291 5.80 35.43 6.41
N LEU A 292 5.37 34.21 6.12
CA LEU A 292 4.58 33.89 4.92
C LEU A 292 3.41 34.85 4.68
N GLU A 293 2.64 35.15 5.73
CA GLU A 293 1.49 36.03 5.60
C GLU A 293 1.89 37.37 4.97
N LYS A 294 3.09 37.86 5.31
CA LYS A 294 3.56 39.11 4.75
C LYS A 294 3.85 38.93 3.26
N ALA A 295 4.43 37.79 2.91
CA ALA A 295 4.72 37.50 1.52
C ALA A 295 3.37 37.42 0.79
N ILE A 296 2.33 37.01 1.52
CA ILE A 296 1.00 36.91 0.94
C ILE A 296 0.31 38.27 0.85
N THR A 297 0.91 39.31 1.42
CA THR A 297 0.32 40.65 1.36
C THR A 297 1.03 41.53 0.32
N LYS A 298 2.35 41.45 0.31
CA LYS A 298 3.19 42.18 -0.63
C LYS A 298 2.43 43.03 -1.65
N ASP A 299 1.97 42.40 -2.73
CA ASP A 299 1.26 43.12 -3.78
C ASP A 299 -0.22 42.75 -3.92
N THR A 300 -0.49 41.74 -4.74
CA THR A 300 -1.87 41.30 -4.96
C THR A 300 -2.51 40.92 -3.63
N ARG A 301 -3.81 41.16 -3.54
CA ARG A 301 -4.56 40.83 -2.33
C ARG A 301 -6.03 40.58 -2.65
N GLY A 302 -6.27 39.76 -3.67
CA GLY A 302 -7.64 39.42 -4.04
C GLY A 302 -8.15 38.38 -3.05
N ASP A 303 -9.43 38.07 -3.13
CA ASP A 303 -10.03 37.08 -2.22
C ASP A 303 -9.21 35.79 -2.20
N TYR A 304 -8.41 35.55 -3.24
CA TYR A 304 -7.56 34.38 -3.31
C TYR A 304 -6.47 34.45 -2.25
N GLU A 305 -5.80 35.60 -2.16
CA GLU A 305 -4.75 35.77 -1.16
C GLU A 305 -5.42 35.80 0.20
N LYS A 306 -6.62 36.35 0.23
CA LYS A 306 -7.39 36.44 1.45
C LYS A 306 -7.74 35.05 1.99
N MET A 307 -8.20 34.16 1.11
CA MET A 307 -8.54 32.82 1.56
C MET A 307 -7.28 32.16 2.13
N LEU A 308 -6.18 32.30 1.40
CA LEU A 308 -4.90 31.72 1.80
C LEU A 308 -4.46 32.21 3.17
N VAL A 309 -4.54 33.51 3.40
CA VAL A 309 -4.12 34.02 4.70
C VAL A 309 -5.09 33.53 5.76
N ALA A 310 -6.39 33.60 5.48
CA ALA A 310 -7.39 33.12 6.44
C ALA A 310 -7.10 31.65 6.81
N LEU A 311 -6.77 30.83 5.81
CA LEU A 311 -6.46 29.42 6.09
C LEU A 311 -5.29 29.35 7.06
N LEU A 312 -4.37 30.31 6.95
CA LEU A 312 -3.21 30.37 7.81
C LEU A 312 -3.55 31.00 9.17
N GLY A 313 -4.76 31.52 9.29
CA GLY A 313 -5.19 32.14 10.54
C GLY A 313 -5.02 33.64 10.51
N GLU A 314 -3.94 34.11 9.90
CA GLU A 314 -3.67 35.54 9.80
C GLU A 314 -4.71 36.17 8.86
N ASP A 315 -5.96 36.19 9.29
CA ASP A 315 -7.06 36.76 8.51
C ASP A 315 -6.78 38.17 7.99
N ASP A 316 -6.10 38.99 8.79
CA ASP A 316 -5.79 40.36 8.42
C ASP A 316 -4.28 40.59 8.28
N ALA A 317 -3.52 39.53 8.07
CA ALA A 317 -2.07 39.66 7.93
C ALA A 317 -1.50 38.81 6.80
N SER B 1 -17.05 -21.33 -3.35
CA SER B 1 -15.64 -21.79 -3.50
C SER B 1 -15.08 -22.30 -2.17
N ALA B 2 -15.85 -22.11 -1.09
CA ALA B 2 -15.42 -22.54 0.23
C ALA B 2 -15.75 -24.02 0.53
N THR B 3 -14.87 -24.65 1.30
CA THR B 3 -15.05 -26.06 1.68
C THR B 3 -15.60 -26.15 3.10
N LEU B 4 -15.35 -25.10 3.89
CA LEU B 4 -15.79 -25.02 5.28
C LEU B 4 -17.30 -25.17 5.46
N LYS B 5 -17.69 -25.95 6.46
CA LYS B 5 -19.11 -26.16 6.76
C LYS B 5 -19.52 -25.37 8.00
N VAL B 6 -20.28 -24.31 7.81
CA VAL B 6 -20.72 -23.48 8.92
C VAL B 6 -22.22 -23.61 9.13
N SER B 7 -22.61 -24.38 10.13
CA SER B 7 -24.03 -24.58 10.44
C SER B 7 -24.57 -23.51 11.37
N ASP B 8 -25.88 -23.31 11.33
CA ASP B 8 -26.53 -22.32 12.18
C ASP B 8 -26.73 -22.93 13.56
N SER B 9 -27.39 -22.18 14.45
CA SER B 9 -27.64 -22.65 15.81
C SER B 9 -26.31 -22.85 16.55
N VAL B 10 -25.44 -21.86 16.46
CA VAL B 10 -24.14 -21.89 17.11
C VAL B 10 -24.15 -21.24 18.50
N PRO B 11 -23.34 -21.77 19.43
CA PRO B 11 -23.27 -21.24 20.80
C PRO B 11 -22.41 -19.98 20.92
N ALA B 12 -22.59 -19.25 22.01
CA ALA B 12 -21.84 -18.01 22.27
C ALA B 12 -20.35 -18.29 22.34
N PRO B 13 -19.52 -17.34 21.85
CA PRO B 13 -18.08 -17.53 21.87
C PRO B 13 -17.59 -17.94 23.27
N SER B 14 -18.09 -17.25 24.28
CA SER B 14 -17.71 -17.55 25.65
C SER B 14 -18.02 -19.00 25.99
N ASP B 15 -18.95 -19.59 25.24
CA ASP B 15 -19.34 -20.99 25.45
C ASP B 15 -18.32 -21.92 24.81
N ASP B 16 -18.08 -21.72 23.51
CA ASP B 16 -17.10 -22.55 22.82
C ASP B 16 -15.77 -22.35 23.54
N ALA B 17 -15.58 -21.16 24.09
CA ALA B 17 -14.37 -20.82 24.81
C ALA B 17 -14.35 -21.57 26.13
N GLU B 18 -15.46 -21.54 26.85
CA GLU B 18 -15.55 -22.23 28.13
C GLU B 18 -15.63 -23.75 27.96
N GLN B 19 -15.34 -24.20 26.75
CA GLN B 19 -15.33 -25.62 26.42
C GLN B 19 -14.01 -25.95 25.71
N LEU B 20 -13.44 -24.96 25.03
CA LEU B 20 -12.16 -25.14 24.36
C LEU B 20 -11.12 -25.17 25.47
N ARG B 21 -11.46 -24.52 26.57
CA ARG B 21 -10.63 -24.44 27.77
C ARG B 21 -10.36 -25.86 28.28
N THR B 22 -11.43 -26.64 28.40
CA THR B 22 -11.34 -28.01 28.87
C THR B 22 -10.38 -28.85 28.02
N ALA B 23 -10.13 -28.39 26.79
CA ALA B 23 -9.24 -29.10 25.87
C ALA B 23 -7.85 -28.45 25.82
N GLU B 31 -8.52 -34.11 20.67
CA GLU B 31 -8.43 -33.40 19.41
C GLU B 31 -9.77 -33.40 18.68
N ASP B 32 -10.50 -34.51 18.78
CA ASP B 32 -11.79 -34.65 18.14
C ASP B 32 -12.71 -33.49 18.52
N LEU B 33 -12.67 -33.11 19.79
CA LEU B 33 -13.49 -32.01 20.30
C LEU B 33 -12.98 -30.70 19.70
N ILE B 34 -11.70 -30.69 19.34
CA ILE B 34 -11.09 -29.52 18.74
C ILE B 34 -11.46 -29.48 17.26
N ILE B 35 -11.66 -30.65 16.67
CA ILE B 35 -12.02 -30.76 15.27
C ILE B 35 -13.53 -30.85 15.09
N SER B 36 -14.26 -30.10 15.92
CA SER B 36 -15.73 -30.09 15.83
C SER B 36 -16.32 -28.74 16.27
N ILE B 37 -15.54 -27.95 17.00
CA ILE B 37 -16.01 -26.65 17.47
C ILE B 37 -15.51 -25.50 16.60
N LEU B 38 -14.21 -25.50 16.33
CA LEU B 38 -13.59 -24.45 15.54
C LEU B 38 -13.52 -24.74 14.05
N ALA B 39 -13.86 -25.97 13.66
CA ALA B 39 -13.81 -26.35 12.26
C ALA B 39 -15.14 -26.17 11.56
N HIS B 40 -16.09 -25.48 12.19
CA HIS B 40 -17.39 -25.26 11.58
C HIS B 40 -17.95 -23.85 11.76
N ARG B 41 -17.29 -23.04 12.56
CA ARG B 41 -17.74 -21.69 12.81
C ARG B 41 -17.08 -20.71 11.82
N SER B 42 -17.79 -19.65 11.44
CA SER B 42 -17.25 -18.67 10.53
C SER B 42 -15.99 -18.03 11.11
N ALA B 43 -15.07 -17.63 10.24
CA ALA B 43 -13.79 -17.04 10.63
C ALA B 43 -13.92 -15.90 11.66
N GLU B 44 -15.09 -15.28 11.72
CA GLU B 44 -15.31 -14.19 12.65
C GLU B 44 -15.77 -14.75 13.99
N GLN B 45 -16.43 -15.90 13.96
CA GLN B 45 -16.89 -16.52 15.19
C GLN B 45 -15.67 -17.01 15.97
N ARG B 46 -14.73 -17.61 15.26
CA ARG B 46 -13.51 -18.10 15.89
C ARG B 46 -12.78 -16.92 16.51
N LYS B 47 -12.76 -15.83 15.77
CA LYS B 47 -12.12 -14.59 16.22
C LYS B 47 -12.77 -14.11 17.50
N VAL B 48 -14.09 -14.20 17.56
CA VAL B 48 -14.83 -13.76 18.75
C VAL B 48 -14.59 -14.72 19.91
N ILE B 49 -14.39 -16.00 19.60
CA ILE B 49 -14.14 -16.99 20.65
C ILE B 49 -12.80 -16.65 21.32
N ARG B 50 -11.79 -16.33 20.54
CA ARG B 50 -10.49 -15.96 21.10
C ARG B 50 -10.73 -14.80 22.05
N GLN B 51 -11.60 -13.89 21.62
CA GLN B 51 -11.94 -12.72 22.41
C GLN B 51 -12.57 -13.15 23.73
N ALA B 52 -13.71 -13.83 23.65
CA ALA B 52 -14.40 -14.30 24.84
C ALA B 52 -13.45 -15.07 25.72
N TYR B 53 -12.78 -16.06 25.14
CA TYR B 53 -11.83 -16.88 25.87
C TYR B 53 -10.79 -16.04 26.58
N HIS B 54 -10.36 -14.96 25.93
CA HIS B 54 -9.35 -14.07 26.49
C HIS B 54 -9.87 -13.26 27.68
N GLU B 55 -11.10 -12.77 27.58
CA GLU B 55 -11.71 -11.99 28.65
C GLU B 55 -12.04 -12.88 29.83
N THR B 56 -12.60 -14.04 29.52
CA THR B 56 -13.01 -15.00 30.54
C THR B 56 -11.84 -15.56 31.35
N TYR B 57 -10.70 -15.76 30.71
CA TYR B 57 -9.54 -16.32 31.41
C TYR B 57 -8.32 -15.41 31.37
N GLY B 58 -8.53 -14.12 31.14
CA GLY B 58 -7.44 -13.18 31.07
C GLY B 58 -6.27 -13.74 30.28
N GLU B 59 -6.58 -14.41 29.18
CA GLU B 59 -5.57 -15.04 28.33
C GLU B 59 -6.21 -15.64 27.07
N ASP B 60 -5.55 -15.48 25.92
CA ASP B 60 -6.09 -16.02 24.67
C ASP B 60 -5.77 -17.49 24.44
N LEU B 61 -6.71 -18.19 23.82
CA LEU B 61 -6.60 -19.60 23.51
C LEU B 61 -5.40 -19.93 22.62
N LEU B 62 -4.98 -18.99 21.77
CA LEU B 62 -3.87 -19.23 20.87
C LEU B 62 -2.50 -18.89 21.46
N LYS B 63 -2.52 -18.22 22.61
CA LYS B 63 -1.28 -17.84 23.30
C LYS B 63 -0.34 -19.02 23.47
N THR B 64 -0.83 -20.04 24.17
CA THR B 64 -0.06 -21.25 24.44
C THR B 64 0.50 -21.92 23.19
N LEU B 65 -0.24 -21.85 22.08
CA LEU B 65 0.19 -22.49 20.84
C LEU B 65 0.94 -21.60 19.85
N ASP B 66 1.18 -20.34 20.22
CA ASP B 66 1.88 -19.43 19.34
C ASP B 66 3.20 -18.93 19.94
N SER B 70 7.87 -26.53 18.48
CA SER B 70 6.56 -26.44 17.85
C SER B 70 5.91 -27.81 17.74
N ASN B 71 5.01 -27.98 16.77
CA ASN B 71 4.32 -29.24 16.58
C ASN B 71 3.54 -29.24 15.27
N ASP B 72 3.29 -30.44 14.74
CA ASP B 72 2.56 -30.61 13.48
C ASP B 72 1.04 -30.57 13.69
N PHE B 73 0.63 -30.20 14.90
CA PHE B 73 -0.79 -30.09 15.22
C PHE B 73 -1.10 -28.69 15.72
N GLU B 74 -0.28 -28.20 16.65
CA GLU B 74 -0.43 -26.86 17.21
C GLU B 74 -0.09 -25.84 16.12
N ARG B 75 0.12 -26.36 14.91
CA ARG B 75 0.48 -25.57 13.75
C ARG B 75 -0.70 -25.46 12.79
N ALA B 76 -1.75 -26.24 13.05
CA ALA B 76 -2.94 -26.23 12.22
C ALA B 76 -4.07 -25.52 12.98
N ILE B 77 -3.88 -25.37 14.29
CA ILE B 77 -4.85 -24.69 15.13
C ILE B 77 -4.58 -23.19 14.97
N LEU B 78 -3.29 -22.86 15.04
CA LEU B 78 -2.81 -21.49 14.93
C LEU B 78 -3.13 -20.93 13.54
N LEU B 79 -2.64 -21.62 12.51
CA LEU B 79 -2.85 -21.21 11.14
C LEU B 79 -4.30 -21.44 10.72
N TRP B 80 -5.20 -21.23 11.67
CA TRP B 80 -6.63 -21.41 11.41
C TRP B 80 -7.51 -20.54 12.31
N THR B 81 -7.10 -20.38 13.56
CA THR B 81 -7.87 -19.59 14.51
C THR B 81 -7.41 -18.13 14.55
N LEU B 82 -6.27 -17.86 13.96
CA LEU B 82 -5.77 -16.49 13.90
C LEU B 82 -6.60 -15.80 12.81
N GLU B 83 -6.60 -14.47 12.82
CA GLU B 83 -7.31 -13.71 11.81
C GLU B 83 -6.41 -13.75 10.58
N PRO B 84 -7.00 -14.07 9.42
CA PRO B 84 -6.27 -14.16 8.15
C PRO B 84 -5.08 -13.22 7.97
N GLY B 85 -5.20 -11.99 8.45
CA GLY B 85 -4.12 -11.03 8.33
C GLY B 85 -2.88 -11.46 9.11
N GLU B 86 -3.06 -11.76 10.39
CA GLU B 86 -1.95 -12.19 11.23
C GLU B 86 -1.46 -13.53 10.68
N ARG B 87 -2.41 -14.38 10.28
CA ARG B 87 -2.08 -15.68 9.72
C ARG B 87 -1.10 -15.52 8.57
N ASP B 88 -1.48 -14.70 7.58
CA ASP B 88 -0.62 -14.46 6.43
C ASP B 88 0.62 -13.70 6.83
N ALA B 89 0.56 -13.01 7.97
CA ALA B 89 1.70 -12.26 8.47
C ALA B 89 2.78 -13.26 8.91
N LEU B 90 2.37 -14.29 9.65
CA LEU B 90 3.30 -15.31 10.11
C LEU B 90 3.93 -16.03 8.92
N LEU B 91 3.10 -16.36 7.93
CA LEU B 91 3.57 -17.05 6.72
C LEU B 91 4.60 -16.22 5.96
N ALA B 92 4.26 -14.97 5.66
CA ALA B 92 5.15 -14.07 4.93
C ALA B 92 6.40 -13.75 5.75
N ASN B 93 6.24 -13.55 7.05
CA ASN B 93 7.38 -13.26 7.90
C ASN B 93 8.36 -14.43 7.94
N GLU B 94 7.85 -15.64 8.13
CA GLU B 94 8.72 -16.82 8.18
C GLU B 94 9.40 -17.07 6.84
N ALA B 95 8.66 -16.88 5.75
CA ALA B 95 9.20 -17.10 4.42
C ALA B 95 10.38 -16.16 4.14
N THR B 96 10.31 -14.94 4.65
CA THR B 96 11.37 -13.96 4.45
C THR B 96 12.57 -14.30 5.32
N LYS B 97 12.30 -14.79 6.52
CA LYS B 97 13.36 -15.16 7.47
C LYS B 97 14.18 -16.36 7.01
N ARG B 98 13.60 -17.17 6.14
CA ARG B 98 14.30 -18.35 5.63
C ARG B 98 14.10 -18.43 4.13
N TRP B 99 14.17 -17.28 3.49
CA TRP B 99 13.97 -17.15 2.06
C TRP B 99 15.09 -17.72 1.19
N THR B 100 14.72 -18.22 0.03
CA THR B 100 15.66 -18.74 -0.95
C THR B 100 15.04 -18.45 -2.31
N SER B 101 15.88 -18.33 -3.32
CA SER B 101 15.42 -18.06 -4.69
C SER B 101 14.25 -18.93 -5.10
N SER B 102 14.11 -20.09 -4.47
CA SER B 102 13.03 -21.02 -4.81
C SER B 102 11.78 -20.86 -3.99
N ASN B 103 11.86 -20.08 -2.91
CA ASN B 103 10.70 -19.86 -2.07
C ASN B 103 9.78 -18.86 -2.77
N GLN B 104 8.54 -19.29 -3.02
CA GLN B 104 7.58 -18.44 -3.71
C GLN B 104 6.38 -18.07 -2.85
N VAL B 105 6.50 -18.22 -1.54
CA VAL B 105 5.40 -17.88 -0.65
C VAL B 105 5.01 -16.40 -0.67
N LEU B 106 6.01 -15.52 -0.67
CA LEU B 106 5.76 -14.08 -0.71
C LEU B 106 5.00 -13.72 -1.99
N MET B 107 5.21 -14.50 -3.05
CA MET B 107 4.51 -14.27 -4.31
C MET B 107 3.10 -14.80 -4.12
N GLU B 108 2.99 -15.92 -3.40
CA GLU B 108 1.71 -16.54 -3.18
C GLU B 108 0.76 -15.56 -2.47
N VAL B 109 1.16 -15.08 -1.30
CA VAL B 109 0.35 -14.14 -0.54
C VAL B 109 0.18 -12.82 -1.31
N ALA B 110 1.08 -12.54 -2.24
CA ALA B 110 1.01 -11.30 -3.01
C ALA B 110 0.14 -11.33 -4.26
N CYS B 111 0.04 -12.51 -4.89
CA CYS B 111 -0.75 -12.63 -6.12
C CYS B 111 -2.05 -13.39 -5.93
N THR B 112 -2.16 -14.14 -4.84
CA THR B 112 -3.39 -14.88 -4.62
C THR B 112 -4.28 -14.12 -3.65
N ARG B 113 -3.69 -13.14 -2.96
CA ARG B 113 -4.45 -12.32 -2.04
C ARG B 113 -5.02 -11.14 -2.78
N THR B 114 -6.19 -10.69 -2.33
CA THR B 114 -6.84 -9.54 -2.92
C THR B 114 -6.07 -8.30 -2.45
N SER B 115 -6.30 -7.16 -3.10
CA SER B 115 -5.63 -5.93 -2.72
C SER B 115 -5.74 -5.80 -1.21
N THR B 116 -6.98 -5.84 -0.74
CA THR B 116 -7.29 -5.72 0.70
C THR B 116 -6.65 -6.81 1.54
N GLN B 117 -6.38 -7.97 0.94
CA GLN B 117 -5.73 -9.06 1.68
C GLN B 117 -4.26 -8.75 1.86
N LEU B 118 -3.52 -8.76 0.76
CA LEU B 118 -2.09 -8.46 0.81
C LEU B 118 -1.94 -7.22 1.69
N LEU B 119 -2.93 -6.33 1.61
CA LEU B 119 -2.93 -5.11 2.39
C LEU B 119 -3.15 -5.42 3.87
N HIS B 120 -4.36 -5.85 4.22
CA HIS B 120 -4.69 -6.18 5.59
C HIS B 120 -3.63 -7.02 6.29
N ALA B 121 -2.83 -7.73 5.51
CA ALA B 121 -1.76 -8.55 6.10
C ALA B 121 -0.58 -7.64 6.45
N ARG B 122 -0.32 -6.65 5.59
CA ARG B 122 0.78 -5.71 5.81
C ARG B 122 0.67 -4.96 7.13
N GLN B 123 -0.57 -4.81 7.60
CA GLN B 123 -0.81 -4.11 8.86
C GLN B 123 -0.51 -5.04 10.03
N ALA B 124 -1.04 -6.26 9.93
CA ALA B 124 -0.82 -7.27 10.94
C ALA B 124 0.69 -7.50 11.07
N TYR B 125 1.39 -7.23 9.97
CA TYR B 125 2.83 -7.41 9.94
C TYR B 125 3.50 -6.29 10.76
N HIS B 126 2.86 -5.13 10.80
CA HIS B 126 3.40 -4.02 11.57
C HIS B 126 3.13 -4.22 13.06
N ALA B 127 1.91 -4.65 13.38
CA ALA B 127 1.50 -4.83 14.77
C ALA B 127 2.31 -5.88 15.50
N ARG B 128 2.58 -6.98 14.83
CA ARG B 128 3.34 -8.07 15.45
C ARG B 128 4.82 -7.97 15.17
N TYR B 129 5.22 -7.11 14.23
CA TYR B 129 6.64 -7.04 13.89
C TYR B 129 7.36 -5.68 13.87
N LYS B 130 6.62 -4.58 13.88
CA LYS B 130 7.24 -3.25 13.88
C LYS B 130 8.21 -3.03 12.72
N LYS B 131 7.78 -3.39 11.52
CA LYS B 131 8.59 -3.25 10.30
C LYS B 131 7.65 -3.33 9.09
N SER B 132 8.14 -2.92 7.91
CA SER B 132 7.30 -2.98 6.72
C SER B 132 7.55 -4.32 6.05
N LEU B 133 6.47 -5.04 5.75
CA LEU B 133 6.59 -6.34 5.09
C LEU B 133 7.64 -6.27 3.98
N GLU B 134 7.62 -5.18 3.21
CA GLU B 134 8.57 -5.02 2.11
C GLU B 134 9.97 -4.53 2.52
N GLU B 135 10.11 -3.94 3.70
CA GLU B 135 11.44 -3.50 4.10
C GLU B 135 12.19 -4.78 4.48
N ASP B 136 11.44 -5.83 4.85
CA ASP B 136 12.03 -7.12 5.18
C ASP B 136 12.19 -7.92 3.88
N VAL B 137 11.20 -7.82 3.00
CA VAL B 137 11.26 -8.54 1.73
C VAL B 137 12.34 -7.91 0.86
N ALA B 138 12.41 -6.59 0.90
CA ALA B 138 13.42 -5.90 0.11
C ALA B 138 14.77 -6.24 0.72
N HIS B 139 14.79 -6.37 2.04
CA HIS B 139 16.01 -6.68 2.78
C HIS B 139 16.56 -8.10 2.54
N HIS B 140 15.71 -9.09 2.75
CA HIS B 140 16.13 -10.48 2.61
C HIS B 140 15.97 -11.23 1.29
N THR B 141 15.49 -10.59 0.22
CA THR B 141 15.36 -11.29 -1.06
C THR B 141 16.52 -10.90 -1.98
N THR B 142 16.73 -11.66 -3.03
CA THR B 142 17.83 -11.37 -3.94
C THR B 142 17.51 -11.52 -5.44
N GLY B 143 18.38 -10.96 -6.27
CA GLY B 143 18.22 -11.03 -7.70
C GLY B 143 16.86 -10.59 -8.21
N ASP B 144 16.57 -10.95 -9.45
CA ASP B 144 15.30 -10.59 -10.09
C ASP B 144 14.14 -10.83 -9.14
N PHE B 145 14.36 -11.70 -8.16
CA PHE B 145 13.34 -12.01 -7.18
C PHE B 145 12.90 -10.75 -6.43
N ARG B 146 13.86 -9.96 -5.96
CA ARG B 146 13.51 -8.74 -5.23
C ARG B 146 12.81 -7.78 -6.16
N LYS B 147 13.15 -7.83 -7.44
CA LYS B 147 12.53 -6.95 -8.41
C LYS B 147 11.03 -7.27 -8.52
N LEU B 148 10.68 -8.54 -8.33
CA LEU B 148 9.28 -8.95 -8.40
C LEU B 148 8.64 -9.06 -7.03
N LEU B 149 9.39 -9.61 -6.08
CA LEU B 149 8.88 -9.76 -4.73
C LEU B 149 8.73 -8.45 -3.95
N VAL B 150 9.24 -7.35 -4.49
CA VAL B 150 9.11 -6.06 -3.82
C VAL B 150 7.99 -5.27 -4.50
N SER B 151 7.79 -5.50 -5.78
CA SER B 151 6.72 -4.83 -6.51
C SER B 151 5.37 -5.47 -6.21
N LEU B 152 5.37 -6.80 -6.05
CA LEU B 152 4.14 -7.52 -5.77
C LEU B 152 3.57 -7.25 -4.38
N VAL B 153 4.40 -7.35 -3.35
CA VAL B 153 3.93 -7.12 -1.98
C VAL B 153 3.42 -5.70 -1.71
N THR B 154 3.89 -4.72 -2.48
CA THR B 154 3.44 -3.35 -2.27
C THR B 154 2.24 -2.92 -3.11
N SER B 155 1.68 -3.86 -3.89
CA SER B 155 0.53 -3.54 -4.73
C SER B 155 -0.72 -3.15 -3.96
N TYR B 156 -1.56 -2.37 -4.62
CA TYR B 156 -2.84 -1.95 -4.08
C TYR B 156 -3.64 -1.39 -5.26
N ARG B 157 -4.16 -2.30 -6.07
CA ARG B 157 -4.92 -1.97 -7.27
C ARG B 157 -6.43 -1.86 -7.13
N TYR B 158 -7.05 -1.29 -8.15
CA TYR B 158 -8.49 -1.12 -8.22
C TYR B 158 -8.99 -2.48 -8.69
N GLU B 159 -9.80 -3.13 -7.86
CA GLU B 159 -10.33 -4.44 -8.12
C GLU B 159 -11.57 -4.47 -9.02
N GLY B 160 -11.87 -3.33 -9.64
CA GLY B 160 -13.00 -3.27 -10.55
C GLY B 160 -12.64 -3.99 -11.83
N ASP B 161 -13.63 -4.27 -12.67
CA ASP B 161 -13.40 -5.00 -13.91
C ASP B 161 -13.26 -4.20 -15.20
N GLU B 162 -13.01 -2.90 -15.11
CA GLU B 162 -12.84 -2.10 -16.31
C GLU B 162 -11.61 -2.62 -17.06
N VAL B 163 -11.72 -2.71 -18.38
CA VAL B 163 -10.61 -3.20 -19.18
C VAL B 163 -10.27 -2.19 -20.25
N ASN B 164 -8.99 -2.14 -20.63
CA ASN B 164 -8.55 -1.23 -21.67
C ASN B 164 -7.83 -2.08 -22.72
N MET B 165 -8.62 -2.70 -23.59
CA MET B 165 -8.08 -3.56 -24.64
C MET B 165 -6.93 -2.92 -25.41
N THR B 166 -7.02 -1.62 -25.66
CA THR B 166 -5.97 -0.92 -26.39
C THR B 166 -4.62 -1.06 -25.66
N LEU B 167 -4.58 -0.60 -24.42
CA LEU B 167 -3.38 -0.68 -23.60
C LEU B 167 -3.07 -2.16 -23.38
N ALA B 168 -4.13 -2.95 -23.27
CA ALA B 168 -4.01 -4.39 -23.05
C ALA B 168 -3.26 -5.08 -24.19
N LYS B 169 -3.36 -4.50 -25.38
CA LYS B 169 -2.69 -5.09 -26.55
C LYS B 169 -1.30 -4.50 -26.72
N GLN B 170 -1.14 -3.23 -26.35
CA GLN B 170 0.18 -2.58 -26.44
C GLN B 170 1.13 -3.22 -25.44
N GLU B 171 0.67 -3.37 -24.21
CA GLU B 171 1.51 -3.97 -23.18
C GLU B 171 1.73 -5.43 -23.51
N ALA B 172 0.84 -5.99 -24.30
CA ALA B 172 0.97 -7.39 -24.72
C ALA B 172 2.16 -7.49 -25.66
N LYS B 173 2.41 -6.41 -26.41
CA LYS B 173 3.54 -6.37 -27.33
C LYS B 173 4.86 -6.40 -26.57
N LEU B 174 4.98 -5.56 -25.57
CA LEU B 174 6.20 -5.52 -24.76
C LEU B 174 6.44 -6.87 -24.11
N VAL B 175 5.44 -7.35 -23.36
CA VAL B 175 5.57 -8.63 -22.68
C VAL B 175 6.05 -9.70 -23.65
N HIS B 176 5.68 -9.56 -24.92
CA HIS B 176 6.07 -10.54 -25.90
C HIS B 176 7.46 -10.30 -26.47
N GLU B 177 7.70 -9.09 -26.94
CA GLU B 177 9.00 -8.75 -27.51
C GLU B 177 10.15 -9.09 -26.56
N LYS B 178 9.89 -8.94 -25.26
CA LYS B 178 10.90 -9.24 -24.26
C LYS B 178 10.97 -10.72 -23.95
N ILE B 179 9.82 -11.39 -23.95
CA ILE B 179 9.78 -12.81 -23.65
C ILE B 179 10.42 -13.63 -24.78
N LYS B 180 10.16 -13.25 -26.03
CA LYS B 180 10.71 -13.95 -27.17
C LYS B 180 12.24 -14.04 -27.08
N ASP B 181 12.87 -13.01 -26.52
CA ASP B 181 14.33 -13.01 -26.37
C ASP B 181 14.73 -13.48 -24.97
N LYS B 182 13.73 -13.92 -24.20
CA LYS B 182 13.94 -14.44 -22.86
C LYS B 182 14.33 -13.44 -21.76
N HIS B 183 13.92 -12.18 -21.92
CA HIS B 183 14.20 -11.18 -20.91
C HIS B 183 13.05 -11.11 -19.91
N TYR B 184 12.95 -12.16 -19.08
CA TYR B 184 11.89 -12.27 -18.09
C TYR B 184 11.91 -11.13 -17.08
N ASN B 185 13.04 -10.94 -16.41
CA ASN B 185 13.16 -9.88 -15.41
C ASN B 185 12.87 -8.46 -15.89
N ASP B 186 12.44 -8.33 -17.13
CA ASP B 186 12.13 -7.02 -17.69
C ASP B 186 11.18 -6.21 -16.80
N GLU B 187 11.52 -4.95 -16.59
CA GLU B 187 10.74 -4.05 -15.76
C GLU B 187 9.25 -3.97 -16.13
N ASP B 188 8.95 -3.62 -17.37
CA ASP B 188 7.56 -3.53 -17.81
C ASP B 188 6.77 -4.79 -17.48
N VAL B 189 7.40 -5.94 -17.65
CA VAL B 189 6.76 -7.22 -17.33
C VAL B 189 6.43 -7.22 -15.84
N ILE B 190 7.46 -7.07 -15.02
CA ILE B 190 7.28 -7.07 -13.57
C ILE B 190 6.34 -5.95 -13.12
N ARG B 191 6.40 -4.80 -13.77
CA ARG B 191 5.55 -3.67 -13.42
C ARG B 191 4.07 -4.06 -13.48
N ILE B 192 3.56 -4.18 -14.70
CA ILE B 192 2.17 -4.52 -14.97
C ILE B 192 1.58 -5.59 -14.02
N LEU B 193 2.35 -6.66 -13.80
CA LEU B 193 1.93 -7.76 -12.93
C LEU B 193 1.54 -7.36 -11.51
N SER B 194 2.20 -6.34 -10.97
CA SER B 194 1.90 -5.88 -9.62
C SER B 194 1.25 -4.49 -9.60
N THR B 195 0.84 -4.02 -10.77
CA THR B 195 0.24 -2.70 -10.87
C THR B 195 -1.15 -2.64 -11.50
N ARG B 196 -1.38 -3.34 -12.60
CA ARG B 196 -2.71 -3.30 -13.23
C ARG B 196 -3.73 -4.13 -12.45
N SER B 197 -4.98 -4.07 -12.88
CA SER B 197 -6.00 -4.84 -12.20
C SER B 197 -5.88 -6.25 -12.77
N LYS B 198 -6.26 -7.24 -11.99
CA LYS B 198 -6.16 -8.62 -12.47
C LYS B 198 -6.93 -8.85 -13.77
N ALA B 199 -7.87 -7.94 -14.07
CA ALA B 199 -8.67 -8.02 -15.29
C ALA B 199 -7.92 -7.43 -16.48
N GLN B 200 -7.16 -6.37 -16.20
CA GLN B 200 -6.39 -5.69 -17.23
C GLN B 200 -5.30 -6.61 -17.76
N ILE B 201 -4.70 -7.39 -16.87
CA ILE B 201 -3.64 -8.33 -17.20
C ILE B 201 -4.21 -9.61 -17.83
N ASN B 202 -5.29 -10.13 -17.25
CA ASN B 202 -5.94 -11.32 -17.76
C ASN B 202 -6.27 -11.06 -19.22
N ALA B 203 -6.47 -9.78 -19.55
CA ALA B 203 -6.77 -9.39 -20.91
C ALA B 203 -5.48 -9.34 -21.71
N THR B 204 -4.46 -8.68 -21.14
CA THR B 204 -3.17 -8.56 -21.82
C THR B 204 -2.71 -9.91 -22.34
N PHE B 205 -2.79 -10.94 -21.49
CA PHE B 205 -2.38 -12.26 -21.89
C PHE B 205 -3.36 -12.89 -22.91
N ASN B 206 -4.65 -12.66 -22.73
CA ASN B 206 -5.63 -13.19 -23.68
C ASN B 206 -5.33 -12.56 -25.03
N ARG B 207 -4.97 -11.27 -24.99
CA ARG B 207 -4.63 -10.54 -26.20
C ARG B 207 -3.23 -10.97 -26.65
N TYR B 208 -2.48 -11.56 -25.72
CA TYR B 208 -1.13 -12.04 -26.02
C TYR B 208 -1.26 -13.26 -26.93
N GLN B 209 -2.13 -14.19 -26.55
CA GLN B 209 -2.33 -15.40 -27.34
C GLN B 209 -2.91 -15.11 -28.72
N ASP B 210 -3.83 -14.16 -28.79
CA ASP B 210 -4.44 -13.81 -30.07
C ASP B 210 -3.43 -13.04 -30.93
N ASP B 211 -2.63 -12.19 -30.29
CA ASP B 211 -1.62 -11.41 -31.01
C ASP B 211 -0.46 -12.26 -31.51
N HIS B 212 -0.07 -13.26 -30.71
CA HIS B 212 1.05 -14.12 -31.09
C HIS B 212 0.77 -15.59 -30.75
N GLY B 213 0.10 -16.26 -31.67
CA GLY B 213 -0.23 -17.67 -31.52
C GLY B 213 -0.23 -18.23 -30.11
N GLU B 214 0.88 -18.84 -29.73
CA GLU B 214 1.02 -19.46 -28.41
C GLU B 214 0.42 -18.64 -27.27
N GLU B 215 0.19 -19.32 -26.16
CA GLU B 215 -0.38 -18.70 -24.97
C GLU B 215 0.78 -18.41 -24.02
N ILE B 216 0.65 -17.35 -23.22
CA ILE B 216 1.70 -16.93 -22.28
C ILE B 216 2.44 -18.08 -21.57
N LEU B 217 1.73 -18.91 -20.83
CA LEU B 217 2.39 -20.02 -20.16
C LEU B 217 3.13 -20.88 -21.16
N LYS B 218 2.44 -21.26 -22.25
CA LYS B 218 3.08 -22.08 -23.28
C LYS B 218 4.41 -21.43 -23.65
N SER B 219 4.33 -20.13 -23.91
CA SER B 219 5.50 -19.33 -24.27
C SER B 219 6.61 -19.54 -23.25
N LEU B 220 6.23 -19.63 -21.98
CA LEU B 220 7.19 -19.83 -20.88
C LEU B 220 7.42 -21.31 -20.55
N GLU B 221 7.28 -22.20 -21.53
CA GLU B 221 7.49 -23.63 -21.32
C GLU B 221 8.87 -24.05 -21.82
N GLU B 222 9.23 -23.55 -23.00
CA GLU B 222 10.52 -23.85 -23.62
C GLU B 222 11.66 -23.42 -22.72
N GLY B 223 11.42 -22.38 -21.92
CA GLY B 223 12.43 -21.86 -21.03
C GLY B 223 13.11 -22.91 -20.18
N ASP B 224 14.25 -22.55 -19.60
CA ASP B 224 15.02 -23.44 -18.76
C ASP B 224 14.36 -23.66 -17.41
N ASP B 225 14.24 -24.91 -17.01
CA ASP B 225 13.62 -25.27 -15.74
C ASP B 225 14.51 -24.99 -14.54
N ASP B 226 15.80 -24.80 -14.80
CA ASP B 226 16.76 -24.51 -13.74
C ASP B 226 16.59 -23.06 -13.30
N ASP B 227 16.02 -22.23 -14.16
CA ASP B 227 15.80 -20.82 -13.87
C ASP B 227 14.66 -20.70 -12.85
N LYS B 228 15.03 -20.39 -11.60
CA LYS B 228 14.06 -20.27 -10.51
C LYS B 228 13.19 -19.01 -10.62
N PHE B 229 13.68 -17.98 -11.29
CA PHE B 229 12.89 -16.77 -11.44
C PHE B 229 11.75 -17.07 -12.39
N LEU B 230 12.11 -17.60 -13.57
CA LEU B 230 11.12 -17.98 -14.58
C LEU B 230 10.02 -18.77 -13.91
N ALA B 231 10.45 -19.76 -13.13
CA ALA B 231 9.54 -20.62 -12.40
C ALA B 231 8.61 -19.73 -11.57
N LEU B 232 9.21 -18.79 -10.84
CA LEU B 232 8.47 -17.87 -9.98
C LEU B 232 7.55 -16.98 -10.81
N LEU B 233 8.07 -16.49 -11.93
CA LEU B 233 7.28 -15.63 -12.82
C LEU B 233 6.01 -16.41 -13.19
N ARG B 234 6.18 -17.70 -13.45
CA ARG B 234 5.06 -18.57 -13.82
C ARG B 234 3.96 -18.58 -12.78
N SER B 235 4.31 -18.89 -11.53
CA SER B 235 3.33 -18.92 -10.45
C SER B 235 2.60 -17.59 -10.27
N THR B 236 3.31 -16.49 -10.54
CA THR B 236 2.74 -15.16 -10.41
C THR B 236 1.64 -14.99 -11.46
N ILE B 237 1.99 -15.31 -12.70
CA ILE B 237 1.03 -15.22 -13.79
C ILE B 237 -0.18 -16.11 -13.46
N GLN B 238 0.08 -17.31 -12.93
CA GLN B 238 -0.99 -18.23 -12.55
C GLN B 238 -1.85 -17.71 -11.40
N CYS B 239 -1.20 -17.34 -10.30
CA CYS B 239 -1.89 -16.85 -9.12
C CYS B 239 -2.78 -15.62 -9.37
N LEU B 240 -2.38 -14.80 -10.34
CA LEU B 240 -3.13 -13.61 -10.70
C LEU B 240 -4.18 -13.97 -11.74
N THR B 241 -3.94 -15.07 -12.45
CA THR B 241 -4.81 -15.58 -13.52
C THR B 241 -5.83 -16.57 -13.01
N ARG B 242 -5.36 -17.77 -12.65
CA ARG B 242 -6.22 -18.83 -12.14
C ARG B 242 -5.59 -19.51 -10.92
N PRO B 243 -5.78 -18.91 -9.73
CA PRO B 243 -5.27 -19.40 -8.46
C PRO B 243 -5.22 -20.93 -8.35
N GLU B 244 -6.38 -21.57 -8.43
CA GLU B 244 -6.49 -23.02 -8.33
C GLU B 244 -5.42 -23.79 -9.10
N LEU B 245 -5.06 -23.32 -10.30
CA LEU B 245 -4.04 -24.00 -11.09
C LEU B 245 -2.67 -23.97 -10.41
N TYR B 246 -2.46 -22.98 -9.55
CA TYR B 246 -1.21 -22.87 -8.81
C TYR B 246 -1.28 -23.74 -7.57
N PHE B 247 -2.33 -23.60 -6.78
CA PHE B 247 -2.47 -24.38 -5.56
C PHE B 247 -2.52 -25.88 -5.80
N VAL B 248 -3.32 -26.31 -6.77
CA VAL B 248 -3.43 -27.72 -7.10
C VAL B 248 -2.03 -28.30 -7.33
N ASP B 249 -1.19 -27.57 -8.05
CA ASP B 249 0.17 -28.03 -8.32
C ASP B 249 1.06 -27.99 -7.09
N VAL B 250 0.67 -27.20 -6.10
CA VAL B 250 1.45 -27.12 -4.88
C VAL B 250 1.00 -28.22 -3.91
N LEU B 251 -0.30 -28.48 -3.91
CA LEU B 251 -0.85 -29.51 -3.05
C LEU B 251 -0.21 -30.86 -3.40
N ARG B 252 -0.35 -31.26 -4.66
CA ARG B 252 0.21 -32.53 -5.11
C ARG B 252 1.67 -32.70 -4.68
N SER B 253 2.49 -31.71 -5.01
CA SER B 253 3.92 -31.74 -4.67
C SER B 253 4.15 -31.94 -3.18
N ALA B 254 3.20 -31.53 -2.35
CA ALA B 254 3.31 -31.71 -0.90
C ALA B 254 2.77 -33.07 -0.51
N ILE B 255 1.62 -33.42 -1.10
CA ILE B 255 0.97 -34.68 -0.83
C ILE B 255 1.89 -35.86 -1.18
N ASN B 256 2.64 -35.74 -2.26
CA ASN B 256 3.58 -36.77 -2.67
C ASN B 256 4.92 -36.50 -2.00
N LYS B 257 4.92 -35.58 -1.04
CA LYS B 257 6.14 -35.20 -0.33
C LYS B 257 7.32 -35.16 -1.27
N THR B 258 7.22 -34.30 -2.29
CA THR B 258 8.27 -34.16 -3.30
C THR B 258 8.73 -32.71 -3.44
N GLY B 259 7.91 -31.78 -2.97
CA GLY B 259 8.26 -30.37 -3.09
C GLY B 259 9.28 -29.87 -2.08
N THR B 260 9.61 -28.58 -2.19
CA THR B 260 10.56 -27.94 -1.28
C THR B 260 9.81 -26.93 -0.43
N ASP B 261 8.49 -26.83 -0.66
CA ASP B 261 7.64 -25.90 0.06
C ASP B 261 7.30 -26.42 1.45
N GLU B 262 8.15 -26.07 2.42
CA GLU B 262 7.94 -26.51 3.80
C GLU B 262 6.64 -25.94 4.35
N GLY B 263 5.75 -26.82 4.79
CA GLY B 263 4.49 -26.38 5.35
C GLY B 263 3.40 -26.24 4.31
N ALA B 264 3.79 -26.32 3.04
CA ALA B 264 2.87 -26.19 1.91
C ALA B 264 1.50 -26.82 2.07
N LEU B 265 1.43 -28.08 2.48
CA LEU B 265 0.12 -28.71 2.64
C LEU B 265 -0.83 -27.92 3.52
N THR B 266 -0.43 -27.69 4.78
CA THR B 266 -1.27 -26.93 5.72
C THR B 266 -1.42 -25.47 5.29
N ARG B 267 -0.38 -24.92 4.68
CA ARG B 267 -0.40 -23.52 4.24
C ARG B 267 -1.35 -23.33 3.06
N ILE B 268 -1.42 -24.33 2.18
CA ILE B 268 -2.30 -24.27 1.02
C ILE B 268 -3.72 -24.72 1.38
N VAL B 269 -3.84 -25.41 2.51
CA VAL B 269 -5.14 -25.90 2.96
C VAL B 269 -5.88 -24.89 3.84
N THR B 270 -5.19 -24.40 4.88
CA THR B 270 -5.81 -23.48 5.82
C THR B 270 -6.15 -22.07 5.33
N THR B 271 -5.37 -21.54 4.39
CA THR B 271 -5.66 -20.19 3.89
C THR B 271 -6.73 -20.13 2.82
N ARG B 272 -6.94 -21.23 2.09
CA ARG B 272 -7.92 -21.22 1.01
C ARG B 272 -9.24 -21.91 1.35
N ALA B 273 -9.26 -22.64 2.45
CA ALA B 273 -10.47 -23.35 2.87
C ALA B 273 -11.71 -22.48 2.78
N GLU B 274 -11.60 -21.24 3.26
CA GLU B 274 -12.72 -20.32 3.26
C GLU B 274 -12.75 -19.45 2.00
N ILE B 275 -11.72 -19.60 1.17
CA ILE B 275 -11.66 -18.82 -0.07
C ILE B 275 -12.03 -19.63 -1.32
N ASP B 276 -11.10 -20.45 -1.81
CA ASP B 276 -11.36 -21.21 -3.03
C ASP B 276 -10.84 -22.65 -3.00
N LEU B 277 -10.67 -23.20 -1.81
CA LEU B 277 -10.16 -24.56 -1.71
C LEU B 277 -11.10 -25.54 -2.44
N LYS B 278 -12.40 -25.29 -2.35
CA LYS B 278 -13.37 -26.17 -3.00
C LYS B 278 -13.10 -26.27 -4.49
N VAL B 279 -12.76 -25.14 -5.12
CA VAL B 279 -12.46 -25.16 -6.54
C VAL B 279 -11.10 -25.83 -6.73
N ILE B 280 -10.21 -25.62 -5.78
CA ILE B 280 -8.87 -26.22 -5.85
C ILE B 280 -9.00 -27.75 -5.78
N GLY B 281 -9.88 -28.22 -4.90
CA GLY B 281 -10.09 -29.65 -4.73
C GLY B 281 -10.71 -30.28 -5.96
N GLU B 282 -11.76 -29.67 -6.48
CA GLU B 282 -12.42 -30.20 -7.67
C GLU B 282 -11.42 -30.23 -8.81
N GLU B 283 -10.61 -29.18 -8.91
CA GLU B 283 -9.60 -29.10 -9.94
C GLU B 283 -8.47 -30.06 -9.66
N TYR B 284 -8.24 -30.33 -8.37
CA TYR B 284 -7.18 -31.25 -7.96
C TYR B 284 -7.46 -32.65 -8.48
N GLN B 285 -8.73 -32.97 -8.65
CA GLN B 285 -9.13 -34.27 -9.15
C GLN B 285 -9.04 -34.36 -10.67
N ARG B 286 -9.47 -33.30 -11.34
CA ARG B 286 -9.43 -33.29 -12.79
C ARG B 286 -7.99 -33.49 -13.27
N ARG B 287 -7.04 -33.17 -12.39
CA ARG B 287 -5.63 -33.29 -12.71
C ARG B 287 -4.95 -34.52 -12.14
N ASN B 288 -5.53 -35.13 -11.12
CA ASN B 288 -4.90 -36.31 -10.52
C ASN B 288 -5.82 -37.52 -10.40
N SER B 289 -7.03 -37.39 -10.91
CA SER B 289 -8.02 -38.47 -10.88
C SER B 289 -8.57 -38.69 -9.46
N ILE B 290 -7.67 -38.91 -8.50
CA ILE B 290 -8.07 -39.13 -7.11
C ILE B 290 -8.23 -37.81 -6.37
N PRO B 291 -9.41 -37.59 -5.72
CA PRO B 291 -9.75 -36.39 -4.97
C PRO B 291 -8.74 -36.02 -3.87
N LEU B 292 -8.71 -34.74 -3.50
CA LEU B 292 -7.80 -34.27 -2.46
C LEU B 292 -8.10 -34.92 -1.11
N GLU B 293 -9.35 -35.28 -0.88
CA GLU B 293 -9.73 -35.93 0.38
C GLU B 293 -9.01 -37.27 0.50
N LYS B 294 -9.11 -38.10 -0.54
CA LYS B 294 -8.45 -39.40 -0.55
C LYS B 294 -6.94 -39.24 -0.59
N ALA B 295 -6.49 -38.01 -0.80
CA ALA B 295 -5.06 -37.72 -0.85
C ALA B 295 -4.52 -37.48 0.57
N ILE B 296 -5.19 -36.63 1.32
CA ILE B 296 -4.78 -36.32 2.68
C ILE B 296 -4.87 -37.57 3.55
N THR B 297 -5.86 -38.42 3.26
CA THR B 297 -6.06 -39.65 4.03
C THR B 297 -5.49 -40.87 3.29
N LYS B 298 -4.75 -40.59 2.22
CA LYS B 298 -4.13 -41.62 1.40
C LYS B 298 -3.38 -42.69 2.18
N ASP B 299 -2.65 -42.29 3.22
CA ASP B 299 -1.88 -43.26 4.01
C ASP B 299 -1.84 -42.92 5.49
N THR B 300 -2.58 -41.90 5.90
CA THR B 300 -2.59 -41.51 7.31
C THR B 300 -3.86 -40.75 7.67
N ARG B 301 -4.41 -41.07 8.83
CA ARG B 301 -5.62 -40.40 9.29
C ARG B 301 -5.53 -40.02 10.77
N GLY B 302 -4.42 -39.37 11.12
CA GLY B 302 -4.21 -38.92 12.49
C GLY B 302 -4.85 -37.55 12.70
N ASP B 303 -4.79 -37.02 13.91
CA ASP B 303 -5.38 -35.72 14.20
C ASP B 303 -5.07 -34.63 13.18
N TYR B 304 -3.80 -34.50 12.81
CA TYR B 304 -3.39 -33.51 11.82
C TYR B 304 -4.13 -33.74 10.50
N GLU B 305 -4.07 -34.97 9.99
CA GLU B 305 -4.74 -35.33 8.74
C GLU B 305 -6.25 -35.16 8.90
N LYS B 306 -6.77 -35.58 10.04
CA LYS B 306 -8.19 -35.48 10.34
C LYS B 306 -8.57 -34.00 10.43
N MET B 307 -7.58 -33.17 10.76
CA MET B 307 -7.80 -31.74 10.88
C MET B 307 -7.73 -31.10 9.49
N LEU B 308 -6.93 -31.67 8.60
CA LEU B 308 -6.82 -31.13 7.25
C LEU B 308 -8.05 -31.51 6.44
N VAL B 309 -8.42 -32.79 6.49
CA VAL B 309 -9.58 -33.26 5.75
C VAL B 309 -10.85 -32.60 6.28
N ALA B 310 -10.83 -32.22 7.56
CA ALA B 310 -11.99 -31.56 8.16
C ALA B 310 -12.16 -30.17 7.56
N LEU B 311 -11.07 -29.43 7.40
CA LEU B 311 -11.13 -28.09 6.83
C LEU B 311 -11.77 -28.14 5.46
N LEU B 312 -11.51 -29.22 4.72
CA LEU B 312 -12.09 -29.37 3.38
C LEU B 312 -13.55 -29.83 3.46
N GLY B 313 -14.08 -29.93 4.67
CA GLY B 313 -15.46 -30.35 4.84
C GLY B 313 -15.65 -31.77 4.32
N GLU B 314 -14.55 -32.51 4.24
CA GLU B 314 -14.55 -33.88 3.76
C GLU B 314 -13.76 -34.75 4.73
N ASP B 315 -13.91 -34.47 6.03
CA ASP B 315 -13.22 -35.22 7.07
C ASP B 315 -13.61 -36.69 6.90
N ASP B 316 -14.87 -36.89 6.53
CA ASP B 316 -15.41 -38.22 6.31
C ASP B 316 -15.01 -38.69 4.91
N ALA B 317 -13.97 -39.50 4.85
CA ALA B 317 -13.46 -40.04 3.61
C ALA B 317 -13.55 -41.55 3.60
N SER A 1 2.54 23.29 14.50
CA SER A 1 2.39 22.51 13.24
C SER A 1 1.14 22.92 12.47
N ALA A 2 -0.02 22.80 13.11
CA ALA A 2 -1.28 23.15 12.48
C ALA A 2 -1.54 24.65 12.62
N THR A 3 -2.14 25.25 11.59
CA THR A 3 -2.43 26.69 11.64
C THR A 3 -3.92 26.94 11.72
N LEU A 4 -4.72 26.02 11.21
CA LEU A 4 -6.18 26.15 11.23
C LEU A 4 -6.69 26.62 12.60
N LYS A 5 -7.83 27.32 12.58
CA LYS A 5 -8.46 27.83 13.79
C LYS A 5 -9.98 27.69 13.66
N VAL A 6 -10.51 26.60 14.18
CA VAL A 6 -11.93 26.31 14.09
C VAL A 6 -12.75 26.99 15.18
N SER A 7 -13.92 27.48 14.81
CA SER A 7 -14.81 28.15 15.75
C SER A 7 -15.18 27.21 16.89
N ASP A 8 -14.78 27.58 18.11
CA ASP A 8 -15.08 26.77 19.29
C ASP A 8 -16.60 26.59 19.40
N SER A 9 -17.32 27.36 18.58
CA SER A 9 -18.77 27.30 18.53
C SER A 9 -19.20 27.38 17.07
N VAL A 10 -19.54 26.24 16.50
CA VAL A 10 -19.97 26.17 15.11
C VAL A 10 -21.46 25.85 14.97
N PRO A 11 -22.14 26.53 14.04
CA PRO A 11 -23.57 26.31 13.81
C PRO A 11 -23.82 24.95 13.18
N ALA A 12 -25.06 24.67 12.81
CA ALA A 12 -25.41 23.39 12.21
C ALA A 12 -25.00 23.36 10.74
N PRO A 13 -24.59 22.17 10.26
CA PRO A 13 -24.17 22.04 8.86
C PRO A 13 -25.24 22.56 7.91
N SER A 14 -26.46 22.65 8.42
CA SER A 14 -27.59 23.13 7.65
C SER A 14 -27.44 24.63 7.38
N ASP A 15 -27.20 25.39 8.44
CA ASP A 15 -27.02 26.84 8.31
C ASP A 15 -25.70 27.12 7.60
N ASP A 16 -24.76 26.18 7.73
CA ASP A 16 -23.47 26.30 7.06
C ASP A 16 -23.82 26.35 5.57
N ALA A 17 -24.39 25.26 5.07
CA ALA A 17 -24.76 25.14 3.66
C ALA A 17 -25.67 26.27 3.17
N GLU A 18 -26.55 26.73 4.06
CA GLU A 18 -27.46 27.82 3.71
C GLU A 18 -26.64 29.08 3.49
N GLN A 19 -25.90 29.49 4.51
CA GLN A 19 -25.06 30.67 4.42
C GLN A 19 -24.17 30.60 3.17
N LEU A 20 -23.66 29.41 2.89
CA LEU A 20 -22.77 29.21 1.75
C LEU A 20 -23.45 29.31 0.39
N ARG A 21 -24.61 28.66 0.26
CA ARG A 21 -25.37 28.69 -0.99
C ARG A 21 -25.50 30.13 -1.48
N THR A 22 -25.90 31.01 -0.57
CA THR A 22 -26.09 32.42 -0.87
C THR A 22 -24.80 33.13 -1.25
N ALA A 23 -23.70 32.78 -0.60
CA ALA A 23 -22.43 33.41 -0.91
C ALA A 23 -22.01 33.16 -2.35
N PHE A 24 -22.25 31.96 -2.85
CA PHE A 24 -21.87 31.62 -4.22
C PHE A 24 -22.64 32.44 -5.26
N GLU A 25 -23.82 31.99 -5.62
CA GLU A 25 -24.64 32.69 -6.61
C GLU A 25 -24.35 34.19 -6.69
N GLU A 31 -18.14 36.34 -1.14
CA GLU A 31 -16.71 36.02 -1.03
C GLU A 31 -16.23 36.01 0.41
N ASP A 32 -16.38 37.13 1.11
CA ASP A 32 -15.96 37.23 2.50
C ASP A 32 -16.78 36.27 3.36
N LEU A 33 -17.90 35.81 2.80
CA LEU A 33 -18.78 34.88 3.49
C LEU A 33 -18.28 33.45 3.29
N ILE A 34 -17.80 33.16 2.08
CA ILE A 34 -17.27 31.84 1.76
C ILE A 34 -16.01 31.61 2.60
N ILE A 35 -15.27 32.69 2.85
CA ILE A 35 -14.05 32.63 3.64
C ILE A 35 -14.40 32.57 5.13
N SER A 36 -15.38 33.36 5.53
CA SER A 36 -15.79 33.42 6.93
C SER A 36 -16.21 32.06 7.45
N ILE A 37 -16.75 31.23 6.55
CA ILE A 37 -17.20 29.89 6.93
C ILE A 37 -16.18 28.78 6.62
N LEU A 38 -15.85 28.61 5.34
CA LEU A 38 -14.93 27.56 4.93
C LEU A 38 -13.60 27.47 5.66
N ALA A 39 -12.92 28.60 5.83
CA ALA A 39 -11.64 28.60 6.50
C ALA A 39 -11.83 28.46 8.00
N HIS A 40 -13.08 28.29 8.42
CA HIS A 40 -13.39 28.16 9.84
C HIS A 40 -14.25 26.96 10.16
N ARG A 41 -14.05 25.88 9.39
CA ARG A 41 -14.79 24.65 9.60
C ARG A 41 -13.85 23.49 9.31
N SER A 42 -13.34 22.87 10.37
CA SER A 42 -12.42 21.73 10.25
C SER A 42 -12.86 20.76 9.16
N ALA A 43 -11.95 19.88 8.75
CA ALA A 43 -12.26 18.90 7.71
C ALA A 43 -13.58 18.17 7.99
N GLU A 44 -13.69 17.59 9.18
CA GLU A 44 -14.90 16.87 9.55
C GLU A 44 -16.14 17.73 9.37
N GLN A 45 -15.99 19.03 9.62
CA GLN A 45 -17.10 19.97 9.47
C GLN A 45 -17.34 20.30 7.99
N ARG A 46 -16.30 20.20 7.17
CA ARG A 46 -16.43 20.48 5.74
C ARG A 46 -17.22 19.35 5.06
N LYS A 47 -17.04 18.12 5.52
CA LYS A 47 -17.77 16.99 4.97
C LYS A 47 -19.26 17.17 5.31
N VAL A 48 -19.55 17.18 6.60
CA VAL A 48 -20.90 17.35 7.11
C VAL A 48 -21.62 18.52 6.46
N ILE A 49 -20.88 19.39 5.80
CA ILE A 49 -21.49 20.53 5.11
C ILE A 49 -21.82 20.18 3.65
N ARG A 50 -20.83 19.69 2.89
CA ARG A 50 -21.07 19.34 1.49
C ARG A 50 -22.33 18.51 1.40
N GLN A 51 -22.42 17.54 2.30
CA GLN A 51 -23.57 16.65 2.38
C GLN A 51 -24.84 17.42 2.69
N ALA A 52 -24.77 18.33 3.66
CA ALA A 52 -25.95 19.11 4.00
C ALA A 52 -26.19 20.10 2.88
N TYR A 53 -25.57 19.82 1.75
CA TYR A 53 -25.72 20.68 0.58
C TYR A 53 -26.33 19.86 -0.54
N HIS A 54 -25.69 18.73 -0.83
CA HIS A 54 -26.18 17.86 -1.90
C HIS A 54 -27.62 17.43 -1.60
N GLU A 55 -27.86 17.05 -0.34
CA GLU A 55 -29.18 16.62 0.11
C GLU A 55 -30.24 17.73 -0.01
N THR A 56 -29.78 18.98 0.00
CA THR A 56 -30.69 20.11 -0.07
C THR A 56 -30.81 20.72 -1.44
N TYR A 57 -29.93 20.34 -2.36
CA TYR A 57 -29.97 20.95 -3.68
C TYR A 57 -29.78 20.01 -4.88
N GLY A 58 -29.41 18.76 -4.64
CA GLY A 58 -29.23 17.83 -5.73
C GLY A 58 -27.89 17.87 -6.46
N GLU A 59 -27.00 18.75 -6.01
CA GLU A 59 -25.67 18.91 -6.61
C GLU A 59 -24.70 19.21 -5.46
N ASP A 60 -23.39 19.11 -5.69
CA ASP A 60 -22.43 19.39 -4.62
C ASP A 60 -22.07 20.87 -4.60
N LEU A 61 -21.48 21.30 -3.49
CA LEU A 61 -21.11 22.71 -3.35
C LEU A 61 -19.94 23.00 -4.26
N LEU A 62 -19.08 21.99 -4.43
CA LEU A 62 -17.88 22.11 -5.25
C LEU A 62 -18.12 21.91 -6.73
N LYS A 63 -19.39 21.82 -7.11
CA LYS A 63 -19.76 21.61 -8.52
C LYS A 63 -19.04 22.56 -9.46
N THR A 64 -19.19 23.86 -9.23
CA THR A 64 -18.58 24.87 -10.09
C THR A 64 -17.08 25.13 -9.85
N LEU A 65 -16.42 24.26 -9.09
CA LEU A 65 -15.01 24.45 -8.81
C LEU A 65 -14.10 23.37 -9.36
N ASP A 66 -14.61 22.15 -9.45
CA ASP A 66 -13.82 21.03 -9.96
C ASP A 66 -13.84 21.05 -11.49
N LYS A 67 -13.75 22.26 -12.05
CA LYS A 67 -13.74 22.45 -13.51
C LYS A 67 -12.29 22.32 -13.98
N GLU A 68 -12.01 22.82 -15.19
CA GLU A 68 -10.65 22.74 -15.71
C GLU A 68 -10.07 24.15 -15.85
N LEU A 69 -10.96 25.12 -16.06
CA LEU A 69 -10.56 26.52 -16.18
C LEU A 69 -10.33 27.07 -14.78
N SER A 70 -9.53 26.35 -14.01
CA SER A 70 -9.21 26.72 -12.64
C SER A 70 -8.83 28.19 -12.44
N ASN A 71 -9.35 28.75 -11.36
CA ASN A 71 -9.14 30.13 -10.97
C ASN A 71 -8.59 30.06 -9.52
N ASP A 72 -7.46 30.72 -9.28
CA ASP A 72 -6.81 30.73 -7.97
C ASP A 72 -7.72 30.57 -6.76
N PHE A 73 -8.55 31.58 -6.47
CA PHE A 73 -9.43 31.51 -5.31
C PHE A 73 -10.29 30.23 -5.33
N GLU A 74 -10.86 29.91 -6.49
CA GLU A 74 -11.70 28.73 -6.65
C GLU A 74 -10.90 27.44 -6.41
N ARG A 75 -9.75 27.37 -7.07
CA ARG A 75 -8.85 26.23 -6.97
C ARG A 75 -8.58 25.91 -5.50
N ALA A 76 -8.28 26.95 -4.74
CA ALA A 76 -8.00 26.80 -3.32
C ALA A 76 -9.23 26.27 -2.60
N ILE A 77 -10.42 26.74 -2.98
CA ILE A 77 -11.64 26.27 -2.32
C ILE A 77 -11.80 24.76 -2.50
N LEU A 78 -11.57 24.28 -3.72
CA LEU A 78 -11.70 22.85 -4.04
C LEU A 78 -10.79 21.99 -3.16
N LEU A 79 -9.49 22.19 -3.28
CA LEU A 79 -8.53 21.41 -2.51
C LEU A 79 -8.88 21.40 -1.03
N TRP A 80 -9.25 22.57 -0.52
CA TRP A 80 -9.60 22.73 0.90
C TRP A 80 -10.88 22.00 1.31
N THR A 81 -11.96 22.18 0.55
CA THR A 81 -13.24 21.56 0.91
C THR A 81 -13.33 20.06 0.63
N LEU A 82 -12.56 19.57 -0.34
CA LEU A 82 -12.57 18.15 -0.62
C LEU A 82 -12.08 17.43 0.62
N GLU A 83 -12.38 16.13 0.72
CA GLU A 83 -11.89 15.35 1.85
C GLU A 83 -10.40 15.20 1.56
N PRO A 84 -9.55 15.31 2.59
CA PRO A 84 -8.10 15.20 2.42
C PRO A 84 -7.60 14.08 1.49
N GLY A 85 -8.22 12.91 1.59
CA GLY A 85 -7.81 11.80 0.74
C GLY A 85 -8.10 12.02 -0.74
N GLU A 86 -9.25 12.61 -1.06
CA GLU A 86 -9.61 12.84 -2.45
C GLU A 86 -8.72 13.92 -3.06
N ARG A 87 -8.38 14.91 -2.24
CA ARG A 87 -7.52 16.00 -2.66
C ARG A 87 -6.19 15.48 -3.19
N ASP A 88 -5.48 14.72 -2.37
CA ASP A 88 -4.20 14.16 -2.77
C ASP A 88 -4.32 13.35 -4.05
N ALA A 89 -5.48 12.74 -4.25
CA ALA A 89 -5.69 11.95 -5.47
C ALA A 89 -5.71 12.90 -6.67
N LEU A 90 -6.42 14.02 -6.53
CA LEU A 90 -6.50 15.01 -7.62
C LEU A 90 -5.11 15.56 -7.94
N LEU A 91 -4.36 15.90 -6.90
CA LEU A 91 -3.02 16.45 -7.05
C LEU A 91 -2.10 15.37 -7.62
N ALA A 92 -2.16 14.17 -7.06
CA ALA A 92 -1.32 13.07 -7.53
C ALA A 92 -1.63 12.79 -9.01
N ASN A 93 -2.91 12.69 -9.34
CA ASN A 93 -3.29 12.43 -10.72
C ASN A 93 -2.82 13.55 -11.65
N GLU A 94 -3.01 14.81 -11.24
CA GLU A 94 -2.57 15.94 -12.06
C GLU A 94 -1.04 15.91 -12.17
N ALA A 95 -0.38 15.43 -11.12
CA ALA A 95 1.07 15.37 -11.12
C ALA A 95 1.58 14.37 -12.16
N THR A 96 0.77 13.36 -12.46
CA THR A 96 1.17 12.36 -13.44
C THR A 96 0.76 12.69 -14.87
N LYS A 97 -0.26 13.52 -15.04
CA LYS A 97 -0.70 13.89 -16.39
C LYS A 97 0.38 14.70 -17.10
N ARG A 98 0.83 15.78 -16.47
CA ARG A 98 1.86 16.62 -17.06
C ARG A 98 3.19 16.41 -16.35
N TRP A 99 3.59 15.15 -16.21
CA TRP A 99 4.84 14.85 -15.52
C TRP A 99 6.12 15.16 -16.29
N THR A 100 7.15 15.52 -15.54
CA THR A 100 8.48 15.81 -16.07
C THR A 100 9.41 15.47 -14.91
N SER A 101 10.64 15.07 -15.21
CA SER A 101 11.60 14.73 -14.17
C SER A 101 11.68 15.81 -13.10
N SER A 102 11.27 17.02 -13.47
CA SER A 102 11.29 18.19 -12.59
C SER A 102 10.15 18.18 -11.58
N ASN A 103 9.07 17.47 -11.87
CA ASN A 103 7.93 17.42 -10.97
C ASN A 103 8.20 16.51 -9.77
N GLN A 104 8.24 17.10 -8.59
CA GLN A 104 8.50 16.33 -7.38
C GLN A 104 7.24 16.19 -6.53
N VAL A 105 6.13 16.74 -7.00
CA VAL A 105 4.88 16.67 -6.24
C VAL A 105 4.46 15.24 -5.88
N LEU A 106 4.84 14.27 -6.72
CA LEU A 106 4.50 12.88 -6.42
C LEU A 106 5.30 12.43 -5.19
N MET A 107 6.51 12.96 -5.03
CA MET A 107 7.34 12.63 -3.87
C MET A 107 6.72 13.29 -2.64
N GLU A 108 6.36 14.57 -2.78
CA GLU A 108 5.76 15.35 -1.70
C GLU A 108 4.64 14.60 -1.00
N VAL A 109 3.57 14.33 -1.76
CA VAL A 109 2.40 13.61 -1.25
C VAL A 109 2.81 12.29 -0.61
N ALA A 110 3.74 11.59 -1.25
CA ALA A 110 4.21 10.29 -0.77
C ALA A 110 5.00 10.26 0.53
N CYS A 111 5.79 11.31 0.80
CA CYS A 111 6.63 11.36 1.99
C CYS A 111 6.18 12.25 3.13
N THR A 112 5.22 13.13 2.87
CA THR A 112 4.73 14.06 3.89
C THR A 112 3.38 13.64 4.44
N ARG A 113 2.93 12.45 4.06
CA ARG A 113 1.63 11.93 4.50
C ARG A 113 1.83 10.73 5.43
N THR A 114 0.94 10.55 6.38
CA THR A 114 1.05 9.39 7.26
C THR A 114 0.77 8.18 6.35
N SER A 115 1.27 7.01 6.73
CA SER A 115 1.07 5.81 5.94
C SER A 115 -0.40 5.59 5.60
N THR A 116 -1.29 5.91 6.55
CA THR A 116 -2.73 5.75 6.35
C THR A 116 -3.36 6.88 5.53
N GLN A 117 -2.96 8.13 5.79
CA GLN A 117 -3.53 9.23 5.03
C GLN A 117 -3.19 8.96 3.57
N LEU A 118 -1.98 8.46 3.34
CA LEU A 118 -1.54 8.13 1.99
C LEU A 118 -2.45 6.99 1.44
N LEU A 119 -2.70 5.97 2.25
CA LEU A 119 -3.57 4.86 1.85
C LEU A 119 -4.88 5.41 1.33
N HIS A 120 -5.39 6.44 2.01
CA HIS A 120 -6.64 7.07 1.59
C HIS A 120 -6.44 7.69 0.22
N ALA A 121 -5.27 8.30 0.01
CA ALA A 121 -5.00 8.91 -1.27
C ALA A 121 -5.20 7.85 -2.36
N ARG A 122 -4.63 6.66 -2.15
CA ARG A 122 -4.78 5.57 -3.12
C ARG A 122 -6.23 5.06 -3.17
N GLN A 123 -6.88 4.94 -2.02
CA GLN A 123 -8.27 4.46 -1.99
C GLN A 123 -9.17 5.51 -2.65
N ALA A 124 -8.86 6.78 -2.44
CA ALA A 124 -9.66 7.86 -3.04
C ALA A 124 -9.41 7.80 -4.54
N TYR A 125 -8.18 7.48 -4.92
CA TYR A 125 -7.81 7.38 -6.32
C TYR A 125 -8.67 6.28 -6.94
N HIS A 126 -8.52 5.05 -6.43
CA HIS A 126 -9.28 3.91 -6.90
C HIS A 126 -10.68 4.34 -7.28
N ALA A 127 -11.33 5.06 -6.38
CA ALA A 127 -12.69 5.53 -6.56
C ALA A 127 -12.88 6.35 -7.84
N ARG A 128 -11.88 7.16 -8.17
CA ARG A 128 -11.94 8.03 -9.33
C ARG A 128 -11.29 7.47 -10.60
N TYR A 129 -9.97 7.65 -10.71
CA TYR A 129 -9.19 7.22 -11.87
C TYR A 129 -9.06 5.71 -12.02
N LYS A 130 -10.20 5.02 -11.89
CA LYS A 130 -10.29 3.56 -11.98
C LYS A 130 -9.01 2.80 -12.31
N LYS A 131 -8.00 3.00 -11.47
CA LYS A 131 -6.68 2.35 -11.60
C LYS A 131 -5.96 2.50 -10.25
N SER A 132 -4.72 2.04 -10.18
CA SER A 132 -3.97 2.19 -8.94
C SER A 132 -2.95 3.29 -9.18
N LEU A 133 -2.90 4.26 -8.27
CA LEU A 133 -1.95 5.36 -8.38
C LEU A 133 -0.62 4.86 -8.95
N GLU A 134 -0.22 3.65 -8.54
CA GLU A 134 1.01 3.03 -9.03
C GLU A 134 1.20 3.19 -10.52
N GLU A 135 0.31 2.58 -11.31
CA GLU A 135 0.39 2.62 -12.77
C GLU A 135 0.12 3.98 -13.39
N ASP A 136 -0.77 4.76 -12.80
CA ASP A 136 -1.03 6.09 -13.34
C ASP A 136 0.15 6.99 -12.95
N VAL A 137 1.23 6.34 -12.52
CA VAL A 137 2.48 6.99 -12.13
C VAL A 137 3.63 6.19 -12.75
N ALA A 138 3.73 4.94 -12.35
CA ALA A 138 4.77 4.04 -12.82
C ALA A 138 4.90 4.05 -14.33
N HIS A 139 3.79 3.84 -15.02
CA HIS A 139 3.76 3.81 -16.48
C HIS A 139 4.08 5.16 -17.11
N HIS A 140 3.88 6.24 -16.36
CA HIS A 140 4.13 7.57 -16.90
C HIS A 140 5.37 8.30 -16.38
N THR A 141 6.16 7.64 -15.54
CA THR A 141 7.40 8.26 -15.04
C THR A 141 8.59 7.52 -15.63
N THR A 142 9.70 8.23 -15.81
CA THR A 142 10.87 7.62 -16.43
C THR A 142 12.03 7.30 -15.51
N GLY A 143 12.85 6.35 -15.98
CA GLY A 143 14.03 5.91 -15.26
C GLY A 143 13.97 5.93 -13.75
N ASP A 144 15.06 6.43 -13.16
CA ASP A 144 15.22 6.51 -11.72
C ASP A 144 14.11 7.25 -11.00
N PHE A 145 13.60 8.30 -11.64
CA PHE A 145 12.52 9.08 -11.04
C PHE A 145 11.36 8.13 -10.80
N ARG A 146 11.33 7.02 -11.52
CA ARG A 146 10.27 6.01 -11.36
C ARG A 146 10.51 5.11 -10.15
N LYS A 147 11.70 4.52 -10.08
CA LYS A 147 12.02 3.62 -8.96
C LYS A 147 11.90 4.29 -7.58
N LEU A 148 11.89 5.62 -7.55
CA LEU A 148 11.76 6.32 -6.27
C LEU A 148 10.31 6.69 -5.97
N LEU A 149 9.64 7.37 -6.90
CA LEU A 149 8.27 7.75 -6.67
C LEU A 149 7.36 6.52 -6.48
N VAL A 150 7.54 5.50 -7.32
CA VAL A 150 6.74 4.28 -7.22
C VAL A 150 6.97 3.59 -5.89
N SER A 151 8.22 3.32 -5.58
CA SER A 151 8.55 2.66 -4.32
C SER A 151 8.05 3.47 -3.13
N LEU A 152 7.89 4.78 -3.32
CA LEU A 152 7.42 5.65 -2.24
C LEU A 152 5.89 5.63 -2.05
N VAL A 153 5.13 5.69 -3.14
CA VAL A 153 3.67 5.69 -3.03
C VAL A 153 3.04 4.35 -2.65
N THR A 154 3.78 3.26 -2.74
CA THR A 154 3.20 1.96 -2.37
C THR A 154 3.50 1.48 -0.96
N SER A 155 4.41 2.17 -0.27
CA SER A 155 4.76 1.76 1.09
C SER A 155 3.57 1.90 2.03
N TYR A 156 3.70 1.25 3.17
CA TYR A 156 2.70 1.30 4.22
C TYR A 156 3.55 1.16 5.48
N ARG A 157 4.26 2.24 5.82
CA ARG A 157 5.16 2.28 6.95
C ARG A 157 4.50 2.01 8.29
N TYR A 158 5.22 1.27 9.13
CA TYR A 158 4.75 1.00 10.48
C TYR A 158 5.00 2.31 11.23
N GLU A 159 3.99 3.19 11.22
CA GLU A 159 4.09 4.49 11.87
C GLU A 159 4.32 4.36 13.38
N GLY A 160 5.01 3.30 13.79
CA GLY A 160 5.30 3.10 15.19
C GLY A 160 6.26 4.14 15.74
N ASP A 161 7.23 3.73 16.55
CA ASP A 161 8.19 4.66 17.14
C ASP A 161 9.54 4.04 17.52
N GLU A 162 9.64 2.71 17.47
CA GLU A 162 10.87 1.98 17.80
C GLU A 162 12.06 2.43 16.96
N VAL A 163 13.20 1.74 17.10
CA VAL A 163 14.42 2.04 16.37
C VAL A 163 15.44 0.92 16.52
N ASN A 164 16.11 0.57 15.43
CA ASN A 164 17.16 -0.46 15.48
C ASN A 164 18.50 0.21 15.18
N MET A 165 19.21 0.59 16.23
CA MET A 165 20.51 1.26 16.08
C MET A 165 21.56 0.47 15.30
N THR A 166 21.71 -0.81 15.64
CA THR A 166 22.68 -1.65 14.98
C THR A 166 22.56 -1.51 13.46
N LEU A 167 21.43 -1.98 12.92
CA LEU A 167 21.19 -1.91 11.49
C LEU A 167 21.32 -0.46 11.01
N ALA A 168 20.96 0.48 11.90
CA ALA A 168 21.05 1.90 11.58
C ALA A 168 22.47 2.27 11.17
N LYS A 169 23.44 1.70 11.89
CA LYS A 169 24.83 1.97 11.60
C LYS A 169 25.26 1.32 10.30
N GLN A 170 24.69 0.14 10.03
CA GLN A 170 24.99 -0.63 8.82
C GLN A 170 24.57 0.09 7.55
N GLU A 171 23.30 0.43 7.45
CA GLU A 171 22.79 1.09 6.26
C GLU A 171 23.30 2.53 6.19
N ALA A 172 23.63 3.10 7.33
CA ALA A 172 24.17 4.46 7.36
C ALA A 172 25.53 4.37 6.69
N LYS A 173 26.23 3.29 6.99
CA LYS A 173 27.54 3.06 6.41
C LYS A 173 27.37 2.95 4.90
N LEU A 174 26.46 2.06 4.49
CA LEU A 174 26.19 1.83 3.08
C LEU A 174 25.70 3.06 2.33
N VAL A 175 24.83 3.85 2.94
CA VAL A 175 24.32 5.05 2.29
C VAL A 175 25.47 6.03 2.09
N HIS A 176 26.46 5.96 2.98
CA HIS A 176 27.63 6.84 2.90
C HIS A 176 28.60 6.43 1.80
N GLU A 177 28.85 5.14 1.68
CA GLU A 177 29.75 4.62 0.66
C GLU A 177 29.21 4.96 -0.72
N LYS A 178 27.89 5.20 -0.79
CA LYS A 178 27.25 5.51 -2.05
C LYS A 178 27.25 6.99 -2.41
N ILE A 179 26.88 7.85 -1.47
CA ILE A 179 26.88 9.28 -1.74
C ILE A 179 28.26 9.69 -2.22
N LYS A 180 29.28 9.00 -1.72
CA LYS A 180 30.66 9.27 -2.10
C LYS A 180 30.90 9.15 -3.61
N ASP A 181 30.66 7.97 -4.15
CA ASP A 181 30.84 7.72 -5.58
C ASP A 181 29.75 8.39 -6.39
N LYS A 182 28.77 8.93 -5.69
CA LYS A 182 27.64 9.62 -6.31
C LYS A 182 26.68 8.68 -7.04
N HIS A 183 26.37 7.55 -6.41
CA HIS A 183 25.42 6.61 -6.98
C HIS A 183 24.05 6.93 -6.39
N TYR A 184 23.68 8.21 -6.45
CA TYR A 184 22.41 8.69 -5.93
C TYR A 184 21.27 7.75 -6.26
N ASN A 185 21.36 7.13 -7.43
CA ASN A 185 20.33 6.19 -7.87
C ASN A 185 20.64 4.76 -7.46
N ASP A 186 21.07 4.56 -6.22
CA ASP A 186 21.39 3.23 -5.72
C ASP A 186 20.16 2.52 -5.18
N GLU A 187 20.16 1.21 -5.31
CA GLU A 187 19.08 0.36 -4.87
C GLU A 187 18.79 0.47 -3.37
N ASP A 188 19.85 0.39 -2.56
CA ASP A 188 19.71 0.48 -1.11
C ASP A 188 19.21 1.84 -0.64
N VAL A 189 19.79 2.91 -1.18
CA VAL A 189 19.35 4.25 -0.80
C VAL A 189 17.84 4.32 -1.00
N ILE A 190 17.41 3.87 -2.17
CA ILE A 190 16.00 3.88 -2.53
C ILE A 190 15.18 2.97 -1.59
N ARG A 191 15.64 1.75 -1.40
CA ARG A 191 14.97 0.81 -0.53
C ARG A 191 14.80 1.40 0.88
N ILE A 192 15.90 1.83 1.48
CA ILE A 192 15.85 2.40 2.82
C ILE A 192 14.86 3.55 2.94
N LEU A 193 15.00 4.55 2.07
CA LEU A 193 14.12 5.72 2.10
C LEU A 193 12.63 5.39 1.86
N SER A 194 12.37 4.44 1.00
CA SER A 194 11.00 4.06 0.67
C SER A 194 10.36 3.00 1.56
N THR A 195 11.18 2.10 2.09
CA THR A 195 10.65 1.02 2.93
C THR A 195 10.81 1.20 4.44
N ARG A 196 12.00 1.64 4.86
CA ARG A 196 12.30 1.85 6.28
C ARG A 196 11.42 2.87 6.95
N SER A 197 11.22 2.70 8.25
CA SER A 197 10.41 3.66 9.01
C SER A 197 11.26 4.92 9.15
N LYS A 198 10.61 6.08 9.21
CA LYS A 198 11.33 7.34 9.33
C LYS A 198 12.19 7.34 10.61
N ALA A 199 11.62 6.86 11.72
CA ALA A 199 12.37 6.79 12.98
C ALA A 199 13.70 6.07 12.73
N GLN A 200 13.64 4.95 12.00
CA GLN A 200 14.82 4.14 11.69
C GLN A 200 15.78 4.84 10.71
N ILE A 201 15.25 5.42 9.63
CA ILE A 201 16.06 6.12 8.65
C ILE A 201 16.78 7.28 9.33
N ASN A 202 16.01 8.15 9.98
CA ASN A 202 16.55 9.30 10.68
C ASN A 202 17.82 8.91 11.46
N ALA A 203 17.74 7.79 12.16
CA ALA A 203 18.87 7.30 12.93
C ALA A 203 19.99 6.94 11.98
N THR A 204 19.62 6.55 10.76
CA THR A 204 20.60 6.20 9.74
C THR A 204 21.30 7.45 9.23
N PHE A 205 20.80 8.62 9.64
CA PHE A 205 21.42 9.87 9.21
C PHE A 205 22.24 10.50 10.33
N ASN A 206 22.38 9.79 11.46
CA ASN A 206 23.19 10.26 12.59
C ASN A 206 24.49 9.49 12.49
N ARG A 207 24.36 8.18 12.32
CA ARG A 207 25.53 7.32 12.18
C ARG A 207 26.24 7.80 10.93
N TYR A 208 25.46 8.30 9.98
CA TYR A 208 26.01 8.82 8.73
C TYR A 208 26.79 10.10 9.01
N GLN A 209 26.19 10.99 9.79
CA GLN A 209 26.81 12.26 10.15
C GLN A 209 27.91 12.10 11.19
N ASP A 210 27.76 11.10 12.05
CA ASP A 210 28.72 10.84 13.11
C ASP A 210 29.90 10.00 12.65
N ASP A 211 29.62 8.81 12.11
CA ASP A 211 30.68 7.92 11.65
C ASP A 211 31.42 8.44 10.43
N HIS A 212 30.90 9.48 9.79
CA HIS A 212 31.54 9.96 8.57
C HIS A 212 31.84 11.45 8.47
N GLY A 213 31.54 12.21 9.53
CA GLY A 213 31.84 13.63 9.51
C GLY A 213 30.72 14.60 9.16
N GLU A 214 30.46 14.77 7.86
CA GLU A 214 29.43 15.70 7.42
C GLU A 214 28.02 15.12 7.51
N GLU A 215 27.03 16.01 7.55
CA GLU A 215 25.62 15.64 7.64
C GLU A 215 25.15 15.10 6.29
N ILE A 216 23.94 14.56 6.25
CA ILE A 216 23.36 14.00 5.02
C ILE A 216 23.08 15.04 3.92
N LEU A 217 22.20 16.01 4.21
CA LEU A 217 21.84 17.05 3.24
C LEU A 217 23.02 17.95 2.93
N LYS A 218 23.80 18.30 3.96
CA LYS A 218 24.96 19.16 3.77
C LYS A 218 25.87 18.49 2.75
N SER A 219 26.00 17.18 2.85
CA SER A 219 26.84 16.41 1.95
C SER A 219 26.29 16.35 0.52
N LEU A 220 24.99 16.59 0.38
CA LEU A 220 24.35 16.55 -0.94
C LEU A 220 24.29 17.94 -1.58
N GLU A 221 25.20 18.82 -1.18
CA GLU A 221 25.25 20.18 -1.73
C GLU A 221 26.35 20.35 -2.77
N GLU A 222 27.26 19.37 -2.83
CA GLU A 222 28.36 19.41 -3.79
C GLU A 222 27.97 18.84 -5.16
N GLY A 223 26.90 18.07 -5.18
CA GLY A 223 26.45 17.47 -6.43
C GLY A 223 25.97 18.50 -7.44
N ASP A 224 25.98 18.10 -8.71
CA ASP A 224 25.56 18.96 -9.81
C ASP A 224 24.14 19.46 -9.57
N ASP A 225 23.82 20.63 -10.14
CA ASP A 225 22.49 21.20 -9.97
C ASP A 225 21.54 20.77 -11.08
N ASP A 226 22.08 20.50 -12.27
CA ASP A 226 21.25 20.08 -13.39
C ASP A 226 20.69 18.69 -13.14
N ASP A 227 21.20 18.02 -12.10
CA ASP A 227 20.74 16.67 -11.75
C ASP A 227 19.41 16.79 -11.02
N LYS A 228 18.33 16.49 -11.72
CA LYS A 228 16.99 16.59 -11.15
C LYS A 228 16.69 15.44 -10.19
N PHE A 229 17.40 14.33 -10.31
CA PHE A 229 17.14 13.23 -9.40
C PHE A 229 17.60 13.59 -7.97
N LEU A 230 18.86 14.03 -7.83
CA LEU A 230 19.40 14.42 -6.53
C LEU A 230 18.47 15.45 -5.92
N ALA A 231 17.94 16.34 -6.76
CA ALA A 231 17.02 17.35 -6.26
C ALA A 231 15.82 16.61 -5.66
N LEU A 232 15.42 15.51 -6.29
CA LEU A 232 14.28 14.72 -5.80
C LEU A 232 14.72 14.08 -4.48
N LEU A 233 15.95 13.58 -4.45
CA LEU A 233 16.50 12.98 -3.22
C LEU A 233 16.49 14.01 -2.08
N ARG A 234 17.04 15.20 -2.35
CA ARG A 234 17.09 16.28 -1.36
C ARG A 234 15.72 16.53 -0.75
N SER A 235 14.71 16.60 -1.60
CA SER A 235 13.35 16.82 -1.14
C SER A 235 12.83 15.60 -0.39
N THR A 236 13.04 14.42 -0.97
CA THR A 236 12.58 13.17 -0.35
C THR A 236 13.12 13.09 1.07
N ILE A 237 14.44 13.04 1.20
CA ILE A 237 15.10 12.98 2.51
C ILE A 237 14.47 14.00 3.45
N GLN A 238 14.57 15.28 3.10
CA GLN A 238 14.00 16.34 3.92
C GLN A 238 12.55 16.05 4.29
N CYS A 239 11.76 15.61 3.32
CA CYS A 239 10.35 15.32 3.54
C CYS A 239 10.12 14.16 4.52
N LEU A 240 11.05 13.21 4.52
CA LEU A 240 10.94 12.05 5.42
C LEU A 240 11.36 12.40 6.84
N THR A 241 12.33 13.32 6.95
CA THR A 241 12.88 13.77 8.23
C THR A 241 12.19 15.04 8.74
N ARG A 242 12.51 16.18 8.12
CA ARG A 242 11.93 17.48 8.49
C ARG A 242 11.39 18.19 7.23
N PRO A 243 10.15 17.90 6.87
CA PRO A 243 9.45 18.45 5.69
C PRO A 243 9.45 19.98 5.60
N GLU A 244 9.46 20.64 6.75
CA GLU A 244 9.44 22.10 6.76
C GLU A 244 10.45 22.73 5.81
N LEU A 245 11.66 22.17 5.76
CA LEU A 245 12.71 22.69 4.89
C LEU A 245 12.33 22.61 3.39
N TYR A 246 11.88 21.44 2.94
CA TYR A 246 11.48 21.24 1.54
C TYR A 246 10.31 22.17 1.23
N PHE A 247 9.33 22.17 2.11
CA PHE A 247 8.16 23.01 1.92
C PHE A 247 8.49 24.50 1.95
N VAL A 248 9.33 24.91 2.90
CA VAL A 248 9.72 26.32 3.00
C VAL A 248 10.35 26.80 1.70
N ASP A 249 11.25 26.01 1.12
CA ASP A 249 11.91 26.39 -0.12
C ASP A 249 10.94 26.52 -1.28
N VAL A 250 10.02 25.56 -1.40
CA VAL A 250 9.03 25.58 -2.47
C VAL A 250 8.18 26.84 -2.38
N LEU A 251 7.87 27.28 -1.17
CA LEU A 251 7.08 28.50 -1.01
C LEU A 251 7.85 29.72 -1.51
N ARG A 252 9.13 29.79 -1.17
CA ARG A 252 9.99 30.90 -1.61
C ARG A 252 9.84 31.12 -3.12
N SER A 253 10.11 30.05 -3.87
CA SER A 253 10.03 30.10 -5.32
C SER A 253 8.62 30.36 -5.86
N ALA A 254 7.60 30.14 -5.05
CA ALA A 254 6.22 30.38 -5.49
C ALA A 254 5.89 31.86 -5.32
N ILE A 255 5.99 32.34 -4.08
CA ILE A 255 5.70 33.72 -3.76
C ILE A 255 6.54 34.64 -4.67
N ASN A 256 7.77 34.21 -4.95
CA ASN A 256 8.67 34.96 -5.82
C ASN A 256 8.41 34.65 -7.29
N LYS A 257 7.90 33.45 -7.55
CA LYS A 257 7.61 32.98 -8.91
C LYS A 257 8.88 32.65 -9.69
N THR A 258 9.72 31.80 -9.09
CA THR A 258 10.98 31.36 -9.69
C THR A 258 10.92 29.91 -10.15
N GLY A 259 10.28 29.07 -9.34
CA GLY A 259 10.18 27.67 -9.70
C GLY A 259 9.16 27.36 -10.76
N THR A 260 9.01 26.07 -11.06
CA THR A 260 8.06 25.61 -12.06
C THR A 260 7.04 24.69 -11.38
N ASP A 261 6.80 24.95 -10.10
CA ASP A 261 5.86 24.16 -9.33
C ASP A 261 4.52 24.92 -9.33
N GLU A 262 3.67 24.59 -10.30
CA GLU A 262 2.39 25.25 -10.42
C GLU A 262 1.45 24.83 -9.30
N GLY A 263 0.82 25.83 -8.67
CA GLY A 263 -0.10 25.55 -7.59
C GLY A 263 0.57 25.31 -6.24
N ALA A 264 1.88 25.47 -6.20
CA ALA A 264 2.64 25.26 -4.98
C ALA A 264 2.03 25.98 -3.76
N LEU A 265 1.81 27.29 -3.87
CA LEU A 265 1.26 28.05 -2.75
C LEU A 265 -0.06 27.50 -2.22
N THR A 266 -1.04 27.39 -3.11
CA THR A 266 -2.35 26.85 -2.75
C THR A 266 -2.22 25.44 -2.20
N ARG A 267 -1.41 24.62 -2.86
CA ARG A 267 -1.21 23.24 -2.43
C ARG A 267 -0.73 23.14 -0.98
N ILE A 268 0.36 23.82 -0.67
CA ILE A 268 0.94 23.78 0.67
C ILE A 268 -0.03 24.34 1.72
N VAL A 269 -0.55 25.54 1.49
CA VAL A 269 -1.47 26.13 2.45
C VAL A 269 -2.68 25.23 2.70
N THR A 270 -3.29 24.73 1.61
CA THR A 270 -4.45 23.86 1.75
C THR A 270 -4.12 22.45 2.22
N THR A 271 -3.07 21.84 1.67
CA THR A 271 -2.72 20.49 2.10
C THR A 271 -1.97 20.41 3.43
N ARG A 272 -1.53 21.55 3.95
CA ARG A 272 -0.78 21.53 5.21
C ARG A 272 -1.35 22.38 6.35
N ALA A 273 -2.39 23.16 6.07
CA ALA A 273 -2.98 24.02 7.09
C ALA A 273 -3.41 23.20 8.31
N GLU A 274 -3.54 21.89 8.14
CA GLU A 274 -3.95 21.04 9.24
C GLU A 274 -2.86 20.09 9.70
N ILE A 275 -1.66 20.24 9.13
CA ILE A 275 -0.56 19.35 9.48
C ILE A 275 0.72 19.99 10.04
N ASP A 276 1.43 20.75 9.21
CA ASP A 276 2.67 21.34 9.70
C ASP A 276 3.04 22.63 8.97
N LEU A 277 2.05 23.52 8.83
CA LEU A 277 2.27 24.80 8.15
C LEU A 277 2.74 25.79 9.21
N LYS A 278 2.36 25.56 10.46
CA LYS A 278 2.77 26.45 11.55
C LYS A 278 4.28 26.47 11.63
N VAL A 279 4.88 25.29 11.75
CA VAL A 279 6.32 25.19 11.82
C VAL A 279 6.89 25.73 10.52
N ILE A 280 6.39 25.21 9.41
CA ILE A 280 6.83 25.65 8.09
C ILE A 280 6.78 27.18 7.97
N GLY A 281 5.76 27.80 8.56
CA GLY A 281 5.63 29.24 8.52
C GLY A 281 6.75 29.88 9.32
N GLU A 282 6.89 29.43 10.57
CA GLU A 282 7.93 29.93 11.45
C GLU A 282 9.28 29.68 10.81
N GLU A 283 9.33 28.70 9.92
CA GLU A 283 10.58 28.41 9.22
C GLU A 283 10.74 29.41 8.12
N TYR A 284 9.64 29.71 7.44
CA TYR A 284 9.68 30.68 6.36
C TYR A 284 10.21 31.97 6.99
N GLN A 285 9.86 32.17 8.27
CA GLN A 285 10.30 33.34 9.02
C GLN A 285 11.81 33.34 9.15
N ARG A 286 12.33 32.43 9.96
CA ARG A 286 13.76 32.33 10.19
C ARG A 286 14.58 32.28 8.91
N ARG A 287 14.00 31.77 7.82
CA ARG A 287 14.76 31.68 6.58
C ARG A 287 14.72 32.90 5.68
N ASN A 288 13.62 33.66 5.69
CA ASN A 288 13.52 34.83 4.84
C ASN A 288 13.30 36.14 5.59
N SER A 289 13.15 36.05 6.90
CA SER A 289 12.94 37.22 7.74
C SER A 289 11.56 37.87 7.58
N ILE A 290 10.88 37.53 6.49
CA ILE A 290 9.55 38.07 6.21
C ILE A 290 8.46 37.05 6.59
N PRO A 291 7.34 37.52 7.17
CA PRO A 291 6.24 36.61 7.55
C PRO A 291 5.62 35.98 6.30
N LEU A 292 5.07 34.78 6.43
CA LEU A 292 4.48 34.12 5.28
C LEU A 292 3.24 34.89 4.79
N GLU A 293 2.37 35.28 5.73
CA GLU A 293 1.16 36.02 5.37
C GLU A 293 1.47 37.35 4.67
N LYS A 294 2.60 37.97 5.01
CA LYS A 294 2.97 39.24 4.38
C LYS A 294 3.43 39.04 2.93
N ALA A 295 4.18 37.99 2.68
CA ALA A 295 4.64 37.70 1.32
C ALA A 295 3.42 37.50 0.42
N ILE A 296 2.42 36.78 0.92
CA ILE A 296 1.20 36.51 0.17
C ILE A 296 0.38 37.78 -0.13
N THR A 297 0.15 38.60 0.88
CA THR A 297 -0.63 39.83 0.70
C THR A 297 0.27 41.01 0.34
N LYS A 298 1.53 40.69 0.09
CA LYS A 298 2.55 41.68 -0.27
C LYS A 298 2.17 42.65 -1.38
N ASP A 299 1.73 42.12 -2.53
CA ASP A 299 1.37 42.99 -3.65
C ASP A 299 -0.13 43.08 -3.93
N THR A 300 -0.89 42.11 -3.43
CA THR A 300 -2.33 42.07 -3.64
C THR A 300 -3.01 41.46 -2.42
N ARG A 301 -4.29 41.77 -2.26
CA ARG A 301 -5.08 41.24 -1.16
C ARG A 301 -6.52 40.98 -1.59
N GLY A 302 -6.67 40.18 -2.63
CA GLY A 302 -8.00 39.83 -3.11
C GLY A 302 -8.52 38.68 -2.26
N ASP A 303 -9.65 38.11 -2.66
CA ASP A 303 -10.25 37.00 -1.93
C ASP A 303 -9.30 35.79 -1.88
N TYR A 304 -8.55 35.57 -2.95
CA TYR A 304 -7.59 34.46 -3.00
C TYR A 304 -6.60 34.60 -1.86
N GLU A 305 -5.91 35.74 -1.80
CA GLU A 305 -4.94 35.97 -0.73
C GLU A 305 -5.67 35.94 0.62
N LYS A 306 -6.89 36.46 0.62
CA LYS A 306 -7.67 36.48 1.84
C LYS A 306 -7.92 35.06 2.38
N MET A 307 -8.24 34.13 1.48
CA MET A 307 -8.48 32.75 1.90
C MET A 307 -7.22 32.16 2.53
N LEU A 308 -6.10 32.29 1.83
CA LEU A 308 -4.83 31.75 2.31
C LEU A 308 -4.42 32.26 3.68
N VAL A 309 -4.42 33.58 3.88
CA VAL A 309 -4.03 34.09 5.17
C VAL A 309 -4.97 33.59 6.26
N ALA A 310 -6.25 33.42 5.91
CA ALA A 310 -7.22 32.91 6.90
C ALA A 310 -6.87 31.47 7.30
N LEU A 311 -6.51 30.64 6.33
CA LEU A 311 -6.14 29.24 6.62
C LEU A 311 -4.89 29.27 7.48
N LEU A 312 -4.11 30.33 7.36
CA LEU A 312 -2.89 30.50 8.16
C LEU A 312 -3.25 31.08 9.52
N GLY A 313 -4.54 31.37 9.72
CA GLY A 313 -4.99 31.94 10.98
C GLY A 313 -4.79 33.44 11.05
N GLU A 314 -4.17 34.01 10.02
CA GLU A 314 -3.93 35.45 9.98
C GLU A 314 -4.90 36.14 9.02
N ASP A 315 -6.19 36.11 9.35
CA ASP A 315 -7.23 36.73 8.53
C ASP A 315 -6.94 38.16 8.06
N ASP A 316 -6.44 39.00 8.96
CA ASP A 316 -6.15 40.40 8.64
C ASP A 316 -4.69 40.71 8.28
N ALA A 317 -4.05 39.80 7.56
CA ALA A 317 -2.67 40.02 7.15
C ALA A 317 -2.64 40.55 5.72
N SER B 1 -16.65 -21.37 -3.83
CA SER B 1 -15.33 -22.03 -3.98
C SER B 1 -14.80 -22.42 -2.61
N ALA B 2 -15.65 -22.28 -1.60
CA ALA B 2 -15.29 -22.59 -0.23
C ALA B 2 -15.69 -24.01 0.16
N THR B 3 -14.81 -24.70 0.88
CA THR B 3 -15.09 -26.06 1.32
C THR B 3 -15.50 -26.05 2.80
N LEU B 4 -15.15 -24.97 3.48
CA LEU B 4 -15.46 -24.81 4.90
C LEU B 4 -16.93 -25.08 5.25
N LYS B 5 -17.16 -26.16 5.98
CA LYS B 5 -18.50 -26.53 6.40
C LYS B 5 -18.67 -26.24 7.89
N VAL B 6 -18.99 -24.99 8.21
CA VAL B 6 -19.18 -24.56 9.59
C VAL B 6 -20.48 -25.13 10.15
N SER B 7 -20.37 -26.28 10.80
CA SER B 7 -21.53 -26.95 11.38
C SER B 7 -22.39 -26.00 12.20
N ASP B 8 -23.68 -26.32 12.32
CA ASP B 8 -24.61 -25.49 13.06
C ASP B 8 -24.39 -25.68 14.55
N SER B 9 -25.47 -25.63 15.33
CA SER B 9 -25.40 -25.80 16.78
C SER B 9 -24.21 -25.02 17.34
N VAL B 10 -24.14 -23.73 16.99
CA VAL B 10 -23.06 -22.87 17.46
C VAL B 10 -23.53 -22.05 18.67
N PRO B 11 -22.94 -22.30 19.83
CA PRO B 11 -23.29 -21.59 21.07
C PRO B 11 -22.59 -20.23 21.22
N ALA B 12 -22.60 -19.71 22.44
CA ALA B 12 -21.97 -18.42 22.74
C ALA B 12 -20.45 -18.55 22.71
N PRO B 13 -19.76 -17.49 22.26
CA PRO B 13 -18.30 -17.54 22.20
C PRO B 13 -17.66 -17.98 23.52
N SER B 14 -18.05 -17.33 24.62
CA SER B 14 -17.48 -17.68 25.92
C SER B 14 -17.75 -19.15 26.23
N ASP B 15 -18.78 -19.71 25.62
CA ASP B 15 -19.14 -21.11 25.81
C ASP B 15 -18.19 -22.03 25.06
N ASP B 16 -18.06 -21.82 23.75
CA ASP B 16 -17.15 -22.63 22.97
C ASP B 16 -15.76 -22.50 23.59
N ALA B 17 -15.49 -21.34 24.18
CA ALA B 17 -14.22 -21.07 24.81
C ALA B 17 -14.05 -21.96 26.03
N GLU B 18 -15.10 -22.11 26.82
CA GLU B 18 -15.06 -22.94 28.01
C GLU B 18 -14.71 -24.40 27.69
N GLN B 19 -15.27 -24.92 26.60
CA GLN B 19 -14.98 -26.29 26.21
C GLN B 19 -13.62 -26.43 25.52
N LEU B 20 -13.17 -25.35 24.87
CA LEU B 20 -11.86 -25.37 24.21
C LEU B 20 -10.86 -25.37 25.36
N ARG B 21 -11.22 -24.62 26.40
CA ARG B 21 -10.42 -24.48 27.62
C ARG B 21 -10.17 -25.86 28.22
N THR B 22 -11.24 -26.64 28.35
CA THR B 22 -11.16 -27.98 28.90
C THR B 22 -10.33 -28.90 28.01
N ALA B 23 -10.07 -28.46 26.78
CA ALA B 23 -9.29 -29.23 25.83
C ALA B 23 -7.86 -28.73 25.71
N GLU B 31 -9.00 -32.93 21.26
CA GLU B 31 -8.74 -33.33 19.88
C GLU B 31 -10.03 -33.25 19.08
N ASP B 32 -10.92 -34.21 19.29
CA ASP B 32 -12.20 -34.26 18.60
C ASP B 32 -12.98 -32.98 18.96
N LEU B 33 -12.83 -32.54 20.20
CA LEU B 33 -13.52 -31.35 20.68
C LEU B 33 -12.92 -30.09 20.06
N ILE B 34 -11.62 -30.12 19.82
CA ILE B 34 -10.93 -28.98 19.22
C ILE B 34 -11.39 -28.89 17.77
N ILE B 35 -11.42 -30.06 17.11
CA ILE B 35 -11.85 -30.14 15.72
C ILE B 35 -13.34 -29.84 15.61
N SER B 36 -14.14 -30.51 16.43
CA SER B 36 -15.59 -30.31 16.41
C SER B 36 -15.96 -28.83 16.45
N ILE B 37 -15.10 -28.02 17.05
CA ILE B 37 -15.38 -26.59 17.12
C ILE B 37 -14.55 -25.78 16.13
N LEU B 38 -13.25 -25.65 16.39
CA LEU B 38 -12.37 -24.88 15.52
C LEU B 38 -12.39 -25.31 14.06
N ALA B 39 -12.39 -26.61 13.81
CA ALA B 39 -12.39 -27.13 12.44
C ALA B 39 -13.75 -27.00 11.78
N HIS B 40 -14.72 -26.45 12.50
CA HIS B 40 -16.07 -26.26 11.99
C HIS B 40 -16.67 -24.94 12.45
N ARG B 41 -15.83 -23.90 12.47
CA ARG B 41 -16.25 -22.56 12.87
C ARG B 41 -15.69 -21.55 11.88
N SER B 42 -16.47 -20.51 11.58
CA SER B 42 -16.05 -19.48 10.64
C SER B 42 -14.98 -18.55 11.20
N ALA B 43 -14.23 -17.91 10.30
CA ALA B 43 -13.16 -16.98 10.66
C ALA B 43 -13.63 -15.89 11.62
N GLU B 44 -14.87 -15.45 11.43
CA GLU B 44 -15.45 -14.41 12.26
C GLU B 44 -15.92 -14.98 13.59
N GLN B 45 -16.38 -16.23 13.57
CA GLN B 45 -16.83 -16.87 14.79
C GLN B 45 -15.63 -17.23 15.66
N ARG B 46 -14.56 -17.69 15.02
CA ARG B 46 -13.35 -18.08 15.73
C ARG B 46 -12.76 -16.84 16.40
N LYS B 47 -12.85 -15.71 15.72
CA LYS B 47 -12.33 -14.45 16.21
C LYS B 47 -13.11 -14.04 17.46
N VAL B 48 -14.42 -14.28 17.45
CA VAL B 48 -15.26 -13.93 18.58
C VAL B 48 -14.97 -14.84 19.76
N ILE B 49 -14.59 -16.09 19.48
CA ILE B 49 -14.27 -17.04 20.53
C ILE B 49 -12.97 -16.66 21.23
N ARG B 50 -11.92 -16.37 20.45
CA ARG B 50 -10.64 -15.96 21.04
C ARG B 50 -10.90 -14.80 21.98
N GLN B 51 -11.75 -13.88 21.53
CA GLN B 51 -12.10 -12.71 22.31
C GLN B 51 -12.74 -13.13 23.62
N ALA B 52 -13.92 -13.74 23.53
CA ALA B 52 -14.64 -14.20 24.71
C ALA B 52 -13.70 -14.95 25.63
N TYR B 53 -12.84 -15.77 25.03
CA TYR B 53 -11.89 -16.56 25.78
C TYR B 53 -10.97 -15.66 26.60
N HIS B 54 -10.43 -14.63 25.96
CA HIS B 54 -9.54 -13.70 26.64
C HIS B 54 -10.25 -12.93 27.75
N GLU B 55 -11.48 -12.50 27.49
CA GLU B 55 -12.27 -11.75 28.46
C GLU B 55 -12.86 -12.70 29.50
N THR B 56 -12.37 -13.93 29.52
CA THR B 56 -12.85 -14.92 30.47
C THR B 56 -11.71 -15.53 31.29
N TYR B 57 -10.81 -16.23 30.62
CA TYR B 57 -9.69 -16.87 31.30
C TYR B 57 -8.45 -15.99 31.37
N GLY B 58 -8.63 -14.71 31.05
CA GLY B 58 -7.53 -13.76 31.08
C GLY B 58 -6.28 -14.28 30.40
N GLU B 59 -6.45 -15.06 29.34
CA GLU B 59 -5.34 -15.63 28.59
C GLU B 59 -5.59 -15.61 27.09
N ASP B 60 -4.59 -16.03 26.31
CA ASP B 60 -4.73 -16.07 24.86
C ASP B 60 -4.76 -17.52 24.37
N LEU B 61 -5.89 -17.91 23.79
CA LEU B 61 -6.10 -19.27 23.28
C LEU B 61 -4.91 -19.80 22.49
N LEU B 62 -4.24 -18.95 21.73
CA LEU B 62 -3.11 -19.38 20.90
C LEU B 62 -1.73 -19.22 21.53
N LYS B 63 -1.69 -18.84 22.80
CA LYS B 63 -0.42 -18.65 23.51
C LYS B 63 0.45 -19.91 23.47
N THR B 64 -0.16 -21.06 23.71
CA THR B 64 0.54 -22.34 23.72
C THR B 64 0.84 -22.89 22.32
N LEU B 65 0.49 -22.12 21.29
CA LEU B 65 0.73 -22.57 19.92
C LEU B 65 1.61 -21.60 19.13
N ASP B 66 1.50 -20.31 19.43
CA ASP B 66 2.28 -19.30 18.74
C ASP B 66 3.77 -19.42 19.05
N SER B 70 5.03 -26.83 17.38
CA SER B 70 5.99 -27.92 17.22
C SER B 70 5.26 -29.19 16.81
N ASN B 71 4.13 -29.03 16.13
CA ASN B 71 3.32 -30.16 15.70
C ASN B 71 2.39 -29.77 14.53
N ASP B 72 2.25 -30.67 13.56
CA ASP B 72 1.42 -30.41 12.38
C ASP B 72 0.00 -30.01 12.75
N PHE B 73 -0.63 -30.77 13.63
CA PHE B 73 -1.99 -30.46 14.07
C PHE B 73 -2.03 -29.10 14.77
N GLU B 74 -1.16 -28.91 15.76
CA GLU B 74 -1.12 -27.65 16.49
C GLU B 74 -0.86 -26.52 15.50
N ARG B 75 0.03 -26.78 14.54
CA ARG B 75 0.40 -25.82 13.51
C ARG B 75 -0.83 -25.45 12.68
N ALA B 76 -1.73 -26.41 12.49
CA ALA B 76 -2.95 -26.19 11.71
C ALA B 76 -3.93 -25.32 12.49
N ILE B 77 -4.10 -25.61 13.79
CA ILE B 77 -5.00 -24.83 14.62
C ILE B 77 -4.52 -23.37 14.66
N LEU B 78 -3.21 -23.20 14.82
CA LEU B 78 -2.62 -21.87 14.89
C LEU B 78 -2.96 -21.07 13.65
N LEU B 79 -2.52 -21.60 12.50
CA LEU B 79 -2.75 -20.96 11.20
C LEU B 79 -4.22 -20.77 10.90
N TRP B 80 -5.05 -21.71 11.36
CA TRP B 80 -6.49 -21.66 11.12
C TRP B 80 -7.26 -20.74 12.08
N THR B 81 -6.72 -20.54 13.27
CA THR B 81 -7.39 -19.72 14.27
C THR B 81 -6.92 -18.27 14.32
N LEU B 82 -5.71 -18.02 13.82
CA LEU B 82 -5.20 -16.65 13.80
C LEU B 82 -6.12 -15.83 12.89
N GLU B 83 -6.14 -14.52 13.09
CA GLU B 83 -6.97 -13.66 12.26
C GLU B 83 -6.35 -13.80 10.87
N PRO B 84 -7.19 -13.99 9.84
CA PRO B 84 -6.65 -14.14 8.47
C PRO B 84 -5.50 -13.21 8.11
N GLY B 85 -5.47 -12.03 8.72
CA GLY B 85 -4.40 -11.09 8.44
C GLY B 85 -3.08 -11.42 9.13
N GLU B 86 -3.14 -11.79 10.41
CA GLU B 86 -1.94 -12.13 11.15
C GLU B 86 -1.34 -13.40 10.55
N ARG B 87 -2.21 -14.35 10.19
CA ARG B 87 -1.80 -15.61 9.58
C ARG B 87 -0.88 -15.40 8.38
N ASP B 88 -1.34 -14.59 7.43
CA ASP B 88 -0.56 -14.29 6.22
C ASP B 88 0.65 -13.42 6.54
N ALA B 89 0.51 -12.54 7.53
CA ALA B 89 1.62 -11.67 7.93
C ALA B 89 2.71 -12.60 8.45
N LEU B 90 2.28 -13.61 9.19
CA LEU B 90 3.19 -14.60 9.77
C LEU B 90 3.82 -15.47 8.68
N LEU B 91 2.99 -15.93 7.73
CA LEU B 91 3.49 -16.78 6.66
C LEU B 91 4.58 -16.10 5.82
N ALA B 92 4.45 -14.79 5.61
CA ALA B 92 5.43 -14.03 4.84
C ALA B 92 6.75 -13.86 5.60
N ASN B 93 6.66 -13.55 6.89
CA ASN B 93 7.88 -13.38 7.67
C ASN B 93 8.74 -14.65 7.62
N GLU B 94 8.11 -15.80 7.85
CA GLU B 94 8.82 -17.08 7.81
C GLU B 94 9.52 -17.28 6.47
N ALA B 95 8.83 -16.96 5.39
CA ALA B 95 9.41 -17.09 4.05
C ALA B 95 10.65 -16.19 3.91
N THR B 96 10.50 -14.92 4.28
CA THR B 96 11.61 -13.96 4.18
C THR B 96 12.83 -14.45 4.94
N LYS B 97 12.61 -15.03 6.12
CA LYS B 97 13.71 -15.53 6.94
C LYS B 97 14.57 -16.56 6.23
N ARG B 98 14.00 -17.72 5.96
CA ARG B 98 14.75 -18.78 5.28
C ARG B 98 14.61 -18.68 3.78
N TRP B 99 14.36 -17.47 3.30
CA TRP B 99 14.18 -17.22 1.88
C TRP B 99 15.33 -17.69 0.98
N THR B 100 14.95 -18.26 -0.16
CA THR B 100 15.89 -18.69 -1.18
C THR B 100 15.08 -18.52 -2.45
N SER B 101 15.73 -18.67 -3.60
CA SER B 101 15.04 -18.51 -4.87
C SER B 101 13.97 -19.58 -5.11
N SER B 102 13.76 -20.44 -4.11
CA SER B 102 12.77 -21.51 -4.25
C SER B 102 11.46 -21.18 -3.56
N ASN B 103 11.53 -20.39 -2.50
CA ASN B 103 10.33 -20.02 -1.76
C ASN B 103 9.48 -19.04 -2.56
N GLN B 104 8.17 -19.23 -2.51
CA GLN B 104 7.25 -18.37 -3.25
C GLN B 104 6.09 -17.87 -2.39
N VAL B 105 6.18 -18.03 -1.08
CA VAL B 105 5.09 -17.58 -0.20
C VAL B 105 4.82 -16.07 -0.29
N LEU B 106 5.88 -15.27 -0.48
CA LEU B 106 5.73 -13.82 -0.60
C LEU B 106 5.02 -13.50 -1.92
N MET B 107 5.09 -14.42 -2.88
CA MET B 107 4.41 -14.22 -4.15
C MET B 107 2.98 -14.67 -3.96
N GLU B 108 2.82 -15.95 -3.62
CA GLU B 108 1.50 -16.52 -3.42
C GLU B 108 0.62 -15.61 -2.58
N VAL B 109 1.16 -15.09 -1.49
CA VAL B 109 0.42 -14.21 -0.59
C VAL B 109 0.04 -12.87 -1.22
N ALA B 110 0.82 -12.40 -2.18
CA ALA B 110 0.54 -11.13 -2.84
C ALA B 110 -0.38 -11.22 -4.04
N CYS B 111 -0.31 -12.35 -4.75
CA CYS B 111 -1.12 -12.54 -5.96
C CYS B 111 -2.43 -13.28 -5.78
N THR B 112 -2.61 -13.96 -4.66
CA THR B 112 -3.86 -14.70 -4.46
C THR B 112 -4.72 -14.11 -3.34
N ARG B 113 -4.63 -12.80 -3.19
CA ARG B 113 -5.39 -12.07 -2.18
C ARG B 113 -6.09 -10.87 -2.83
N THR B 114 -7.16 -10.41 -2.20
CA THR B 114 -7.87 -9.25 -2.70
C THR B 114 -7.17 -8.06 -2.06
N SER B 115 -7.24 -6.89 -2.69
CA SER B 115 -6.59 -5.70 -2.17
C SER B 115 -6.82 -5.54 -0.67
N THR B 116 -8.05 -5.77 -0.22
CA THR B 116 -8.36 -5.66 1.19
C THR B 116 -7.55 -6.67 1.99
N GLN B 117 -7.48 -7.91 1.52
CA GLN B 117 -6.73 -8.94 2.22
C GLN B 117 -5.25 -8.56 2.36
N LEU B 118 -4.68 -7.96 1.32
CA LEU B 118 -3.28 -7.57 1.39
C LEU B 118 -3.11 -6.36 2.28
N LEU B 119 -4.06 -5.43 2.22
CA LEU B 119 -3.99 -4.25 3.07
C LEU B 119 -4.14 -4.77 4.50
N HIS B 120 -4.83 -5.90 4.64
CA HIS B 120 -5.01 -6.50 5.94
C HIS B 120 -3.85 -7.46 6.18
N ALA B 121 -2.95 -7.54 5.21
CA ALA B 121 -1.78 -8.39 5.34
C ALA B 121 -0.57 -7.50 5.63
N ARG B 122 -0.72 -6.21 5.40
CA ARG B 122 0.36 -5.26 5.62
C ARG B 122 0.35 -4.71 7.03
N GLN B 123 -0.84 -4.71 7.63
CA GLN B 123 -1.04 -4.20 8.99
C GLN B 123 -0.65 -5.22 10.05
N ALA B 124 -1.18 -6.43 9.91
CA ALA B 124 -0.88 -7.51 10.83
C ALA B 124 0.63 -7.70 10.94
N TYR B 125 1.34 -7.33 9.89
CA TYR B 125 2.79 -7.48 9.87
C TYR B 125 3.40 -6.39 10.74
N HIS B 126 2.71 -5.25 10.84
CA HIS B 126 3.18 -4.15 11.67
C HIS B 126 3.05 -4.55 13.13
N ALA B 127 1.81 -4.75 13.56
CA ALA B 127 1.48 -5.07 14.94
C ALA B 127 2.33 -6.17 15.56
N ARG B 128 2.77 -7.12 14.74
CA ARG B 128 3.58 -8.24 15.25
C ARG B 128 5.09 -8.05 15.10
N TYR B 129 5.53 -7.63 13.93
CA TYR B 129 6.97 -7.47 13.69
C TYR B 129 7.59 -6.06 13.80
N LYS B 130 6.77 -5.05 14.09
CA LYS B 130 7.27 -3.68 14.22
C LYS B 130 8.18 -3.31 13.04
N LYS B 131 7.76 -3.74 11.86
CA LYS B 131 8.48 -3.50 10.60
C LYS B 131 7.48 -3.77 9.48
N SER B 132 7.56 -3.03 8.38
CA SER B 132 6.64 -3.25 7.27
C SER B 132 7.10 -4.44 6.45
N LEU B 133 6.15 -5.10 5.80
CA LEU B 133 6.47 -6.26 4.98
C LEU B 133 7.50 -5.87 3.92
N GLU B 134 7.28 -4.73 3.28
CA GLU B 134 8.18 -4.23 2.24
C GLU B 134 9.64 -4.17 2.67
N GLU B 135 9.91 -3.59 3.85
CA GLU B 135 11.29 -3.47 4.30
C GLU B 135 11.91 -4.83 4.62
N ASP B 136 11.15 -5.76 5.21
CA ASP B 136 11.69 -7.09 5.51
C ASP B 136 11.85 -7.90 4.23
N VAL B 137 10.92 -7.76 3.30
CA VAL B 137 11.00 -8.48 2.03
C VAL B 137 12.19 -7.93 1.26
N ALA B 138 12.16 -6.64 0.99
CA ALA B 138 13.23 -5.98 0.28
C ALA B 138 14.57 -6.28 0.94
N HIS B 139 14.55 -6.36 2.27
CA HIS B 139 15.77 -6.61 3.02
C HIS B 139 16.44 -7.97 2.78
N HIS B 140 15.65 -9.04 2.79
CA HIS B 140 16.23 -10.36 2.63
C HIS B 140 15.99 -11.13 1.33
N THR B 141 15.70 -10.42 0.24
CA THR B 141 15.51 -11.08 -1.06
C THR B 141 16.55 -10.51 -2.03
N THR B 142 16.84 -11.25 -3.11
CA THR B 142 17.86 -10.79 -4.05
C THR B 142 17.49 -10.65 -5.53
N GLY B 143 18.27 -9.83 -6.23
CA GLY B 143 18.09 -9.59 -7.65
C GLY B 143 16.67 -9.38 -8.16
N ASP B 144 16.31 -10.14 -9.18
CA ASP B 144 14.98 -10.05 -9.78
C ASP B 144 13.96 -10.54 -8.77
N PHE B 145 14.35 -11.56 -8.01
CA PHE B 145 13.49 -12.13 -7.00
C PHE B 145 13.03 -11.05 -6.03
N ARG B 146 13.95 -10.20 -5.56
CA ARG B 146 13.58 -9.15 -4.63
C ARG B 146 12.62 -8.14 -5.26
N LYS B 147 12.98 -7.61 -6.43
CA LYS B 147 12.15 -6.63 -7.11
C LYS B 147 10.69 -7.04 -7.21
N LEU B 148 10.41 -8.02 -8.08
CA LEU B 148 9.05 -8.52 -8.29
C LEU B 148 8.32 -8.68 -6.97
N LEU B 149 8.87 -9.49 -6.07
CA LEU B 149 8.26 -9.71 -4.78
C LEU B 149 7.91 -8.39 -4.09
N VAL B 150 8.90 -7.50 -3.96
CA VAL B 150 8.66 -6.19 -3.34
C VAL B 150 7.51 -5.49 -4.09
N SER B 151 7.62 -5.44 -5.41
CA SER B 151 6.59 -4.82 -6.22
C SER B 151 5.24 -5.49 -5.96
N LEU B 152 5.25 -6.82 -5.85
CA LEU B 152 4.02 -7.57 -5.61
C LEU B 152 3.45 -7.34 -4.22
N VAL B 153 4.30 -7.32 -3.20
CA VAL B 153 3.83 -7.10 -1.83
C VAL B 153 3.39 -5.65 -1.58
N THR B 154 4.00 -4.70 -2.26
CA THR B 154 3.62 -3.31 -2.06
C THR B 154 2.39 -2.88 -2.85
N SER B 155 1.78 -3.83 -3.55
CA SER B 155 0.60 -3.50 -4.33
C SER B 155 -0.67 -3.42 -3.49
N TYR B 156 -1.57 -2.55 -3.92
CA TYR B 156 -2.89 -2.35 -3.32
C TYR B 156 -3.76 -2.10 -4.57
N ARG B 157 -3.77 -3.11 -5.45
CA ARG B 157 -4.46 -3.14 -6.73
C ARG B 157 -5.84 -2.56 -6.88
N TYR B 158 -6.14 -2.13 -8.10
CA TYR B 158 -7.46 -1.61 -8.44
C TYR B 158 -8.22 -2.91 -8.72
N GLU B 159 -9.46 -2.99 -8.26
CA GLU B 159 -10.26 -4.19 -8.42
C GLU B 159 -11.51 -4.06 -9.28
N GLY B 160 -11.70 -2.89 -9.88
CA GLY B 160 -12.85 -2.70 -10.74
C GLY B 160 -12.75 -3.61 -11.96
N ASP B 161 -13.83 -3.71 -12.73
CA ASP B 161 -13.86 -4.58 -13.90
C ASP B 161 -13.37 -3.95 -15.20
N GLU B 162 -13.37 -2.62 -15.25
CA GLU B 162 -12.94 -1.90 -16.44
C GLU B 162 -11.72 -2.54 -17.11
N VAL B 163 -11.67 -2.49 -18.43
CA VAL B 163 -10.58 -3.06 -19.17
C VAL B 163 -10.31 -2.24 -20.42
N ASN B 164 -9.08 -1.77 -20.56
CA ASN B 164 -8.71 -1.00 -21.74
C ASN B 164 -8.03 -1.97 -22.70
N MET B 165 -8.81 -2.52 -23.63
CA MET B 165 -8.26 -3.48 -24.59
C MET B 165 -7.01 -2.97 -25.32
N THR B 166 -7.09 -1.76 -25.89
CA THR B 166 -5.94 -1.21 -26.60
C THR B 166 -4.72 -1.21 -25.68
N LEU B 167 -4.96 -0.85 -24.42
CA LEU B 167 -3.89 -0.82 -23.43
C LEU B 167 -3.34 -2.24 -23.32
N ALA B 168 -4.25 -3.21 -23.30
CA ALA B 168 -3.87 -4.60 -23.18
C ALA B 168 -3.06 -5.05 -24.40
N LYS B 169 -3.35 -4.44 -25.55
CA LYS B 169 -2.64 -4.79 -26.78
C LYS B 169 -1.17 -4.41 -26.73
N GLN B 170 -0.90 -3.16 -26.35
CA GLN B 170 0.49 -2.69 -26.23
C GLN B 170 1.27 -3.49 -25.20
N GLU B 171 0.62 -3.78 -24.08
CA GLU B 171 1.30 -4.54 -23.03
C GLU B 171 1.70 -5.90 -23.60
N ALA B 172 0.75 -6.59 -24.21
CA ALA B 172 1.04 -7.90 -24.81
C ALA B 172 2.06 -7.68 -25.93
N LYS B 173 1.88 -6.62 -26.70
CA LYS B 173 2.78 -6.31 -27.79
C LYS B 173 4.09 -5.79 -27.23
N LEU B 174 4.27 -5.97 -25.93
CA LEU B 174 5.47 -5.52 -25.23
C LEU B 174 6.13 -6.72 -24.55
N VAL B 175 5.37 -7.44 -23.74
CA VAL B 175 5.90 -8.60 -23.05
C VAL B 175 6.46 -9.56 -24.08
N HIS B 176 5.79 -9.66 -25.22
CA HIS B 176 6.22 -10.57 -26.27
C HIS B 176 7.64 -10.26 -26.72
N GLU B 177 7.90 -8.99 -27.02
CA GLU B 177 9.23 -8.60 -27.47
C GLU B 177 10.32 -8.81 -26.44
N LYS B 178 9.94 -9.14 -25.22
CA LYS B 178 10.92 -9.37 -24.16
C LYS B 178 10.99 -10.84 -23.75
N ILE B 179 9.86 -11.52 -23.76
CA ILE B 179 9.83 -12.92 -23.38
C ILE B 179 10.39 -13.81 -24.48
N LYS B 180 10.21 -13.37 -25.73
CA LYS B 180 10.69 -14.13 -26.89
C LYS B 180 12.21 -14.25 -26.87
N ASP B 181 12.89 -13.30 -26.23
CA ASP B 181 14.33 -13.32 -26.13
C ASP B 181 14.78 -13.73 -24.74
N LYS B 182 13.84 -14.24 -23.96
CA LYS B 182 14.12 -14.70 -22.60
C LYS B 182 14.48 -13.61 -21.59
N HIS B 183 14.29 -12.35 -21.98
CA HIS B 183 14.56 -11.25 -21.05
C HIS B 183 13.42 -11.25 -20.03
N TYR B 184 13.31 -12.37 -19.32
CA TYR B 184 12.28 -12.59 -18.32
C TYR B 184 12.14 -11.46 -17.30
N ASN B 185 13.23 -11.12 -16.62
CA ASN B 185 13.20 -10.06 -15.61
C ASN B 185 13.03 -8.67 -16.24
N ASP B 186 12.32 -8.60 -17.35
CA ASP B 186 12.12 -7.32 -18.02
C ASP B 186 11.39 -6.27 -17.19
N GLU B 187 11.93 -5.05 -17.22
CA GLU B 187 11.40 -3.90 -16.50
C GLU B 187 9.87 -3.78 -16.64
N ASP B 188 9.39 -3.69 -17.89
CA ASP B 188 7.95 -3.57 -18.12
C ASP B 188 7.16 -4.80 -17.70
N VAL B 189 7.69 -5.99 -17.96
CA VAL B 189 7.02 -7.22 -17.55
C VAL B 189 6.71 -7.20 -16.06
N ILE B 190 7.66 -6.72 -15.26
CA ILE B 190 7.48 -6.66 -13.82
C ILE B 190 6.43 -5.62 -13.43
N ARG B 191 6.43 -4.49 -14.12
CA ARG B 191 5.47 -3.43 -13.83
C ARG B 191 4.03 -3.88 -14.13
N ILE B 192 3.87 -4.64 -15.21
CA ILE B 192 2.58 -5.14 -15.64
C ILE B 192 1.92 -5.99 -14.56
N LEU B 193 2.67 -6.93 -14.00
CA LEU B 193 2.17 -7.81 -12.96
C LEU B 193 1.94 -7.12 -11.61
N SER B 194 2.51 -5.94 -11.41
CA SER B 194 2.34 -5.23 -10.14
C SER B 194 1.38 -4.04 -10.14
N THR B 195 1.10 -3.47 -11.30
CA THR B 195 0.21 -2.32 -11.35
C THR B 195 -1.14 -2.50 -12.07
N ARG B 196 -1.13 -3.15 -13.23
CA ARG B 196 -2.37 -3.38 -13.97
C ARG B 196 -3.32 -4.21 -13.09
N SER B 197 -4.62 -4.10 -13.32
CA SER B 197 -5.56 -4.88 -12.52
C SER B 197 -5.52 -6.32 -13.00
N LYS B 198 -6.09 -7.23 -12.22
CA LYS B 198 -6.11 -8.64 -12.62
C LYS B 198 -6.93 -8.80 -13.89
N ALA B 199 -7.91 -7.93 -14.08
CA ALA B 199 -8.77 -7.97 -15.27
C ALA B 199 -8.02 -7.38 -16.46
N GLN B 200 -7.30 -6.29 -16.19
CA GLN B 200 -6.52 -5.61 -17.22
C GLN B 200 -5.39 -6.53 -17.70
N ILE B 201 -4.82 -7.28 -16.77
CA ILE B 201 -3.74 -8.22 -17.05
C ILE B 201 -4.28 -9.41 -17.84
N ASN B 202 -5.39 -9.98 -17.37
CA ASN B 202 -6.02 -11.11 -18.03
C ASN B 202 -6.29 -10.71 -19.47
N ALA B 203 -6.72 -9.47 -19.68
CA ALA B 203 -7.00 -8.99 -21.03
C ALA B 203 -5.70 -8.89 -21.80
N THR B 204 -4.61 -8.60 -21.08
CA THR B 204 -3.30 -8.48 -21.73
C THR B 204 -2.83 -9.83 -22.26
N PHE B 205 -2.87 -10.85 -21.41
CA PHE B 205 -2.44 -12.17 -21.83
C PHE B 205 -3.39 -12.78 -22.88
N ASN B 206 -4.69 -12.52 -22.76
CA ASN B 206 -5.64 -13.03 -23.74
C ASN B 206 -5.28 -12.39 -25.07
N ARG B 207 -4.90 -11.12 -25.02
CA ARG B 207 -4.49 -10.40 -26.23
C ARG B 207 -3.14 -10.92 -26.70
N TYR B 208 -2.34 -11.41 -25.75
CA TYR B 208 -1.02 -11.95 -26.08
C TYR B 208 -1.24 -13.19 -26.96
N GLN B 209 -2.25 -13.98 -26.61
CA GLN B 209 -2.55 -15.19 -27.37
C GLN B 209 -3.04 -14.88 -28.77
N ASP B 210 -3.99 -13.95 -28.87
CA ASP B 210 -4.54 -13.58 -30.16
C ASP B 210 -3.45 -12.94 -31.02
N ASP B 211 -2.61 -12.12 -30.40
CA ASP B 211 -1.52 -11.44 -31.09
C ASP B 211 -0.37 -12.35 -31.52
N HIS B 212 -0.16 -13.46 -30.81
CA HIS B 212 0.94 -14.35 -31.16
C HIS B 212 0.59 -15.83 -31.25
N GLY B 213 -0.70 -16.13 -31.44
CA GLY B 213 -1.14 -17.51 -31.59
C GLY B 213 -1.15 -18.41 -30.37
N GLU B 214 -0.19 -18.24 -29.46
CA GLU B 214 -0.15 -19.08 -28.26
C GLU B 214 -0.27 -18.28 -26.97
N GLU B 215 -0.32 -18.98 -25.84
CA GLU B 215 -0.44 -18.34 -24.54
C GLU B 215 0.95 -18.06 -23.95
N ILE B 216 1.04 -17.01 -23.14
CA ILE B 216 2.31 -16.62 -22.53
C ILE B 216 2.92 -17.77 -21.72
N LEU B 217 2.10 -18.48 -20.94
CA LEU B 217 2.61 -19.60 -20.18
C LEU B 217 3.19 -20.64 -21.13
N LYS B 218 2.49 -20.91 -22.23
CA LYS B 218 2.96 -21.87 -23.21
C LYS B 218 4.37 -21.48 -23.63
N SER B 219 4.50 -20.24 -24.09
CA SER B 219 5.77 -19.69 -24.55
C SER B 219 6.90 -19.98 -23.56
N LEU B 220 6.58 -19.93 -22.27
CA LEU B 220 7.55 -20.18 -21.22
C LEU B 220 7.93 -21.65 -21.08
N GLU B 221 7.03 -22.56 -21.43
CA GLU B 221 7.28 -24.00 -21.32
C GLU B 221 8.63 -24.41 -21.91
N GLU B 222 9.09 -23.67 -22.91
CA GLU B 222 10.36 -23.95 -23.56
C GLU B 222 11.55 -23.49 -22.72
N GLY B 223 11.33 -22.46 -21.91
CA GLY B 223 12.37 -21.92 -21.07
C GLY B 223 13.07 -22.97 -20.21
N ASP B 224 14.21 -22.57 -19.63
CA ASP B 224 14.99 -23.46 -18.78
C ASP B 224 14.31 -23.67 -17.43
N ASP B 225 14.15 -24.94 -17.04
CA ASP B 225 13.51 -25.28 -15.78
C ASP B 225 14.41 -25.02 -14.59
N ASP B 226 15.71 -24.86 -14.84
CA ASP B 226 16.68 -24.58 -13.79
C ASP B 226 16.59 -23.10 -13.41
N ASP B 227 16.02 -22.30 -14.29
CA ASP B 227 15.87 -20.86 -14.05
C ASP B 227 14.81 -20.62 -12.98
N LYS B 228 15.25 -20.20 -11.81
CA LYS B 228 14.37 -19.92 -10.68
C LYS B 228 13.48 -18.71 -10.92
N PHE B 229 13.99 -17.68 -11.60
CA PHE B 229 13.17 -16.50 -11.84
C PHE B 229 12.07 -16.81 -12.85
N LEU B 230 12.41 -17.64 -13.84
CA LEU B 230 11.44 -18.02 -14.87
C LEU B 230 10.32 -18.75 -14.16
N ALA B 231 10.70 -19.60 -13.23
CA ALA B 231 9.72 -20.37 -12.47
C ALA B 231 8.85 -19.35 -11.74
N LEU B 232 9.49 -18.46 -11.00
CA LEU B 232 8.78 -17.43 -10.24
C LEU B 232 7.89 -16.62 -11.19
N LEU B 233 8.38 -16.42 -12.41
CA LEU B 233 7.62 -15.69 -13.42
C LEU B 233 6.43 -16.55 -13.85
N ARG B 234 6.69 -17.83 -14.09
CA ARG B 234 5.64 -18.76 -14.51
C ARG B 234 4.51 -18.74 -13.50
N SER B 235 4.84 -19.03 -12.26
CA SER B 235 3.85 -19.04 -11.20
C SER B 235 3.12 -17.70 -11.14
N THR B 236 3.88 -16.60 -11.21
CA THR B 236 3.28 -15.26 -11.15
C THR B 236 2.26 -15.07 -12.26
N ILE B 237 2.55 -15.66 -13.40
CA ILE B 237 1.66 -15.58 -14.56
C ILE B 237 0.47 -16.50 -14.33
N GLN B 238 0.49 -17.24 -13.21
CA GLN B 238 -0.58 -18.16 -12.86
C GLN B 238 -1.47 -17.71 -11.69
N CYS B 239 -0.87 -17.28 -10.58
CA CYS B 239 -1.62 -16.86 -9.40
C CYS B 239 -2.58 -15.67 -9.62
N LEU B 240 -2.26 -14.84 -10.61
CA LEU B 240 -3.11 -13.69 -10.92
C LEU B 240 -4.06 -14.09 -12.05
N THR B 241 -3.84 -15.29 -12.59
CA THR B 241 -4.62 -15.85 -13.70
C THR B 241 -5.71 -16.78 -13.21
N ARG B 242 -5.29 -18.01 -12.89
CA ARG B 242 -6.19 -19.04 -12.39
C ARG B 242 -5.58 -19.67 -11.15
N PRO B 243 -5.72 -18.98 -9.99
CA PRO B 243 -5.20 -19.40 -8.69
C PRO B 243 -5.14 -20.92 -8.51
N GLU B 244 -6.32 -21.56 -8.54
CA GLU B 244 -6.42 -23.01 -8.36
C GLU B 244 -5.36 -23.81 -9.12
N LEU B 245 -4.98 -23.37 -10.32
CA LEU B 245 -3.97 -24.10 -11.09
C LEU B 245 -2.60 -24.05 -10.42
N TYR B 246 -2.40 -23.06 -9.57
CA TYR B 246 -1.15 -22.92 -8.84
C TYR B 246 -1.17 -23.77 -7.57
N PHE B 247 -2.25 -23.66 -6.80
CA PHE B 247 -2.36 -24.42 -5.55
C PHE B 247 -2.38 -25.92 -5.78
N VAL B 248 -3.24 -26.37 -6.70
CA VAL B 248 -3.33 -27.79 -7.02
C VAL B 248 -1.94 -28.33 -7.33
N ASP B 249 -1.19 -27.58 -8.14
CA ASP B 249 0.16 -27.98 -8.55
C ASP B 249 1.03 -28.20 -7.32
N VAL B 250 1.22 -27.13 -6.54
CA VAL B 250 2.03 -27.21 -5.33
C VAL B 250 1.50 -28.26 -4.36
N LEU B 251 0.17 -28.43 -4.33
CA LEU B 251 -0.43 -29.42 -3.45
C LEU B 251 0.06 -30.80 -3.90
N ARG B 252 0.26 -30.95 -5.20
CA ARG B 252 0.74 -32.21 -5.76
C ARG B 252 2.15 -32.53 -5.26
N SER B 253 3.08 -31.62 -5.52
CA SER B 253 4.46 -31.79 -5.10
C SER B 253 4.54 -32.13 -3.61
N ALA B 254 3.85 -31.35 -2.80
CA ALA B 254 3.84 -31.56 -1.34
C ALA B 254 3.46 -32.99 -0.96
N ILE B 255 2.34 -33.46 -1.50
CA ILE B 255 1.86 -34.80 -1.21
C ILE B 255 2.85 -35.88 -1.63
N ASN B 256 3.26 -35.86 -2.89
CA ASN B 256 4.22 -36.85 -3.38
C ASN B 256 5.48 -36.73 -2.52
N LYS B 257 5.47 -35.74 -1.63
CA LYS B 257 6.60 -35.47 -0.75
C LYS B 257 7.81 -34.99 -1.53
N THR B 258 7.64 -34.83 -2.83
CA THR B 258 8.71 -34.36 -3.70
C THR B 258 8.78 -32.84 -3.66
N GLY B 259 8.34 -32.24 -2.56
CA GLY B 259 8.34 -30.80 -2.45
C GLY B 259 9.43 -30.19 -1.58
N THR B 260 9.55 -28.87 -1.67
CA THR B 260 10.53 -28.10 -0.91
C THR B 260 9.79 -27.00 -0.17
N ASP B 261 8.47 -27.00 -0.29
CA ASP B 261 7.62 -25.99 0.34
C ASP B 261 7.14 -26.47 1.72
N GLU B 262 7.85 -26.07 2.77
CA GLU B 262 7.48 -26.46 4.11
C GLU B 262 6.21 -25.78 4.58
N GLY B 263 5.29 -26.56 5.12
CA GLY B 263 4.03 -26.03 5.60
C GLY B 263 2.98 -26.09 4.52
N ALA B 264 3.43 -26.22 3.28
CA ALA B 264 2.56 -26.28 2.11
C ALA B 264 1.15 -26.85 2.32
N LEU B 265 1.04 -28.13 2.68
CA LEU B 265 -0.28 -28.72 2.88
C LEU B 265 -1.12 -28.02 3.96
N THR B 266 -0.50 -27.57 5.04
CA THR B 266 -1.23 -26.89 6.10
C THR B 266 -1.56 -25.43 5.70
N ARG B 267 -0.62 -24.78 5.04
CA ARG B 267 -0.81 -23.39 4.61
C ARG B 267 -1.82 -23.26 3.47
N ILE B 268 -1.77 -24.22 2.54
CA ILE B 268 -2.68 -24.19 1.39
C ILE B 268 -4.08 -24.64 1.77
N VAL B 269 -4.18 -25.46 2.80
CA VAL B 269 -5.50 -25.92 3.24
C VAL B 269 -6.17 -24.86 4.11
N THR B 270 -5.45 -24.36 5.12
CA THR B 270 -6.01 -23.37 6.03
C THR B 270 -6.27 -21.99 5.44
N THR B 271 -5.45 -21.58 4.46
CA THR B 271 -5.66 -20.26 3.87
C THR B 271 -6.69 -20.25 2.75
N ARG B 272 -6.73 -21.33 1.97
CA ARG B 272 -7.65 -21.38 0.84
C ARG B 272 -8.96 -22.11 1.11
N ALA B 273 -9.09 -22.66 2.30
CA ALA B 273 -10.31 -23.39 2.65
C ALA B 273 -11.55 -22.51 2.51
N GLU B 274 -11.36 -21.21 2.66
CA GLU B 274 -12.47 -20.27 2.58
C GLU B 274 -12.41 -19.34 1.37
N ILE B 275 -11.66 -19.73 0.34
CA ILE B 275 -11.51 -18.91 -0.85
C ILE B 275 -11.71 -19.63 -2.19
N ASP B 276 -10.75 -20.50 -2.54
CA ASP B 276 -10.84 -21.21 -3.80
C ASP B 276 -10.42 -22.66 -3.69
N LEU B 277 -10.49 -23.18 -2.47
CA LEU B 277 -10.11 -24.56 -2.25
C LEU B 277 -11.09 -25.47 -2.98
N LYS B 278 -12.38 -25.31 -2.70
CA LYS B 278 -13.38 -26.14 -3.35
C LYS B 278 -13.16 -26.24 -4.85
N VAL B 279 -12.66 -25.16 -5.46
CA VAL B 279 -12.37 -25.17 -6.88
C VAL B 279 -11.00 -25.83 -7.07
N ILE B 280 -10.10 -25.60 -6.13
CA ILE B 280 -8.75 -26.19 -6.18
C ILE B 280 -8.91 -27.71 -6.06
N GLY B 281 -9.76 -28.14 -5.13
CA GLY B 281 -10.00 -29.56 -4.91
C GLY B 281 -10.57 -30.21 -6.16
N GLU B 282 -11.47 -29.50 -6.83
CA GLU B 282 -12.06 -30.00 -8.06
C GLU B 282 -11.13 -29.71 -9.24
N GLU B 283 -9.84 -29.85 -8.97
CA GLU B 283 -8.81 -29.64 -9.96
C GLU B 283 -7.71 -30.65 -9.71
N TYR B 284 -7.33 -30.83 -8.45
CA TYR B 284 -6.31 -31.81 -8.11
C TYR B 284 -6.81 -33.18 -8.51
N GLN B 285 -8.12 -33.33 -8.54
CA GLN B 285 -8.74 -34.60 -8.93
C GLN B 285 -8.77 -34.74 -10.44
N ARG B 286 -9.19 -33.69 -11.12
CA ARG B 286 -9.24 -33.73 -12.57
C ARG B 286 -7.83 -33.91 -13.09
N ARG B 287 -6.87 -33.53 -12.24
CA ARG B 287 -5.46 -33.60 -12.59
C ARG B 287 -4.74 -34.82 -12.02
N ASN B 288 -5.37 -35.52 -11.08
CA ASN B 288 -4.74 -36.69 -10.49
C ASN B 288 -5.60 -37.95 -10.44
N SER B 289 -6.81 -37.86 -10.95
CA SER B 289 -7.74 -38.99 -10.98
C SER B 289 -8.05 -39.53 -9.58
N ILE B 290 -8.04 -38.66 -8.58
CA ILE B 290 -8.33 -39.03 -7.19
C ILE B 290 -8.62 -37.78 -6.36
N PRO B 291 -9.63 -37.84 -5.48
CA PRO B 291 -9.99 -36.69 -4.63
C PRO B 291 -8.82 -36.21 -3.76
N LEU B 292 -8.69 -34.89 -3.58
CA LEU B 292 -7.60 -34.36 -2.78
C LEU B 292 -7.64 -34.90 -1.35
N GLU B 293 -8.85 -35.11 -0.83
CA GLU B 293 -9.01 -35.63 0.52
C GLU B 293 -8.84 -37.16 0.54
N LYS B 294 -7.98 -37.67 -0.33
CA LYS B 294 -7.71 -39.09 -0.41
C LYS B 294 -6.22 -39.37 -0.46
N ALA B 295 -5.55 -38.80 -1.46
CA ALA B 295 -4.10 -38.98 -1.61
C ALA B 295 -3.40 -38.50 -0.34
N ILE B 296 -4.12 -37.68 0.42
CA ILE B 296 -3.61 -37.14 1.67
C ILE B 296 -3.89 -38.12 2.80
N THR B 297 -5.19 -38.31 3.07
CA THR B 297 -5.64 -39.20 4.12
C THR B 297 -5.32 -40.67 3.83
N LYS B 298 -4.65 -40.91 2.71
CA LYS B 298 -4.27 -42.26 2.30
C LYS B 298 -3.21 -42.84 3.24
N ASP B 299 -1.98 -42.90 2.77
CA ASP B 299 -0.85 -43.43 3.53
C ASP B 299 -0.99 -43.28 5.04
N THR B 300 -1.48 -42.13 5.48
CA THR B 300 -1.65 -41.87 6.90
C THR B 300 -2.98 -41.20 7.19
N ARG B 301 -3.34 -41.14 8.47
CA ARG B 301 -4.59 -40.52 8.90
C ARG B 301 -4.58 -40.21 10.39
N GLY B 302 -3.83 -39.17 10.77
CA GLY B 302 -3.74 -38.77 12.16
C GLY B 302 -4.55 -37.50 12.41
N ASP B 303 -4.65 -37.07 13.65
CA ASP B 303 -5.42 -35.87 13.99
C ASP B 303 -5.14 -34.71 13.04
N TYR B 304 -3.88 -34.58 12.62
CA TYR B 304 -3.47 -33.53 11.70
C TYR B 304 -4.17 -33.74 10.36
N GLU B 305 -4.04 -34.94 9.81
CA GLU B 305 -4.66 -35.30 8.53
C GLU B 305 -6.17 -35.11 8.61
N LYS B 306 -6.76 -35.59 9.69
CA LYS B 306 -8.20 -35.48 9.93
C LYS B 306 -8.61 -34.01 9.86
N MET B 307 -7.91 -33.17 10.64
CA MET B 307 -8.18 -31.75 10.68
C MET B 307 -8.14 -31.17 9.26
N LEU B 308 -7.21 -31.66 8.44
CA LEU B 308 -7.08 -31.17 7.08
C LEU B 308 -8.25 -31.60 6.18
N VAL B 309 -8.45 -32.90 6.04
CA VAL B 309 -9.53 -33.41 5.19
C VAL B 309 -10.87 -32.82 5.61
N ALA B 310 -11.00 -32.48 6.89
CA ALA B 310 -12.23 -31.89 7.39
C ALA B 310 -12.41 -30.49 6.79
N LEU B 311 -11.36 -29.67 6.84
CA LEU B 311 -11.44 -28.32 6.28
C LEU B 311 -11.72 -28.42 4.78
N LEU B 312 -11.49 -29.60 4.23
CA LEU B 312 -11.74 -29.85 2.82
C LEU B 312 -13.20 -30.28 2.72
N GLY B 313 -13.99 -29.91 3.74
CA GLY B 313 -15.40 -30.25 3.77
C GLY B 313 -15.71 -31.74 3.70
N GLU B 314 -14.73 -32.56 4.02
CA GLU B 314 -14.89 -34.01 3.99
C GLU B 314 -14.35 -34.65 5.27
N ASP B 315 -15.09 -34.50 6.37
CA ASP B 315 -14.69 -35.04 7.66
C ASP B 315 -14.31 -36.52 7.64
N ASP B 316 -15.27 -37.37 7.27
CA ASP B 316 -15.02 -38.81 7.24
C ASP B 316 -14.24 -39.28 6.01
N ALA B 317 -13.46 -38.38 5.41
CA ALA B 317 -12.68 -38.73 4.23
C ALA B 317 -11.43 -39.51 4.64
N SER A 1 1.02 23.08 15.77
CA SER A 1 0.59 22.17 14.67
C SER A 1 -0.38 22.85 13.69
N ALA A 2 -1.56 23.22 14.18
CA ALA A 2 -2.54 23.89 13.35
C ALA A 2 -2.36 25.40 13.44
N THR A 3 -3.13 26.13 12.64
CA THR A 3 -3.10 27.59 12.61
C THR A 3 -4.52 28.03 12.32
N LEU A 4 -5.15 27.30 11.40
CA LEU A 4 -6.53 27.54 10.99
C LEU A 4 -7.41 27.58 12.23
N LYS A 5 -8.01 28.75 12.48
CA LYS A 5 -8.87 28.91 13.65
C LYS A 5 -10.27 28.35 13.38
N VAL A 6 -10.68 27.41 14.20
CA VAL A 6 -12.00 26.78 14.09
C VAL A 6 -12.90 27.23 15.21
N SER A 7 -14.15 27.52 14.88
CA SER A 7 -15.12 27.96 15.88
C SER A 7 -15.44 26.80 16.81
N ASP A 8 -14.90 26.83 18.03
CA ASP A 8 -15.15 25.77 19.01
C ASP A 8 -16.65 25.59 19.19
N SER A 9 -17.41 26.50 18.57
CA SER A 9 -18.86 26.48 18.60
C SER A 9 -19.34 26.80 17.19
N VAL A 10 -19.64 25.76 16.42
CA VAL A 10 -20.09 25.92 15.05
C VAL A 10 -21.60 25.74 14.89
N PRO A 11 -22.23 26.57 14.03
CA PRO A 11 -23.67 26.50 13.77
C PRO A 11 -24.07 25.21 13.08
N ALA A 12 -25.36 25.09 12.77
CA ALA A 12 -25.88 23.89 12.10
C ALA A 12 -25.36 23.78 10.67
N PRO A 13 -24.95 22.57 10.27
CA PRO A 13 -24.43 22.34 8.91
C PRO A 13 -25.37 22.75 7.78
N SER A 14 -26.53 23.30 8.11
CA SER A 14 -27.47 23.73 7.07
C SER A 14 -27.46 25.25 6.91
N ASP A 15 -27.21 25.97 8.00
CA ASP A 15 -27.15 27.44 7.95
C ASP A 15 -25.94 27.81 7.09
N ASP A 16 -24.84 27.11 7.30
CA ASP A 16 -23.64 27.36 6.53
C ASP A 16 -23.92 27.02 5.07
N ALA A 17 -24.61 25.90 4.85
CA ALA A 17 -24.96 25.46 3.50
C ALA A 17 -25.82 26.46 2.75
N GLU A 18 -26.77 27.07 3.46
CA GLU A 18 -27.65 28.06 2.86
C GLU A 18 -26.87 29.31 2.47
N GLN A 19 -26.08 29.83 3.41
CA GLN A 19 -25.28 31.03 3.14
C GLN A 19 -24.33 30.79 1.96
N LEU A 20 -23.68 29.63 1.96
CA LEU A 20 -22.76 29.30 0.89
C LEU A 20 -23.45 29.30 -0.46
N ARG A 21 -24.66 28.73 -0.51
CA ARG A 21 -25.44 28.68 -1.74
C ARG A 21 -25.65 30.11 -2.23
N THR A 22 -25.90 31.01 -1.28
CA THR A 22 -26.12 32.42 -1.61
C THR A 22 -24.82 33.06 -2.08
N ALA A 23 -23.74 32.81 -1.36
CA ALA A 23 -22.44 33.36 -1.72
C ALA A 23 -21.96 32.82 -3.06
N PHE A 24 -22.56 31.72 -3.51
CA PHE A 24 -22.16 31.11 -4.77
C PHE A 24 -23.00 31.56 -5.97
N GLU A 25 -24.25 31.94 -5.73
CA GLU A 25 -25.13 32.38 -6.82
C GLU A 25 -24.72 33.74 -7.36
N GLU A 31 -17.73 36.76 -1.19
CA GLU A 31 -16.53 35.97 -0.90
C GLU A 31 -16.17 35.98 0.57
N ASP A 32 -16.45 37.08 1.25
CA ASP A 32 -16.14 37.20 2.68
C ASP A 32 -16.91 36.14 3.46
N LEU A 33 -18.03 35.70 2.89
CA LEU A 33 -18.88 34.70 3.51
C LEU A 33 -18.32 33.29 3.28
N ILE A 34 -17.89 33.03 2.05
CA ILE A 34 -17.32 31.73 1.68
C ILE A 34 -16.07 31.48 2.53
N ILE A 35 -15.30 32.55 2.75
CA ILE A 35 -14.08 32.46 3.54
C ILE A 35 -14.37 32.44 5.03
N SER A 36 -15.34 33.25 5.44
CA SER A 36 -15.70 33.32 6.85
C SER A 36 -16.16 31.97 7.36
N ILE A 37 -16.78 31.19 6.48
CA ILE A 37 -17.28 29.87 6.85
C ILE A 37 -16.26 28.75 6.67
N LEU A 38 -15.93 28.41 5.42
CA LEU A 38 -15.01 27.32 5.14
C LEU A 38 -13.60 27.41 5.73
N ALA A 39 -13.03 28.61 5.75
CA ALA A 39 -11.68 28.77 6.28
C ALA A 39 -11.70 28.71 7.79
N HIS A 40 -12.84 28.31 8.35
CA HIS A 40 -12.97 28.23 9.81
C HIS A 40 -13.83 27.05 10.26
N ARG A 41 -13.74 25.95 9.51
CA ARG A 41 -14.48 24.74 9.84
C ARG A 41 -13.52 23.56 9.82
N SER A 42 -13.85 22.50 10.56
CA SER A 42 -12.99 21.32 10.60
C SER A 42 -13.27 20.45 9.38
N ALA A 43 -12.41 19.46 9.14
CA ALA A 43 -12.59 18.57 8.00
C ALA A 43 -13.97 17.91 8.04
N GLU A 44 -14.37 17.43 9.21
CA GLU A 44 -15.69 16.80 9.34
C GLU A 44 -16.81 17.79 8.99
N GLN A 45 -16.74 18.99 9.56
CA GLN A 45 -17.75 20.02 9.29
C GLN A 45 -17.79 20.31 7.78
N ARG A 46 -16.63 20.19 7.12
CA ARG A 46 -16.56 20.41 5.68
C ARG A 46 -17.12 19.16 4.99
N LYS A 47 -17.11 18.04 5.70
CA LYS A 47 -17.64 16.80 5.16
C LYS A 47 -19.18 16.76 5.27
N VAL A 48 -19.73 17.37 6.31
CA VAL A 48 -21.17 17.41 6.52
C VAL A 48 -21.85 18.52 5.71
N ILE A 49 -21.21 19.68 5.67
CA ILE A 49 -21.75 20.81 4.90
C ILE A 49 -22.09 20.36 3.48
N ARG A 50 -21.09 19.86 2.74
CA ARG A 50 -21.30 19.40 1.37
C ARG A 50 -22.53 18.54 1.31
N GLN A 51 -22.61 17.61 2.25
CA GLN A 51 -23.74 16.69 2.34
C GLN A 51 -25.04 17.49 2.51
N ALA A 52 -25.15 18.24 3.60
CA ALA A 52 -26.36 19.02 3.84
C ALA A 52 -26.64 19.96 2.68
N TYR A 53 -25.58 20.49 2.07
CA TYR A 53 -25.76 21.39 0.94
C TYR A 53 -26.27 20.57 -0.23
N HIS A 54 -25.77 19.34 -0.35
CA HIS A 54 -26.18 18.47 -1.43
C HIS A 54 -27.63 18.02 -1.27
N GLU A 55 -28.01 17.67 -0.04
CA GLU A 55 -29.37 17.21 0.26
C GLU A 55 -30.37 18.33 -0.01
N THR A 56 -29.95 19.55 0.27
CA THR A 56 -30.81 20.71 0.10
C THR A 56 -31.02 21.15 -1.34
N TYR A 57 -29.97 21.09 -2.16
CA TYR A 57 -30.09 21.54 -3.54
C TYR A 57 -29.86 20.46 -4.59
N GLY A 58 -29.64 19.22 -4.15
CA GLY A 58 -29.41 18.13 -5.08
C GLY A 58 -28.27 18.42 -6.04
N GLU A 59 -27.27 19.16 -5.56
CA GLU A 59 -26.12 19.53 -6.39
C GLU A 59 -24.90 19.83 -5.50
N ASP A 60 -23.84 19.02 -5.66
CA ASP A 60 -22.62 19.18 -4.89
C ASP A 60 -22.00 20.57 -5.02
N LEU A 61 -21.73 21.19 -3.88
CA LEU A 61 -21.15 22.53 -3.85
C LEU A 61 -19.87 22.69 -4.65
N LEU A 62 -19.07 21.64 -4.68
CA LEU A 62 -17.79 21.69 -5.38
C LEU A 62 -17.91 21.54 -6.89
N LYS A 63 -19.09 21.16 -7.37
CA LYS A 63 -19.31 20.99 -8.80
C LYS A 63 -18.83 22.19 -9.60
N THR A 64 -19.38 23.36 -9.31
CA THR A 64 -19.01 24.58 -10.02
C THR A 64 -17.51 24.89 -9.98
N LEU A 65 -16.82 24.34 -8.97
CA LEU A 65 -15.38 24.58 -8.82
C LEU A 65 -14.50 23.46 -9.32
N ASP A 66 -15.08 22.27 -9.50
CA ASP A 66 -14.30 21.13 -9.96
C ASP A 66 -13.82 21.30 -11.40
N LYS A 67 -14.02 22.49 -11.96
CA LYS A 67 -13.59 22.77 -13.33
C LYS A 67 -12.06 22.85 -13.30
N GLU A 68 -11.42 22.40 -14.39
CA GLU A 68 -9.96 22.43 -14.45
C GLU A 68 -9.45 23.68 -15.17
N LEU A 69 -10.34 24.64 -15.37
CA LEU A 69 -10.02 25.90 -16.01
C LEU A 69 -10.59 27.00 -15.11
N SER A 70 -10.05 27.11 -13.90
CA SER A 70 -10.52 28.11 -12.94
C SER A 70 -9.44 29.01 -12.37
N ASN A 71 -9.85 29.97 -11.56
CA ASN A 71 -8.93 30.90 -10.94
C ASN A 71 -8.37 30.34 -9.63
N ASP A 72 -7.30 30.96 -9.14
CA ASP A 72 -6.66 30.52 -7.92
C ASP A 72 -7.56 30.49 -6.68
N PHE A 73 -8.51 31.42 -6.59
CA PHE A 73 -9.40 31.44 -5.45
C PHE A 73 -10.27 30.18 -5.43
N GLU A 74 -10.89 29.86 -6.57
CA GLU A 74 -11.74 28.68 -6.68
C GLU A 74 -10.93 27.42 -6.41
N ARG A 75 -9.79 27.32 -7.09
CA ARG A 75 -8.88 26.20 -6.97
C ARG A 75 -8.59 25.94 -5.50
N ALA A 76 -8.30 27.02 -4.78
CA ALA A 76 -8.00 26.93 -3.36
C ALA A 76 -9.21 26.34 -2.63
N ILE A 77 -10.41 26.80 -2.98
CA ILE A 77 -11.60 26.28 -2.32
C ILE A 77 -11.81 24.79 -2.64
N LEU A 78 -11.49 24.40 -3.87
CA LEU A 78 -11.65 23.01 -4.29
C LEU A 78 -10.73 22.03 -3.58
N LEU A 79 -9.52 22.45 -3.26
CA LEU A 79 -8.58 21.56 -2.57
C LEU A 79 -8.91 21.48 -1.10
N TRP A 80 -9.31 22.63 -0.56
CA TRP A 80 -9.65 22.75 0.86
C TRP A 80 -10.93 22.01 1.27
N THR A 81 -11.98 22.12 0.47
CA THR A 81 -13.25 21.49 0.81
C THR A 81 -13.31 20.00 0.51
N LEU A 82 -12.50 19.53 -0.42
CA LEU A 82 -12.49 18.11 -0.72
C LEU A 82 -12.01 17.38 0.53
N GLU A 83 -12.23 16.07 0.58
CA GLU A 83 -11.75 15.28 1.71
C GLU A 83 -10.26 15.06 1.39
N PRO A 84 -9.41 15.15 2.42
CA PRO A 84 -7.96 14.97 2.24
C PRO A 84 -7.51 13.88 1.25
N GLY A 85 -8.10 12.69 1.39
CA GLY A 85 -7.75 11.60 0.50
C GLY A 85 -8.02 11.90 -0.96
N GLU A 86 -9.21 12.40 -1.27
CA GLU A 86 -9.55 12.71 -2.65
C GLU A 86 -8.70 13.86 -3.19
N ARG A 87 -8.43 14.83 -2.32
CA ARG A 87 -7.61 15.97 -2.68
C ARG A 87 -6.26 15.49 -3.22
N ASP A 88 -5.53 14.75 -2.39
CA ASP A 88 -4.25 14.23 -2.79
C ASP A 88 -4.36 13.41 -4.06
N ALA A 89 -5.51 12.76 -4.26
CA ALA A 89 -5.70 11.96 -5.45
C ALA A 89 -5.68 12.89 -6.68
N LEU A 90 -6.38 14.02 -6.58
CA LEU A 90 -6.41 15.00 -7.68
C LEU A 90 -5.00 15.54 -7.94
N LEU A 91 -4.34 15.98 -6.88
CA LEU A 91 -2.99 16.53 -6.97
C LEU A 91 -2.03 15.44 -7.47
N ALA A 92 -2.34 14.19 -7.13
CA ALA A 92 -1.52 13.07 -7.54
C ALA A 92 -1.72 12.75 -9.04
N ASN A 93 -2.96 12.86 -9.52
CA ASN A 93 -3.22 12.59 -10.92
C ASN A 93 -2.68 13.71 -11.80
N GLU A 94 -2.81 14.96 -11.37
CA GLU A 94 -2.29 16.08 -12.15
C GLU A 94 -0.78 15.94 -12.27
N ALA A 95 -0.15 15.44 -11.21
CA ALA A 95 1.30 15.28 -11.21
C ALA A 95 1.75 14.18 -12.17
N THR A 96 0.92 13.15 -12.33
CA THR A 96 1.25 12.04 -13.23
C THR A 96 0.99 12.36 -14.70
N LYS A 97 -0.04 13.14 -14.98
CA LYS A 97 -0.36 13.48 -16.36
C LYS A 97 0.56 14.55 -16.93
N ARG A 98 0.77 15.62 -16.17
CA ARG A 98 1.65 16.70 -16.63
C ARG A 98 2.99 16.51 -15.93
N TRP A 99 3.53 15.30 -16.03
CA TRP A 99 4.80 14.98 -15.39
C TRP A 99 6.05 15.34 -16.17
N THR A 100 7.11 15.64 -15.43
CA THR A 100 8.42 15.98 -15.96
C THR A 100 9.38 15.68 -14.82
N SER A 101 10.66 15.49 -15.14
CA SER A 101 11.69 15.20 -14.14
C SER A 101 11.61 16.11 -12.91
N SER A 102 11.39 17.41 -13.14
CA SER A 102 11.31 18.39 -12.06
C SER A 102 10.06 18.26 -11.18
N ASN A 103 9.02 17.62 -11.70
CA ASN A 103 7.80 17.45 -10.90
C ASN A 103 8.07 16.51 -9.74
N GLN A 104 8.25 17.08 -8.55
CA GLN A 104 8.52 16.28 -7.36
C GLN A 104 7.26 16.11 -6.51
N VAL A 105 6.12 16.59 -7.01
CA VAL A 105 4.87 16.50 -6.26
C VAL A 105 4.42 15.09 -5.92
N LEU A 106 4.95 14.08 -6.62
CA LEU A 106 4.61 12.70 -6.33
C LEU A 106 5.30 12.27 -5.03
N MET A 107 6.57 12.63 -4.89
CA MET A 107 7.30 12.30 -3.67
C MET A 107 6.69 13.05 -2.49
N GLU A 108 6.26 14.30 -2.73
CA GLU A 108 5.68 15.15 -1.69
C GLU A 108 4.51 14.43 -1.03
N VAL A 109 3.50 14.11 -1.85
CA VAL A 109 2.31 13.41 -1.37
C VAL A 109 2.70 12.07 -0.75
N ALA A 110 3.73 11.45 -1.29
CA ALA A 110 4.19 10.14 -0.82
C ALA A 110 5.05 10.12 0.44
N CYS A 111 5.88 11.15 0.63
CA CYS A 111 6.78 11.22 1.78
C CYS A 111 6.40 12.14 2.93
N THR A 112 5.43 13.01 2.70
CA THR A 112 5.01 13.94 3.75
C THR A 112 3.68 13.51 4.35
N ARG A 113 3.21 12.33 3.96
CA ARG A 113 1.96 11.79 4.47
C ARG A 113 2.22 10.59 5.38
N THR A 114 1.38 10.42 6.39
CA THR A 114 1.53 9.28 7.27
C THR A 114 1.19 8.04 6.43
N SER A 115 1.02 6.90 7.10
CA SER A 115 0.69 5.67 6.40
C SER A 115 -0.79 5.67 6.07
N THR A 116 -1.60 6.13 7.03
CA THR A 116 -3.04 6.19 6.86
C THR A 116 -3.42 7.18 5.77
N GLN A 117 -2.66 8.28 5.68
CA GLN A 117 -2.95 9.28 4.67
C GLN A 117 -2.59 8.75 3.27
N LEU A 118 -1.57 7.91 3.20
CA LEU A 118 -1.20 7.34 1.91
C LEU A 118 -2.08 6.11 1.58
N LEU A 119 -2.82 5.62 2.56
CA LEU A 119 -3.73 4.49 2.33
C LEU A 119 -5.11 5.07 2.08
N HIS A 120 -5.31 6.31 2.53
CA HIS A 120 -6.57 7.02 2.37
C HIS A 120 -6.66 7.62 0.97
N ALA A 121 -5.53 8.13 0.49
CA ALA A 121 -5.46 8.72 -0.83
C ALA A 121 -5.41 7.59 -1.86
N ARG A 122 -4.99 6.41 -1.42
CA ARG A 122 -4.88 5.23 -2.27
C ARG A 122 -6.29 4.72 -2.58
N GLN A 123 -7.27 5.14 -1.79
CA GLN A 123 -8.67 4.73 -1.97
C GLN A 123 -9.37 5.73 -2.88
N ALA A 124 -9.12 7.01 -2.64
CA ALA A 124 -9.71 8.07 -3.44
C ALA A 124 -9.30 7.84 -4.90
N TYR A 125 -8.03 7.50 -5.11
CA TYR A 125 -7.55 7.24 -6.45
C TYR A 125 -8.24 5.94 -6.88
N HIS A 126 -8.44 5.07 -5.88
CA HIS A 126 -9.09 3.78 -6.07
C HIS A 126 -10.61 3.96 -6.12
N ALA A 127 -11.04 5.19 -6.42
CA ALA A 127 -12.48 5.47 -6.47
C ALA A 127 -12.79 6.66 -7.35
N ARG A 128 -11.76 7.38 -7.77
CA ARG A 128 -11.94 8.57 -8.58
C ARG A 128 -11.53 8.38 -10.01
N TYR A 129 -10.41 7.70 -10.22
CA TYR A 129 -9.87 7.48 -11.56
C TYR A 129 -10.02 6.05 -12.05
N LYS A 130 -10.75 5.23 -11.30
CA LYS A 130 -10.96 3.82 -11.67
C LYS A 130 -9.61 3.12 -11.89
N LYS A 131 -8.53 3.85 -11.58
CA LYS A 131 -7.16 3.36 -11.69
C LYS A 131 -6.51 3.62 -10.33
N SER A 132 -5.45 2.88 -10.01
CA SER A 132 -4.75 3.07 -8.75
C SER A 132 -3.65 4.10 -8.95
N LEU A 133 -3.06 4.58 -7.85
CA LEU A 133 -1.99 5.55 -7.97
C LEU A 133 -0.76 4.85 -8.55
N GLU A 134 -0.46 3.66 -8.04
CA GLU A 134 0.68 2.86 -8.51
C GLU A 134 0.77 2.76 -10.03
N GLU A 135 -0.26 2.19 -10.65
CA GLU A 135 -0.24 1.99 -12.10
C GLU A 135 0.01 3.27 -12.90
N ASP A 136 -0.64 4.37 -12.53
CA ASP A 136 -0.43 5.62 -13.25
C ASP A 136 0.99 6.11 -13.00
N VAL A 137 1.40 6.16 -11.73
CA VAL A 137 2.76 6.61 -11.42
C VAL A 137 3.71 5.79 -12.28
N ALA A 138 3.52 4.48 -12.27
CA ALA A 138 4.33 3.59 -13.06
C ALA A 138 3.75 3.58 -14.47
N HIS A 139 3.98 4.66 -15.21
CA HIS A 139 3.43 4.77 -16.56
C HIS A 139 3.80 6.10 -17.20
N HIS A 140 3.62 7.17 -16.43
CA HIS A 140 3.88 8.53 -16.89
C HIS A 140 5.29 9.05 -16.59
N THR A 141 6.00 8.41 -15.68
CA THR A 141 7.36 8.85 -15.35
C THR A 141 8.38 8.01 -16.12
N THR A 142 9.68 8.22 -15.84
CA THR A 142 10.71 7.48 -16.56
C THR A 142 12.00 7.25 -15.78
N GLY A 143 12.88 6.44 -16.39
CA GLY A 143 14.16 6.10 -15.83
C GLY A 143 14.21 5.93 -14.32
N ASP A 144 15.38 6.23 -13.76
CA ASP A 144 15.61 6.15 -12.32
C ASP A 144 14.58 6.97 -11.58
N PHE A 145 14.02 7.98 -12.25
CA PHE A 145 13.01 8.82 -11.65
C PHE A 145 11.79 7.98 -11.32
N ARG A 146 11.57 6.94 -12.11
CA ARG A 146 10.44 6.02 -11.93
C ARG A 146 10.67 5.10 -10.74
N LYS A 147 11.86 4.53 -10.63
CA LYS A 147 12.16 3.63 -9.52
C LYS A 147 11.74 4.26 -8.19
N LEU A 148 12.37 5.37 -7.81
CA LEU A 148 12.06 6.04 -6.56
C LEU A 148 10.60 6.48 -6.42
N LEU A 149 10.10 7.24 -7.39
CA LEU A 149 8.72 7.69 -7.29
C LEU A 149 7.78 6.52 -7.04
N VAL A 150 7.90 5.47 -7.86
CA VAL A 150 7.05 4.29 -7.71
C VAL A 150 7.21 3.72 -6.30
N SER A 151 8.45 3.50 -5.89
CA SER A 151 8.74 2.94 -4.57
C SER A 151 8.14 3.78 -3.45
N LEU A 152 8.19 5.10 -3.58
CA LEU A 152 7.68 6.00 -2.57
C LEU A 152 6.14 6.02 -2.49
N VAL A 153 5.47 6.22 -3.62
CA VAL A 153 4.01 6.23 -3.58
C VAL A 153 3.44 4.84 -3.32
N THR A 154 4.32 3.85 -3.23
CA THR A 154 3.91 2.46 -2.97
C THR A 154 4.18 1.95 -1.56
N SER A 155 4.63 2.82 -0.67
CA SER A 155 4.94 2.42 0.69
C SER A 155 3.73 2.39 1.62
N TYR A 156 3.91 1.67 2.72
CA TYR A 156 2.90 1.56 3.77
C TYR A 156 3.72 1.25 5.02
N ARG A 157 4.43 2.28 5.51
CA ARG A 157 5.32 2.17 6.66
C ARG A 157 4.63 1.94 8.00
N TYR A 158 5.35 1.26 8.88
CA TYR A 158 4.86 1.02 10.23
C TYR A 158 5.07 2.36 10.94
N GLU A 159 4.04 3.18 10.96
CA GLU A 159 4.10 4.51 11.59
C GLU A 159 4.83 4.55 12.93
N GLY A 160 4.82 3.44 13.66
CA GLY A 160 5.50 3.41 14.95
C GLY A 160 6.91 3.97 14.91
N ASP A 161 7.53 4.07 16.09
CA ASP A 161 8.87 4.61 16.20
C ASP A 161 9.93 3.63 16.73
N GLU A 162 9.80 2.36 16.37
CA GLU A 162 10.78 1.37 16.81
C GLU A 162 12.11 1.63 16.09
N VAL A 163 13.18 1.78 16.87
CA VAL A 163 14.49 2.04 16.30
C VAL A 163 15.49 0.93 16.53
N ASN A 164 16.15 0.50 15.45
CA ASN A 164 17.18 -0.53 15.54
C ASN A 164 18.51 0.16 15.24
N MET A 165 19.14 0.69 16.29
CA MET A 165 20.40 1.40 16.12
C MET A 165 21.46 0.57 15.40
N THR A 166 21.38 -0.75 15.53
CA THR A 166 22.35 -1.64 14.88
C THR A 166 22.15 -1.67 13.37
N LEU A 167 20.89 -1.66 12.93
CA LEU A 167 20.62 -1.69 11.49
C LEU A 167 20.83 -0.28 10.94
N ALA A 168 20.40 0.72 11.70
CA ALA A 168 20.55 2.11 11.30
C ALA A 168 22.02 2.46 11.16
N LYS A 169 22.86 1.77 11.93
CA LYS A 169 24.29 2.01 11.89
C LYS A 169 24.95 1.38 10.67
N GLN A 170 24.43 0.23 10.27
CA GLN A 170 24.93 -0.51 9.11
C GLN A 170 24.46 0.11 7.79
N GLU A 171 23.21 0.53 7.75
CA GLU A 171 22.70 1.12 6.51
C GLU A 171 23.22 2.55 6.34
N ALA A 172 23.54 3.21 7.46
CA ALA A 172 24.07 4.56 7.39
C ALA A 172 25.43 4.44 6.73
N LYS A 173 26.13 3.36 7.05
CA LYS A 173 27.44 3.10 6.49
C LYS A 173 27.29 3.01 4.98
N LEU A 174 26.45 2.07 4.54
CA LEU A 174 26.23 1.85 3.12
C LEU A 174 25.69 3.07 2.38
N VAL A 175 24.82 3.85 3.02
CA VAL A 175 24.28 5.04 2.37
C VAL A 175 25.41 6.04 2.17
N HIS A 176 26.39 6.02 3.05
CA HIS A 176 27.52 6.94 2.97
C HIS A 176 28.53 6.52 1.91
N GLU A 177 28.76 5.22 1.80
CA GLU A 177 29.69 4.68 0.81
C GLU A 177 29.19 4.99 -0.59
N LYS A 178 27.88 5.20 -0.70
CA LYS A 178 27.27 5.50 -1.99
C LYS A 178 27.26 6.97 -2.36
N ILE A 179 26.87 7.83 -1.43
CA ILE A 179 26.85 9.26 -1.72
C ILE A 179 28.25 9.68 -2.16
N LYS A 180 29.26 9.05 -1.59
CA LYS A 180 30.66 9.33 -1.91
C LYS A 180 30.91 9.33 -3.41
N ASP A 181 30.54 8.24 -4.07
CA ASP A 181 30.73 8.10 -5.51
C ASP A 181 29.74 8.94 -6.29
N LYS A 182 29.03 9.82 -5.59
CA LYS A 182 28.05 10.68 -6.23
C LYS A 182 26.97 9.88 -6.96
N HIS A 183 26.90 8.58 -6.64
CA HIS A 183 25.91 7.68 -7.23
C HIS A 183 24.58 7.93 -6.54
N TYR A 184 24.02 9.11 -6.77
CA TYR A 184 22.76 9.52 -6.16
C TYR A 184 21.71 8.42 -6.20
N ASN A 185 21.74 7.60 -7.26
CA ASN A 185 20.79 6.50 -7.39
C ASN A 185 21.42 5.20 -6.90
N ASP A 186 20.59 4.28 -6.42
CA ASP A 186 21.07 3.00 -5.91
C ASP A 186 19.91 2.07 -5.51
N GLU A 187 20.23 0.97 -4.86
CA GLU A 187 19.24 -0.01 -4.43
C GLU A 187 18.75 0.24 -3.00
N ASP A 188 19.63 0.06 -2.03
CA ASP A 188 19.26 0.26 -0.62
C ASP A 188 18.96 1.74 -0.37
N VAL A 189 19.70 2.60 -1.07
CA VAL A 189 19.50 4.04 -0.93
C VAL A 189 18.01 4.30 -1.09
N ILE A 190 17.43 3.70 -2.13
CA ILE A 190 16.02 3.84 -2.42
C ILE A 190 15.17 2.95 -1.50
N ARG A 191 15.63 1.72 -1.28
CA ARG A 191 14.93 0.79 -0.41
C ARG A 191 14.68 1.43 0.96
N ILE A 192 15.74 1.61 1.74
CA ILE A 192 15.65 2.19 3.06
C ILE A 192 14.67 3.35 3.14
N LEU A 193 14.89 4.37 2.30
CA LEU A 193 14.03 5.54 2.28
C LEU A 193 12.55 5.23 2.00
N SER A 194 12.29 4.10 1.35
CA SER A 194 10.93 3.74 1.00
C SER A 194 10.28 2.62 1.83
N THR A 195 11.03 2.02 2.75
CA THR A 195 10.45 0.95 3.54
C THR A 195 10.60 1.02 5.06
N ARG A 196 11.51 1.88 5.55
CA ARG A 196 11.72 2.00 6.98
C ARG A 196 10.83 3.08 7.58
N SER A 197 10.46 2.90 8.84
CA SER A 197 9.62 3.85 9.54
C SER A 197 10.35 5.20 9.56
N LYS A 198 9.68 6.24 10.06
CA LYS A 198 10.28 7.57 10.13
C LYS A 198 11.23 7.63 11.33
N ALA A 199 10.83 7.00 12.43
CA ALA A 199 11.63 6.94 13.66
C ALA A 199 13.02 6.40 13.34
N GLN A 200 13.03 5.30 12.59
CA GLN A 200 14.24 4.62 12.18
C GLN A 200 15.11 5.47 11.27
N ILE A 201 14.57 5.81 10.09
CA ILE A 201 15.27 6.60 9.09
C ILE A 201 16.08 7.73 9.74
N ASN A 202 15.39 8.61 10.46
CA ASN A 202 16.05 9.71 11.13
C ASN A 202 17.14 9.16 12.03
N ALA A 203 16.87 8.02 12.67
CA ALA A 203 17.83 7.39 13.55
C ALA A 203 18.99 6.79 12.78
N THR A 204 18.89 6.80 11.47
CA THR A 204 19.96 6.26 10.63
C THR A 204 20.87 7.41 10.23
N PHE A 205 20.27 8.50 9.78
CA PHE A 205 21.04 9.66 9.35
C PHE A 205 21.77 10.35 10.49
N ASN A 206 21.45 9.97 11.72
CA ASN A 206 22.14 10.53 12.89
C ASN A 206 23.52 9.87 12.86
N ARG A 207 23.53 8.54 12.83
CA ARG A 207 24.77 7.78 12.78
C ARG A 207 25.53 8.12 11.51
N TYR A 208 24.81 8.62 10.51
CA TYR A 208 25.44 8.98 9.25
C TYR A 208 26.35 10.18 9.48
N GLN A 209 25.80 11.22 10.11
CA GLN A 209 26.57 12.43 10.39
C GLN A 209 27.66 12.16 11.43
N ASP A 210 27.30 11.37 12.45
CA ASP A 210 28.24 11.04 13.51
C ASP A 210 29.38 10.15 13.07
N ASP A 211 29.04 8.95 12.58
CA ASP A 211 30.03 7.98 12.16
C ASP A 211 30.86 8.37 10.93
N HIS A 212 30.39 9.36 10.17
CA HIS A 212 31.10 9.74 8.96
C HIS A 212 31.52 11.20 8.79
N GLY A 213 31.12 12.07 9.71
CA GLY A 213 31.52 13.46 9.60
C GLY A 213 30.43 14.52 9.44
N GLU A 214 29.79 14.56 8.28
CA GLU A 214 28.74 15.56 8.03
C GLU A 214 27.37 14.95 7.79
N GLU A 215 26.36 15.81 7.80
CA GLU A 215 24.98 15.39 7.57
C GLU A 215 24.86 14.94 6.11
N ILE A 216 23.80 14.20 5.79
CA ILE A 216 23.61 13.71 4.43
C ILE A 216 23.35 14.85 3.42
N LEU A 217 22.39 15.73 3.73
CA LEU A 217 22.07 16.85 2.86
C LEU A 217 23.32 17.64 2.49
N LYS A 218 24.23 17.77 3.45
CA LYS A 218 25.48 18.49 3.22
C LYS A 218 26.29 17.66 2.23
N SER A 219 26.35 16.36 2.49
CA SER A 219 27.09 15.44 1.63
C SER A 219 26.70 15.62 0.16
N LEU A 220 25.40 15.77 -0.09
CA LEU A 220 24.88 15.93 -1.44
C LEU A 220 25.10 17.33 -2.01
N GLU A 221 25.07 18.35 -1.14
CA GLU A 221 25.27 19.74 -1.57
C GLU A 221 26.48 19.92 -2.47
N GLU A 222 27.44 19.02 -2.36
CA GLU A 222 28.66 19.07 -3.16
C GLU A 222 28.35 18.87 -4.63
N GLY A 223 27.18 18.31 -4.93
CA GLY A 223 26.81 18.06 -6.31
C GLY A 223 25.94 19.14 -6.93
N ASP A 224 25.68 19.00 -8.24
CA ASP A 224 24.87 19.96 -8.98
C ASP A 224 23.44 20.03 -8.48
N ASP A 225 22.87 21.24 -8.50
CA ASP A 225 21.50 21.46 -8.06
C ASP A 225 20.54 21.28 -9.22
N ASP A 226 20.98 21.66 -10.42
CA ASP A 226 20.17 21.55 -11.62
C ASP A 226 19.88 20.10 -11.98
N ASP A 227 20.48 19.18 -11.22
CA ASP A 227 20.30 17.75 -11.43
C ASP A 227 18.99 17.29 -10.81
N LYS A 228 17.94 17.28 -11.63
CA LYS A 228 16.60 16.90 -11.21
C LYS A 228 16.58 15.66 -10.33
N PHE A 229 17.39 14.66 -10.67
CA PHE A 229 17.40 13.45 -9.87
C PHE A 229 17.88 13.72 -8.43
N LEU A 230 19.05 14.34 -8.30
CA LEU A 230 19.60 14.66 -6.99
C LEU A 230 18.64 15.62 -6.29
N ALA A 231 17.99 16.47 -7.06
CA ALA A 231 17.06 17.41 -6.49
C ALA A 231 15.85 16.64 -5.93
N LEU A 232 15.62 15.44 -6.46
CA LEU A 232 14.52 14.60 -5.99
C LEU A 232 14.97 13.80 -4.78
N LEU A 233 16.17 13.22 -4.84
CA LEU A 233 16.69 12.45 -3.72
C LEU A 233 16.79 13.37 -2.50
N ARG A 234 17.41 14.54 -2.67
CA ARG A 234 17.54 15.52 -1.60
C ARG A 234 16.18 15.87 -1.01
N SER A 235 15.26 16.29 -1.87
CA SER A 235 13.92 16.64 -1.41
C SER A 235 13.29 15.45 -0.71
N THR A 236 13.61 14.26 -1.20
CA THR A 236 13.07 13.03 -0.62
C THR A 236 13.63 12.82 0.79
N ILE A 237 14.87 13.26 0.99
CA ILE A 237 15.52 13.13 2.28
C ILE A 237 15.10 14.28 3.20
N GLN A 238 14.52 15.32 2.60
CA GLN A 238 14.04 16.47 3.37
C GLN A 238 12.66 16.18 3.99
N CYS A 239 11.77 15.57 3.21
CA CYS A 239 10.41 15.28 3.68
C CYS A 239 10.29 14.10 4.66
N LEU A 240 11.25 13.19 4.63
CA LEU A 240 11.24 12.04 5.54
C LEU A 240 11.74 12.39 6.94
N THR A 241 12.51 13.47 7.02
CA THR A 241 13.09 13.95 8.29
C THR A 241 12.41 15.23 8.78
N ARG A 242 12.77 16.37 8.18
CA ARG A 242 12.18 17.68 8.51
C ARG A 242 11.53 18.26 7.25
N PRO A 243 10.25 17.94 7.03
CA PRO A 243 9.48 18.40 5.87
C PRO A 243 9.41 19.94 5.75
N GLU A 244 9.36 20.62 6.88
CA GLU A 244 9.29 22.07 6.88
C GLU A 244 10.35 22.69 5.97
N LEU A 245 11.53 22.08 5.92
CA LEU A 245 12.61 22.58 5.07
C LEU A 245 12.24 22.51 3.58
N TYR A 246 11.73 21.37 3.13
CA TYR A 246 11.32 21.20 1.73
C TYR A 246 10.18 22.16 1.43
N PHE A 247 9.19 22.18 2.31
CA PHE A 247 8.04 23.05 2.13
C PHE A 247 8.39 24.54 2.20
N VAL A 248 9.19 24.93 3.20
CA VAL A 248 9.57 26.33 3.34
C VAL A 248 10.19 26.84 2.05
N ASP A 249 11.05 26.04 1.44
CA ASP A 249 11.71 26.43 0.21
C ASP A 249 10.82 26.44 -1.02
N VAL A 250 9.84 25.53 -1.07
CA VAL A 250 8.93 25.48 -2.20
C VAL A 250 8.06 26.74 -2.15
N LEU A 251 7.72 27.17 -0.95
CA LEU A 251 6.93 28.39 -0.79
C LEU A 251 7.77 29.59 -1.22
N ARG A 252 9.07 29.51 -0.96
CA ARG A 252 10.00 30.58 -1.31
C ARG A 252 9.98 30.84 -2.82
N SER A 253 10.09 29.76 -3.60
CA SER A 253 10.08 29.88 -5.06
C SER A 253 8.71 30.20 -5.62
N ALA A 254 7.65 29.73 -4.97
CA ALA A 254 6.29 29.99 -5.44
C ALA A 254 6.01 31.49 -5.37
N ILE A 255 6.55 32.12 -4.33
CA ILE A 255 6.38 33.55 -4.11
C ILE A 255 7.40 34.35 -4.92
N ASN A 256 8.68 34.07 -4.71
CA ASN A 256 9.73 34.75 -5.44
C ASN A 256 9.72 34.25 -6.89
N LYS A 257 8.55 33.81 -7.35
CA LYS A 257 8.33 33.30 -8.70
C LYS A 257 9.57 32.71 -9.38
N THR A 258 10.24 31.79 -8.71
CA THR A 258 11.45 31.18 -9.25
C THR A 258 11.20 29.80 -9.83
N GLY A 259 10.51 28.96 -9.07
CA GLY A 259 10.25 27.60 -9.51
C GLY A 259 9.18 27.44 -10.58
N THR A 260 8.85 26.18 -10.86
CA THR A 260 7.83 25.85 -11.85
C THR A 260 6.76 24.99 -11.20
N ASP A 261 6.70 25.04 -9.87
CA ASP A 261 5.73 24.26 -9.13
C ASP A 261 4.40 25.03 -9.20
N GLU A 262 3.57 24.67 -10.18
CA GLU A 262 2.29 25.34 -10.36
C GLU A 262 1.30 24.99 -9.25
N GLY A 263 0.77 26.03 -8.60
CA GLY A 263 -0.18 25.81 -7.54
C GLY A 263 0.45 25.41 -6.22
N ALA A 264 1.79 25.37 -6.18
CA ALA A 264 2.50 24.99 -4.97
C ALA A 264 2.03 25.76 -3.73
N LEU A 265 1.66 27.02 -3.90
CA LEU A 265 1.22 27.83 -2.76
C LEU A 265 -0.15 27.42 -2.21
N THR A 266 -1.14 27.41 -3.08
CA THR A 266 -2.50 27.03 -2.72
C THR A 266 -2.54 25.62 -2.12
N ARG A 267 -1.64 24.76 -2.59
CA ARG A 267 -1.56 23.39 -2.12
C ARG A 267 -1.12 23.23 -0.67
N ILE A 268 0.06 23.76 -0.36
CA ILE A 268 0.62 23.65 0.99
C ILE A 268 -0.28 24.26 2.05
N VAL A 269 -0.75 25.48 1.82
CA VAL A 269 -1.63 26.13 2.79
C VAL A 269 -2.83 25.22 3.12
N THR A 270 -3.55 24.80 2.08
CA THR A 270 -4.72 23.94 2.24
C THR A 270 -4.38 22.55 2.79
N THR A 271 -3.38 21.89 2.20
CA THR A 271 -3.01 20.55 2.64
C THR A 271 -2.36 20.45 4.02
N ARG A 272 -1.70 21.52 4.46
CA ARG A 272 -1.00 21.48 5.74
C ARG A 272 -1.61 22.31 6.89
N ALA A 273 -2.64 23.09 6.58
CA ALA A 273 -3.27 23.95 7.56
C ALA A 273 -3.71 23.21 8.83
N GLU A 274 -4.18 21.97 8.68
CA GLU A 274 -4.65 21.20 9.82
C GLU A 274 -3.65 20.17 10.34
N ILE A 275 -2.36 20.40 10.14
CA ILE A 275 -1.35 19.47 10.59
C ILE A 275 0.02 20.09 10.86
N ASP A 276 0.33 21.21 10.21
CA ASP A 276 1.65 21.78 10.39
C ASP A 276 1.85 23.23 9.94
N LEU A 277 0.85 23.82 9.29
CA LEU A 277 0.97 25.17 8.77
C LEU A 277 1.77 26.10 9.68
N LYS A 278 1.72 25.85 10.99
CA LYS A 278 2.48 26.66 11.95
C LYS A 278 3.96 26.26 11.97
N VAL A 279 4.23 24.97 12.11
CA VAL A 279 5.61 24.50 12.10
C VAL A 279 6.21 24.79 10.74
N ILE A 280 5.39 25.34 9.84
CA ILE A 280 5.88 25.72 8.53
C ILE A 280 6.04 27.23 8.52
N GLY A 281 5.09 27.92 9.13
CA GLY A 281 5.13 29.37 9.20
C GLY A 281 6.25 29.88 10.09
N GLU A 282 6.45 29.22 11.23
CA GLU A 282 7.49 29.59 12.17
C GLU A 282 8.84 29.44 11.47
N GLU A 283 9.00 28.31 10.79
CA GLU A 283 10.24 28.04 10.07
C GLU A 283 10.33 28.94 8.86
N TYR A 284 9.24 29.66 8.58
CA TYR A 284 9.23 30.54 7.44
C TYR A 284 9.82 31.89 7.80
N GLN A 285 9.30 32.50 8.86
CA GLN A 285 9.76 33.80 9.32
C GLN A 285 11.27 33.75 9.51
N ARG A 286 11.73 32.65 10.09
CA ARG A 286 13.16 32.47 10.34
C ARG A 286 13.91 32.41 9.01
N ARG A 287 13.17 32.19 7.93
CA ARG A 287 13.81 32.08 6.63
C ARG A 287 13.79 33.33 5.75
N ASN A 288 12.77 34.17 5.88
CA ASN A 288 12.71 35.37 5.04
C ASN A 288 12.50 36.70 5.76
N SER A 289 12.16 36.64 7.04
CA SER A 289 11.90 37.80 7.89
C SER A 289 10.43 38.18 7.91
N ILE A 290 9.87 38.53 6.76
CA ILE A 290 8.45 38.88 6.71
C ILE A 290 7.60 37.64 6.96
N PRO A 291 6.57 37.75 7.81
CA PRO A 291 5.70 36.60 8.11
C PRO A 291 5.12 36.07 6.80
N LEU A 292 4.84 34.78 6.75
CA LEU A 292 4.30 34.18 5.53
C LEU A 292 3.05 34.93 5.02
N GLU A 293 2.14 35.24 5.93
CA GLU A 293 0.91 35.94 5.56
C GLU A 293 1.19 37.27 4.82
N LYS A 294 1.98 38.15 5.43
CA LYS A 294 2.30 39.41 4.78
C LYS A 294 3.03 39.15 3.45
N ALA A 295 3.83 38.09 3.41
CA ALA A 295 4.56 37.73 2.19
C ALA A 295 3.54 37.41 1.09
N ILE A 296 2.39 36.86 1.50
CA ILE A 296 1.33 36.49 0.56
C ILE A 296 0.46 37.68 0.15
N THR A 297 0.26 38.63 1.06
CA THR A 297 -0.57 39.80 0.77
C THR A 297 0.32 40.98 0.36
N LYS A 298 1.59 40.67 0.16
CA LYS A 298 2.61 41.63 -0.21
C LYS A 298 2.21 42.62 -1.32
N ASP A 299 1.67 42.11 -2.42
CA ASP A 299 1.29 42.98 -3.53
C ASP A 299 -0.22 43.04 -3.83
N THR A 300 -0.94 42.00 -3.44
CA THR A 300 -2.38 41.92 -3.67
C THR A 300 -3.09 41.38 -2.44
N ARG A 301 -4.41 41.58 -2.41
CA ARG A 301 -5.22 41.11 -1.30
C ARG A 301 -6.69 40.94 -1.71
N GLY A 302 -6.90 40.11 -2.74
CA GLY A 302 -8.26 39.86 -3.20
C GLY A 302 -8.86 38.65 -2.49
N ASP A 303 -9.66 37.89 -3.22
CA ASP A 303 -10.33 36.70 -2.69
C ASP A 303 -9.29 35.64 -2.29
N TYR A 304 -8.39 35.35 -3.23
CA TYR A 304 -7.34 34.36 -3.02
C TYR A 304 -6.56 34.60 -1.75
N GLU A 305 -6.02 35.80 -1.58
CA GLU A 305 -5.24 36.10 -0.39
C GLU A 305 -6.03 36.22 0.91
N LYS A 306 -7.35 36.38 0.80
CA LYS A 306 -8.17 36.48 2.00
C LYS A 306 -8.37 35.10 2.66
N MET A 307 -8.70 34.09 1.85
CA MET A 307 -8.91 32.73 2.35
C MET A 307 -7.59 32.18 2.89
N LEU A 308 -6.51 32.41 2.15
CA LEU A 308 -5.20 31.91 2.55
C LEU A 308 -4.76 32.40 3.93
N VAL A 309 -4.65 33.70 4.10
CA VAL A 309 -4.22 34.18 5.41
C VAL A 309 -5.20 33.63 6.44
N ALA A 310 -6.46 33.48 6.04
CA ALA A 310 -7.48 32.92 6.94
C ALA A 310 -7.13 31.45 7.26
N LEU A 311 -6.54 30.76 6.29
CA LEU A 311 -6.14 29.36 6.50
C LEU A 311 -4.82 29.40 7.26
N LEU A 312 -4.16 30.56 7.23
CA LEU A 312 -2.89 30.75 7.94
C LEU A 312 -3.20 31.22 9.35
N GLY A 313 -4.46 31.52 9.61
CA GLY A 313 -4.86 31.99 10.93
C GLY A 313 -4.76 33.49 11.06
N GLU A 314 -4.11 34.13 10.09
CA GLU A 314 -3.95 35.58 10.11
C GLU A 314 -4.89 36.28 9.13
N ASP A 315 -6.20 36.14 9.36
CA ASP A 315 -7.23 36.74 8.51
C ASP A 315 -6.95 38.18 8.05
N ASP A 316 -6.46 39.02 8.96
CA ASP A 316 -6.19 40.43 8.65
C ASP A 316 -4.74 40.75 8.29
N ALA A 317 -4.09 39.86 7.55
CA ALA A 317 -2.71 40.09 7.14
C ALA A 317 -2.67 40.61 5.71
N SER B 1 -17.24 -21.22 -3.23
CA SER B 1 -15.81 -21.66 -3.40
C SER B 1 -15.23 -22.16 -2.08
N ALA B 2 -16.00 -22.07 -1.00
CA ALA B 2 -15.53 -22.52 0.31
C ALA B 2 -15.84 -23.99 0.61
N THR B 3 -14.93 -24.64 1.35
CA THR B 3 -15.11 -26.05 1.71
C THR B 3 -15.59 -26.18 3.17
N LEU B 4 -15.28 -25.17 3.96
CA LEU B 4 -15.66 -25.13 5.38
C LEU B 4 -17.13 -25.43 5.65
N LYS B 5 -17.38 -26.14 6.75
CA LYS B 5 -18.74 -26.49 7.14
C LYS B 5 -19.17 -25.75 8.41
N VAL B 6 -19.67 -24.54 8.24
CA VAL B 6 -20.12 -23.73 9.38
C VAL B 6 -21.45 -24.28 9.85
N SER B 7 -21.40 -25.30 10.71
CA SER B 7 -22.60 -25.94 11.25
C SER B 7 -23.67 -24.91 11.61
N ASP B 8 -24.93 -25.26 11.33
CA ASP B 8 -26.04 -24.37 11.63
C ASP B 8 -26.43 -24.52 13.09
N SER B 9 -26.81 -23.42 13.73
CA SER B 9 -27.18 -23.42 15.14
C SER B 9 -25.93 -23.57 16.00
N VAL B 10 -24.91 -22.77 15.70
CA VAL B 10 -23.65 -22.81 16.43
C VAL B 10 -23.87 -22.45 17.90
N PRO B 11 -23.19 -23.15 18.81
CA PRO B 11 -23.30 -22.90 20.25
C PRO B 11 -22.60 -21.64 20.73
N ALA B 12 -23.05 -21.11 21.87
CA ALA B 12 -22.48 -19.89 22.44
C ALA B 12 -20.96 -19.96 22.54
N PRO B 13 -20.28 -18.83 22.35
CA PRO B 13 -18.82 -18.76 22.42
C PRO B 13 -18.25 -19.12 23.79
N SER B 14 -18.84 -18.61 24.85
CA SER B 14 -18.38 -18.90 26.20
C SER B 14 -18.34 -20.40 26.45
N ASP B 15 -19.20 -21.14 25.76
CA ASP B 15 -19.26 -22.58 25.92
C ASP B 15 -18.21 -23.31 25.10
N ASP B 16 -18.06 -22.91 23.84
CA ASP B 16 -17.04 -23.52 22.98
C ASP B 16 -15.64 -23.22 23.51
N ALA B 17 -15.44 -22.00 23.98
CA ALA B 17 -14.13 -21.61 24.51
C ALA B 17 -13.75 -22.44 25.73
N GLU B 18 -14.59 -22.40 26.76
CA GLU B 18 -14.35 -23.16 27.98
C GLU B 18 -14.29 -24.66 27.72
N GLN B 19 -14.96 -25.10 26.66
CA GLN B 19 -14.98 -26.52 26.31
C GLN B 19 -13.68 -26.92 25.61
N LEU B 20 -12.91 -25.94 25.17
CA LEU B 20 -11.63 -26.22 24.52
C LEU B 20 -10.52 -26.04 25.54
N ARG B 21 -10.87 -25.39 26.65
CA ARG B 21 -9.95 -25.13 27.76
C ARG B 21 -9.48 -26.43 28.38
N THR B 22 -10.31 -27.47 28.28
CA THR B 22 -9.95 -28.77 28.82
C THR B 22 -8.63 -29.22 28.21
N ALA B 23 -8.49 -28.95 26.91
CA ALA B 23 -7.28 -29.31 26.17
C ALA B 23 -6.49 -28.06 25.83
N GLU B 31 -8.53 -33.73 21.80
CA GLU B 31 -7.73 -33.80 20.58
C GLU B 31 -8.61 -33.68 19.35
N ASP B 32 -9.82 -34.21 19.45
CA ASP B 32 -10.77 -34.15 18.34
C ASP B 32 -11.90 -33.19 18.69
N LEU B 33 -11.93 -32.73 19.94
CA LEU B 33 -12.94 -31.77 20.37
C LEU B 33 -12.50 -30.40 19.90
N ILE B 34 -11.20 -30.26 19.68
CA ILE B 34 -10.62 -29.02 19.20
C ILE B 34 -10.98 -28.96 17.73
N ILE B 35 -10.70 -30.06 17.03
CA ILE B 35 -11.01 -30.18 15.62
C ILE B 35 -12.50 -30.00 15.41
N SER B 36 -13.28 -30.96 15.90
CA SER B 36 -14.73 -30.93 15.76
C SER B 36 -15.32 -29.53 15.90
N ILE B 37 -14.78 -28.73 16.81
CA ILE B 37 -15.30 -27.37 17.00
C ILE B 37 -14.62 -26.33 16.13
N LEU B 38 -13.29 -26.40 16.01
CA LEU B 38 -12.57 -25.42 15.22
C LEU B 38 -12.68 -25.58 13.71
N ALA B 39 -13.13 -26.75 13.25
CA ALA B 39 -13.26 -27.00 11.81
C ALA B 39 -14.70 -26.74 11.37
N HIS B 40 -15.48 -26.11 12.25
CA HIS B 40 -16.88 -25.80 11.95
C HIS B 40 -17.25 -24.44 12.50
N ARG B 41 -16.31 -23.51 12.46
CA ARG B 41 -16.53 -22.16 12.95
C ARG B 41 -15.98 -21.16 11.94
N SER B 42 -16.76 -20.11 11.68
CA SER B 42 -16.37 -19.06 10.74
C SER B 42 -15.24 -18.22 11.33
N ALA B 43 -14.55 -17.45 10.50
CA ALA B 43 -13.46 -16.60 10.95
C ALA B 43 -13.91 -15.67 12.07
N GLU B 44 -14.98 -14.91 11.82
CA GLU B 44 -15.51 -13.99 12.82
C GLU B 44 -15.99 -14.80 14.01
N GLN B 45 -16.46 -16.02 13.74
CA GLN B 45 -16.92 -16.88 14.82
C GLN B 45 -15.72 -17.22 15.70
N ARG B 46 -14.56 -17.40 15.06
CA ARG B 46 -13.34 -17.74 15.78
C ARG B 46 -12.78 -16.47 16.43
N LYS B 47 -13.14 -15.32 15.85
CA LYS B 47 -12.69 -14.04 16.36
C LYS B 47 -13.53 -13.71 17.59
N VAL B 48 -14.78 -14.16 17.58
CA VAL B 48 -15.70 -13.93 18.68
C VAL B 48 -15.53 -15.01 19.74
N ILE B 49 -15.08 -16.19 19.32
CA ILE B 49 -14.85 -17.29 20.27
C ILE B 49 -13.61 -17.06 21.12
N ARG B 50 -12.54 -16.53 20.51
CA ARG B 50 -11.31 -16.25 21.25
C ARG B 50 -11.69 -15.39 22.46
N GLN B 51 -12.67 -14.52 22.24
CA GLN B 51 -13.18 -13.65 23.28
C GLN B 51 -13.50 -14.48 24.51
N ALA B 52 -14.44 -15.41 24.33
CA ALA B 52 -14.87 -16.29 25.40
C ALA B 52 -13.71 -16.92 26.16
N TYR B 53 -12.71 -17.43 25.44
CA TYR B 53 -11.55 -18.04 26.08
C TYR B 53 -10.68 -16.95 26.69
N HIS B 54 -10.65 -15.79 26.04
CA HIS B 54 -9.87 -14.66 26.53
C HIS B 54 -10.38 -14.13 27.87
N GLU B 55 -11.62 -13.65 27.88
CA GLU B 55 -12.21 -13.13 29.11
C GLU B 55 -12.42 -14.23 30.12
N THR B 56 -13.23 -15.21 29.76
CA THR B 56 -13.55 -16.32 30.65
C THR B 56 -12.33 -17.15 31.06
N TYR B 57 -11.13 -16.61 30.85
CA TYR B 57 -9.90 -17.30 31.22
C TYR B 57 -8.72 -16.34 31.33
N GLY B 58 -9.00 -15.05 31.15
CA GLY B 58 -7.96 -14.03 31.22
C GLY B 58 -6.69 -14.45 30.50
N GLU B 59 -6.84 -14.97 29.28
CA GLU B 59 -5.70 -15.43 28.48
C GLU B 59 -6.11 -15.75 27.06
N ASP B 60 -5.16 -15.67 26.12
CA ASP B 60 -5.46 -15.95 24.72
C ASP B 60 -5.25 -17.41 24.31
N LEU B 61 -6.25 -17.94 23.59
CA LEU B 61 -6.22 -19.32 23.11
C LEU B 61 -4.93 -19.65 22.37
N LEU B 62 -4.44 -18.71 21.56
CA LEU B 62 -3.21 -18.92 20.79
C LEU B 62 -1.99 -19.27 21.62
N LYS B 63 -2.11 -19.18 22.95
CA LYS B 63 -1.00 -19.49 23.83
C LYS B 63 -0.86 -20.99 24.10
N THR B 64 -1.76 -21.78 23.55
CA THR B 64 -1.71 -23.23 23.73
C THR B 64 -1.59 -23.96 22.39
N LEU B 65 -1.14 -23.23 21.37
CA LEU B 65 -0.98 -23.79 20.02
C LEU B 65 -0.04 -22.96 19.14
N ASP B 66 0.53 -21.90 19.70
CA ASP B 66 1.44 -21.04 18.94
C ASP B 66 2.73 -21.79 18.59
N SER B 70 6.48 -27.28 17.26
CA SER B 70 5.34 -28.04 17.75
C SER B 70 4.85 -29.04 16.71
N ASN B 71 3.79 -29.76 17.06
CA ASN B 71 3.19 -30.78 16.20
C ASN B 71 2.46 -30.15 15.01
N ASP B 72 2.60 -30.76 13.83
CA ASP B 72 1.96 -30.25 12.62
C ASP B 72 0.46 -30.09 12.80
N PHE B 73 -0.08 -30.77 13.81
CA PHE B 73 -1.50 -30.66 14.12
C PHE B 73 -1.70 -29.27 14.75
N GLU B 74 -0.90 -28.98 15.75
CA GLU B 74 -0.98 -27.68 16.43
C GLU B 74 -0.62 -26.58 15.44
N ARG B 75 0.15 -26.94 14.43
CA ARG B 75 0.58 -26.00 13.40
C ARG B 75 -0.61 -25.65 12.51
N ALA B 76 -1.57 -26.56 12.40
CA ALA B 76 -2.76 -26.34 11.60
C ALA B 76 -3.80 -25.59 12.43
N ILE B 77 -3.95 -25.99 13.70
CA ILE B 77 -4.89 -25.33 14.58
C ILE B 77 -4.47 -23.87 14.70
N LEU B 78 -3.19 -23.67 14.99
CA LEU B 78 -2.63 -22.33 15.13
C LEU B 78 -2.96 -21.44 13.94
N LEU B 79 -2.59 -21.91 12.76
CA LEU B 79 -2.81 -21.16 11.54
C LEU B 79 -4.29 -20.98 11.18
N TRP B 80 -5.10 -21.95 11.56
CA TRP B 80 -6.54 -21.88 11.27
C TRP B 80 -7.30 -20.87 12.13
N THR B 81 -7.10 -20.93 13.44
CA THR B 81 -7.79 -20.03 14.35
C THR B 81 -7.11 -18.66 14.35
N LEU B 82 -6.00 -18.55 13.61
CA LEU B 82 -5.26 -17.32 13.52
C LEU B 82 -5.99 -16.42 12.51
N GLU B 83 -6.11 -15.13 12.83
CA GLU B 83 -6.78 -14.21 11.91
C GLU B 83 -6.11 -14.28 10.56
N PRO B 84 -6.91 -14.28 9.48
CA PRO B 84 -6.33 -14.35 8.13
C PRO B 84 -5.30 -13.27 7.88
N GLY B 85 -5.62 -12.03 8.26
CA GLY B 85 -4.70 -10.92 8.07
C GLY B 85 -3.37 -11.13 8.77
N GLU B 86 -3.44 -11.55 10.03
CA GLU B 86 -2.25 -11.80 10.83
C GLU B 86 -1.63 -13.09 10.31
N ARG B 87 -2.45 -14.11 10.14
CA ARG B 87 -2.03 -15.41 9.61
C ARG B 87 -1.06 -15.26 8.44
N ASP B 88 -1.46 -14.47 7.44
CA ASP B 88 -0.62 -14.25 6.27
C ASP B 88 0.64 -13.45 6.62
N ALA B 89 0.56 -12.71 7.73
CA ALA B 89 1.71 -11.93 8.18
C ALA B 89 2.77 -12.92 8.69
N LEU B 90 2.31 -13.93 9.42
CA LEU B 90 3.21 -14.95 9.96
C LEU B 90 3.84 -15.76 8.83
N LEU B 91 3.03 -16.11 7.83
CA LEU B 91 3.52 -16.90 6.70
C LEU B 91 4.64 -16.17 5.93
N ALA B 92 4.44 -14.89 5.65
CA ALA B 92 5.44 -14.10 4.93
C ALA B 92 6.71 -13.96 5.75
N ASN B 93 6.57 -13.77 7.06
CA ASN B 93 7.73 -13.65 7.93
C ASN B 93 8.62 -14.87 7.75
N GLU B 94 8.01 -16.06 7.87
CA GLU B 94 8.74 -17.32 7.72
C GLU B 94 9.55 -17.33 6.42
N ALA B 95 8.92 -16.94 5.32
CA ALA B 95 9.61 -16.91 4.03
C ALA B 95 10.76 -15.91 4.04
N THR B 96 10.52 -14.71 4.56
CA THR B 96 11.56 -13.69 4.62
C THR B 96 12.70 -14.17 5.49
N LYS B 97 12.36 -14.73 6.66
CA LYS B 97 13.34 -15.22 7.60
C LYS B 97 14.23 -16.31 7.01
N ARG B 98 13.67 -17.06 6.07
CA ARG B 98 14.42 -18.13 5.43
C ARG B 98 14.13 -18.15 3.94
N TRP B 99 14.65 -17.16 3.24
CA TRP B 99 14.42 -17.03 1.80
C TRP B 99 15.52 -17.60 0.91
N THR B 100 15.09 -18.19 -0.19
CA THR B 100 15.97 -18.73 -1.21
C THR B 100 15.15 -18.58 -2.46
N SER B 101 15.78 -18.71 -3.63
CA SER B 101 15.07 -18.57 -4.89
C SER B 101 13.95 -19.60 -5.05
N SER B 102 13.86 -20.54 -4.13
CA SER B 102 12.84 -21.59 -4.21
C SER B 102 11.52 -21.20 -3.58
N ASN B 103 11.58 -20.38 -2.53
CA ASN B 103 10.37 -19.96 -1.83
C ASN B 103 9.59 -18.94 -2.65
N GLN B 104 8.29 -19.19 -2.80
CA GLN B 104 7.42 -18.32 -3.57
C GLN B 104 6.19 -17.88 -2.77
N VAL B 105 6.18 -18.14 -1.47
CA VAL B 105 5.04 -17.78 -0.62
C VAL B 105 4.69 -16.29 -0.64
N LEU B 106 5.69 -15.42 -0.50
CA LEU B 106 5.46 -13.98 -0.52
C LEU B 106 4.66 -13.62 -1.78
N MET B 107 4.94 -14.31 -2.88
CA MET B 107 4.21 -14.09 -4.12
C MET B 107 2.82 -14.67 -3.93
N GLU B 108 2.76 -15.85 -3.33
CA GLU B 108 1.49 -16.52 -3.10
C GLU B 108 0.52 -15.63 -2.31
N VAL B 109 1.03 -14.87 -1.36
CA VAL B 109 0.19 -14.00 -0.55
C VAL B 109 -0.22 -12.68 -1.23
N ALA B 110 0.52 -12.26 -2.25
CA ALA B 110 0.19 -11.00 -2.94
C ALA B 110 -0.86 -11.15 -4.04
N CYS B 111 -0.70 -12.16 -4.88
CA CYS B 111 -1.61 -12.40 -6.00
C CYS B 111 -2.95 -13.02 -5.64
N THR B 112 -2.90 -14.22 -5.08
CA THR B 112 -4.10 -14.95 -4.69
C THR B 112 -4.77 -14.34 -3.46
N ARG B 113 -4.58 -13.03 -3.30
CA ARG B 113 -5.16 -12.31 -2.19
C ARG B 113 -5.80 -11.04 -2.73
N THR B 114 -6.90 -10.63 -2.11
CA THR B 114 -7.57 -9.40 -2.54
C THR B 114 -6.73 -8.25 -1.98
N SER B 115 -6.90 -7.06 -2.55
CA SER B 115 -6.14 -5.90 -2.09
C SER B 115 -6.42 -5.64 -0.61
N THR B 116 -7.69 -5.71 -0.21
CA THR B 116 -8.04 -5.48 1.19
C THR B 116 -7.23 -6.41 2.08
N GLN B 117 -7.35 -7.71 1.86
CA GLN B 117 -6.60 -8.66 2.68
C GLN B 117 -5.12 -8.31 2.69
N LEU B 118 -4.51 -8.14 1.51
CA LEU B 118 -3.10 -7.82 1.45
C LEU B 118 -2.82 -6.61 2.35
N LEU B 119 -3.80 -5.74 2.51
CA LEU B 119 -3.62 -4.59 3.38
C LEU B 119 -3.62 -5.11 4.81
N HIS B 120 -4.61 -5.95 5.11
CA HIS B 120 -4.72 -6.53 6.45
C HIS B 120 -3.42 -7.24 6.79
N ALA B 121 -2.81 -7.86 5.78
CA ALA B 121 -1.55 -8.57 5.99
C ALA B 121 -0.41 -7.58 6.19
N ARG B 122 -0.44 -6.47 5.46
CA ARG B 122 0.61 -5.47 5.58
C ARG B 122 0.57 -4.77 6.92
N GLN B 123 -0.63 -4.71 7.50
CA GLN B 123 -0.85 -4.07 8.79
C GLN B 123 -0.54 -5.04 9.92
N ALA B 124 -1.10 -6.24 9.82
CA ALA B 124 -0.88 -7.27 10.82
C ALA B 124 0.63 -7.44 10.96
N TYR B 125 1.36 -7.03 9.93
CA TYR B 125 2.80 -7.14 9.93
C TYR B 125 3.39 -6.00 10.75
N HIS B 126 2.67 -4.88 10.81
CA HIS B 126 3.10 -3.71 11.58
C HIS B 126 3.07 -4.06 13.06
N ALA B 127 1.96 -4.66 13.47
CA ALA B 127 1.74 -5.00 14.87
C ALA B 127 2.73 -6.02 15.42
N ARG B 128 2.74 -7.20 14.82
CA ARG B 128 3.63 -8.27 15.25
C ARG B 128 5.09 -8.04 14.87
N TYR B 129 5.36 -7.09 13.98
CA TYR B 129 6.74 -6.88 13.57
C TYR B 129 7.37 -5.49 13.75
N LYS B 130 6.58 -4.48 14.09
CA LYS B 130 7.11 -3.12 14.29
C LYS B 130 8.03 -2.72 13.13
N LYS B 131 7.44 -2.69 11.94
CA LYS B 131 8.11 -2.34 10.69
C LYS B 131 7.12 -2.84 9.64
N SER B 132 7.40 -2.60 8.36
CA SER B 132 6.49 -3.02 7.31
C SER B 132 6.85 -4.43 6.83
N LEU B 133 6.15 -4.86 5.78
CA LEU B 133 6.41 -6.18 5.20
C LEU B 133 7.42 -6.10 4.06
N GLU B 134 7.31 -5.04 3.25
CA GLU B 134 8.22 -4.86 2.12
C GLU B 134 9.70 -5.08 2.45
N GLU B 135 10.32 -4.01 3.00
CA GLU B 135 11.73 -3.98 3.36
C GLU B 135 12.46 -5.32 3.41
N ASP B 136 12.02 -6.21 4.30
CA ASP B 136 12.63 -7.52 4.41
C ASP B 136 12.92 -8.12 3.05
N VAL B 137 11.86 -8.44 2.31
CA VAL B 137 12.00 -9.03 0.99
C VAL B 137 13.08 -8.32 0.18
N ALA B 138 13.06 -7.00 0.18
CA ALA B 138 14.04 -6.21 -0.56
C ALA B 138 15.44 -6.45 -0.01
N HIS B 139 15.54 -6.42 1.30
CA HIS B 139 16.78 -6.63 2.03
C HIS B 139 17.25 -8.08 1.82
N HIS B 140 16.47 -9.00 2.36
CA HIS B 140 16.75 -10.44 2.28
C HIS B 140 16.89 -11.03 0.87
N THR B 141 15.89 -10.82 0.01
CA THR B 141 15.96 -11.37 -1.36
C THR B 141 16.90 -10.55 -2.22
N THR B 142 17.27 -11.07 -3.40
CA THR B 142 18.21 -10.35 -4.26
C THR B 142 17.89 -10.30 -5.76
N GLY B 143 18.68 -9.50 -6.46
CA GLY B 143 18.58 -9.32 -7.90
C GLY B 143 17.22 -9.32 -8.56
N ASP B 144 17.16 -9.94 -9.74
CA ASP B 144 15.94 -10.04 -10.52
C ASP B 144 14.79 -10.48 -9.64
N PHE B 145 15.07 -11.40 -8.75
CA PHE B 145 14.06 -11.87 -7.82
C PHE B 145 13.52 -10.65 -7.08
N ARG B 146 14.41 -9.93 -6.40
CA ARG B 146 13.99 -8.74 -5.67
C ARG B 146 13.25 -7.77 -6.56
N LYS B 147 13.75 -7.59 -7.78
CA LYS B 147 13.10 -6.66 -8.70
C LYS B 147 11.63 -7.03 -8.86
N LEU B 148 11.37 -8.30 -9.15
CA LEU B 148 10.00 -8.76 -9.34
C LEU B 148 9.19 -8.88 -8.06
N LEU B 149 9.76 -9.49 -7.03
CA LEU B 149 9.04 -9.67 -5.77
C LEU B 149 8.62 -8.33 -5.17
N VAL B 150 9.57 -7.62 -4.57
CA VAL B 150 9.30 -6.32 -3.97
C VAL B 150 8.14 -5.62 -4.65
N SER B 151 8.19 -5.50 -5.97
CA SER B 151 7.13 -4.85 -6.74
C SER B 151 5.77 -5.50 -6.52
N LEU B 152 5.75 -6.84 -6.42
CA LEU B 152 4.52 -7.56 -6.18
C LEU B 152 4.12 -7.34 -4.72
N VAL B 153 5.06 -7.55 -3.81
CA VAL B 153 4.79 -7.40 -2.38
C VAL B 153 4.61 -5.94 -1.98
N THR B 154 4.60 -5.05 -2.96
CA THR B 154 4.44 -3.63 -2.67
C THR B 154 3.30 -3.03 -3.47
N SER B 155 2.64 -3.88 -4.24
CA SER B 155 1.53 -3.45 -5.07
C SER B 155 0.19 -3.38 -4.35
N TYR B 156 -0.70 -2.56 -4.90
CA TYR B 156 -2.06 -2.37 -4.38
C TYR B 156 -2.93 -2.02 -5.60
N ARG B 157 -3.21 -3.03 -6.42
CA ARG B 157 -3.99 -2.91 -7.65
C ARG B 157 -5.45 -2.54 -7.46
N TYR B 158 -6.03 -1.99 -8.52
CA TYR B 158 -7.44 -1.63 -8.53
C TYR B 158 -8.14 -2.98 -8.72
N GLU B 159 -9.39 -3.09 -8.25
CA GLU B 159 -10.10 -4.36 -8.31
C GLU B 159 -11.36 -4.38 -9.17
N GLY B 160 -11.80 -3.22 -9.63
CA GLY B 160 -12.97 -3.17 -10.49
C GLY B 160 -12.69 -3.89 -11.79
N ASP B 161 -13.71 -4.07 -12.62
CA ASP B 161 -13.56 -4.78 -13.89
C ASP B 161 -13.28 -3.98 -15.14
N GLU B 162 -13.11 -2.66 -15.03
CA GLU B 162 -12.82 -1.87 -16.22
C GLU B 162 -11.67 -2.52 -17.01
N VAL B 163 -11.80 -2.54 -18.32
CA VAL B 163 -10.77 -3.12 -19.17
C VAL B 163 -10.37 -2.11 -20.21
N ASN B 164 -9.10 -2.06 -20.54
CA ASN B 164 -8.62 -1.14 -21.57
C ASN B 164 -7.93 -1.95 -22.66
N MET B 165 -8.71 -2.32 -23.68
CA MET B 165 -8.18 -3.12 -24.77
C MET B 165 -7.05 -2.47 -25.55
N THR B 166 -7.06 -1.14 -25.64
CA THR B 166 -6.01 -0.45 -26.36
C THR B 166 -4.67 -0.69 -25.65
N LEU B 167 -4.60 -0.26 -24.39
CA LEU B 167 -3.39 -0.43 -23.59
C LEU B 167 -3.08 -1.93 -23.52
N ALA B 168 -4.13 -2.74 -23.61
CA ALA B 168 -3.99 -4.19 -23.56
C ALA B 168 -3.10 -4.67 -24.70
N LYS B 169 -3.43 -4.29 -25.92
CA LYS B 169 -2.65 -4.70 -27.07
C LYS B 169 -1.22 -4.20 -26.94
N GLN B 170 -1.08 -2.95 -26.53
CA GLN B 170 0.22 -2.32 -26.35
C GLN B 170 1.08 -3.03 -25.32
N GLU B 171 0.56 -3.19 -24.10
CA GLU B 171 1.33 -3.84 -23.06
C GLU B 171 1.55 -5.31 -23.35
N ALA B 172 0.65 -5.90 -24.13
CA ALA B 172 0.76 -7.31 -24.50
C ALA B 172 1.88 -7.42 -25.53
N LYS B 173 1.95 -6.45 -26.43
CA LYS B 173 2.99 -6.44 -27.45
C LYS B 173 4.34 -6.28 -26.77
N LEU B 174 4.32 -5.76 -25.57
CA LEU B 174 5.54 -5.55 -24.80
C LEU B 174 5.98 -6.84 -24.14
N VAL B 175 5.09 -7.42 -23.35
CA VAL B 175 5.40 -8.66 -22.65
C VAL B 175 5.95 -9.68 -23.64
N HIS B 176 5.59 -9.54 -24.91
CA HIS B 176 6.04 -10.49 -25.91
C HIS B 176 7.42 -10.19 -26.46
N GLU B 177 7.64 -8.94 -26.88
CA GLU B 177 8.93 -8.57 -27.42
C GLU B 177 10.06 -8.95 -26.47
N LYS B 178 9.85 -8.72 -25.18
CA LYS B 178 10.85 -9.05 -24.18
C LYS B 178 10.98 -10.56 -24.09
N ILE B 179 9.94 -11.21 -23.59
CA ILE B 179 9.94 -12.66 -23.46
C ILE B 179 10.47 -13.33 -24.73
N LYS B 180 10.32 -12.63 -25.85
CA LYS B 180 10.79 -13.13 -27.14
C LYS B 180 12.26 -13.54 -27.05
N ASP B 181 13.06 -12.73 -26.36
CA ASP B 181 14.48 -13.00 -26.21
C ASP B 181 14.84 -13.52 -24.82
N LYS B 182 13.83 -13.92 -24.06
CA LYS B 182 14.02 -14.45 -22.72
C LYS B 182 14.28 -13.41 -21.62
N HIS B 183 14.00 -12.14 -21.91
CA HIS B 183 14.17 -11.09 -20.92
C HIS B 183 13.08 -11.27 -19.87
N TYR B 184 13.08 -12.44 -19.24
CA TYR B 184 12.09 -12.79 -18.23
C TYR B 184 11.98 -11.78 -17.10
N ASN B 185 13.11 -11.24 -16.67
CA ASN B 185 13.09 -10.25 -15.59
C ASN B 185 12.55 -8.89 -16.01
N ASP B 186 12.81 -8.52 -17.26
CA ASP B 186 12.38 -7.25 -17.83
C ASP B 186 11.48 -6.38 -16.96
N GLU B 187 11.92 -5.14 -16.75
CA GLU B 187 11.20 -4.18 -15.93
C GLU B 187 9.71 -4.02 -16.28
N ASP B 188 9.37 -3.94 -17.57
CA ASP B 188 7.98 -3.79 -17.97
C ASP B 188 7.11 -5.02 -17.76
N VAL B 189 7.72 -6.20 -17.68
CA VAL B 189 6.96 -7.41 -17.44
C VAL B 189 6.60 -7.44 -15.95
N ILE B 190 7.63 -7.28 -15.11
CA ILE B 190 7.41 -7.28 -13.67
C ILE B 190 6.46 -6.17 -13.28
N ARG B 191 6.62 -5.01 -13.92
CA ARG B 191 5.78 -3.85 -13.62
C ARG B 191 4.29 -4.11 -13.88
N ILE B 192 3.97 -4.60 -15.08
CA ILE B 192 2.60 -4.87 -15.48
C ILE B 192 1.94 -5.99 -14.69
N LEU B 193 2.74 -6.91 -14.16
CA LEU B 193 2.21 -8.02 -13.39
C LEU B 193 1.97 -7.65 -11.92
N SER B 194 2.62 -6.59 -11.45
CA SER B 194 2.45 -6.18 -10.06
C SER B 194 1.54 -4.98 -9.90
N THR B 195 1.52 -4.09 -10.89
CA THR B 195 0.71 -2.89 -10.82
C THR B 195 -0.71 -2.92 -11.40
N ARG B 196 -0.95 -3.70 -12.45
CA ARG B 196 -2.29 -3.70 -13.04
C ARG B 196 -3.37 -4.42 -12.23
N SER B 197 -4.62 -4.18 -12.62
CA SER B 197 -5.75 -4.80 -11.94
C SER B 197 -5.93 -6.23 -12.44
N LYS B 198 -6.78 -6.97 -11.77
CA LYS B 198 -7.03 -8.35 -12.15
C LYS B 198 -7.62 -8.43 -13.57
N ALA B 199 -8.65 -7.65 -13.83
CA ALA B 199 -9.28 -7.64 -15.15
C ALA B 199 -8.31 -7.21 -16.26
N GLN B 200 -7.50 -6.19 -15.97
CA GLN B 200 -6.54 -5.70 -16.94
C GLN B 200 -5.50 -6.76 -17.28
N ILE B 201 -5.05 -7.49 -16.28
CA ILE B 201 -4.05 -8.54 -16.43
C ILE B 201 -4.61 -9.72 -17.24
N ASN B 202 -5.93 -9.80 -17.33
CA ASN B 202 -6.56 -10.86 -18.08
C ASN B 202 -6.67 -10.40 -19.53
N ALA B 203 -7.20 -9.20 -19.74
CA ALA B 203 -7.34 -8.66 -21.10
C ALA B 203 -5.97 -8.63 -21.74
N THR B 204 -4.94 -8.41 -20.92
CA THR B 204 -3.59 -8.35 -21.42
C THR B 204 -3.12 -9.73 -21.86
N PHE B 205 -3.50 -10.76 -21.12
CA PHE B 205 -3.11 -12.11 -21.50
C PHE B 205 -4.17 -12.88 -22.31
N ASN B 206 -5.33 -12.26 -22.51
CA ASN B 206 -6.37 -12.89 -23.33
C ASN B 206 -5.91 -12.54 -24.73
N ARG B 207 -5.34 -11.35 -24.85
CA ARG B 207 -4.81 -10.83 -26.11
C ARG B 207 -3.48 -11.47 -26.45
N TYR B 208 -2.73 -11.91 -25.44
CA TYR B 208 -1.44 -12.53 -25.68
C TYR B 208 -1.67 -13.94 -26.19
N GLN B 209 -2.57 -14.67 -25.54
CA GLN B 209 -2.85 -16.04 -25.93
C GLN B 209 -3.27 -16.10 -27.39
N ASP B 210 -3.83 -15.02 -27.90
CA ASP B 210 -4.27 -14.98 -29.29
C ASP B 210 -3.36 -14.25 -30.27
N ASP B 211 -3.14 -12.96 -30.06
CA ASP B 211 -2.29 -12.18 -30.96
C ASP B 211 -0.97 -12.83 -31.40
N HIS B 212 -0.40 -13.66 -30.52
CA HIS B 212 0.87 -14.30 -30.86
C HIS B 212 0.74 -15.80 -31.12
N GLY B 213 -0.50 -16.29 -31.15
CA GLY B 213 -0.73 -17.69 -31.43
C GLY B 213 -0.72 -18.65 -30.26
N GLU B 214 0.13 -18.39 -29.27
CA GLU B 214 0.21 -19.28 -28.11
C GLU B 214 -0.09 -18.59 -26.78
N GLU B 215 -0.38 -19.41 -25.77
CA GLU B 215 -0.69 -18.93 -24.44
C GLU B 215 0.60 -18.49 -23.77
N ILE B 216 0.54 -17.45 -22.92
CA ILE B 216 1.72 -16.96 -22.23
C ILE B 216 2.26 -18.00 -21.24
N LEU B 217 1.37 -18.58 -20.43
CA LEU B 217 1.80 -19.57 -19.45
C LEU B 217 2.34 -20.84 -20.08
N LYS B 218 2.66 -20.74 -21.37
CA LYS B 218 3.21 -21.87 -22.13
C LYS B 218 4.20 -21.33 -23.15
N SER B 219 3.90 -20.13 -23.65
CA SER B 219 4.74 -19.48 -24.64
C SER B 219 6.20 -19.53 -24.21
N LEU B 220 6.41 -19.42 -22.90
CA LEU B 220 7.75 -19.46 -22.32
C LEU B 220 8.34 -20.86 -22.44
N GLU B 221 8.39 -21.40 -23.66
CA GLU B 221 8.91 -22.74 -23.90
C GLU B 221 10.44 -22.72 -24.03
N GLU B 222 10.94 -21.81 -24.86
CA GLU B 222 12.38 -21.68 -25.08
C GLU B 222 13.14 -21.58 -23.77
N GLY B 223 12.43 -21.19 -22.71
CA GLY B 223 13.03 -21.02 -21.40
C GLY B 223 13.51 -22.24 -20.64
N ASP B 224 14.59 -22.04 -19.88
CA ASP B 224 15.19 -23.10 -19.08
C ASP B 224 14.37 -23.36 -17.82
N ASP B 225 13.99 -24.62 -17.63
CA ASP B 225 13.18 -25.02 -16.48
C ASP B 225 13.97 -25.04 -15.17
N ASP B 226 15.29 -25.12 -15.26
CA ASP B 226 16.13 -25.12 -14.08
C ASP B 226 16.48 -23.67 -13.74
N ASP B 227 15.65 -22.75 -14.21
CA ASP B 227 15.83 -21.33 -13.97
C ASP B 227 14.79 -20.84 -12.97
N LYS B 228 15.24 -20.65 -11.74
CA LYS B 228 14.39 -20.20 -10.64
C LYS B 228 13.64 -18.90 -10.96
N PHE B 229 14.25 -18.01 -11.73
CA PHE B 229 13.53 -16.78 -12.03
C PHE B 229 12.49 -16.96 -13.13
N LEU B 230 12.82 -17.78 -14.11
CA LEU B 230 11.89 -18.06 -15.19
C LEU B 230 10.75 -18.81 -14.55
N ALA B 231 11.09 -19.65 -13.58
CA ALA B 231 10.07 -20.41 -12.88
C ALA B 231 9.17 -19.40 -12.18
N LEU B 232 9.74 -18.73 -11.18
CA LEU B 232 8.99 -17.75 -10.39
C LEU B 232 8.07 -16.90 -11.24
N LEU B 233 8.56 -16.44 -12.39
CA LEU B 233 7.73 -15.61 -13.26
C LEU B 233 6.69 -16.45 -14.01
N ARG B 234 7.06 -17.66 -14.42
CA ARG B 234 6.13 -18.54 -15.12
C ARG B 234 4.92 -18.75 -14.21
N SER B 235 5.22 -19.14 -12.97
CA SER B 235 4.18 -19.37 -11.99
C SER B 235 3.54 -18.03 -11.66
N THR B 236 4.36 -17.00 -11.50
CA THR B 236 3.87 -15.66 -11.17
C THR B 236 2.53 -15.35 -11.82
N ILE B 237 2.47 -15.48 -13.13
CA ILE B 237 1.24 -15.20 -13.86
C ILE B 237 0.17 -16.26 -13.59
N GLN B 238 0.61 -17.50 -13.32
CA GLN B 238 -0.34 -18.58 -13.03
C GLN B 238 -1.19 -18.17 -11.83
N CYS B 239 -0.59 -17.45 -10.89
CA CYS B 239 -1.29 -17.00 -9.70
C CYS B 239 -2.14 -15.76 -9.96
N LEU B 240 -1.71 -14.93 -10.91
CA LEU B 240 -2.43 -13.72 -11.25
C LEU B 240 -3.76 -14.00 -11.96
N THR B 241 -3.77 -14.97 -12.87
CA THR B 241 -4.95 -15.33 -13.65
C THR B 241 -5.79 -16.47 -13.06
N ARG B 242 -5.23 -17.68 -13.05
CA ARG B 242 -5.94 -18.84 -12.50
C ARG B 242 -5.02 -19.60 -11.54
N PRO B 243 -5.07 -19.23 -10.25
CA PRO B 243 -4.25 -19.86 -9.21
C PRO B 243 -4.48 -21.36 -9.04
N GLU B 244 -5.47 -21.91 -9.75
CA GLU B 244 -5.77 -23.33 -9.66
C GLU B 244 -4.50 -24.10 -10.00
N LEU B 245 -3.85 -23.65 -11.06
CA LEU B 245 -2.62 -24.23 -11.55
C LEU B 245 -1.54 -24.33 -10.49
N TYR B 246 -1.17 -23.18 -9.94
CA TYR B 246 -0.14 -23.09 -8.91
C TYR B 246 -0.48 -23.86 -7.64
N PHE B 247 -1.74 -23.80 -7.22
CA PHE B 247 -2.15 -24.49 -6.00
C PHE B 247 -2.22 -25.99 -6.16
N VAL B 248 -2.70 -26.46 -7.30
CA VAL B 248 -2.80 -27.90 -7.54
C VAL B 248 -1.39 -28.49 -7.62
N ASP B 249 -0.53 -27.84 -8.38
CA ASP B 249 0.85 -28.32 -8.54
C ASP B 249 1.55 -28.40 -7.18
N VAL B 250 1.62 -27.28 -6.48
CA VAL B 250 2.26 -27.24 -5.17
C VAL B 250 1.61 -28.26 -4.22
N LEU B 251 0.30 -28.35 -4.24
CA LEU B 251 -0.40 -29.30 -3.38
C LEU B 251 -0.04 -30.70 -3.85
N ARG B 252 0.30 -30.81 -5.13
CA ARG B 252 0.67 -32.11 -5.72
C ARG B 252 2.12 -32.48 -5.40
N SER B 253 3.04 -31.62 -5.83
CA SER B 253 4.46 -31.85 -5.61
C SER B 253 4.72 -32.21 -4.15
N ALA B 254 4.14 -31.41 -3.26
CA ALA B 254 4.27 -31.59 -1.82
C ALA B 254 4.02 -33.02 -1.37
N ILE B 255 3.12 -33.70 -2.06
CA ILE B 255 2.77 -35.08 -1.71
C ILE B 255 3.44 -36.03 -2.69
N ASN B 256 4.69 -35.73 -3.01
CA ASN B 256 5.49 -36.52 -3.91
C ASN B 256 6.95 -36.45 -3.49
N LYS B 257 7.22 -35.76 -2.38
CA LYS B 257 8.58 -35.62 -1.89
C LYS B 257 9.44 -35.23 -3.09
N THR B 258 8.98 -34.20 -3.81
CA THR B 258 9.68 -33.73 -5.00
C THR B 258 9.97 -32.24 -4.97
N GLY B 259 9.39 -31.53 -4.01
CA GLY B 259 9.62 -30.10 -3.92
C GLY B 259 10.30 -29.62 -2.65
N THR B 260 10.62 -28.33 -2.61
CA THR B 260 11.27 -27.75 -1.44
C THR B 260 10.20 -27.23 -0.49
N ASP B 261 9.28 -26.44 -1.04
CA ASP B 261 8.18 -25.84 -0.30
C ASP B 261 7.67 -26.75 0.82
N GLU B 262 7.85 -26.30 2.05
CA GLU B 262 7.44 -27.05 3.23
C GLU B 262 6.32 -26.35 3.98
N GLY B 263 5.39 -27.14 4.51
CA GLY B 263 4.27 -26.56 5.23
C GLY B 263 3.13 -26.23 4.27
N ALA B 264 3.41 -26.40 2.98
CA ALA B 264 2.45 -26.11 1.92
C ALA B 264 1.03 -26.68 2.10
N LEU B 265 0.91 -27.92 2.54
CA LEU B 265 -0.42 -28.52 2.74
C LEU B 265 -1.26 -27.79 3.80
N THR B 266 -0.71 -27.61 4.99
CA THR B 266 -1.42 -26.92 6.06
C THR B 266 -1.76 -25.48 5.65
N ARG B 267 -0.83 -24.83 4.96
CA ARG B 267 -1.00 -23.45 4.51
C ARG B 267 -2.19 -23.31 3.57
N ILE B 268 -2.25 -24.19 2.58
CA ILE B 268 -3.33 -24.17 1.58
C ILE B 268 -4.69 -24.40 2.20
N VAL B 269 -4.86 -25.54 2.86
CA VAL B 269 -6.13 -25.86 3.49
C VAL B 269 -6.62 -24.72 4.37
N THR B 270 -5.78 -24.25 5.28
CA THR B 270 -6.17 -23.19 6.21
C THR B 270 -6.42 -21.81 5.59
N THR B 271 -5.60 -21.39 4.64
CA THR B 271 -5.80 -20.07 4.03
C THR B 271 -6.89 -20.00 2.98
N ARG B 272 -7.21 -21.12 2.33
CA ARG B 272 -8.21 -21.10 1.28
C ARG B 272 -9.57 -21.69 1.63
N ALA B 273 -9.67 -22.36 2.77
CA ALA B 273 -10.92 -22.98 3.18
C ALA B 273 -12.12 -22.04 3.09
N GLU B 274 -12.00 -20.87 3.71
CA GLU B 274 -13.08 -19.90 3.71
C GLU B 274 -13.08 -19.05 2.45
N ILE B 275 -12.33 -19.48 1.45
CA ILE B 275 -12.26 -18.75 0.19
C ILE B 275 -12.59 -19.58 -1.05
N ASP B 276 -11.59 -20.27 -1.59
CA ASP B 276 -11.79 -21.04 -2.82
C ASP B 276 -11.31 -22.50 -2.78
N LEU B 277 -11.20 -23.09 -1.61
CA LEU B 277 -10.72 -24.46 -1.56
C LEU B 277 -11.70 -25.37 -2.32
N LYS B 278 -12.99 -25.07 -2.20
CA LYS B 278 -14.02 -25.85 -2.87
C LYS B 278 -13.70 -25.90 -4.36
N VAL B 279 -13.24 -24.79 -4.91
CA VAL B 279 -12.88 -24.74 -6.31
C VAL B 279 -11.55 -25.47 -6.51
N ILE B 280 -10.68 -25.41 -5.51
CA ILE B 280 -9.40 -26.10 -5.59
C ILE B 280 -9.66 -27.60 -5.64
N GLY B 281 -10.85 -27.98 -5.19
CA GLY B 281 -11.25 -29.38 -5.16
C GLY B 281 -11.59 -29.92 -6.53
N GLU B 282 -12.65 -29.41 -7.14
CA GLU B 282 -13.06 -29.87 -8.47
C GLU B 282 -12.01 -29.53 -9.52
N GLU B 283 -10.77 -29.39 -9.08
CA GLU B 283 -9.68 -29.08 -9.97
C GLU B 283 -8.48 -29.96 -9.68
N TYR B 284 -8.32 -30.33 -8.41
CA TYR B 284 -7.22 -31.19 -7.99
C TYR B 284 -7.47 -32.60 -8.52
N GLN B 285 -8.75 -32.95 -8.64
CA GLN B 285 -9.10 -34.28 -9.13
C GLN B 285 -9.05 -34.35 -10.65
N ARG B 286 -9.49 -33.29 -11.31
CA ARG B 286 -9.47 -33.27 -12.76
C ARG B 286 -8.04 -33.52 -13.24
N ARG B 287 -7.09 -33.29 -12.33
CA ARG B 287 -5.67 -33.46 -12.64
C ARG B 287 -5.05 -34.67 -11.95
N ASN B 288 -5.80 -35.30 -11.04
CA ASN B 288 -5.28 -36.46 -10.32
C ASN B 288 -6.17 -37.70 -10.34
N SER B 289 -7.38 -37.56 -10.89
CA SER B 289 -8.32 -38.67 -10.96
C SER B 289 -8.70 -39.18 -9.57
N ILE B 290 -8.63 -38.30 -8.58
CA ILE B 290 -8.96 -38.65 -7.20
C ILE B 290 -9.09 -37.39 -6.33
N PRO B 291 -10.01 -37.40 -5.35
CA PRO B 291 -10.22 -36.25 -4.45
C PRO B 291 -8.99 -35.94 -3.58
N LEU B 292 -8.72 -34.66 -3.35
CA LEU B 292 -7.58 -34.26 -2.52
C LEU B 292 -7.61 -34.89 -1.14
N GLU B 293 -8.82 -35.10 -0.61
CA GLU B 293 -8.96 -35.70 0.71
C GLU B 293 -8.71 -37.21 0.66
N LYS B 294 -8.56 -37.75 -0.55
CA LYS B 294 -8.31 -39.19 -0.73
C LYS B 294 -6.87 -39.46 -1.09
N ALA B 295 -6.05 -38.41 -1.11
CA ALA B 295 -4.64 -38.55 -1.44
C ALA B 295 -3.80 -38.31 -0.19
N ILE B 296 -4.36 -37.55 0.74
CA ILE B 296 -3.70 -37.24 1.99
C ILE B 296 -4.04 -38.26 3.05
N THR B 297 -5.34 -38.49 3.23
CA THR B 297 -5.85 -39.43 4.21
C THR B 297 -5.45 -40.88 3.88
N LYS B 298 -4.74 -41.05 2.77
CA LYS B 298 -4.30 -42.36 2.32
C LYS B 298 -3.13 -42.91 3.15
N ASP B 299 -1.91 -42.71 2.64
CA ASP B 299 -0.69 -43.17 3.30
C ASP B 299 -0.67 -42.99 4.81
N THR B 300 -1.53 -42.12 5.33
CA THR B 300 -1.59 -41.87 6.76
C THR B 300 -2.95 -41.28 7.13
N ARG B 301 -3.17 -41.09 8.43
CA ARG B 301 -4.42 -40.53 8.92
C ARG B 301 -4.37 -40.29 10.43
N GLY B 302 -3.46 -39.41 10.85
CA GLY B 302 -3.33 -39.09 12.27
C GLY B 302 -3.88 -37.72 12.60
N ASP B 303 -3.12 -36.93 13.36
CA ASP B 303 -3.54 -35.59 13.74
C ASP B 303 -3.05 -34.54 12.75
N TYR B 304 -2.87 -34.95 11.50
CA TYR B 304 -2.40 -34.04 10.46
C TYR B 304 -3.38 -34.06 9.30
N GLU B 305 -4.14 -35.15 9.22
CA GLU B 305 -5.14 -35.33 8.17
C GLU B 305 -6.52 -34.99 8.69
N LYS B 306 -6.84 -35.46 9.88
CA LYS B 306 -8.14 -35.22 10.52
C LYS B 306 -8.39 -33.76 10.86
N MET B 307 -7.32 -33.00 11.07
CA MET B 307 -7.44 -31.58 11.38
C MET B 307 -7.55 -30.81 10.05
N LEU B 308 -7.41 -31.54 8.95
CA LEU B 308 -7.49 -30.94 7.63
C LEU B 308 -8.73 -31.39 6.85
N VAL B 309 -8.99 -32.70 6.86
CA VAL B 309 -10.13 -33.22 6.12
C VAL B 309 -11.42 -32.52 6.52
N ALA B 310 -11.55 -32.18 7.79
CA ALA B 310 -12.76 -31.48 8.25
C ALA B 310 -12.82 -30.08 7.61
N LEU B 311 -11.67 -29.63 7.10
CA LEU B 311 -11.61 -28.32 6.45
C LEU B 311 -11.83 -28.46 4.94
N LEU B 312 -11.51 -29.64 4.40
CA LEU B 312 -11.72 -29.89 2.99
C LEU B 312 -13.17 -30.34 2.82
N GLY B 313 -13.99 -30.01 3.83
CA GLY B 313 -15.40 -30.37 3.80
C GLY B 313 -15.68 -31.85 3.93
N GLU B 314 -14.68 -32.62 4.35
CA GLU B 314 -14.82 -34.06 4.51
C GLU B 314 -14.33 -34.51 5.88
N ASP B 315 -15.15 -34.30 6.91
CA ASP B 315 -14.81 -34.66 8.28
C ASP B 315 -14.13 -36.02 8.41
N ASP B 316 -14.90 -37.09 8.20
CA ASP B 316 -14.37 -38.45 8.31
C ASP B 316 -13.99 -39.02 6.94
N ALA B 317 -13.02 -38.40 6.28
CA ALA B 317 -12.58 -38.85 4.97
C ALA B 317 -11.26 -39.61 5.08
#